data_1FJE
#
_entry.id   1FJE
#
_cell.length_a   1.000
_cell.length_b   1.000
_cell.length_c   1.000
_cell.angle_alpha   90.00
_cell.angle_beta   90.00
_cell.angle_gamma   90.00
#
_symmetry.space_group_name_H-M   'P 1'
#
loop_
_entity.id
_entity.type
_entity.pdbx_description
1 polymer 'SNRE RNA'
2 polymer 'NUCLEOLIN RBD12'
#
loop_
_entity_poly.entity_id
_entity_poly.type
_entity_poly.pdbx_seq_one_letter_code
_entity_poly.pdbx_strand_id
1 'polyribonucleotide' GGCCGAAAUCCCGAAGUAGGCC A
2 'polypeptide(L)'
;GSHMVEGSESTTPFNLFIGNLNPNKSVAELKVAISELFAKNDLAVVDVRTGTNRKFGYVDFESAEDLEKALELTGLKVFG
NEIKLEKPKGRDSKKVRAARTLLAKNLSFNITEDELKEVFEDALEIRLVSQDGKSKGIAYIEFKSEADAEKNLEEKQGAE
IDGRSVSLYYTGEKG
;
B
#
loop_
_chem_comp.id
_chem_comp.type
_chem_comp.name
_chem_comp.formula
A RNA linking ADENOSINE-5'-MONOPHOSPHATE 'C10 H14 N5 O7 P'
C RNA linking CYTIDINE-5'-MONOPHOSPHATE 'C9 H14 N3 O8 P'
G RNA linking GUANOSINE-5'-MONOPHOSPHATE 'C10 H14 N5 O8 P'
U RNA linking URIDINE-5'-MONOPHOSPHATE 'C9 H13 N2 O9 P'
#
# COMPACT_ATOMS: atom_id res chain seq x y z
N GLY B 1 -18.78 5.71 -15.21
CA GLY B 1 -18.13 5.91 -16.52
C GLY B 1 -17.67 4.56 -17.08
N SER B 2 -18.22 4.15 -18.18
CA SER B 2 -17.81 2.84 -18.78
C SER B 2 -16.97 3.07 -20.04
N HIS B 3 -16.00 3.92 -19.97
CA HIS B 3 -15.15 4.20 -21.15
C HIS B 3 -13.72 3.68 -20.93
N MET B 4 -13.14 3.09 -21.93
CA MET B 4 -11.75 2.56 -21.78
C MET B 4 -10.83 3.18 -22.85
N VAL B 5 -9.54 3.01 -22.72
CA VAL B 5 -8.62 3.59 -23.72
C VAL B 5 -7.50 2.59 -24.06
N GLU B 6 -6.48 3.04 -24.73
CA GLU B 6 -5.36 2.11 -25.08
C GLU B 6 -4.06 2.54 -24.40
N GLY B 7 -2.96 1.95 -24.76
CA GLY B 7 -1.66 2.32 -24.14
C GLY B 7 -1.30 1.26 -23.09
N SER B 8 -2.26 0.84 -22.31
CA SER B 8 -1.99 -0.19 -21.27
C SER B 8 -3.18 -0.28 -20.32
N GLU B 9 -3.28 0.60 -19.36
CA GLU B 9 -4.43 0.54 -18.41
C GLU B 9 -4.57 1.84 -17.62
N SER B 10 -4.25 2.92 -18.23
CA SER B 10 -4.33 4.22 -17.55
C SER B 10 -5.03 5.25 -18.44
N THR B 11 -5.48 6.33 -17.87
CA THR B 11 -6.16 7.38 -18.69
C THR B 11 -5.16 8.42 -19.18
N THR B 12 -4.03 8.51 -18.54
CA THR B 12 -3.00 9.49 -18.96
C THR B 12 -1.59 8.97 -18.67
N PRO B 13 -0.61 9.70 -19.12
CA PRO B 13 0.80 9.29 -18.93
C PRO B 13 1.27 9.60 -17.51
N PHE B 14 0.72 10.61 -16.89
CA PHE B 14 1.16 10.95 -15.50
C PHE B 14 0.12 10.52 -14.48
N ASN B 15 0.44 9.54 -13.68
CA ASN B 15 -0.51 9.07 -12.65
C ASN B 15 0.16 9.09 -11.29
N LEU B 16 -0.54 8.69 -10.27
CA LEU B 16 0.08 8.71 -8.92
C LEU B 16 -0.85 8.10 -7.87
N PHE B 17 -0.31 7.71 -6.75
CA PHE B 17 -1.15 7.12 -5.67
C PHE B 17 -1.22 8.07 -4.48
N ILE B 18 -2.28 8.03 -3.75
CA ILE B 18 -2.43 8.93 -2.58
C ILE B 18 -2.92 8.12 -1.36
N GLY B 19 -2.80 8.67 -0.18
CA GLY B 19 -3.25 7.94 1.03
C GLY B 19 -4.00 8.90 1.96
N ASN B 20 -4.71 8.37 2.92
CA ASN B 20 -5.46 9.25 3.86
C ASN B 20 -6.52 10.07 3.10
N LEU B 21 -7.50 9.41 2.56
CA LEU B 21 -8.57 10.15 1.82
C LEU B 21 -9.63 10.66 2.80
N ASN B 22 -10.64 9.88 3.09
CA ASN B 22 -11.69 10.34 4.05
C ASN B 22 -12.80 9.29 4.16
N PRO B 23 -12.68 8.46 5.16
CA PRO B 23 -13.68 7.39 5.39
C PRO B 23 -15.03 7.96 5.84
N ASN B 24 -15.12 9.24 6.11
CA ASN B 24 -16.42 9.83 6.54
C ASN B 24 -16.91 10.81 5.47
N LYS B 25 -16.59 10.56 4.23
CA LYS B 25 -17.03 11.49 3.15
C LYS B 25 -17.40 10.69 1.89
N SER B 26 -17.37 11.32 0.76
CA SER B 26 -17.72 10.59 -0.50
C SER B 26 -16.49 10.40 -1.38
N VAL B 27 -16.56 9.53 -2.34
CA VAL B 27 -15.40 9.29 -3.23
C VAL B 27 -15.22 10.52 -4.13
N ALA B 28 -16.26 10.93 -4.79
CA ALA B 28 -16.14 12.14 -5.66
C ALA B 28 -15.69 13.32 -4.81
N GLU B 29 -16.10 13.35 -3.57
CA GLU B 29 -15.68 14.48 -2.68
C GLU B 29 -14.16 14.46 -2.49
N LEU B 30 -13.58 13.30 -2.40
CA LEU B 30 -12.11 13.21 -2.23
C LEU B 30 -11.42 13.68 -3.51
N LYS B 31 -11.90 13.22 -4.63
CA LYS B 31 -11.29 13.62 -5.93
C LYS B 31 -11.58 15.10 -6.22
N VAL B 32 -12.72 15.58 -5.83
CA VAL B 32 -13.05 17.01 -6.08
C VAL B 32 -12.18 17.91 -5.22
N ALA B 33 -11.89 17.50 -4.01
CA ALA B 33 -11.03 18.35 -3.14
C ALA B 33 -9.67 18.44 -3.78
N ILE B 34 -9.19 17.35 -4.31
CA ILE B 34 -7.87 17.37 -4.99
C ILE B 34 -8.03 18.02 -6.36
N SER B 35 -9.21 17.97 -6.94
CA SER B 35 -9.41 18.61 -8.27
C SER B 35 -9.54 20.12 -8.09
N GLU B 36 -10.10 20.53 -6.97
CA GLU B 36 -10.25 21.99 -6.71
C GLU B 36 -8.90 22.58 -6.31
N LEU B 37 -8.19 21.85 -5.51
CA LEU B 37 -6.85 22.34 -5.06
C LEU B 37 -5.91 22.40 -6.26
N PHE B 38 -6.10 21.55 -7.23
CA PHE B 38 -5.24 21.60 -8.42
C PHE B 38 -5.70 22.75 -9.32
N ALA B 39 -6.96 23.10 -9.24
CA ALA B 39 -7.46 24.24 -10.07
C ALA B 39 -6.86 25.53 -9.53
N LYS B 40 -6.63 25.59 -8.25
CA LYS B 40 -6.02 26.80 -7.64
C LYS B 40 -4.51 26.68 -7.71
N ASN B 41 -4.00 25.48 -7.68
CA ASN B 41 -2.53 25.29 -7.76
C ASN B 41 -2.04 25.59 -9.17
N ASP B 42 -2.89 25.39 -10.16
CA ASP B 42 -2.56 25.62 -11.60
C ASP B 42 -2.14 24.29 -12.21
N LEU B 43 -2.77 23.25 -11.76
CA LEU B 43 -2.45 21.91 -12.27
C LEU B 43 -3.43 21.55 -13.40
N ALA B 44 -3.76 20.30 -13.53
CA ALA B 44 -4.71 19.87 -14.59
C ALA B 44 -5.04 18.38 -14.38
N VAL B 45 -5.59 18.08 -13.24
CA VAL B 45 -5.94 16.69 -12.91
C VAL B 45 -6.79 16.07 -14.00
N VAL B 46 -6.25 15.07 -14.62
CA VAL B 46 -6.99 14.36 -15.70
C VAL B 46 -7.95 13.33 -15.11
N ASP B 47 -7.61 12.78 -13.97
CA ASP B 47 -8.51 11.76 -13.35
C ASP B 47 -8.09 11.46 -11.90
N VAL B 48 -8.99 10.92 -11.13
CA VAL B 48 -8.66 10.58 -9.72
C VAL B 48 -9.53 9.42 -9.23
N ARG B 49 -8.99 8.58 -8.39
CA ARG B 49 -9.79 7.41 -7.89
C ARG B 49 -9.73 7.38 -6.36
N THR B 50 -10.06 6.28 -5.74
CA THR B 50 -9.99 6.25 -4.25
C THR B 50 -9.27 5.01 -3.75
N GLY B 51 -8.92 5.05 -2.50
CA GLY B 51 -8.20 3.91 -1.90
C GLY B 51 -9.20 3.08 -1.11
N THR B 52 -10.17 2.56 -1.82
CA THR B 52 -11.25 1.72 -1.24
C THR B 52 -11.59 2.07 0.19
N ASN B 53 -12.67 2.77 0.30
CA ASN B 53 -13.22 3.22 1.60
C ASN B 53 -12.63 4.57 1.93
N ARG B 54 -12.21 5.30 0.93
CA ARG B 54 -11.64 6.63 1.18
C ARG B 54 -10.39 6.51 2.09
N LYS B 55 -9.81 5.34 2.22
CA LYS B 55 -8.58 5.21 3.06
C LYS B 55 -7.41 5.82 2.30
N PHE B 56 -7.24 5.42 1.07
CA PHE B 56 -6.15 6.03 0.25
C PHE B 56 -6.75 6.41 -1.09
N GLY B 57 -6.02 6.42 -2.16
CA GLY B 57 -6.67 6.80 -3.45
C GLY B 57 -5.68 6.99 -4.57
N TYR B 58 -6.15 7.49 -5.68
CA TYR B 58 -5.25 7.68 -6.84
C TYR B 58 -5.45 9.03 -7.50
N VAL B 59 -4.70 9.29 -8.52
CA VAL B 59 -4.84 10.56 -9.26
C VAL B 59 -4.15 10.43 -10.61
N ASP B 60 -4.43 11.35 -11.48
CA ASP B 60 -3.83 11.30 -12.82
C ASP B 60 -3.61 12.72 -13.35
N PHE B 61 -2.47 12.98 -13.91
CA PHE B 61 -2.18 14.34 -14.45
C PHE B 61 -2.07 14.30 -15.98
N GLU B 62 -1.83 15.44 -16.57
CA GLU B 62 -1.72 15.49 -18.06
C GLU B 62 -0.32 15.92 -18.51
N SER B 63 0.64 15.89 -17.64
CA SER B 63 2.01 16.31 -18.06
C SER B 63 3.06 15.98 -17.02
N ALA B 64 4.29 16.25 -17.36
CA ALA B 64 5.40 16.05 -16.39
C ALA B 64 5.39 17.24 -15.45
N GLU B 65 4.83 18.32 -15.90
CA GLU B 65 4.75 19.54 -15.06
C GLU B 65 3.63 19.38 -14.03
N ASP B 66 2.64 18.58 -14.34
CA ASP B 66 1.55 18.34 -13.38
C ASP B 66 2.01 17.24 -12.43
N LEU B 67 2.83 16.35 -12.93
CA LEU B 67 3.33 15.27 -12.07
C LEU B 67 4.35 15.83 -11.07
N GLU B 68 5.14 16.78 -11.49
CA GLU B 68 6.14 17.39 -10.56
C GLU B 68 5.41 18.27 -9.53
N LYS B 69 4.37 18.95 -9.96
CA LYS B 69 3.60 19.76 -9.01
C LYS B 69 2.73 18.79 -8.23
N ALA B 70 2.37 17.71 -8.87
CA ALA B 70 1.55 16.71 -8.16
C ALA B 70 2.39 16.11 -7.02
N LEU B 71 3.69 16.11 -7.17
CA LEU B 71 4.57 15.58 -6.09
C LEU B 71 4.49 16.56 -4.94
N GLU B 72 4.70 17.81 -5.23
CA GLU B 72 4.59 18.84 -4.16
C GLU B 72 3.15 18.93 -3.68
N LEU B 73 2.21 18.36 -4.43
CA LEU B 73 0.79 18.42 -4.01
C LEU B 73 0.49 17.42 -2.87
N THR B 74 1.50 16.84 -2.27
CA THR B 74 1.22 15.89 -1.15
C THR B 74 0.67 16.62 0.08
N GLY B 75 0.60 17.91 0.02
CA GLY B 75 0.05 18.69 1.17
C GLY B 75 -1.45 18.93 0.93
N LEU B 76 -2.13 17.97 0.38
CA LEU B 76 -3.59 18.13 0.11
C LEU B 76 -4.42 17.67 1.30
N LYS B 77 -5.25 18.52 1.80
CA LYS B 77 -6.11 18.14 2.94
C LYS B 77 -7.47 17.73 2.40
N VAL B 78 -7.54 16.53 2.02
CA VAL B 78 -8.83 16.00 1.46
C VAL B 78 -9.97 16.27 2.46
N PHE B 79 -10.89 17.10 2.08
CA PHE B 79 -12.03 17.43 2.99
C PHE B 79 -11.57 17.44 4.46
N GLY B 80 -10.37 17.87 4.72
CA GLY B 80 -9.87 17.90 6.13
C GLY B 80 -9.00 16.65 6.39
N ASN B 81 -8.43 16.09 5.37
CA ASN B 81 -7.56 14.89 5.57
C ASN B 81 -6.30 15.03 4.72
N GLU B 82 -5.24 15.54 5.29
CA GLU B 82 -3.98 15.70 4.51
C GLU B 82 -3.61 14.39 3.83
N ILE B 83 -3.96 14.25 2.59
CA ILE B 83 -3.65 12.99 1.87
C ILE B 83 -2.14 12.84 1.66
N LYS B 84 -1.69 11.63 1.57
CA LYS B 84 -0.25 11.37 1.34
C LYS B 84 -0.08 11.09 -0.15
N LEU B 85 1.12 11.09 -0.64
CA LEU B 85 1.29 10.82 -2.10
C LEU B 85 2.61 10.13 -2.39
N GLU B 86 2.69 9.58 -3.56
CA GLU B 86 3.94 8.86 -3.98
C GLU B 86 3.67 7.97 -5.20
N LYS B 87 4.70 7.46 -5.80
CA LYS B 87 4.52 6.57 -6.99
C LYS B 87 3.47 5.49 -6.70
N PRO B 88 2.70 5.19 -7.69
CA PRO B 88 1.63 4.16 -7.55
C PRO B 88 2.27 2.76 -7.47
N LYS B 89 1.61 1.84 -6.79
CA LYS B 89 2.18 0.47 -6.68
C LYS B 89 1.27 -0.54 -7.41
N GLY B 90 0.50 -0.09 -8.37
CA GLY B 90 -0.40 -1.02 -9.10
C GLY B 90 0.35 -2.32 -9.43
N ARG B 91 -0.05 -3.40 -8.80
CA ARG B 91 0.60 -4.72 -9.08
C ARG B 91 -0.40 -5.84 -8.77
N ASP B 92 -0.66 -6.08 -7.51
CA ASP B 92 -1.66 -7.11 -7.13
C ASP B 92 -2.93 -6.38 -6.72
N SER B 93 -4.07 -6.98 -6.91
CA SER B 93 -5.34 -6.28 -6.52
C SER B 93 -5.42 -6.09 -5.00
N LYS B 94 -4.44 -5.43 -4.40
CA LYS B 94 -4.46 -5.18 -2.93
C LYS B 94 -4.64 -6.49 -2.14
N LYS B 95 -5.77 -7.13 -2.29
CA LYS B 95 -5.99 -8.40 -1.55
C LYS B 95 -5.38 -9.59 -2.32
N VAL B 96 -4.64 -9.32 -3.37
CA VAL B 96 -4.02 -10.43 -4.13
C VAL B 96 -2.63 -10.72 -3.58
N ARG B 97 -1.93 -9.68 -3.21
CA ARG B 97 -0.56 -9.89 -2.65
C ARG B 97 -0.66 -10.77 -1.40
N ALA B 98 -1.76 -10.72 -0.70
CA ALA B 98 -1.92 -11.55 0.52
C ALA B 98 -1.56 -13.02 0.22
N ALA B 99 -1.89 -13.49 -0.94
CA ALA B 99 -1.59 -14.91 -1.28
C ALA B 99 -0.10 -15.20 -1.12
N ARG B 100 0.73 -14.33 -1.61
CA ARG B 100 2.19 -14.55 -1.46
C ARG B 100 2.69 -13.78 -0.24
N THR B 101 1.83 -13.59 0.75
CA THR B 101 2.27 -12.82 1.94
C THR B 101 1.87 -13.54 3.24
N LEU B 102 2.50 -13.16 4.32
CA LEU B 102 2.19 -13.76 5.65
C LEU B 102 2.52 -12.74 6.73
N LEU B 103 1.68 -12.54 7.69
CA LEU B 103 1.98 -11.53 8.74
C LEU B 103 2.38 -12.18 10.06
N ALA B 104 3.34 -11.62 10.75
CA ALA B 104 3.78 -12.19 12.04
C ALA B 104 2.81 -11.79 13.16
N LYS B 105 2.70 -12.60 14.17
CA LYS B 105 1.76 -12.27 15.28
C LYS B 105 2.47 -12.42 16.64
N ASN B 106 1.83 -11.99 17.70
CA ASN B 106 2.46 -12.12 19.05
C ASN B 106 3.75 -11.28 19.12
N LEU B 107 3.80 -10.18 18.41
CA LEU B 107 5.02 -9.33 18.45
C LEU B 107 4.97 -8.43 19.69
N SER B 108 5.77 -7.40 19.73
CA SER B 108 5.73 -6.52 20.94
C SER B 108 5.76 -5.04 20.53
N PHE B 109 5.93 -4.17 21.50
CA PHE B 109 5.96 -2.72 21.20
C PHE B 109 7.36 -2.28 20.75
N ASN B 110 8.37 -3.05 21.05
CA ASN B 110 9.74 -2.68 20.65
C ASN B 110 10.07 -3.27 19.28
N ILE B 111 9.71 -4.50 19.04
CA ILE B 111 10.02 -5.12 17.72
C ILE B 111 9.69 -4.12 16.61
N THR B 112 10.09 -4.41 15.40
CA THR B 112 9.80 -3.48 14.27
C THR B 112 10.12 -4.12 12.92
N GLU B 113 9.80 -3.45 11.84
CA GLU B 113 10.10 -4.01 10.49
C GLU B 113 11.57 -4.38 10.40
N ASP B 114 12.42 -3.56 10.95
CA ASP B 114 13.88 -3.87 10.90
C ASP B 114 14.12 -5.25 11.50
N GLU B 115 13.60 -5.48 12.67
CA GLU B 115 13.77 -6.81 13.32
C GLU B 115 13.16 -7.89 12.43
N LEU B 116 12.03 -7.60 11.87
CA LEU B 116 11.39 -8.59 10.96
C LEU B 116 12.26 -8.69 9.73
N LYS B 117 12.83 -7.58 9.32
CA LYS B 117 13.71 -7.61 8.13
C LYS B 117 14.96 -8.42 8.44
N GLU B 118 15.34 -8.45 9.68
CA GLU B 118 16.54 -9.22 10.08
C GLU B 118 16.18 -10.70 10.18
N VAL B 119 14.97 -11.00 10.58
CA VAL B 119 14.55 -12.43 10.70
C VAL B 119 14.03 -12.91 9.35
N PHE B 120 13.34 -12.05 8.65
CA PHE B 120 12.79 -12.45 7.33
C PHE B 120 13.67 -11.90 6.20
N GLU B 121 14.91 -12.29 6.15
CA GLU B 121 15.81 -11.79 5.07
C GLU B 121 15.28 -12.18 3.68
N ASP B 122 14.39 -13.15 3.61
CA ASP B 122 13.86 -13.56 2.29
C ASP B 122 12.60 -12.74 1.95
N ALA B 123 11.88 -12.27 2.93
CA ALA B 123 10.66 -11.48 2.65
C ALA B 123 11.05 -10.13 2.02
N LEU B 124 10.35 -9.74 0.98
CA LEU B 124 10.69 -8.47 0.30
C LEU B 124 9.96 -7.29 0.95
N GLU B 125 8.72 -7.46 1.35
CA GLU B 125 7.99 -6.32 1.98
C GLU B 125 7.39 -6.72 3.33
N ILE B 126 7.21 -5.78 4.20
CA ILE B 126 6.62 -6.07 5.54
C ILE B 126 5.75 -4.91 5.99
N ARG B 127 4.71 -5.18 6.72
CA ARG B 127 3.82 -4.08 7.20
C ARG B 127 3.39 -4.33 8.65
N LEU B 128 3.93 -3.57 9.57
CA LEU B 128 3.57 -3.76 11.01
C LEU B 128 2.07 -3.54 11.23
N VAL B 129 1.45 -4.41 11.96
CA VAL B 129 -0.02 -4.27 12.22
C VAL B 129 -0.26 -3.80 13.65
N SER B 130 -0.76 -2.59 13.78
CA SER B 130 -1.06 -2.02 15.12
C SER B 130 -2.57 -1.77 15.24
N GLN B 131 -2.97 -0.90 16.14
CA GLN B 131 -4.43 -0.63 16.30
C GLN B 131 -4.82 0.69 15.65
N ASP B 132 -4.52 0.86 14.38
CA ASP B 132 -4.88 2.14 13.69
C ASP B 132 -4.31 3.35 14.45
N GLY B 133 -3.29 3.13 15.23
CA GLY B 133 -2.69 4.27 16.00
C GLY B 133 -2.29 3.76 17.38
N LYS B 134 -1.51 2.71 17.44
CA LYS B 134 -1.07 2.14 18.74
C LYS B 134 -0.55 0.72 18.51
N SER B 135 0.72 0.50 18.75
CA SER B 135 1.28 -0.86 18.52
C SER B 135 0.28 -1.94 18.93
N LYS B 136 0.13 -2.95 18.13
CA LYS B 136 -0.83 -4.05 18.46
C LYS B 136 -0.09 -5.36 18.65
N GLY B 137 0.88 -5.66 17.82
CA GLY B 137 1.63 -6.92 17.99
C GLY B 137 1.69 -7.73 16.69
N ILE B 138 1.17 -7.26 15.57
CA ILE B 138 1.29 -8.10 14.36
C ILE B 138 2.19 -7.41 13.34
N ALA B 139 2.62 -8.12 12.34
CA ALA B 139 3.49 -7.51 11.29
C ALA B 139 3.34 -8.25 9.98
N TYR B 140 2.81 -7.62 8.96
CA TYR B 140 2.64 -8.32 7.67
C TYR B 140 3.98 -8.53 6.97
N ILE B 141 4.12 -9.59 6.24
CA ILE B 141 5.41 -9.84 5.55
C ILE B 141 5.17 -10.56 4.22
N GLU B 142 5.49 -9.90 3.13
CA GLU B 142 5.29 -10.53 1.79
C GLU B 142 6.59 -11.15 1.29
N PHE B 143 6.52 -12.27 0.62
CA PHE B 143 7.77 -12.90 0.12
C PHE B 143 7.79 -12.93 -1.41
N LYS B 144 8.78 -13.57 -1.97
CA LYS B 144 8.86 -13.65 -3.46
C LYS B 144 7.71 -14.48 -4.01
N SER B 145 7.13 -15.34 -3.21
CA SER B 145 6.01 -16.17 -3.69
C SER B 145 5.29 -16.80 -2.52
N GLU B 146 4.44 -17.75 -2.81
CA GLU B 146 3.71 -18.45 -1.72
C GLU B 146 4.66 -19.45 -1.08
N ALA B 147 5.28 -20.27 -1.90
CA ALA B 147 6.24 -21.25 -1.35
C ALA B 147 7.37 -20.52 -0.62
N ASP B 148 7.67 -19.33 -1.05
CA ASP B 148 8.74 -18.55 -0.35
C ASP B 148 8.20 -18.08 0.99
N ALA B 149 7.13 -17.33 0.98
CA ALA B 149 6.55 -16.86 2.27
C ALA B 149 6.17 -18.05 3.14
N GLU B 150 5.82 -19.16 2.53
CA GLU B 150 5.44 -20.36 3.33
C GLU B 150 6.69 -21.03 3.89
N LYS B 151 7.71 -21.19 3.08
CA LYS B 151 8.95 -21.84 3.58
C LYS B 151 9.58 -21.00 4.69
N ASN B 152 9.56 -19.71 4.53
CA ASN B 152 10.14 -18.84 5.60
C ASN B 152 9.19 -18.80 6.79
N LEU B 153 7.92 -18.60 6.53
CA LEU B 153 6.93 -18.56 7.64
C LEU B 153 7.10 -19.80 8.53
N GLU B 154 7.19 -20.95 7.92
CA GLU B 154 7.36 -22.20 8.71
C GLU B 154 8.82 -22.30 9.17
N GLU B 155 9.73 -21.87 8.35
CA GLU B 155 11.16 -21.94 8.72
C GLU B 155 11.44 -21.17 10.01
N LYS B 156 10.69 -20.12 10.27
CA LYS B 156 10.92 -19.35 11.52
C LYS B 156 9.78 -19.58 12.50
N GLN B 157 8.60 -19.16 12.13
CA GLN B 157 7.41 -19.35 13.02
C GLN B 157 7.83 -19.37 14.49
N GLY B 158 7.84 -18.23 15.14
CA GLY B 158 8.25 -18.21 16.58
C GLY B 158 9.38 -17.18 16.78
N ALA B 159 10.48 -17.35 16.10
CA ALA B 159 11.62 -16.38 16.26
C ALA B 159 11.69 -15.87 17.70
N GLU B 160 12.50 -16.49 18.52
CA GLU B 160 12.60 -16.04 19.94
C GLU B 160 13.22 -14.65 20.04
N ILE B 161 12.43 -13.63 20.21
CA ILE B 161 12.98 -12.25 20.32
C ILE B 161 12.21 -11.49 21.40
N ASP B 162 12.67 -10.32 21.75
CA ASP B 162 11.95 -9.53 22.79
C ASP B 162 11.41 -10.46 23.89
N GLY B 163 12.17 -11.45 24.25
CA GLY B 163 11.72 -12.39 25.30
C GLY B 163 10.32 -12.92 24.93
N ARG B 164 10.07 -13.12 23.66
CA ARG B 164 8.73 -13.63 23.24
C ARG B 164 8.81 -14.24 21.83
N SER B 165 7.97 -15.20 21.55
CA SER B 165 7.99 -15.83 20.20
C SER B 165 6.99 -15.16 19.27
N VAL B 166 7.38 -14.91 18.06
CA VAL B 166 6.45 -14.25 17.09
C VAL B 166 5.85 -15.29 16.15
N SER B 167 4.55 -15.40 16.12
CA SER B 167 3.89 -16.39 15.22
C SER B 167 3.75 -15.80 13.82
N LEU B 168 3.47 -16.61 12.86
CA LEU B 168 3.34 -16.10 11.47
C LEU B 168 1.97 -16.47 10.88
N TYR B 169 1.16 -15.49 10.59
CA TYR B 169 -0.18 -15.78 10.02
C TYR B 169 -0.20 -15.48 8.53
N TYR B 170 -0.22 -16.50 7.72
CA TYR B 170 -0.23 -16.29 6.26
C TYR B 170 -1.35 -15.33 5.86
N THR B 171 -1.64 -15.22 4.60
CA THR B 171 -2.72 -14.31 4.14
C THR B 171 -3.43 -14.91 2.93
N GLY B 172 -4.40 -15.77 3.17
CA GLY B 172 -5.15 -16.39 2.04
C GLY B 172 -6.60 -16.61 2.46
N GLU B 173 -7.29 -17.49 1.78
CA GLU B 173 -8.72 -17.74 2.15
C GLU B 173 -8.83 -18.94 3.08
N LYS B 174 -7.93 -19.88 2.96
CA LYS B 174 -7.97 -21.08 3.84
C LYS B 174 -7.05 -20.90 5.05
N GLY B 175 -6.01 -20.12 4.91
CA GLY B 175 -5.08 -19.89 6.04
C GLY B 175 -4.76 -21.23 6.71
N GLY B 1 1.16 -8.85 -27.94
CA GLY B 1 1.17 -7.81 -26.87
C GLY B 1 0.49 -8.36 -25.62
N SER B 2 -0.53 -7.70 -25.14
CA SER B 2 -1.23 -8.18 -23.92
C SER B 2 -2.54 -7.41 -23.71
N HIS B 3 -3.23 -7.69 -22.64
CA HIS B 3 -4.51 -6.97 -22.37
C HIS B 3 -4.68 -6.76 -20.87
N MET B 4 -3.63 -6.37 -20.20
CA MET B 4 -3.73 -6.17 -18.72
C MET B 4 -3.28 -4.75 -18.36
N VAL B 5 -3.76 -4.22 -17.27
CA VAL B 5 -3.35 -2.84 -16.86
C VAL B 5 -1.84 -2.77 -16.70
N GLU B 6 -1.19 -1.90 -17.42
CA GLU B 6 0.29 -1.79 -17.31
C GLU B 6 0.72 -0.32 -17.41
N GLY B 7 1.98 -0.05 -17.23
CA GLY B 7 2.47 1.35 -17.31
C GLY B 7 3.20 1.57 -18.64
N SER B 8 2.47 1.59 -19.72
CA SER B 8 3.13 1.78 -21.06
C SER B 8 2.50 2.98 -21.78
N GLU B 9 1.20 3.01 -21.89
CA GLU B 9 0.54 4.15 -22.59
C GLU B 9 -0.54 4.77 -21.72
N SER B 10 -0.37 4.67 -20.46
CA SER B 10 -1.37 5.25 -19.51
C SER B 10 -1.93 6.56 -20.05
N THR B 11 -3.06 6.98 -19.56
CA THR B 11 -3.66 8.26 -20.06
C THR B 11 -2.65 9.40 -19.98
N THR B 12 -1.71 9.31 -19.08
CA THR B 12 -0.68 10.37 -18.95
C THR B 12 0.60 9.80 -18.34
N PRO B 13 1.66 10.55 -18.48
CA PRO B 13 2.97 10.11 -17.96
C PRO B 13 3.07 10.31 -16.44
N PHE B 14 2.42 11.31 -15.90
CA PHE B 14 2.52 11.53 -14.43
C PHE B 14 1.35 10.88 -13.68
N ASN B 15 1.59 9.79 -13.01
CA ASN B 15 0.52 9.11 -12.25
C ASN B 15 1.06 8.64 -10.90
N LEU B 16 0.19 8.52 -9.96
CA LEU B 16 0.62 8.07 -8.61
C LEU B 16 -0.59 7.94 -7.68
N PHE B 17 -0.37 7.59 -6.45
CA PHE B 17 -1.52 7.42 -5.52
C PHE B 17 -1.57 8.52 -4.45
N ILE B 18 -2.70 8.68 -3.84
CA ILE B 18 -2.87 9.69 -2.78
C ILE B 18 -3.59 9.05 -1.59
N GLY B 19 -3.59 9.68 -0.46
CA GLY B 19 -4.27 9.05 0.71
C GLY B 19 -5.06 10.12 1.49
N ASN B 20 -5.81 9.71 2.47
CA ASN B 20 -6.61 10.68 3.27
C ASN B 20 -7.78 11.23 2.44
N LEU B 21 -8.41 10.40 1.66
CA LEU B 21 -9.55 10.91 0.84
C LEU B 21 -10.69 11.37 1.76
N ASN B 22 -11.71 10.56 2.00
CA ASN B 22 -12.81 11.00 2.90
C ASN B 22 -13.94 9.96 2.91
N PRO B 23 -13.94 9.14 3.92
CA PRO B 23 -14.98 8.10 4.06
C PRO B 23 -16.35 8.73 4.37
N ASN B 24 -16.39 10.00 4.68
CA ASN B 24 -17.69 10.66 4.97
C ASN B 24 -18.12 11.50 3.77
N LYS B 25 -17.75 11.09 2.59
CA LYS B 25 -18.11 11.87 1.37
C LYS B 25 -18.41 10.91 0.22
N SER B 26 -18.35 11.38 -0.99
CA SER B 26 -18.61 10.49 -2.15
C SER B 26 -17.35 10.34 -3.00
N VAL B 27 -17.37 9.42 -3.94
CA VAL B 27 -16.18 9.23 -4.80
C VAL B 27 -16.04 10.42 -5.76
N ALA B 28 -17.07 10.71 -6.51
CA ALA B 28 -16.99 11.88 -7.44
C ALA B 28 -16.61 13.13 -6.65
N GLU B 29 -17.04 13.22 -5.42
CA GLU B 29 -16.70 14.41 -4.60
C GLU B 29 -15.19 14.47 -4.34
N LEU B 30 -14.58 13.34 -4.10
CA LEU B 30 -13.12 13.34 -3.85
C LEU B 30 -12.39 13.71 -5.13
N LYS B 31 -12.93 13.32 -6.26
CA LYS B 31 -12.28 13.64 -7.56
C LYS B 31 -12.50 15.11 -7.90
N VAL B 32 -13.70 15.59 -7.76
CA VAL B 32 -13.97 17.03 -8.08
C VAL B 32 -13.25 17.91 -7.07
N ALA B 33 -13.19 17.49 -5.83
CA ALA B 33 -12.47 18.31 -4.82
C ALA B 33 -11.02 18.41 -5.23
N ILE B 34 -10.49 17.33 -5.74
CA ILE B 34 -9.08 17.35 -6.20
C ILE B 34 -9.01 18.08 -7.55
N SER B 35 -10.08 18.04 -8.32
CA SER B 35 -10.07 18.75 -9.62
C SER B 35 -10.17 20.26 -9.38
N GLU B 36 -10.90 20.65 -8.37
CA GLU B 36 -11.04 22.09 -8.06
C GLU B 36 -9.80 22.58 -7.31
N LEU B 37 -9.36 21.81 -6.36
CA LEU B 37 -8.15 22.21 -5.59
C LEU B 37 -6.98 22.42 -6.54
N PHE B 38 -6.92 21.66 -7.59
CA PHE B 38 -5.84 21.83 -8.57
C PHE B 38 -6.24 22.91 -9.59
N ALA B 39 -7.51 23.17 -9.72
CA ALA B 39 -7.95 24.21 -10.69
C ALA B 39 -7.57 25.60 -10.16
N LYS B 40 -7.50 25.75 -8.87
CA LYS B 40 -7.09 27.06 -8.28
C LYS B 40 -5.58 27.08 -8.05
N ASN B 41 -4.97 25.94 -7.88
CA ASN B 41 -3.50 25.91 -7.66
C ASN B 41 -2.76 26.19 -8.97
N ASP B 42 -3.39 25.89 -10.09
CA ASP B 42 -2.78 26.09 -11.44
C ASP B 42 -2.18 24.76 -11.88
N LEU B 43 -2.82 23.69 -11.49
CA LEU B 43 -2.33 22.35 -11.85
C LEU B 43 -3.14 21.86 -13.06
N ALA B 44 -3.33 20.58 -13.16
CA ALA B 44 -4.11 20.02 -14.31
C ALA B 44 -4.32 18.53 -14.09
N VAL B 45 -5.02 18.18 -13.04
CA VAL B 45 -5.28 16.78 -12.74
C VAL B 45 -5.90 16.09 -13.96
N VAL B 46 -5.20 15.14 -14.48
CA VAL B 46 -5.69 14.40 -15.68
C VAL B 46 -6.64 13.29 -15.26
N ASP B 47 -6.27 12.49 -14.30
CA ASP B 47 -7.16 11.39 -13.85
C ASP B 47 -7.15 11.28 -12.32
N VAL B 48 -8.20 10.76 -11.74
CA VAL B 48 -8.25 10.64 -10.26
C VAL B 48 -9.17 9.50 -9.82
N ARG B 49 -8.70 8.62 -8.98
CA ARG B 49 -9.56 7.51 -8.51
C ARG B 49 -9.73 7.57 -6.99
N THR B 50 -10.18 6.51 -6.40
CA THR B 50 -10.33 6.51 -4.91
C THR B 50 -9.59 5.35 -4.29
N GLY B 51 -9.37 5.45 -3.02
CA GLY B 51 -8.67 4.39 -2.27
C GLY B 51 -9.71 3.59 -1.51
N THR B 52 -10.58 2.94 -2.27
CA THR B 52 -11.69 2.11 -1.74
C THR B 52 -12.25 2.58 -0.42
N ASN B 53 -13.35 3.25 -0.53
CA ASN B 53 -14.09 3.79 0.63
C ASN B 53 -13.57 5.18 0.93
N ARG B 54 -13.12 5.86 -0.08
CA ARG B 54 -12.59 7.22 0.12
C ARG B 54 -11.44 7.21 1.16
N LYS B 55 -10.86 6.07 1.44
CA LYS B 55 -9.73 6.05 2.42
C LYS B 55 -8.53 6.71 1.76
N PHE B 56 -8.11 6.20 0.63
CA PHE B 56 -6.97 6.85 -0.08
C PHE B 56 -7.40 7.03 -1.53
N GLY B 57 -6.53 6.92 -2.50
CA GLY B 57 -7.03 7.11 -3.89
C GLY B 57 -5.91 7.23 -4.90
N TYR B 58 -6.26 7.51 -6.11
CA TYR B 58 -5.22 7.64 -7.18
C TYR B 58 -5.38 8.94 -7.96
N VAL B 59 -4.40 9.26 -8.78
CA VAL B 59 -4.48 10.51 -9.57
C VAL B 59 -3.42 10.49 -10.67
N ASP B 60 -3.55 11.37 -11.61
CA ASP B 60 -2.59 11.43 -12.73
C ASP B 60 -2.40 12.88 -13.17
N PHE B 61 -1.18 13.29 -13.40
CA PHE B 61 -0.92 14.69 -13.83
C PHE B 61 -0.54 14.73 -15.31
N GLU B 62 -0.53 15.90 -15.89
CA GLU B 62 -0.20 16.00 -17.35
C GLU B 62 1.12 16.73 -17.58
N SER B 63 1.93 16.87 -16.58
CA SER B 63 3.23 17.58 -16.79
C SER B 63 4.23 17.32 -15.69
N ALA B 64 5.42 17.82 -15.89
CA ALA B 64 6.48 17.70 -14.87
C ALA B 64 6.22 18.77 -13.82
N GLU B 65 5.53 19.80 -14.22
CA GLU B 65 5.20 20.91 -13.29
C GLU B 65 4.05 20.47 -12.38
N ASP B 66 3.21 19.57 -12.85
CA ASP B 66 2.12 19.08 -11.99
C ASP B 66 2.71 18.03 -11.07
N LEU B 67 3.72 17.35 -11.54
CA LEU B 67 4.37 16.32 -10.70
C LEU B 67 5.11 17.01 -9.55
N GLU B 68 5.75 18.12 -9.84
CA GLU B 68 6.50 18.86 -8.77
C GLU B 68 5.50 19.43 -7.76
N LYS B 69 4.36 19.87 -8.23
CA LYS B 69 3.34 20.38 -7.29
C LYS B 69 2.67 19.18 -6.67
N ALA B 70 2.63 18.10 -7.41
CA ALA B 70 2.03 16.87 -6.86
C ALA B 70 2.85 16.43 -5.65
N LEU B 71 4.13 16.69 -5.67
CA LEU B 71 4.99 16.33 -4.52
C LEU B 71 4.64 17.25 -3.37
N GLU B 72 4.45 18.51 -3.66
CA GLU B 72 4.08 19.47 -2.59
C GLU B 72 2.55 19.52 -2.44
N LEU B 73 1.83 18.62 -3.06
CA LEU B 73 0.34 18.65 -2.93
C LEU B 73 -0.12 17.85 -1.70
N THR B 74 0.77 17.50 -0.81
CA THR B 74 0.34 16.74 0.40
C THR B 74 -0.06 17.68 1.53
N GLY B 75 -0.14 18.95 1.26
CA GLY B 75 -0.54 19.92 2.32
C GLY B 75 -1.89 20.52 1.98
N LEU B 76 -2.75 19.78 1.33
CA LEU B 76 -4.09 20.32 0.97
C LEU B 76 -5.19 19.49 1.56
N LYS B 77 -5.94 20.09 2.44
CA LYS B 77 -7.06 19.36 3.05
C LYS B 77 -8.23 19.37 2.11
N VAL B 78 -8.31 18.36 1.37
CA VAL B 78 -9.46 18.19 0.42
C VAL B 78 -10.74 18.32 1.24
N PHE B 79 -11.76 17.57 0.99
CA PHE B 79 -12.98 17.72 1.85
C PHE B 79 -12.63 17.41 3.32
N GLY B 80 -11.82 18.23 3.93
CA GLY B 80 -11.41 18.00 5.35
C GLY B 80 -10.45 16.81 5.40
N ASN B 81 -9.33 16.93 4.74
CA ASN B 81 -8.35 15.82 4.73
C ASN B 81 -7.13 16.20 3.89
N GLU B 82 -6.03 16.53 4.52
CA GLU B 82 -4.83 16.92 3.73
C GLU B 82 -4.43 15.77 2.80
N ILE B 83 -5.04 15.69 1.66
CA ILE B 83 -4.71 14.59 0.70
C ILE B 83 -3.22 14.31 0.69
N LYS B 84 -2.84 13.08 0.86
CA LYS B 84 -1.41 12.70 0.83
C LYS B 84 -1.08 12.08 -0.52
N LEU B 85 0.17 12.03 -0.86
CA LEU B 85 0.57 11.44 -2.16
C LEU B 85 1.72 10.46 -1.97
N GLU B 86 2.09 9.77 -3.01
CA GLU B 86 3.21 8.78 -2.90
C GLU B 86 3.25 7.89 -4.15
N LYS B 87 4.43 7.50 -4.55
CA LYS B 87 4.53 6.62 -5.76
C LYS B 87 3.46 5.53 -5.70
N PRO B 88 2.85 5.30 -6.84
CA PRO B 88 1.78 4.28 -6.95
C PRO B 88 2.38 2.87 -6.90
N LYS B 89 1.56 1.87 -6.67
CA LYS B 89 2.09 0.48 -6.61
C LYS B 89 0.95 -0.53 -6.82
N GLY B 90 0.15 -0.34 -7.84
CA GLY B 90 -0.99 -1.28 -8.08
C GLY B 90 -0.45 -2.60 -8.64
N ARG B 91 -1.23 -3.26 -9.46
CA ARG B 91 -0.77 -4.56 -10.06
C ARG B 91 -0.66 -5.64 -8.96
N ASP B 92 -1.74 -6.30 -8.65
CA ASP B 92 -1.70 -7.36 -7.60
C ASP B 92 -1.28 -6.76 -6.26
N SER B 93 -2.21 -6.19 -5.55
CA SER B 93 -1.85 -5.59 -4.23
C SER B 93 -3.02 -5.71 -3.25
N LYS B 94 -2.90 -5.06 -2.13
CA LYS B 94 -3.97 -5.06 -1.08
C LYS B 94 -4.72 -6.40 -0.99
N LYS B 95 -5.63 -6.68 -1.89
CA LYS B 95 -6.38 -7.97 -1.77
C LYS B 95 -6.06 -8.95 -2.91
N VAL B 96 -5.18 -8.60 -3.79
CA VAL B 96 -4.85 -9.54 -4.89
C VAL B 96 -3.57 -10.28 -4.53
N ARG B 97 -2.55 -9.57 -4.17
CA ARG B 97 -1.30 -10.26 -3.77
C ARG B 97 -1.62 -11.18 -2.58
N ALA B 98 -2.64 -10.86 -1.82
CA ALA B 98 -2.99 -11.73 -0.66
C ALA B 98 -3.01 -13.19 -1.11
N ALA B 99 -3.56 -13.46 -2.26
CA ALA B 99 -3.62 -14.87 -2.73
C ALA B 99 -2.22 -15.50 -2.67
N ARG B 100 -1.23 -14.78 -3.07
CA ARG B 100 0.15 -15.33 -3.00
C ARG B 100 0.82 -14.86 -1.71
N THR B 101 0.05 -14.56 -0.70
CA THR B 101 0.66 -14.08 0.59
C THR B 101 -0.04 -14.68 1.80
N LEU B 102 0.61 -14.65 2.93
CA LEU B 102 -0.01 -15.18 4.18
C LEU B 102 0.32 -14.26 5.33
N LEU B 103 -0.02 -14.64 6.53
CA LEU B 103 0.29 -13.76 7.69
C LEU B 103 0.94 -14.58 8.82
N ALA B 104 2.22 -14.48 8.97
CA ALA B 104 2.89 -15.24 10.07
C ALA B 104 2.39 -14.69 11.41
N LYS B 105 1.76 -15.52 12.20
CA LYS B 105 1.23 -15.03 13.51
C LYS B 105 2.16 -15.41 14.66
N ASN B 106 1.87 -14.95 15.84
CA ASN B 106 2.73 -15.28 17.01
C ASN B 106 4.08 -14.58 16.89
N LEU B 107 4.12 -13.42 16.29
CA LEU B 107 5.42 -12.69 16.17
C LEU B 107 5.82 -12.09 17.51
N SER B 108 6.81 -11.25 17.51
CA SER B 108 7.25 -10.63 18.79
C SER B 108 7.68 -9.19 18.54
N PHE B 109 8.23 -8.55 19.54
CA PHE B 109 8.67 -7.14 19.36
C PHE B 109 10.10 -7.09 18.80
N ASN B 110 10.82 -8.18 18.88
CA ASN B 110 12.21 -8.18 18.35
C ASN B 110 12.25 -8.76 16.92
N ILE B 111 11.51 -9.82 16.68
CA ILE B 111 11.52 -10.42 15.30
C ILE B 111 11.36 -9.32 14.24
N THR B 112 11.56 -9.65 13.00
CA THR B 112 11.42 -8.64 11.92
C THR B 112 11.36 -9.31 10.55
N GLU B 113 11.18 -8.54 9.50
CA GLU B 113 11.13 -9.13 8.14
C GLU B 113 12.40 -9.92 7.86
N ASP B 114 13.51 -9.46 8.36
CA ASP B 114 14.80 -10.18 8.14
C ASP B 114 14.68 -11.59 8.71
N GLU B 115 14.21 -11.71 9.91
CA GLU B 115 14.07 -13.07 10.53
C GLU B 115 12.96 -13.84 9.80
N LEU B 116 11.97 -13.15 9.32
CA LEU B 116 10.88 -13.84 8.58
C LEU B 116 11.43 -14.26 7.22
N LYS B 117 12.27 -13.43 6.65
CA LYS B 117 12.86 -13.78 5.35
C LYS B 117 13.89 -14.89 5.51
N GLU B 118 14.52 -14.92 6.64
CA GLU B 118 15.53 -15.97 6.91
C GLU B 118 14.83 -17.27 7.33
N VAL B 119 13.67 -17.16 7.93
CA VAL B 119 12.94 -18.38 8.35
C VAL B 119 12.13 -18.93 7.18
N PHE B 120 11.70 -18.06 6.29
CA PHE B 120 10.91 -18.53 5.13
C PHE B 120 11.83 -19.01 4.01
N GLU B 121 12.97 -18.40 3.89
CA GLU B 121 13.92 -18.79 2.81
C GLU B 121 13.18 -19.01 1.50
N ASP B 122 12.09 -18.34 1.30
CA ASP B 122 11.32 -18.52 0.04
C ASP B 122 10.50 -17.28 -0.27
N ALA B 123 9.77 -16.77 0.69
CA ALA B 123 8.94 -15.56 0.45
C ALA B 123 9.80 -14.41 -0.10
N LEU B 124 9.33 -13.73 -1.10
CA LEU B 124 10.11 -12.61 -1.68
C LEU B 124 9.74 -11.29 -0.99
N GLU B 125 8.48 -11.10 -0.70
CA GLU B 125 8.06 -9.84 -0.03
C GLU B 125 7.36 -10.15 1.30
N ILE B 126 7.63 -9.37 2.31
CA ILE B 126 6.98 -9.63 3.63
C ILE B 126 6.58 -8.31 4.29
N ARG B 127 5.52 -8.32 5.03
CA ARG B 127 5.06 -7.07 5.70
C ARG B 127 4.79 -7.33 7.19
N LEU B 128 5.61 -6.82 8.06
CA LEU B 128 5.39 -7.03 9.52
C LEU B 128 4.02 -6.48 9.89
N VAL B 129 3.20 -7.29 10.49
CA VAL B 129 1.83 -6.82 10.86
C VAL B 129 1.77 -6.42 12.34
N SER B 130 1.82 -5.12 12.56
CA SER B 130 1.78 -4.57 13.95
C SER B 130 0.62 -3.58 14.07
N GLN B 131 0.62 -2.76 15.09
CA GLN B 131 -0.50 -1.78 15.25
C GLN B 131 -0.01 -0.47 15.89
N ASP B 132 -0.47 0.65 15.40
CA ASP B 132 -0.04 1.96 15.98
C ASP B 132 1.49 2.01 16.13
N GLY B 133 2.19 1.30 15.31
CA GLY B 133 3.68 1.30 15.41
C GLY B 133 4.11 0.39 16.57
N LYS B 134 3.30 -0.59 16.89
CA LYS B 134 3.66 -1.52 18.00
C LYS B 134 3.49 -2.95 17.52
N SER B 135 4.50 -3.76 17.64
CA SER B 135 4.38 -5.17 17.19
C SER B 135 3.02 -5.72 17.60
N LYS B 136 2.35 -6.35 16.68
CA LYS B 136 1.00 -6.93 17.00
C LYS B 136 1.09 -8.45 17.05
N GLY B 137 1.91 -9.04 16.23
CA GLY B 137 2.04 -10.51 16.26
C GLY B 137 1.81 -11.13 14.88
N ILE B 138 1.54 -10.37 13.84
CA ILE B 138 1.33 -11.03 12.53
C ILE B 138 2.40 -10.56 11.55
N ALA B 139 2.75 -11.38 10.59
CA ALA B 139 3.78 -10.96 9.59
C ALA B 139 3.30 -11.36 8.19
N TYR B 140 3.10 -10.40 7.34
CA TYR B 140 2.63 -10.75 5.96
C TYR B 140 3.78 -11.34 5.16
N ILE B 141 3.58 -12.46 4.54
CA ILE B 141 4.67 -13.07 3.75
C ILE B 141 4.19 -13.33 2.32
N GLU B 142 4.87 -12.78 1.35
CA GLU B 142 4.45 -13.00 -0.06
C GLU B 142 5.41 -13.99 -0.73
N PHE B 143 4.88 -15.07 -1.25
CA PHE B 143 5.77 -16.07 -1.92
C PHE B 143 5.69 -15.95 -3.43
N LYS B 144 6.38 -16.81 -4.14
CA LYS B 144 6.33 -16.75 -5.63
C LYS B 144 4.93 -17.12 -6.12
N SER B 145 4.23 -17.91 -5.36
CA SER B 145 2.85 -18.32 -5.78
C SER B 145 2.05 -18.77 -4.57
N GLU B 146 0.90 -19.32 -4.83
CA GLU B 146 0.06 -19.83 -3.71
C GLU B 146 0.66 -21.16 -3.25
N ALA B 147 1.04 -21.99 -4.17
CA ALA B 147 1.65 -23.29 -3.79
C ALA B 147 2.96 -23.02 -3.04
N ASP B 148 3.68 -22.01 -3.43
CA ASP B 148 4.94 -21.69 -2.70
C ASP B 148 4.57 -21.17 -1.31
N ALA B 149 3.79 -20.14 -1.25
CA ALA B 149 3.37 -19.61 0.08
C ALA B 149 2.62 -20.70 0.84
N GLU B 150 1.83 -21.49 0.16
CA GLU B 150 1.09 -22.58 0.86
C GLU B 150 2.07 -23.68 1.28
N LYS B 151 2.94 -24.08 0.39
CA LYS B 151 3.94 -25.13 0.76
C LYS B 151 4.70 -24.67 1.99
N ASN B 152 5.00 -23.40 2.06
CA ASN B 152 5.71 -22.87 3.25
C ASN B 152 4.70 -22.70 4.39
N LEU B 153 3.51 -22.29 4.08
CA LEU B 153 2.47 -22.12 5.13
C LEU B 153 2.37 -23.40 5.95
N GLU B 154 2.44 -24.52 5.29
CA GLU B 154 2.35 -25.82 6.02
C GLU B 154 3.73 -26.27 6.48
N GLU B 155 4.74 -26.05 5.68
CA GLU B 155 6.10 -26.48 6.06
C GLU B 155 6.76 -25.49 7.04
N LYS B 156 6.25 -24.29 7.15
CA LYS B 156 6.88 -23.31 8.08
C LYS B 156 6.03 -23.10 9.34
N GLN B 157 4.73 -23.02 9.18
CA GLN B 157 3.82 -22.81 10.35
C GLN B 157 4.46 -23.33 11.65
N GLY B 158 5.17 -22.49 12.34
CA GLY B 158 5.83 -22.93 13.59
C GLY B 158 7.08 -22.06 13.84
N ALA B 159 8.14 -22.34 13.12
CA ALA B 159 9.40 -21.54 13.30
C ALA B 159 9.57 -21.08 14.75
N GLU B 160 10.34 -21.78 15.52
CA GLU B 160 10.55 -21.38 16.95
C GLU B 160 11.54 -20.21 17.03
N ILE B 161 11.06 -19.03 17.32
CA ILE B 161 11.97 -17.85 17.43
C ILE B 161 11.62 -17.03 18.66
N ASP B 162 12.47 -16.12 19.03
CA ASP B 162 12.19 -15.28 20.22
C ASP B 162 11.51 -16.08 21.33
N GLY B 163 11.93 -17.30 21.54
CA GLY B 163 11.31 -18.14 22.60
C GLY B 163 9.83 -18.37 22.29
N ARG B 164 9.44 -18.29 21.04
CA ARG B 164 8.02 -18.52 20.67
C ARG B 164 7.96 -19.09 19.25
N SER B 165 6.83 -19.59 18.85
CA SER B 165 6.72 -20.17 17.48
C SER B 165 5.87 -19.26 16.58
N VAL B 166 6.31 -19.03 15.38
CA VAL B 166 5.52 -18.18 14.45
C VAL B 166 4.61 -19.06 13.58
N SER B 167 3.34 -18.80 13.61
CA SER B 167 2.39 -19.63 12.80
C SER B 167 2.11 -18.94 11.47
N LEU B 168 1.78 -19.69 10.46
CA LEU B 168 1.49 -19.07 9.13
C LEU B 168 -0.01 -19.06 8.84
N TYR B 169 -0.60 -17.89 8.76
CA TYR B 169 -2.06 -17.81 8.47
C TYR B 169 -2.27 -17.15 7.11
N TYR B 170 -2.84 -17.86 6.17
CA TYR B 170 -3.06 -17.29 4.81
C TYR B 170 -3.61 -15.86 4.86
N THR B 171 -3.89 -15.31 3.71
CA THR B 171 -4.42 -13.92 3.66
C THR B 171 -5.75 -13.88 2.90
N GLY B 172 -6.71 -14.65 3.32
CA GLY B 172 -8.02 -14.66 2.62
C GLY B 172 -9.02 -13.81 3.40
N GLU B 173 -10.28 -14.04 3.19
CA GLU B 173 -11.31 -13.26 3.93
C GLU B 173 -11.88 -14.08 5.10
N LYS B 174 -11.75 -15.37 5.06
CA LYS B 174 -12.28 -16.21 6.18
C LYS B 174 -11.25 -16.31 7.30
N GLY B 175 -10.00 -16.44 6.95
CA GLY B 175 -8.95 -16.55 8.00
C GLY B 175 -9.42 -17.48 9.12
N GLY B 1 -5.27 -8.51 -36.55
CA GLY B 1 -5.91 -8.83 -35.24
C GLY B 1 -4.94 -9.64 -34.38
N SER B 2 -5.44 -10.61 -33.67
CA SER B 2 -4.56 -11.44 -32.81
C SER B 2 -3.54 -10.56 -32.08
N HIS B 3 -4.00 -9.69 -31.22
CA HIS B 3 -3.06 -8.80 -30.49
C HIS B 3 -3.84 -7.76 -29.67
N MET B 4 -3.42 -7.50 -28.46
CA MET B 4 -4.13 -6.50 -27.63
C MET B 4 -3.28 -6.12 -26.41
N VAL B 5 -2.00 -5.96 -26.60
CA VAL B 5 -1.11 -5.59 -25.46
C VAL B 5 -0.05 -4.58 -25.93
N GLU B 6 -0.42 -3.33 -26.04
CA GLU B 6 0.58 -2.31 -26.50
C GLU B 6 1.16 -1.55 -25.30
N GLY B 7 1.50 -2.26 -24.25
CA GLY B 7 2.07 -1.59 -23.06
C GLY B 7 1.24 -0.36 -22.71
N SER B 8 -0.04 -0.54 -22.48
CA SER B 8 -0.91 0.61 -22.13
C SER B 8 -2.25 0.11 -21.57
N GLU B 9 -2.29 -0.20 -20.30
CA GLU B 9 -3.56 -0.69 -19.70
C GLU B 9 -4.18 0.37 -18.81
N SER B 10 -3.94 1.59 -19.13
CA SER B 10 -4.51 2.71 -18.32
C SER B 10 -5.30 3.66 -19.21
N THR B 11 -5.91 4.67 -18.64
CA THR B 11 -6.69 5.64 -19.45
C THR B 11 -5.80 6.81 -19.91
N THR B 12 -4.50 6.66 -19.83
CA THR B 12 -3.60 7.77 -20.27
C THR B 12 -2.14 7.39 -20.03
N PRO B 13 -1.27 8.31 -20.34
CA PRO B 13 0.18 8.08 -20.15
C PRO B 13 0.61 8.36 -18.72
N PHE B 14 0.12 9.42 -18.12
CA PHE B 14 0.52 9.74 -16.72
C PHE B 14 -0.51 9.23 -15.71
N ASN B 15 -0.19 8.18 -15.01
CA ASN B 15 -1.13 7.65 -13.99
C ASN B 15 -0.36 7.22 -12.75
N LEU B 16 -1.00 7.25 -11.62
CA LEU B 16 -0.30 6.85 -10.37
C LEU B 16 -1.30 6.72 -9.22
N PHE B 17 -0.81 6.57 -8.01
CA PHE B 17 -1.74 6.40 -6.85
C PHE B 17 -1.63 7.59 -5.89
N ILE B 18 -2.52 7.64 -4.92
CA ILE B 18 -2.49 8.74 -3.93
C ILE B 18 -3.04 8.23 -2.57
N GLY B 19 -2.90 8.99 -1.53
CA GLY B 19 -3.41 8.53 -0.20
C GLY B 19 -4.19 9.66 0.48
N ASN B 20 -4.69 9.42 1.66
CA ASN B 20 -5.46 10.47 2.38
C ASN B 20 -6.51 11.09 1.46
N LEU B 21 -7.65 10.47 1.33
CA LEU B 21 -8.71 11.02 0.45
C LEU B 21 -9.79 11.72 1.29
N ASN B 22 -10.78 10.99 1.77
CA ASN B 22 -11.86 11.62 2.58
C ASN B 22 -12.95 10.59 2.90
N PRO B 23 -12.79 9.91 4.00
CA PRO B 23 -13.78 8.90 4.42
C PRO B 23 -15.08 9.57 4.89
N ASN B 24 -15.07 10.85 5.14
CA ASN B 24 -16.31 11.53 5.58
C ASN B 24 -17.05 12.16 4.39
N LYS B 25 -16.98 11.54 3.24
CA LYS B 25 -17.67 12.10 2.06
C LYS B 25 -17.83 11.03 0.98
N SER B 26 -18.11 11.43 -0.22
CA SER B 26 -18.29 10.42 -1.33
C SER B 26 -17.12 10.47 -2.31
N VAL B 27 -17.09 9.55 -3.23
CA VAL B 27 -15.99 9.53 -4.24
C VAL B 27 -16.12 10.75 -5.17
N ALA B 28 -17.19 10.83 -5.90
CA ALA B 28 -17.37 11.99 -6.82
C ALA B 28 -16.95 13.27 -6.10
N GLU B 29 -17.18 13.33 -4.82
CA GLU B 29 -16.78 14.54 -4.05
C GLU B 29 -15.25 14.63 -4.04
N LEU B 30 -14.59 13.51 -3.90
CA LEU B 30 -13.10 13.50 -3.91
C LEU B 30 -12.61 13.81 -5.33
N LYS B 31 -13.36 13.40 -6.31
CA LYS B 31 -12.96 13.66 -7.72
C LYS B 31 -13.20 15.12 -8.09
N VAL B 32 -14.32 15.66 -7.70
CA VAL B 32 -14.59 17.09 -8.03
C VAL B 32 -13.60 17.99 -7.32
N ALA B 33 -13.25 17.67 -6.10
CA ALA B 33 -12.28 18.53 -5.37
C ALA B 33 -10.95 18.49 -6.09
N ILE B 34 -10.56 17.33 -6.54
CA ILE B 34 -9.29 17.24 -7.30
C ILE B 34 -9.52 17.75 -8.71
N SER B 35 -10.73 17.66 -9.22
CA SER B 35 -11.02 18.15 -10.59
C SER B 35 -11.07 19.68 -10.58
N GLU B 36 -11.51 20.25 -9.49
CA GLU B 36 -11.58 21.74 -9.42
C GLU B 36 -10.20 22.30 -9.08
N LEU B 37 -9.53 21.67 -8.18
CA LEU B 37 -8.17 22.15 -7.80
C LEU B 37 -7.28 22.16 -9.04
N PHE B 38 -7.48 21.22 -9.92
CA PHE B 38 -6.66 21.19 -11.15
C PHE B 38 -7.36 22.01 -12.25
N ALA B 39 -8.62 22.29 -12.09
CA ALA B 39 -9.33 23.10 -13.13
C ALA B 39 -9.05 24.58 -12.89
N LYS B 40 -8.86 24.95 -11.65
CA LYS B 40 -8.55 26.38 -11.34
C LYS B 40 -7.05 26.63 -11.52
N ASN B 41 -6.25 25.60 -11.41
CA ASN B 41 -4.78 25.78 -11.58
C ASN B 41 -4.43 25.75 -13.08
N ASP B 42 -5.24 25.10 -13.88
CA ASP B 42 -4.98 24.97 -15.35
C ASP B 42 -4.26 23.66 -15.59
N LEU B 43 -4.58 22.69 -14.79
CA LEU B 43 -3.94 21.36 -14.93
C LEU B 43 -4.68 20.59 -16.03
N ALA B 44 -4.83 19.32 -15.88
CA ALA B 44 -5.53 18.51 -16.91
C ALA B 44 -5.72 17.09 -16.41
N VAL B 45 -6.42 16.96 -15.32
CA VAL B 45 -6.67 15.63 -14.74
C VAL B 45 -7.43 14.76 -15.73
N VAL B 46 -6.80 13.71 -16.16
CA VAL B 46 -7.44 12.79 -17.15
C VAL B 46 -8.28 11.74 -16.42
N ASP B 47 -7.79 11.21 -15.34
CA ASP B 47 -8.58 10.18 -14.60
C ASP B 47 -8.30 10.25 -13.09
N VAL B 48 -9.25 9.81 -12.30
CA VAL B 48 -9.07 9.84 -10.82
C VAL B 48 -9.97 8.79 -10.15
N ARG B 49 -9.39 7.87 -9.44
CA ARG B 49 -10.21 6.83 -8.76
C ARG B 49 -10.13 7.05 -7.25
N THR B 50 -10.44 6.05 -6.46
CA THR B 50 -10.35 6.24 -4.98
C THR B 50 -9.61 5.09 -4.32
N GLY B 51 -9.34 5.25 -3.07
CA GLY B 51 -8.63 4.21 -2.31
C GLY B 51 -9.60 3.56 -1.33
N THR B 52 -10.63 2.95 -1.89
CA THR B 52 -11.70 2.26 -1.13
C THR B 52 -12.01 2.89 0.21
N ASN B 53 -13.09 3.59 0.21
CA ASN B 53 -13.60 4.28 1.42
C ASN B 53 -12.94 5.64 1.48
N ARG B 54 -12.59 6.18 0.34
CA ARG B 54 -11.95 7.50 0.32
C ARG B 54 -10.69 7.48 1.21
N LYS B 55 -10.13 6.32 1.49
CA LYS B 55 -8.89 6.28 2.33
C LYS B 55 -7.75 6.80 1.48
N PHE B 56 -7.49 6.15 0.38
CA PHE B 56 -6.42 6.64 -0.54
C PHE B 56 -7.07 6.81 -1.91
N GLY B 57 -6.34 6.89 -2.98
CA GLY B 57 -7.04 7.07 -4.30
C GLY B 57 -6.06 7.10 -5.45
N TYR B 58 -6.56 7.25 -6.63
CA TYR B 58 -5.67 7.26 -7.83
C TYR B 58 -5.90 8.52 -8.69
N VAL B 59 -5.08 8.68 -9.69
CA VAL B 59 -5.24 9.86 -10.60
C VAL B 59 -4.38 9.66 -11.85
N ASP B 60 -4.65 10.43 -12.85
CA ASP B 60 -3.88 10.33 -14.11
C ASP B 60 -3.80 11.70 -14.79
N PHE B 61 -2.66 12.03 -15.32
CA PHE B 61 -2.50 13.35 -16.00
C PHE B 61 -2.32 13.16 -17.50
N GLU B 62 -2.37 14.24 -18.25
CA GLU B 62 -2.21 14.10 -19.73
C GLU B 62 -0.91 14.71 -20.24
N SER B 63 0.04 14.94 -19.37
CA SER B 63 1.32 15.53 -19.85
C SER B 63 2.42 15.44 -18.81
N ALA B 64 3.60 15.80 -19.22
CA ALA B 64 4.75 15.82 -18.29
C ALA B 64 4.63 17.11 -17.48
N GLU B 65 3.98 18.09 -18.06
CA GLU B 65 3.78 19.37 -17.36
C GLU B 65 2.75 19.17 -16.24
N ASP B 66 1.83 18.27 -16.43
CA ASP B 66 0.84 17.99 -15.37
C ASP B 66 1.54 17.12 -14.34
N LEU B 67 2.48 16.33 -14.79
CA LEU B 67 3.22 15.46 -13.86
C LEU B 67 4.15 16.32 -13.00
N GLU B 68 4.74 17.32 -13.56
CA GLU B 68 5.65 18.21 -12.77
C GLU B 68 4.83 18.97 -11.72
N LYS B 69 3.65 19.39 -12.06
CA LYS B 69 2.81 20.06 -11.05
C LYS B 69 2.29 18.95 -10.16
N ALA B 70 2.04 17.82 -10.75
CA ALA B 70 1.58 16.68 -9.95
C ALA B 70 2.64 16.37 -8.89
N LEU B 71 3.88 16.72 -9.16
CA LEU B 71 4.97 16.49 -8.17
C LEU B 71 4.78 17.48 -7.03
N GLU B 72 4.54 18.72 -7.36
CA GLU B 72 4.30 19.72 -6.30
C GLU B 72 2.82 19.77 -5.91
N LEU B 73 2.03 18.82 -6.36
CA LEU B 73 0.59 18.84 -5.99
C LEU B 73 0.35 18.11 -4.68
N THR B 74 1.38 17.93 -3.88
CA THR B 74 1.19 17.26 -2.57
C THR B 74 0.34 18.11 -1.63
N GLY B 75 0.04 19.31 -2.01
CA GLY B 75 -0.81 20.19 -1.17
C GLY B 75 -2.27 20.03 -1.64
N LEU B 76 -2.67 18.84 -1.98
CA LEU B 76 -4.06 18.60 -2.46
C LEU B 76 -4.97 18.19 -1.33
N LYS B 77 -5.24 19.11 -0.46
CA LYS B 77 -6.17 18.80 0.66
C LYS B 77 -7.58 18.94 0.17
N VAL B 78 -8.13 17.83 -0.16
CA VAL B 78 -9.55 17.78 -0.66
C VAL B 78 -10.44 18.40 0.42
N PHE B 79 -11.53 17.80 0.76
CA PHE B 79 -12.38 18.41 1.83
C PHE B 79 -11.59 18.41 3.16
N GLY B 80 -10.55 19.20 3.22
CA GLY B 80 -9.71 19.24 4.46
C GLY B 80 -8.92 17.94 4.58
N ASN B 81 -8.47 17.40 3.47
CA ASN B 81 -7.69 16.13 3.52
C ASN B 81 -6.59 16.14 2.46
N GLU B 82 -5.39 16.50 2.85
CA GLU B 82 -4.24 16.52 1.88
C GLU B 82 -3.94 15.11 1.39
N ILE B 83 -4.06 14.90 0.12
CA ILE B 83 -3.80 13.54 -0.44
C ILE B 83 -2.31 13.36 -0.73
N LYS B 84 -1.81 12.18 -0.48
CA LYS B 84 -0.36 11.92 -0.77
C LYS B 84 -0.23 11.09 -2.04
N LEU B 85 0.45 11.60 -3.01
CA LEU B 85 0.62 10.87 -4.30
C LEU B 85 1.92 10.09 -4.31
N GLU B 86 2.11 9.31 -5.33
CA GLU B 86 3.35 8.49 -5.45
C GLU B 86 3.17 7.44 -6.56
N LYS B 87 4.24 7.06 -7.21
CA LYS B 87 4.14 6.05 -8.31
C LYS B 87 3.10 4.98 -7.96
N PRO B 88 2.36 4.58 -8.96
CA PRO B 88 1.31 3.54 -8.77
C PRO B 88 1.96 2.16 -8.59
N LYS B 89 1.29 1.27 -7.92
CA LYS B 89 1.89 -0.09 -7.72
C LYS B 89 0.97 -1.18 -8.28
N GLY B 90 -0.32 -1.09 -8.03
CA GLY B 90 -1.24 -2.14 -8.55
C GLY B 90 -0.81 -3.51 -8.05
N ARG B 91 -0.07 -4.24 -8.86
CA ARG B 91 0.39 -5.60 -8.43
C ARG B 91 -0.83 -6.48 -8.10
N ASP B 92 -1.40 -6.30 -6.94
CA ASP B 92 -2.59 -7.11 -6.57
C ASP B 92 -3.62 -6.19 -5.92
N SER B 93 -4.88 -6.48 -6.07
CA SER B 93 -5.91 -5.59 -5.46
C SER B 93 -5.91 -5.70 -3.94
N LYS B 94 -4.81 -5.41 -3.29
CA LYS B 94 -4.74 -5.49 -1.80
C LYS B 94 -5.14 -6.86 -1.28
N LYS B 95 -6.38 -7.25 -1.48
CA LYS B 95 -6.81 -8.58 -0.99
C LYS B 95 -6.36 -9.68 -1.96
N VAL B 96 -5.65 -9.32 -3.01
CA VAL B 96 -5.19 -10.34 -3.98
C VAL B 96 -3.82 -10.85 -3.55
N ARG B 97 -2.92 -9.95 -3.25
CA ARG B 97 -1.58 -10.41 -2.80
C ARG B 97 -1.74 -11.31 -1.59
N ALA B 98 -2.75 -11.11 -0.81
CA ALA B 98 -2.96 -11.98 0.39
C ALA B 98 -2.81 -13.44 -0.02
N ALA B 99 -3.45 -13.83 -1.08
CA ALA B 99 -3.35 -15.26 -1.51
C ALA B 99 -1.89 -15.70 -1.56
N ARG B 100 -1.03 -14.87 -2.06
CA ARG B 100 0.41 -15.25 -2.11
C ARG B 100 1.12 -14.62 -0.91
N THR B 101 0.43 -14.45 0.19
CA THR B 101 1.06 -13.82 1.39
C THR B 101 0.52 -14.41 2.68
N LEU B 102 1.30 -14.35 3.72
CA LEU B 102 0.82 -14.85 5.05
C LEU B 102 0.96 -13.72 6.06
N LEU B 103 0.69 -13.99 7.31
CA LEU B 103 0.79 -12.92 8.34
C LEU B 103 1.42 -13.51 9.62
N ALA B 104 2.70 -13.32 9.80
CA ALA B 104 3.36 -13.87 11.02
C ALA B 104 2.71 -13.30 12.28
N LYS B 105 2.77 -14.02 13.38
CA LYS B 105 2.16 -13.51 14.64
C LYS B 105 3.19 -13.54 15.77
N ASN B 106 2.86 -12.94 16.89
CA ASN B 106 3.82 -12.92 18.02
C ASN B 106 5.15 -12.29 17.58
N LEU B 107 5.07 -11.29 16.76
CA LEU B 107 6.32 -10.63 16.27
C LEU B 107 6.75 -9.52 17.23
N SER B 108 8.02 -9.37 17.44
CA SER B 108 8.50 -8.30 18.36
C SER B 108 8.99 -7.11 17.55
N PHE B 109 8.75 -5.92 18.03
CA PHE B 109 9.21 -4.71 17.28
C PHE B 109 10.73 -4.76 17.06
N ASN B 110 11.44 -5.57 17.83
CA ASN B 110 12.89 -5.66 17.63
C ASN B 110 13.19 -6.49 16.38
N ILE B 111 12.31 -7.40 16.03
CA ILE B 111 12.56 -8.22 14.82
C ILE B 111 12.74 -7.29 13.62
N THR B 112 13.11 -7.83 12.49
CA THR B 112 13.31 -6.94 11.30
C THR B 112 13.08 -7.73 10.00
N GLU B 113 12.69 -7.04 8.96
CA GLU B 113 12.47 -7.74 7.66
C GLU B 113 13.70 -8.59 7.33
N ASP B 114 14.85 -8.11 7.71
CA ASP B 114 16.10 -8.89 7.44
C ASP B 114 16.00 -10.23 8.16
N GLU B 115 15.48 -10.23 9.35
CA GLU B 115 15.34 -11.51 10.11
C GLU B 115 14.22 -12.34 9.48
N LEU B 116 13.20 -11.70 9.02
CA LEU B 116 12.08 -12.44 8.37
C LEU B 116 12.56 -12.89 7.00
N LYS B 117 13.31 -12.05 6.35
CA LYS B 117 13.84 -12.43 5.01
C LYS B 117 14.94 -13.46 5.19
N GLU B 118 15.62 -13.41 6.29
CA GLU B 118 16.70 -14.37 6.57
C GLU B 118 16.10 -15.69 7.06
N VAL B 119 14.95 -15.63 7.68
CA VAL B 119 14.30 -16.88 8.17
C VAL B 119 13.50 -17.50 7.03
N PHE B 120 12.79 -16.69 6.29
CA PHE B 120 11.99 -17.24 5.18
C PHE B 120 12.88 -17.44 3.95
N GLU B 121 13.63 -16.44 3.61
CA GLU B 121 14.53 -16.53 2.42
C GLU B 121 13.73 -16.95 1.18
N ASP B 122 12.44 -16.74 1.18
CA ASP B 122 11.61 -17.13 0.00
C ASP B 122 10.38 -16.23 -0.11
N ALA B 123 10.48 -15.02 0.38
CA ALA B 123 9.32 -14.10 0.32
C ALA B 123 9.65 -12.87 -0.52
N LEU B 124 8.75 -12.42 -1.34
CA LEU B 124 9.01 -11.23 -2.17
C LEU B 124 9.13 -10.01 -1.27
N GLU B 125 8.41 -9.99 -0.19
CA GLU B 125 8.48 -8.82 0.73
C GLU B 125 7.62 -9.03 1.97
N ILE B 126 8.08 -8.56 3.10
CA ILE B 126 7.29 -8.72 4.37
C ILE B 126 6.72 -7.37 4.79
N ARG B 127 5.60 -7.39 5.47
CA ARG B 127 4.98 -6.11 5.91
C ARG B 127 4.70 -6.17 7.42
N LEU B 128 5.50 -5.50 8.21
CA LEU B 128 5.28 -5.53 9.68
C LEU B 128 3.86 -5.06 10.00
N VAL B 129 3.16 -5.81 10.80
CA VAL B 129 1.76 -5.44 11.16
C VAL B 129 1.68 -4.94 12.61
N SER B 130 1.45 -3.67 12.79
CA SER B 130 1.35 -3.09 14.15
C SER B 130 -0.10 -2.63 14.41
N GLN B 131 -0.28 -1.73 15.34
CA GLN B 131 -1.66 -1.25 15.64
C GLN B 131 -1.84 0.22 15.24
N ASP B 132 -2.13 0.47 13.99
CA ASP B 132 -2.32 1.88 13.54
C ASP B 132 -1.19 2.77 14.06
N GLY B 133 -0.02 2.22 14.17
CA GLY B 133 1.13 3.01 14.69
C GLY B 133 1.42 2.61 16.13
N LYS B 134 1.37 1.33 16.41
CA LYS B 134 1.64 0.85 17.79
C LYS B 134 2.00 -0.63 17.75
N SER B 135 3.10 -1.02 18.33
CA SER B 135 3.51 -2.44 18.30
C SER B 135 2.30 -3.37 18.42
N LYS B 136 2.22 -4.34 17.56
CA LYS B 136 1.08 -5.31 17.60
C LYS B 136 1.62 -6.74 17.65
N GLY B 137 2.47 -7.09 16.72
CA GLY B 137 3.05 -8.46 16.74
C GLY B 137 2.67 -9.26 15.49
N ILE B 138 2.14 -8.66 14.45
CA ILE B 138 1.82 -9.48 13.26
C ILE B 138 2.74 -9.03 12.12
N ALA B 139 3.17 -9.92 11.28
CA ALA B 139 4.08 -9.50 10.17
C ALA B 139 3.61 -10.13 8.84
N TYR B 140 3.29 -9.34 7.87
CA TYR B 140 2.83 -9.91 6.57
C TYR B 140 4.04 -10.44 5.80
N ILE B 141 3.89 -11.49 5.06
CA ILE B 141 5.04 -12.04 4.30
C ILE B 141 4.56 -12.56 2.94
N GLU B 142 4.92 -11.89 1.88
CA GLU B 142 4.48 -12.31 0.53
C GLU B 142 5.51 -13.22 -0.14
N PHE B 143 5.09 -14.36 -0.62
CA PHE B 143 6.03 -15.29 -1.30
C PHE B 143 5.72 -15.32 -2.80
N LYS B 144 6.45 -16.11 -3.54
CA LYS B 144 6.19 -16.20 -5.01
C LYS B 144 4.81 -16.82 -5.27
N SER B 145 4.30 -17.56 -4.32
CA SER B 145 2.97 -18.19 -4.50
C SER B 145 2.39 -18.61 -3.16
N GLU B 146 1.27 -19.26 -3.21
CA GLU B 146 0.65 -19.74 -1.95
C GLU B 146 1.41 -20.98 -1.49
N ALA B 147 1.84 -21.79 -2.42
CA ALA B 147 2.61 -23.00 -2.05
C ALA B 147 3.95 -22.57 -1.47
N ASP B 148 4.55 -21.53 -2.00
CA ASP B 148 5.84 -21.07 -1.43
C ASP B 148 5.59 -20.46 -0.06
N ALA B 149 4.69 -19.52 0.02
CA ALA B 149 4.39 -18.90 1.35
C ALA B 149 3.89 -19.98 2.32
N GLU B 150 3.20 -20.97 1.82
CA GLU B 150 2.69 -22.04 2.72
C GLU B 150 3.83 -23.01 3.07
N LYS B 151 4.57 -23.45 2.10
CA LYS B 151 5.69 -24.39 2.37
C LYS B 151 6.66 -23.72 3.34
N ASN B 152 6.90 -22.46 3.18
CA ASN B 152 7.81 -21.73 4.10
C ASN B 152 7.12 -21.55 5.45
N LEU B 153 5.89 -21.08 5.42
CA LEU B 153 5.13 -20.88 6.69
C LEU B 153 5.25 -22.11 7.57
N GLU B 154 5.07 -23.26 7.00
CA GLU B 154 5.17 -24.52 7.80
C GLU B 154 6.64 -24.89 8.03
N GLU B 155 7.47 -24.66 7.05
CA GLU B 155 8.90 -25.01 7.21
C GLU B 155 9.54 -24.25 8.37
N LYS B 156 9.05 -23.07 8.68
CA LYS B 156 9.68 -22.31 9.81
C LYS B 156 8.69 -22.15 10.97
N GLN B 157 7.60 -21.46 10.73
CA GLN B 157 6.57 -21.25 11.80
C GLN B 157 7.22 -21.20 13.19
N GLY B 158 7.42 -20.03 13.74
CA GLY B 158 8.02 -19.95 15.10
C GLY B 158 9.32 -19.15 15.04
N ALA B 159 10.40 -19.78 14.67
CA ALA B 159 11.70 -19.06 14.62
C ALA B 159 11.92 -18.29 15.93
N GLU B 160 12.64 -18.86 16.86
CA GLU B 160 12.87 -18.16 18.16
C GLU B 160 13.90 -17.03 17.98
N ILE B 161 13.45 -15.81 18.02
CA ILE B 161 14.38 -14.66 17.86
C ILE B 161 14.01 -13.56 18.86
N ASP B 162 14.85 -12.58 19.01
CA ASP B 162 14.52 -11.49 19.97
C ASP B 162 13.92 -12.09 21.25
N GLY B 163 14.38 -13.24 21.64
CA GLY B 163 13.84 -13.89 22.86
C GLY B 163 12.34 -14.14 22.72
N ARG B 164 11.82 -14.19 21.51
CA ARG B 164 10.37 -14.44 21.33
C ARG B 164 10.14 -15.32 20.08
N SER B 165 9.04 -16.00 20.03
CA SER B 165 8.77 -16.87 18.84
C SER B 165 7.86 -16.13 17.85
N VAL B 166 7.93 -16.48 16.60
CA VAL B 166 7.07 -15.81 15.58
C VAL B 166 6.22 -16.84 14.85
N SER B 167 4.93 -16.77 14.99
CA SER B 167 4.03 -17.74 14.32
C SER B 167 3.72 -17.28 12.89
N LEU B 168 3.17 -18.14 12.09
CA LEU B 168 2.85 -17.75 10.68
C LEU B 168 1.37 -18.01 10.39
N TYR B 169 0.61 -16.97 10.18
CA TYR B 169 -0.84 -17.14 9.87
C TYR B 169 -1.14 -16.60 8.48
N TYR B 170 -1.59 -17.45 7.59
CA TYR B 170 -1.89 -17.01 6.18
C TYR B 170 -2.63 -15.68 6.16
N THR B 171 -2.98 -15.24 4.98
CA THR B 171 -3.71 -13.95 4.85
C THR B 171 -5.09 -14.16 4.22
N GLY B 172 -5.91 -14.98 4.82
CA GLY B 172 -7.28 -15.22 4.26
C GLY B 172 -7.59 -16.72 4.29
N GLU B 173 -8.85 -17.06 4.31
CA GLU B 173 -9.23 -18.50 4.33
C GLU B 173 -8.78 -19.16 5.64
N LYS B 174 -7.49 -19.27 5.85
CA LYS B 174 -7.00 -19.90 7.11
C LYS B 174 -6.71 -18.82 8.16
N GLY B 175 -6.03 -17.78 7.78
CA GLY B 175 -5.72 -16.70 8.75
C GLY B 175 -5.20 -17.32 10.06
N GLY B 1 2.31 7.07 -30.33
CA GLY B 1 3.78 7.20 -30.58
C GLY B 1 4.42 5.81 -30.61
N SER B 2 5.27 5.52 -29.67
CA SER B 2 5.92 4.18 -29.64
C SER B 2 6.10 3.70 -28.20
N HIS B 3 5.46 2.62 -27.84
CA HIS B 3 5.60 2.09 -26.45
C HIS B 3 5.35 0.59 -26.43
N MET B 4 6.26 -0.18 -26.96
CA MET B 4 6.08 -1.66 -26.97
C MET B 4 7.07 -2.33 -26.01
N VAL B 5 7.12 -1.88 -24.79
CA VAL B 5 8.07 -2.47 -23.80
C VAL B 5 7.41 -2.59 -22.43
N GLU B 6 7.78 -3.57 -21.65
CA GLU B 6 7.17 -3.72 -20.31
C GLU B 6 5.65 -3.84 -20.43
N GLY B 7 4.98 -4.20 -19.37
CA GLY B 7 3.50 -4.31 -19.44
C GLY B 7 2.85 -3.07 -18.80
N SER B 8 2.41 -2.14 -19.61
CA SER B 8 1.78 -0.92 -19.06
C SER B 8 0.78 -0.33 -20.06
N GLU B 9 -0.45 -0.73 -19.96
CA GLU B 9 -1.48 -0.21 -20.90
C GLU B 9 -2.36 0.83 -20.23
N SER B 10 -1.84 1.48 -19.26
CA SER B 10 -2.62 2.52 -18.53
C SER B 10 -3.24 3.51 -19.51
N THR B 11 -3.86 4.55 -19.02
CA THR B 11 -4.48 5.55 -19.94
C THR B 11 -3.44 6.59 -20.38
N THR B 12 -2.19 6.43 -20.00
CA THR B 12 -1.15 7.42 -20.42
C THR B 12 0.21 7.04 -19.82
N PRO B 13 1.20 7.82 -20.15
CA PRO B 13 2.57 7.55 -19.66
C PRO B 13 2.74 8.02 -18.21
N PHE B 14 2.15 9.14 -17.84
CA PHE B 14 2.32 9.61 -16.44
C PHE B 14 1.17 9.10 -15.55
N ASN B 15 1.41 8.05 -14.82
CA ASN B 15 0.37 7.50 -13.92
C ASN B 15 1.00 7.11 -12.59
N LEU B 16 0.24 7.14 -11.55
CA LEU B 16 0.80 6.79 -10.22
C LEU B 16 -0.30 6.75 -9.16
N PHE B 17 0.06 6.52 -7.92
CA PHE B 17 -0.98 6.45 -6.85
C PHE B 17 -0.89 7.67 -5.92
N ILE B 18 -1.98 7.97 -5.27
CA ILE B 18 -2.02 9.12 -4.34
C ILE B 18 -2.63 8.64 -3.01
N GLY B 19 -2.39 9.32 -1.94
CA GLY B 19 -2.97 8.88 -0.63
C GLY B 19 -3.78 10.01 0.00
N ASN B 20 -4.54 9.70 1.01
CA ASN B 20 -5.34 10.74 1.68
C ASN B 20 -6.40 11.33 0.73
N LEU B 21 -7.41 10.56 0.39
CA LEU B 21 -8.46 11.09 -0.52
C LEU B 21 -9.52 11.85 0.28
N ASN B 22 -10.55 11.19 0.75
CA ASN B 22 -11.60 11.90 1.53
C ASN B 22 -12.77 10.95 1.85
N PRO B 23 -12.68 10.33 3.00
CA PRO B 23 -13.74 9.38 3.43
C PRO B 23 -15.02 10.10 3.87
N ASN B 24 -15.03 11.42 3.86
CA ASN B 24 -16.26 12.15 4.28
C ASN B 24 -16.97 12.74 3.06
N LYS B 25 -16.82 12.13 1.92
CA LYS B 25 -17.48 12.66 0.70
C LYS B 25 -17.84 11.50 -0.24
N SER B 26 -18.05 11.79 -1.49
CA SER B 26 -18.40 10.70 -2.46
C SER B 26 -17.21 10.44 -3.37
N VAL B 27 -17.19 9.35 -4.07
CA VAL B 27 -16.04 9.06 -4.96
C VAL B 27 -16.01 10.08 -6.11
N ALA B 28 -17.12 10.30 -6.76
CA ALA B 28 -17.15 11.28 -7.88
C ALA B 28 -16.61 12.62 -7.38
N GLU B 29 -16.98 13.02 -6.21
CA GLU B 29 -16.49 14.32 -5.65
C GLU B 29 -14.97 14.26 -5.48
N LEU B 30 -14.45 13.11 -5.13
CA LEU B 30 -12.97 13.00 -4.96
C LEU B 30 -12.30 13.14 -6.32
N LYS B 31 -12.94 12.68 -7.35
CA LYS B 31 -12.35 12.80 -8.71
C LYS B 31 -12.50 14.23 -9.20
N VAL B 32 -13.69 14.78 -9.12
CA VAL B 32 -13.88 16.18 -9.58
C VAL B 32 -13.07 17.12 -8.70
N ALA B 33 -13.01 16.86 -7.42
CA ALA B 33 -12.20 17.73 -6.53
C ALA B 33 -10.75 17.68 -7.01
N ILE B 34 -10.33 16.53 -7.44
CA ILE B 34 -8.95 16.40 -7.96
C ILE B 34 -8.90 16.98 -9.38
N SER B 35 -9.99 16.90 -10.10
CA SER B 35 -9.99 17.46 -11.48
C SER B 35 -10.06 18.99 -11.42
N GLU B 36 -10.65 19.51 -10.38
CA GLU B 36 -10.74 20.99 -10.24
C GLU B 36 -9.43 21.52 -9.65
N LEU B 37 -8.91 20.84 -8.67
CA LEU B 37 -7.64 21.29 -8.06
C LEU B 37 -6.56 21.31 -9.13
N PHE B 38 -6.62 20.41 -10.07
CA PHE B 38 -5.62 20.42 -11.15
C PHE B 38 -6.08 21.41 -12.22
N ALA B 39 -7.36 21.70 -12.28
CA ALA B 39 -7.85 22.67 -13.29
C ALA B 39 -7.45 24.08 -12.83
N LYS B 40 -7.35 24.27 -11.53
CA LYS B 40 -6.93 25.59 -11.00
C LYS B 40 -5.40 25.64 -10.94
N ASN B 41 -4.77 24.50 -10.80
CA ASN B 41 -3.29 24.48 -10.76
C ASN B 41 -2.72 24.68 -12.17
N ASP B 42 -3.45 24.22 -13.17
CA ASP B 42 -3.01 24.32 -14.60
C ASP B 42 -2.43 22.99 -15.01
N LEU B 43 -2.96 21.94 -14.47
CA LEU B 43 -2.47 20.60 -14.79
C LEU B 43 -3.30 20.03 -15.95
N ALA B 44 -3.39 18.74 -16.01
CA ALA B 44 -4.17 18.08 -17.10
C ALA B 44 -4.36 16.62 -16.74
N VAL B 45 -4.98 16.37 -15.63
CA VAL B 45 -5.20 15.00 -15.17
C VAL B 45 -5.90 14.17 -16.24
N VAL B 46 -5.22 13.18 -16.71
CA VAL B 46 -5.79 12.30 -17.77
C VAL B 46 -6.72 11.27 -17.15
N ASP B 47 -6.35 10.72 -16.01
CA ASP B 47 -7.22 9.72 -15.34
C ASP B 47 -7.20 9.90 -13.83
N VAL B 48 -8.11 9.27 -13.13
CA VAL B 48 -8.13 9.42 -11.64
C VAL B 48 -9.07 8.38 -11.01
N ARG B 49 -8.61 7.71 -9.99
CA ARG B 49 -9.47 6.69 -9.32
C ARG B 49 -9.49 6.92 -7.82
N THR B 50 -9.94 5.94 -7.07
CA THR B 50 -9.95 6.12 -5.59
C THR B 50 -9.20 5.00 -4.90
N GLY B 51 -8.86 5.23 -3.68
CA GLY B 51 -8.13 4.23 -2.87
C GLY B 51 -9.11 3.57 -1.93
N THR B 52 -10.04 2.82 -2.52
CA THR B 52 -11.13 2.10 -1.82
C THR B 52 -11.49 2.71 -0.49
N ASN B 53 -12.57 3.42 -0.53
CA ASN B 53 -13.15 4.10 0.65
C ASN B 53 -12.59 5.51 0.72
N ARG B 54 -12.22 6.06 -0.40
CA ARG B 54 -11.69 7.43 -0.42
C ARG B 54 -10.46 7.55 0.49
N LYS B 55 -9.85 6.45 0.87
CA LYS B 55 -8.63 6.54 1.73
C LYS B 55 -7.50 7.08 0.87
N PHE B 56 -7.23 6.42 -0.22
CA PHE B 56 -6.18 6.94 -1.14
C PHE B 56 -6.75 6.93 -2.54
N GLY B 57 -5.97 6.82 -3.58
CA GLY B 57 -6.59 6.84 -4.93
C GLY B 57 -5.55 6.84 -6.02
N TYR B 58 -5.99 6.85 -7.26
CA TYR B 58 -5.02 6.85 -8.38
C TYR B 58 -5.22 8.06 -9.29
N VAL B 59 -4.26 8.30 -10.13
CA VAL B 59 -4.36 9.46 -11.05
C VAL B 59 -3.35 9.31 -12.17
N ASP B 60 -3.54 10.02 -13.24
CA ASP B 60 -2.62 9.93 -14.38
C ASP B 60 -2.47 11.30 -15.03
N PHE B 61 -1.27 11.63 -15.43
CA PHE B 61 -1.04 12.94 -16.09
C PHE B 61 -0.78 12.74 -17.59
N GLU B 62 -0.62 13.82 -18.31
CA GLU B 62 -0.40 13.69 -19.79
C GLU B 62 0.96 14.26 -20.22
N SER B 63 1.86 14.43 -19.32
CA SER B 63 3.18 15.00 -19.72
C SER B 63 4.23 14.88 -18.64
N ALA B 64 5.43 15.26 -18.99
CA ALA B 64 6.55 15.26 -18.02
C ALA B 64 6.40 16.52 -17.19
N GLU B 65 5.75 17.51 -17.75
CA GLU B 65 5.54 18.78 -17.03
C GLU B 65 4.43 18.59 -15.99
N ASP B 66 3.55 17.65 -16.21
CA ASP B 66 2.49 17.37 -15.22
C ASP B 66 3.11 16.50 -14.14
N LEU B 67 4.03 15.67 -14.55
CA LEU B 67 4.71 14.80 -13.57
C LEU B 67 5.68 15.64 -12.74
N GLU B 68 6.29 16.63 -13.35
CA GLU B 68 7.24 17.51 -12.60
C GLU B 68 6.45 18.32 -11.56
N LYS B 69 5.26 18.75 -11.93
CA LYS B 69 4.44 19.49 -10.96
C LYS B 69 3.84 18.45 -10.03
N ALA B 70 3.57 17.29 -10.57
CA ALA B 70 3.05 16.20 -9.74
C ALA B 70 4.03 15.96 -8.58
N LEU B 71 5.29 16.25 -8.80
CA LEU B 71 6.30 16.07 -7.72
C LEU B 71 6.11 17.21 -6.73
N GLU B 72 6.00 18.42 -7.22
CA GLU B 72 5.78 19.55 -6.28
C GLU B 72 4.29 19.72 -6.00
N LEU B 73 3.46 18.81 -6.44
CA LEU B 73 2.00 18.96 -6.17
C LEU B 73 1.63 18.35 -4.84
N THR B 74 2.57 18.17 -3.95
CA THR B 74 2.25 17.61 -2.62
C THR B 74 1.39 18.58 -1.80
N GLY B 75 1.21 19.76 -2.29
CA GLY B 75 0.35 20.73 -1.56
C GLY B 75 -1.08 20.64 -2.11
N LEU B 76 -1.54 19.44 -2.39
CA LEU B 76 -2.91 19.25 -2.97
C LEU B 76 -3.90 18.85 -1.91
N LYS B 77 -4.55 19.80 -1.33
CA LYS B 77 -5.58 19.45 -0.33
C LYS B 77 -6.87 19.19 -1.05
N VAL B 78 -7.11 17.97 -1.29
CA VAL B 78 -8.39 17.56 -1.95
C VAL B 78 -9.52 18.11 -1.08
N PHE B 79 -10.61 17.43 -0.92
CA PHE B 79 -11.68 18.00 -0.05
C PHE B 79 -11.13 18.19 1.39
N GLY B 80 -10.19 19.09 1.56
CA GLY B 80 -9.59 19.34 2.90
C GLY B 80 -8.66 18.18 3.28
N ASN B 81 -7.97 17.64 2.32
CA ASN B 81 -7.02 16.52 2.61
C ASN B 81 -5.86 16.54 1.62
N GLU B 82 -4.71 16.98 2.06
CA GLU B 82 -3.53 17.05 1.15
C GLU B 82 -3.22 15.68 0.56
N ILE B 83 -3.89 15.33 -0.51
CA ILE B 83 -3.62 14.01 -1.14
C ILE B 83 -2.14 13.83 -1.41
N LYS B 84 -1.61 12.70 -1.06
CA LYS B 84 -0.17 12.42 -1.29
C LYS B 84 -0.01 11.73 -2.63
N LEU B 85 1.18 11.73 -3.16
CA LEU B 85 1.41 11.09 -4.47
C LEU B 85 2.71 10.28 -4.43
N GLU B 86 2.91 9.44 -5.39
CA GLU B 86 4.16 8.62 -5.43
C GLU B 86 4.05 7.55 -6.51
N LYS B 87 5.12 6.83 -6.75
CA LYS B 87 5.08 5.76 -7.79
C LYS B 87 3.97 4.75 -7.47
N PRO B 88 3.24 4.39 -8.48
CA PRO B 88 2.13 3.42 -8.32
C PRO B 88 2.70 2.01 -8.09
N LYS B 89 1.86 1.06 -7.78
CA LYS B 89 2.36 -0.33 -7.55
C LYS B 89 1.18 -1.25 -7.20
N GLY B 90 0.16 -1.26 -8.00
CA GLY B 90 -1.01 -2.14 -7.70
C GLY B 90 -1.27 -3.11 -8.85
N ARG B 91 -0.92 -4.35 -8.69
CA ARG B 91 -1.17 -5.35 -9.76
C ARG B 91 -2.47 -6.11 -9.44
N ASP B 92 -2.45 -6.90 -8.41
CA ASP B 92 -3.68 -7.65 -8.00
C ASP B 92 -4.62 -6.67 -7.31
N SER B 93 -5.89 -6.98 -7.23
CA SER B 93 -6.84 -6.03 -6.56
C SER B 93 -6.59 -6.03 -5.04
N LYS B 94 -5.38 -5.76 -4.61
CA LYS B 94 -5.06 -5.74 -3.15
C LYS B 94 -5.40 -7.06 -2.46
N LYS B 95 -6.64 -7.47 -2.46
CA LYS B 95 -7.00 -8.74 -1.80
C LYS B 95 -6.61 -9.93 -2.69
N VAL B 96 -6.13 -9.66 -3.87
CA VAL B 96 -5.72 -10.78 -4.76
C VAL B 96 -4.24 -11.03 -4.58
N ARG B 97 -3.48 -9.98 -4.38
CA ARG B 97 -2.02 -10.17 -4.17
C ARG B 97 -1.80 -11.01 -2.91
N ALA B 98 -2.68 -10.88 -1.95
CA ALA B 98 -2.54 -11.68 -0.70
C ALA B 98 -2.24 -13.14 -1.04
N ALA B 99 -2.75 -13.63 -2.14
CA ALA B 99 -2.49 -15.04 -2.51
C ALA B 99 -0.98 -15.29 -2.58
N ARG B 100 -0.26 -14.39 -3.16
CA ARG B 100 1.21 -14.57 -3.23
C ARG B 100 1.85 -13.78 -2.09
N THR B 101 1.15 -13.64 -0.99
CA THR B 101 1.71 -12.87 0.16
C THR B 101 1.61 -13.68 1.46
N LEU B 102 2.31 -13.26 2.47
CA LEU B 102 2.25 -13.99 3.77
C LEU B 102 2.59 -13.04 4.92
N LEU B 103 2.15 -13.34 6.12
CA LEU B 103 2.44 -12.44 7.27
C LEU B 103 3.48 -13.07 8.21
N ALA B 104 4.70 -12.61 8.18
CA ALA B 104 5.71 -13.18 9.13
C ALA B 104 5.19 -12.97 10.56
N LYS B 105 4.98 -14.02 11.30
CA LYS B 105 4.45 -13.85 12.69
C LYS B 105 5.54 -14.12 13.73
N ASN B 106 5.17 -14.07 14.98
CA ASN B 106 6.18 -14.30 16.06
C ASN B 106 7.29 -13.26 16.01
N LEU B 107 7.02 -12.10 15.45
CA LEU B 107 8.08 -11.05 15.38
C LEU B 107 8.31 -10.45 16.77
N SER B 108 9.07 -9.39 16.86
CA SER B 108 9.32 -8.79 18.19
C SER B 108 9.22 -7.27 18.12
N PHE B 109 9.71 -6.59 19.13
CA PHE B 109 9.65 -5.11 19.16
C PHE B 109 10.92 -4.50 18.55
N ASN B 110 12.00 -5.25 18.53
CA ASN B 110 13.26 -4.71 17.96
C ASN B 110 13.41 -5.04 16.48
N ILE B 111 12.87 -6.14 16.04
CA ILE B 111 13.01 -6.50 14.59
C ILE B 111 12.42 -5.39 13.72
N THR B 112 12.81 -5.33 12.48
CA THR B 112 12.27 -4.27 11.58
C THR B 112 12.20 -4.76 10.13
N GLU B 113 11.56 -4.01 9.28
CA GLU B 113 11.46 -4.43 7.85
C GLU B 113 12.86 -4.68 7.29
N ASP B 114 13.85 -3.98 7.79
CA ASP B 114 15.24 -4.20 7.29
C ASP B 114 15.64 -5.65 7.55
N GLU B 115 15.39 -6.14 8.73
CA GLU B 115 15.74 -7.55 9.05
C GLU B 115 14.83 -8.49 8.27
N LEU B 116 13.58 -8.13 8.15
CA LEU B 116 12.64 -8.97 7.39
C LEU B 116 13.00 -8.86 5.91
N LYS B 117 13.41 -7.69 5.50
CA LYS B 117 13.79 -7.51 4.08
C LYS B 117 15.11 -8.23 3.82
N GLU B 118 15.93 -8.34 4.82
CA GLU B 118 17.22 -9.04 4.66
C GLU B 118 16.98 -10.55 4.66
N VAL B 119 16.00 -10.99 5.40
CA VAL B 119 15.70 -12.44 5.43
C VAL B 119 14.79 -12.79 4.26
N PHE B 120 13.92 -11.88 3.88
CA PHE B 120 13.01 -12.15 2.75
C PHE B 120 13.54 -11.47 1.48
N GLU B 121 14.69 -11.85 1.01
CA GLU B 121 15.25 -11.21 -0.21
C GLU B 121 14.45 -11.61 -1.47
N ASP B 122 13.61 -12.60 -1.38
CA ASP B 122 12.83 -13.01 -2.58
C ASP B 122 11.52 -12.22 -2.64
N ALA B 123 10.96 -11.90 -1.51
CA ALA B 123 9.68 -11.13 -1.50
C ALA B 123 9.87 -9.79 -2.21
N LEU B 124 8.90 -9.36 -2.98
CA LEU B 124 9.03 -8.06 -3.69
C LEU B 124 8.92 -6.93 -2.68
N GLU B 125 8.01 -7.03 -1.75
CA GLU B 125 7.84 -5.96 -0.74
C GLU B 125 7.45 -6.55 0.61
N ILE B 126 7.58 -5.79 1.65
CA ILE B 126 7.22 -6.30 3.01
C ILE B 126 6.54 -5.20 3.82
N ARG B 127 5.63 -5.57 4.69
CA ARG B 127 4.92 -4.54 5.51
C ARG B 127 4.93 -4.94 6.98
N LEU B 128 5.45 -4.11 7.84
CA LEU B 128 5.46 -4.45 9.29
C LEU B 128 4.03 -4.41 9.85
N VAL B 129 3.58 -5.49 10.40
CA VAL B 129 2.21 -5.53 10.96
C VAL B 129 2.22 -5.29 12.47
N SER B 130 1.80 -4.12 12.87
CA SER B 130 1.75 -3.76 14.31
C SER B 130 0.32 -3.45 14.74
N GLN B 131 0.10 -3.18 16.01
CA GLN B 131 -1.28 -2.86 16.47
C GLN B 131 -1.69 -1.48 15.97
N ASP B 132 -2.89 -1.05 16.27
CA ASP B 132 -3.33 0.30 15.81
C ASP B 132 -2.22 1.32 16.04
N GLY B 133 -1.43 1.13 17.06
CA GLY B 133 -0.32 2.07 17.34
C GLY B 133 0.71 1.41 18.27
N LYS B 134 1.22 0.27 17.89
CA LYS B 134 2.22 -0.42 18.76
C LYS B 134 2.68 -1.72 18.10
N SER B 135 3.81 -2.23 18.51
CA SER B 135 4.30 -3.50 17.90
C SER B 135 3.28 -4.62 18.09
N LYS B 136 3.03 -5.37 17.06
CA LYS B 136 2.05 -6.50 17.15
C LYS B 136 2.76 -7.84 17.00
N GLY B 137 3.72 -7.92 16.11
CA GLY B 137 4.44 -9.21 15.94
C GLY B 137 4.19 -9.81 14.55
N ILE B 138 3.55 -9.11 13.64
CA ILE B 138 3.31 -9.73 12.31
C ILE B 138 4.01 -8.90 11.21
N ALA B 139 4.46 -9.52 10.17
CA ALA B 139 5.14 -8.75 9.07
C ALA B 139 4.62 -9.21 7.71
N TYR B 140 4.07 -8.31 6.94
CA TYR B 140 3.55 -8.73 5.61
C TYR B 140 4.68 -8.91 4.62
N ILE B 141 4.54 -9.85 3.72
CA ILE B 141 5.62 -10.08 2.72
C ILE B 141 5.01 -10.59 1.42
N GLU B 142 5.22 -9.87 0.36
CA GLU B 142 4.63 -10.28 -0.95
C GLU B 142 5.75 -10.79 -1.88
N PHE B 143 5.57 -11.96 -2.44
CA PHE B 143 6.61 -12.54 -3.35
C PHE B 143 6.17 -12.47 -4.81
N LYS B 144 6.97 -13.00 -5.70
CA LYS B 144 6.62 -12.97 -7.15
C LYS B 144 5.44 -13.90 -7.43
N SER B 145 5.27 -14.91 -6.63
CA SER B 145 4.14 -15.85 -6.84
C SER B 145 3.81 -16.60 -5.56
N GLU B 146 2.97 -17.58 -5.67
CA GLU B 146 2.64 -18.39 -4.46
C GLU B 146 3.79 -19.35 -4.22
N ALA B 147 4.34 -19.89 -5.27
CA ALA B 147 5.49 -20.81 -5.11
C ALA B 147 6.67 -20.05 -4.52
N ASP B 148 6.84 -18.82 -4.91
CA ASP B 148 7.97 -18.02 -4.33
C ASP B 148 7.63 -17.73 -2.87
N ALA B 149 6.51 -17.09 -2.63
CA ALA B 149 6.12 -16.81 -1.22
C ALA B 149 6.00 -18.12 -0.44
N GLU B 150 5.59 -19.18 -1.09
CA GLU B 150 5.46 -20.48 -0.39
C GLU B 150 6.84 -21.11 -0.16
N LYS B 151 7.69 -21.04 -1.14
CA LYS B 151 9.06 -21.64 -0.97
C LYS B 151 9.80 -20.89 0.13
N ASN B 152 9.73 -19.60 0.11
CA ASN B 152 10.42 -18.79 1.16
C ASN B 152 9.63 -18.90 2.47
N LEU B 153 8.33 -18.99 2.39
CA LEU B 153 7.51 -19.11 3.63
C LEU B 153 7.79 -20.45 4.30
N GLU B 154 8.07 -21.46 3.52
CA GLU B 154 8.35 -22.79 4.12
C GLU B 154 9.84 -22.90 4.48
N GLU B 155 10.69 -22.26 3.73
CA GLU B 155 12.14 -22.33 4.03
C GLU B 155 12.57 -21.22 4.99
N LYS B 156 11.77 -20.19 5.16
CA LYS B 156 12.18 -19.09 6.09
C LYS B 156 11.48 -19.23 7.44
N GLN B 157 10.25 -19.66 7.46
CA GLN B 157 9.50 -19.82 8.74
C GLN B 157 10.45 -20.16 9.88
N GLY B 158 10.90 -19.16 10.58
CA GLY B 158 11.84 -19.42 11.71
C GLY B 158 12.79 -18.23 11.86
N ALA B 159 13.54 -17.92 10.84
CA ALA B 159 14.50 -16.76 10.90
C ALA B 159 14.92 -16.47 12.34
N GLU B 160 16.05 -16.99 12.77
CA GLU B 160 16.49 -16.73 14.18
C GLU B 160 16.97 -15.28 14.33
N ILE B 161 16.13 -14.43 14.87
CA ILE B 161 16.53 -13.00 15.05
C ILE B 161 16.10 -12.53 16.44
N ASP B 162 16.53 -11.37 16.85
CA ASP B 162 16.14 -10.87 18.19
C ASP B 162 16.14 -12.01 19.20
N GLY B 163 17.15 -12.84 19.17
CA GLY B 163 17.22 -13.98 20.11
C GLY B 163 15.94 -14.81 20.02
N ARG B 164 15.34 -14.88 18.86
CA ARG B 164 14.10 -15.67 18.70
C ARG B 164 13.78 -15.85 17.22
N SER B 165 13.13 -16.94 16.86
CA SER B 165 12.81 -17.18 15.42
C SER B 165 11.41 -16.67 15.09
N VAL B 166 11.22 -16.16 13.90
CA VAL B 166 9.88 -15.67 13.50
C VAL B 166 9.16 -16.73 12.66
N SER B 167 7.87 -16.59 12.48
CA SER B 167 7.12 -17.60 11.68
C SER B 167 6.52 -16.94 10.45
N LEU B 168 6.03 -17.72 9.54
CA LEU B 168 5.44 -17.13 8.30
C LEU B 168 4.03 -17.64 8.06
N TYR B 169 3.04 -16.80 8.25
CA TYR B 169 1.64 -17.24 8.02
C TYR B 169 1.15 -16.67 6.68
N TYR B 170 0.95 -17.52 5.72
CA TYR B 170 0.47 -17.06 4.38
C TYR B 170 -0.69 -16.08 4.51
N THR B 171 -1.29 -15.74 3.40
CA THR B 171 -2.44 -14.79 3.43
C THR B 171 -3.40 -15.06 2.26
N GLY B 172 -3.96 -16.23 2.19
CA GLY B 172 -4.89 -16.53 1.07
C GLY B 172 -5.56 -17.89 1.32
N GLU B 173 -6.04 -18.51 0.28
CA GLU B 173 -6.71 -19.83 0.43
C GLU B 173 -5.98 -20.69 1.47
N LYS B 174 -4.67 -20.59 1.51
CA LYS B 174 -3.90 -21.41 2.48
C LYS B 174 -3.94 -20.76 3.87
N GLY B 175 -3.42 -19.57 4.00
CA GLY B 175 -3.43 -18.89 5.32
C GLY B 175 -3.12 -19.90 6.43
N GLY B 1 20.51 16.41 -9.25
CA GLY B 1 20.37 14.95 -9.48
C GLY B 1 19.12 14.66 -10.30
N SER B 2 19.24 14.63 -11.60
CA SER B 2 18.05 14.36 -12.46
C SER B 2 18.07 12.90 -12.94
N HIS B 3 17.75 11.98 -12.07
CA HIS B 3 17.76 10.55 -12.49
C HIS B 3 16.39 10.15 -13.06
N MET B 4 16.35 9.79 -14.31
CA MET B 4 15.05 9.39 -14.93
C MET B 4 15.29 8.74 -16.29
N VAL B 5 14.25 8.35 -16.97
CA VAL B 5 14.43 7.72 -18.31
C VAL B 5 13.06 7.50 -18.97
N GLU B 6 12.32 8.56 -19.18
CA GLU B 6 10.98 8.42 -19.83
C GLU B 6 10.08 7.53 -18.97
N GLY B 7 9.09 6.92 -19.56
CA GLY B 7 8.18 6.05 -18.77
C GLY B 7 7.02 6.87 -18.22
N SER B 8 6.35 7.62 -19.06
CA SER B 8 5.21 8.45 -18.57
C SER B 8 4.10 8.48 -19.63
N GLU B 9 3.22 7.51 -19.59
CA GLU B 9 2.12 7.47 -20.58
C GLU B 9 0.77 7.70 -19.91
N SER B 10 0.78 8.39 -18.85
CA SER B 10 -0.49 8.68 -18.10
C SER B 10 -0.93 10.11 -18.35
N THR B 11 -1.92 10.57 -17.63
CA THR B 11 -2.40 11.98 -17.82
C THR B 11 -1.33 12.98 -17.39
N THR B 12 -0.33 12.54 -16.69
CA THR B 12 0.75 13.48 -16.24
C THR B 12 1.99 12.70 -15.83
N PRO B 13 3.06 13.42 -15.67
CA PRO B 13 4.35 12.80 -15.29
C PRO B 13 4.42 12.56 -13.77
N PHE B 14 3.71 13.32 -12.99
CA PHE B 14 3.76 13.12 -11.51
C PHE B 14 2.53 12.37 -11.01
N ASN B 15 2.70 11.13 -10.62
CA ASN B 15 1.54 10.36 -10.10
C ASN B 15 1.99 9.52 -8.91
N LEU B 16 1.09 9.28 -8.01
CA LEU B 16 1.44 8.48 -6.80
C LEU B 16 0.17 8.14 -6.02
N PHE B 17 0.28 7.86 -4.75
CA PHE B 17 -0.94 7.52 -3.97
C PHE B 17 -1.03 8.37 -2.69
N ILE B 18 -2.21 8.49 -2.17
CA ILE B 18 -2.42 9.26 -0.92
C ILE B 18 -3.20 8.37 0.06
N GLY B 19 -3.17 8.66 1.32
CA GLY B 19 -3.89 7.81 2.29
C GLY B 19 -4.77 8.67 3.19
N ASN B 20 -5.54 8.06 4.04
CA ASN B 20 -6.42 8.87 4.93
C ASN B 20 -7.40 9.69 4.10
N LEU B 21 -8.17 9.04 3.27
CA LEU B 21 -9.15 9.80 2.44
C LEU B 21 -10.36 10.23 3.27
N ASN B 22 -11.37 9.39 3.37
CA ASN B 22 -12.57 9.78 4.18
C ASN B 22 -13.67 8.72 4.04
N PRO B 23 -13.64 7.77 4.94
CA PRO B 23 -14.64 6.68 4.92
C PRO B 23 -16.02 7.16 5.41
N ASN B 24 -16.14 8.42 5.81
CA ASN B 24 -17.46 8.90 6.29
C ASN B 24 -18.02 9.96 5.34
N LYS B 25 -17.71 9.86 4.08
CA LYS B 25 -18.22 10.86 3.11
C LYS B 25 -18.47 10.21 1.75
N SER B 26 -18.50 11.00 0.71
CA SER B 26 -18.72 10.44 -0.65
C SER B 26 -17.44 10.51 -1.46
N VAL B 27 -17.31 9.68 -2.44
CA VAL B 27 -16.09 9.71 -3.26
C VAL B 27 -15.93 11.07 -3.94
N ALA B 28 -17.00 11.62 -4.45
CA ALA B 28 -16.90 12.95 -5.11
C ALA B 28 -16.40 14.01 -4.13
N GLU B 29 -16.80 13.92 -2.90
CA GLU B 29 -16.34 14.93 -1.88
C GLU B 29 -14.84 14.71 -1.59
N LEU B 30 -14.39 13.50 -1.68
CA LEU B 30 -12.95 13.23 -1.42
C LEU B 30 -12.10 13.81 -2.55
N LYS B 31 -12.61 13.72 -3.75
CA LYS B 31 -11.85 14.26 -4.91
C LYS B 31 -11.99 15.79 -4.95
N VAL B 32 -13.17 16.29 -4.77
CA VAL B 32 -13.36 17.77 -4.78
C VAL B 32 -12.64 18.38 -3.59
N ALA B 33 -12.67 17.72 -2.46
CA ALA B 33 -11.98 18.26 -1.27
C ALA B 33 -10.49 18.35 -1.58
N ILE B 34 -9.98 17.36 -2.24
CA ILE B 34 -8.55 17.38 -2.61
C ILE B 34 -8.35 18.36 -3.77
N SER B 35 -9.37 18.56 -4.58
CA SER B 35 -9.22 19.50 -5.71
C SER B 35 -9.30 20.94 -5.20
N GLU B 36 -10.08 21.15 -4.16
CA GLU B 36 -10.19 22.52 -3.60
C GLU B 36 -9.01 22.80 -2.69
N LEU B 37 -8.66 21.85 -1.88
CA LEU B 37 -7.51 22.03 -0.97
C LEU B 37 -6.26 22.33 -1.78
N PHE B 38 -6.16 21.74 -2.95
CA PHE B 38 -5.00 22.01 -3.81
C PHE B 38 -5.26 23.26 -4.66
N ALA B 39 -6.51 23.64 -4.81
CA ALA B 39 -6.81 24.86 -5.60
C ALA B 39 -6.61 26.09 -4.73
N LYS B 40 -6.86 25.96 -3.46
CA LYS B 40 -6.66 27.12 -2.54
C LYS B 40 -5.22 27.16 -2.06
N ASN B 41 -4.57 26.03 -2.02
CA ASN B 41 -3.15 25.99 -1.56
C ASN B 41 -2.23 26.50 -2.67
N ASP B 42 -2.63 26.32 -3.91
CA ASP B 42 -1.81 26.74 -5.11
C ASP B 42 -1.12 25.51 -5.68
N LEU B 43 -1.77 24.41 -5.59
CA LEU B 43 -1.21 23.14 -6.11
C LEU B 43 -1.69 22.95 -7.56
N ALA B 44 -1.81 21.74 -7.99
CA ALA B 44 -2.27 21.48 -9.38
C ALA B 44 -2.64 20.00 -9.53
N VAL B 45 -3.65 19.59 -8.81
CA VAL B 45 -4.08 18.17 -8.88
C VAL B 45 -4.59 17.86 -10.28
N VAL B 46 -3.94 16.95 -10.92
CA VAL B 46 -4.36 16.54 -12.29
C VAL B 46 -5.40 15.42 -12.23
N ASP B 47 -5.16 14.42 -11.43
CA ASP B 47 -6.16 13.30 -11.34
C ASP B 47 -6.11 12.62 -9.97
N VAL B 48 -7.18 12.69 -9.23
CA VAL B 48 -7.21 12.04 -7.88
C VAL B 48 -8.30 10.96 -7.83
N ARG B 49 -7.99 9.81 -7.30
CA ARG B 49 -9.00 8.73 -7.20
C ARG B 49 -9.21 8.36 -5.73
N THR B 50 -9.83 7.23 -5.47
CA THR B 50 -10.00 6.83 -4.04
C THR B 50 -9.24 5.57 -3.73
N GLY B 51 -9.06 5.35 -2.47
CA GLY B 51 -8.35 4.14 -2.00
C GLY B 51 -9.38 3.18 -1.43
N THR B 52 -10.24 2.71 -2.30
CA THR B 52 -11.34 1.78 -1.95
C THR B 52 -11.92 2.05 -0.58
N ASN B 53 -13.05 2.66 -0.61
CA ASN B 53 -13.80 3.01 0.63
C ASN B 53 -13.21 4.29 1.22
N ARG B 54 -12.74 5.17 0.37
CA ARG B 54 -12.16 6.42 0.86
C ARG B 54 -11.09 6.15 1.93
N LYS B 55 -10.55 4.95 1.99
CA LYS B 55 -9.47 4.68 3.00
C LYS B 55 -8.27 5.47 2.56
N PHE B 56 -7.84 5.24 1.35
CA PHE B 56 -6.69 6.03 0.82
C PHE B 56 -7.09 6.52 -0.57
N GLY B 57 -6.19 6.67 -1.48
CA GLY B 57 -6.64 7.14 -2.82
C GLY B 57 -5.48 7.44 -3.74
N TYR B 58 -5.76 7.88 -4.93
CA TYR B 58 -4.67 8.18 -5.89
C TYR B 58 -4.68 9.64 -6.29
N VAL B 59 -3.58 10.11 -6.76
CA VAL B 59 -3.49 11.53 -7.14
C VAL B 59 -2.36 11.75 -8.14
N ASP B 60 -2.64 12.45 -9.21
CA ASP B 60 -1.58 12.73 -10.21
C ASP B 60 -1.31 14.23 -10.21
N PHE B 61 -0.06 14.61 -10.26
CA PHE B 61 0.28 16.06 -10.24
C PHE B 61 0.73 16.52 -11.62
N GLU B 62 0.84 17.79 -11.81
CA GLU B 62 1.28 18.33 -13.12
C GLU B 62 2.60 19.07 -13.02
N SER B 63 3.32 18.88 -11.96
CA SER B 63 4.63 19.60 -11.82
C SER B 63 5.50 19.01 -10.73
N ALA B 64 6.72 19.45 -10.69
CA ALA B 64 7.65 19.00 -9.63
C ALA B 64 7.34 19.83 -8.39
N GLU B 65 6.80 21.01 -8.61
CA GLU B 65 6.43 21.89 -7.47
C GLU B 65 5.09 21.41 -6.90
N ASP B 66 4.28 20.80 -7.72
CA ASP B 66 2.99 20.25 -7.24
C ASP B 66 3.30 18.94 -6.54
N LEU B 67 4.35 18.28 -6.96
CA LEU B 67 4.72 17.02 -6.29
C LEU B 67 5.42 17.35 -4.97
N GLU B 68 6.16 18.42 -4.95
CA GLU B 68 6.86 18.82 -3.68
C GLU B 68 5.81 19.24 -2.65
N LYS B 69 4.71 19.79 -3.09
CA LYS B 69 3.65 20.15 -2.14
C LYS B 69 2.89 18.88 -1.83
N ALA B 70 2.84 17.98 -2.78
CA ALA B 70 2.17 16.70 -2.55
C ALA B 70 2.89 15.95 -1.42
N LEU B 71 4.18 16.17 -1.31
CA LEU B 71 4.96 15.50 -0.23
C LEU B 71 4.57 16.15 1.09
N GLU B 72 4.53 17.46 1.11
CA GLU B 72 4.12 18.17 2.36
C GLU B 72 2.59 18.20 2.48
N LEU B 73 1.87 17.54 1.60
CA LEU B 73 0.38 17.55 1.68
C LEU B 73 -0.11 16.50 2.69
N THR B 74 0.76 15.87 3.44
CA THR B 74 0.30 14.85 4.42
C THR B 74 -0.11 15.49 5.75
N GLY B 75 -0.15 16.77 5.79
CA GLY B 75 -0.57 17.47 7.04
C GLY B 75 -1.90 18.17 6.81
N LEU B 76 -2.72 17.62 5.95
CA LEU B 76 -4.04 18.25 5.67
C LEU B 76 -5.17 17.33 6.04
N LYS B 77 -6.06 17.81 6.83
CA LYS B 77 -7.24 16.99 7.22
C LYS B 77 -8.37 17.33 6.31
N VAL B 78 -8.47 16.55 5.30
CA VAL B 78 -9.56 16.70 4.29
C VAL B 78 -10.90 16.79 5.03
N PHE B 79 -11.97 16.28 4.51
CA PHE B 79 -13.25 16.39 5.26
C PHE B 79 -13.13 15.63 6.60
N GLY B 80 -12.29 16.10 7.49
CA GLY B 80 -12.11 15.41 8.81
C GLY B 80 -11.16 14.23 8.62
N ASN B 81 -10.13 14.39 7.82
CA ASN B 81 -9.17 13.26 7.62
C ASN B 81 -7.82 13.79 7.13
N GLU B 82 -6.81 13.67 7.94
CA GLU B 82 -5.45 14.16 7.54
C GLU B 82 -4.92 13.35 6.35
N ILE B 83 -5.25 13.77 5.15
CA ILE B 83 -4.77 13.03 3.97
C ILE B 83 -3.28 12.73 4.10
N LYS B 84 -2.85 11.67 3.49
CA LYS B 84 -1.41 11.28 3.55
C LYS B 84 -0.87 11.07 2.13
N LEU B 85 0.41 11.03 1.98
CA LEU B 85 0.98 10.84 0.63
C LEU B 85 2.15 9.89 0.67
N GLU B 86 2.47 9.37 -0.45
CA GLU B 86 3.60 8.41 -0.54
C GLU B 86 3.65 7.82 -1.95
N LYS B 87 4.83 7.56 -2.46
CA LYS B 87 4.95 6.99 -3.83
C LYS B 87 3.84 5.98 -4.08
N PRO B 88 3.48 5.82 -5.32
CA PRO B 88 2.42 4.86 -5.69
C PRO B 88 2.90 3.42 -5.49
N LYS B 89 2.11 2.45 -5.83
CA LYS B 89 2.54 1.03 -5.65
C LYS B 89 2.21 0.21 -6.90
N GLY B 90 0.98 0.21 -7.31
CA GLY B 90 0.60 -0.59 -8.53
C GLY B 90 1.06 -2.04 -8.34
N ARG B 91 0.32 -2.82 -7.59
CA ARG B 91 0.70 -4.23 -7.36
C ARG B 91 -0.57 -5.09 -7.28
N ASP B 92 -0.63 -6.06 -6.40
CA ASP B 92 -1.87 -6.88 -6.29
C ASP B 92 -2.99 -5.99 -5.73
N SER B 93 -4.22 -6.32 -5.96
CA SER B 93 -5.32 -5.47 -5.42
C SER B 93 -5.45 -5.66 -3.90
N LYS B 94 -4.38 -5.48 -3.16
CA LYS B 94 -4.42 -5.66 -1.68
C LYS B 94 -4.90 -7.07 -1.30
N LYS B 95 -6.10 -7.42 -1.64
CA LYS B 95 -6.60 -8.77 -1.28
C LYS B 95 -6.09 -9.82 -2.29
N VAL B 96 -5.23 -9.44 -3.19
CA VAL B 96 -4.73 -10.45 -4.16
C VAL B 96 -3.43 -11.04 -3.65
N ARG B 97 -2.50 -10.20 -3.25
CA ARG B 97 -1.23 -10.74 -2.69
C ARG B 97 -1.57 -11.62 -1.49
N ALA B 98 -2.67 -11.36 -0.84
CA ALA B 98 -3.06 -12.17 0.35
C ALA B 98 -2.96 -13.66 0.03
N ALA B 99 -3.40 -14.06 -1.14
CA ALA B 99 -3.34 -15.51 -1.50
C ALA B 99 -1.91 -16.02 -1.39
N ARG B 100 -0.97 -15.31 -1.91
CA ARG B 100 0.44 -15.75 -1.80
C ARG B 100 1.09 -15.02 -0.62
N THR B 101 0.31 -14.68 0.38
CA THR B 101 0.88 -13.96 1.55
C THR B 101 0.38 -14.55 2.87
N LEU B 102 1.00 -14.18 3.95
CA LEU B 102 0.59 -14.69 5.29
C LEU B 102 1.10 -13.71 6.35
N LEU B 103 0.33 -13.42 7.36
CA LEU B 103 0.82 -12.47 8.38
C LEU B 103 1.11 -13.17 9.71
N ALA B 104 2.30 -13.01 10.21
CA ALA B 104 2.68 -13.67 11.49
C ALA B 104 1.88 -13.08 12.65
N LYS B 105 1.77 -13.79 13.73
CA LYS B 105 0.99 -13.26 14.89
C LYS B 105 1.78 -13.43 16.19
N ASN B 106 1.34 -12.81 17.25
CA ASN B 106 2.03 -12.94 18.55
C ASN B 106 3.42 -12.29 18.50
N LEU B 107 3.64 -11.35 17.62
CA LEU B 107 4.98 -10.70 17.55
C LEU B 107 5.30 -10.05 18.89
N SER B 108 6.33 -9.26 18.95
CA SER B 108 6.68 -8.60 20.24
C SER B 108 7.19 -7.17 19.97
N PHE B 109 7.53 -6.47 21.01
CA PHE B 109 8.03 -5.08 20.85
C PHE B 109 9.51 -5.08 20.45
N ASN B 110 10.20 -6.16 20.72
CA ASN B 110 11.65 -6.22 20.38
C ASN B 110 11.88 -6.80 18.98
N ILE B 111 10.97 -7.61 18.49
CA ILE B 111 11.17 -8.19 17.14
C ILE B 111 11.05 -7.11 16.06
N THR B 112 11.44 -7.43 14.86
CA THR B 112 11.35 -6.42 13.76
C THR B 112 11.37 -7.11 12.39
N GLU B 113 11.15 -6.35 11.34
CA GLU B 113 11.18 -6.94 9.98
C GLU B 113 12.51 -7.67 9.76
N ASP B 114 13.56 -7.18 10.37
CA ASP B 114 14.88 -7.85 10.20
C ASP B 114 14.78 -9.29 10.71
N GLU B 115 14.17 -9.47 11.84
CA GLU B 115 14.01 -10.85 12.39
C GLU B 115 13.01 -11.62 11.53
N LEU B 116 12.02 -10.94 11.04
CA LEU B 116 11.02 -11.61 10.18
C LEU B 116 11.69 -11.88 8.83
N LYS B 117 12.52 -10.97 8.40
CA LYS B 117 13.22 -11.18 7.12
C LYS B 117 14.32 -12.23 7.31
N GLU B 118 14.81 -12.35 8.51
CA GLU B 118 15.87 -13.35 8.80
C GLU B 118 15.22 -14.74 8.93
N VAL B 119 14.02 -14.79 9.44
CA VAL B 119 13.33 -16.09 9.57
C VAL B 119 12.65 -16.44 8.26
N PHE B 120 12.13 -15.45 7.57
CA PHE B 120 11.45 -15.70 6.29
C PHE B 120 12.37 -15.33 5.12
N GLU B 121 13.51 -15.95 5.01
CA GLU B 121 14.44 -15.63 3.89
C GLU B 121 13.81 -15.97 2.53
N ASP B 122 12.74 -16.73 2.51
CA ASP B 122 12.11 -17.09 1.21
C ASP B 122 10.97 -16.12 0.86
N ALA B 123 10.46 -15.39 1.82
CA ALA B 123 9.35 -14.44 1.53
C ALA B 123 9.86 -13.26 0.69
N LEU B 124 9.03 -12.73 -0.18
CA LEU B 124 9.48 -11.58 -1.02
C LEU B 124 9.49 -10.31 -0.17
N GLU B 125 8.50 -10.14 0.67
CA GLU B 125 8.45 -8.91 1.51
C GLU B 125 7.66 -9.16 2.79
N ILE B 126 7.71 -8.22 3.69
CA ILE B 126 6.97 -8.37 4.98
C ILE B 126 6.41 -7.02 5.42
N ARG B 127 5.32 -7.02 6.13
CA ARG B 127 4.74 -5.73 6.59
C ARG B 127 4.42 -5.79 8.10
N LEU B 128 5.38 -5.46 8.93
CA LEU B 128 5.14 -5.51 10.40
C LEU B 128 3.74 -4.97 10.71
N VAL B 129 2.97 -5.69 11.46
CA VAL B 129 1.59 -5.22 11.77
C VAL B 129 1.49 -4.72 13.22
N SER B 130 1.39 -3.42 13.37
CA SER B 130 1.27 -2.81 14.71
C SER B 130 -0.03 -2.00 14.82
N GLN B 131 -0.08 -1.02 15.67
CA GLN B 131 -1.32 -0.20 15.81
C GLN B 131 -1.10 1.22 15.30
N ASP B 132 -0.79 1.38 14.04
CA ASP B 132 -0.58 2.76 13.49
C ASP B 132 0.35 3.56 14.40
N GLY B 133 1.22 2.90 15.10
CA GLY B 133 2.15 3.61 16.02
C GLY B 133 2.16 2.91 17.37
N LYS B 134 2.43 1.62 17.38
CA LYS B 134 2.45 0.86 18.66
C LYS B 134 2.42 -0.63 18.35
N SER B 135 3.46 -1.34 18.67
CA SER B 135 3.49 -2.80 18.38
C SER B 135 2.12 -3.43 18.62
N LYS B 136 1.69 -4.26 17.71
CA LYS B 136 0.36 -4.94 17.87
C LYS B 136 0.55 -6.44 18.02
N GLY B 137 1.48 -7.02 17.31
CA GLY B 137 1.69 -8.49 17.45
C GLY B 137 1.54 -9.20 16.10
N ILE B 138 1.36 -8.53 14.99
CA ILE B 138 1.24 -9.29 13.73
C ILE B 138 2.29 -8.82 12.73
N ALA B 139 2.69 -9.67 11.83
CA ALA B 139 3.72 -9.28 10.81
C ALA B 139 3.33 -9.84 9.45
N TYR B 140 3.00 -9.02 8.50
CA TYR B 140 2.58 -9.57 7.18
C TYR B 140 3.80 -10.09 6.42
N ILE B 141 3.62 -11.12 5.65
CA ILE B 141 4.78 -11.69 4.91
C ILE B 141 4.30 -12.32 3.59
N GLU B 142 4.79 -11.81 2.48
CA GLU B 142 4.37 -12.39 1.17
C GLU B 142 5.49 -13.25 0.59
N PHE B 143 5.12 -14.38 0.01
CA PHE B 143 6.17 -15.29 -0.56
C PHE B 143 6.10 -15.34 -2.09
N LYS B 144 6.87 -16.21 -2.68
CA LYS B 144 6.87 -16.33 -4.17
C LYS B 144 5.55 -16.92 -4.66
N SER B 145 4.81 -17.56 -3.81
CA SER B 145 3.51 -18.15 -4.23
C SER B 145 2.71 -18.60 -3.02
N GLU B 146 1.69 -19.37 -3.26
CA GLU B 146 0.87 -19.87 -2.13
C GLU B 146 1.59 -21.06 -1.52
N ALA B 147 2.06 -21.96 -2.32
CA ALA B 147 2.80 -23.13 -1.78
C ALA B 147 4.06 -22.64 -1.07
N ASP B 148 4.64 -21.57 -1.55
CA ASP B 148 5.85 -21.02 -0.88
C ASP B 148 5.41 -20.38 0.43
N ALA B 149 4.54 -19.41 0.36
CA ALA B 149 4.06 -18.76 1.62
C ALA B 149 3.45 -19.84 2.53
N GLU B 150 2.85 -20.85 1.96
CA GLU B 150 2.26 -21.94 2.78
C GLU B 150 3.35 -22.82 3.36
N LYS B 151 4.30 -23.22 2.55
CA LYS B 151 5.40 -24.08 3.07
C LYS B 151 6.09 -23.36 4.22
N ASN B 152 6.24 -22.08 4.09
CA ASN B 152 6.88 -21.30 5.20
C ASN B 152 5.87 -21.12 6.32
N LEU B 153 4.61 -20.98 5.99
CA LEU B 153 3.58 -20.81 7.05
C LEU B 153 3.59 -22.03 7.97
N GLU B 154 3.77 -23.19 7.41
CA GLU B 154 3.81 -24.42 8.25
C GLU B 154 5.25 -24.72 8.68
N GLU B 155 6.20 -24.40 7.84
CA GLU B 155 7.62 -24.67 8.18
C GLU B 155 8.14 -23.67 9.23
N LYS B 156 7.48 -22.56 9.41
CA LYS B 156 7.98 -21.56 10.41
C LYS B 156 7.04 -21.51 11.62
N GLN B 157 5.80 -21.15 11.39
CA GLN B 157 4.79 -21.06 12.49
C GLN B 157 5.40 -21.35 13.87
N GLY B 158 5.77 -20.33 14.59
CA GLY B 158 6.38 -20.55 15.93
C GLY B 158 7.58 -19.64 16.12
N ALA B 159 8.61 -19.79 15.30
CA ALA B 159 9.82 -18.93 15.42
C ALA B 159 10.05 -18.50 16.88
N GLU B 160 10.83 -19.23 17.62
CA GLU B 160 11.08 -18.86 19.05
C GLU B 160 12.02 -17.65 19.12
N ILE B 161 11.48 -16.47 19.27
CA ILE B 161 12.34 -15.26 19.35
C ILE B 161 11.92 -14.40 20.55
N ASP B 162 12.72 -13.44 20.91
CA ASP B 162 12.36 -12.55 22.05
C ASP B 162 11.70 -13.36 23.17
N GLY B 163 12.10 -14.59 23.34
CA GLY B 163 11.49 -15.42 24.42
C GLY B 163 9.99 -15.64 24.13
N ARG B 164 9.60 -15.59 22.89
CA ARG B 164 8.16 -15.80 22.55
C ARG B 164 8.04 -16.42 21.15
N SER B 165 7.06 -17.26 20.95
CA SER B 165 6.89 -17.90 19.61
C SER B 165 5.93 -17.06 18.75
N VAL B 166 6.25 -16.87 17.50
CA VAL B 166 5.35 -16.07 16.62
C VAL B 166 4.56 -17.02 15.70
N SER B 167 3.29 -16.80 15.56
CA SER B 167 2.46 -17.69 14.69
C SER B 167 2.36 -17.11 13.29
N LEU B 168 1.86 -17.88 12.36
CA LEU B 168 1.74 -17.39 10.95
C LEU B 168 0.31 -17.51 10.46
N TYR B 169 -0.33 -16.40 10.22
CA TYR B 169 -1.74 -16.44 9.72
C TYR B 169 -1.76 -16.14 8.22
N TYR B 170 -2.15 -17.08 7.42
CA TYR B 170 -2.20 -16.84 5.97
C TYR B 170 -3.05 -15.60 5.69
N THR B 171 -3.46 -15.40 4.47
CA THR B 171 -4.31 -14.22 4.14
C THR B 171 -5.54 -14.65 3.35
N GLY B 172 -6.47 -15.30 3.99
CA GLY B 172 -7.69 -15.76 3.26
C GLY B 172 -8.80 -16.03 4.27
N GLU B 173 -9.78 -16.83 3.90
CA GLU B 173 -10.89 -17.14 4.85
C GLU B 173 -11.15 -18.64 4.88
N LYS B 174 -10.18 -19.42 5.30
CA LYS B 174 -10.38 -20.88 5.36
C LYS B 174 -10.15 -21.40 6.78
N GLY B 175 -8.97 -21.24 7.30
CA GLY B 175 -8.68 -21.72 8.68
C GLY B 175 -9.37 -23.07 8.92
N GLY B 1 24.36 -0.74 -17.06
CA GLY B 1 22.92 -0.93 -16.76
C GLY B 1 22.30 0.42 -16.37
N SER B 2 21.02 0.56 -16.55
CA SER B 2 20.36 1.85 -16.19
C SER B 2 18.84 1.73 -16.33
N HIS B 3 18.11 2.70 -15.85
CA HIS B 3 16.63 2.64 -15.96
C HIS B 3 16.15 3.47 -17.16
N MET B 4 15.26 2.92 -17.94
CA MET B 4 14.75 3.67 -19.13
C MET B 4 13.68 2.85 -19.85
N VAL B 5 12.57 2.60 -19.19
CA VAL B 5 11.49 1.80 -19.84
C VAL B 5 10.14 2.54 -19.72
N GLU B 6 9.20 2.22 -20.56
CA GLU B 6 7.88 2.90 -20.49
C GLU B 6 7.45 3.10 -19.03
N GLY B 7 6.96 4.26 -18.70
CA GLY B 7 6.52 4.53 -17.29
C GLY B 7 5.42 3.55 -16.91
N SER B 8 4.57 3.20 -17.85
CA SER B 8 3.47 2.24 -17.55
C SER B 8 2.43 2.27 -18.67
N GLU B 9 2.16 3.42 -19.22
CA GLU B 9 1.16 3.56 -20.30
C GLU B 9 -0.24 3.51 -19.73
N SER B 10 -0.96 4.49 -20.06
CA SER B 10 -2.37 4.61 -19.60
C SER B 10 -2.99 5.90 -20.11
N THR B 11 -4.03 6.36 -19.47
CA THR B 11 -4.67 7.63 -19.93
C THR B 11 -3.62 8.72 -20.13
N THR B 12 -2.53 8.63 -19.43
CA THR B 12 -1.46 9.64 -19.59
C THR B 12 -0.12 9.07 -19.11
N PRO B 13 0.92 9.83 -19.33
CA PRO B 13 2.28 9.39 -18.94
C PRO B 13 2.54 9.62 -17.45
N PHE B 14 1.89 10.57 -16.83
CA PHE B 14 2.16 10.81 -15.38
C PHE B 14 1.04 10.27 -14.49
N ASN B 15 1.27 9.12 -13.89
CA ASN B 15 0.26 8.53 -12.98
C ASN B 15 0.96 8.08 -11.70
N LEU B 16 0.25 8.08 -10.62
CA LEU B 16 0.89 7.64 -9.34
C LEU B 16 -0.18 7.41 -8.28
N PHE B 17 0.22 7.25 -7.04
CA PHE B 17 -0.76 7.00 -5.96
C PHE B 17 -0.71 8.11 -4.91
N ILE B 18 -1.75 8.20 -4.13
CA ILE B 18 -1.84 9.21 -3.05
C ILE B 18 -2.51 8.56 -1.82
N GLY B 19 -2.52 9.22 -0.70
CA GLY B 19 -3.16 8.62 0.50
C GLY B 19 -4.05 9.65 1.19
N ASN B 20 -4.88 9.21 2.10
CA ASN B 20 -5.77 10.16 2.83
C ASN B 20 -6.84 10.74 1.88
N LEU B 21 -7.75 9.91 1.41
CA LEU B 21 -8.82 10.45 0.51
C LEU B 21 -9.97 11.01 1.36
N ASN B 22 -10.93 10.20 1.71
CA ASN B 22 -12.06 10.71 2.54
C ASN B 22 -13.12 9.62 2.72
N PRO B 23 -12.99 8.87 3.77
CA PRO B 23 -13.96 7.79 4.06
C PRO B 23 -15.33 8.35 4.44
N ASN B 24 -15.41 9.62 4.78
CA ASN B 24 -16.71 10.22 5.16
C ASN B 24 -17.29 11.04 3.99
N LYS B 25 -17.11 10.58 2.78
CA LYS B 25 -17.64 11.33 1.62
C LYS B 25 -17.80 10.39 0.42
N SER B 26 -17.89 10.92 -0.77
CA SER B 26 -18.06 10.06 -1.96
C SER B 26 -16.77 9.98 -2.78
N VAL B 27 -16.68 9.03 -3.67
CA VAL B 27 -15.46 8.92 -4.51
C VAL B 27 -15.42 10.05 -5.53
N ALA B 28 -16.43 10.16 -6.34
CA ALA B 28 -16.46 11.27 -7.34
C ALA B 28 -16.10 12.57 -6.66
N GLU B 29 -16.59 12.78 -5.47
CA GLU B 29 -16.27 14.04 -4.73
C GLU B 29 -14.76 14.12 -4.50
N LEU B 30 -14.15 13.02 -4.14
CA LEU B 30 -12.68 13.02 -3.93
C LEU B 30 -12.00 13.42 -5.24
N LYS B 31 -12.55 12.95 -6.33
CA LYS B 31 -11.96 13.28 -7.65
C LYS B 31 -12.17 14.76 -7.97
N VAL B 32 -13.39 15.22 -7.92
CA VAL B 32 -13.67 16.66 -8.21
C VAL B 32 -12.83 17.54 -7.30
N ALA B 33 -12.59 17.13 -6.09
CA ALA B 33 -11.77 17.98 -5.19
C ALA B 33 -10.39 18.12 -5.79
N ILE B 34 -9.85 17.03 -6.28
CA ILE B 34 -8.52 17.10 -6.93
C ILE B 34 -8.67 17.74 -8.32
N SER B 35 -9.83 17.62 -8.93
CA SER B 35 -10.02 18.24 -10.28
C SER B 35 -10.24 19.74 -10.12
N GLU B 36 -10.80 20.15 -9.01
CA GLU B 36 -11.03 21.60 -8.79
C GLU B 36 -9.77 22.25 -8.26
N LEU B 37 -9.09 21.56 -7.40
CA LEU B 37 -7.83 22.11 -6.84
C LEU B 37 -6.82 22.28 -7.97
N PHE B 38 -6.87 21.41 -8.94
CA PHE B 38 -5.94 21.56 -10.09
C PHE B 38 -6.59 22.46 -11.14
N ALA B 39 -7.89 22.63 -11.07
CA ALA B 39 -8.57 23.51 -12.06
C ALA B 39 -8.31 24.97 -11.69
N LYS B 40 -8.19 25.24 -10.42
CA LYS B 40 -7.91 26.63 -9.98
C LYS B 40 -6.39 26.84 -9.86
N ASN B 41 -5.66 25.78 -9.65
CA ASN B 41 -4.19 25.90 -9.53
C ASN B 41 -3.56 26.10 -10.92
N ASP B 42 -4.24 25.65 -11.95
CA ASP B 42 -3.73 25.75 -13.37
C ASP B 42 -3.03 24.46 -13.72
N LEU B 43 -3.51 23.38 -13.18
CA LEU B 43 -2.92 22.06 -13.47
C LEU B 43 -3.67 21.43 -14.64
N ALA B 44 -3.85 20.15 -14.64
CA ALA B 44 -4.58 19.48 -15.74
C ALA B 44 -4.76 18.01 -15.42
N VAL B 45 -5.42 17.72 -14.34
CA VAL B 45 -5.65 16.32 -13.95
C VAL B 45 -6.23 15.55 -15.12
N VAL B 46 -5.49 14.62 -15.60
CA VAL B 46 -5.96 13.81 -16.76
C VAL B 46 -6.84 12.66 -16.28
N ASP B 47 -6.49 12.05 -15.18
CA ASP B 47 -7.32 10.92 -14.66
C ASP B 47 -7.17 10.81 -13.14
N VAL B 48 -7.94 9.98 -12.51
CA VAL B 48 -7.84 9.84 -11.03
C VAL B 48 -8.66 8.65 -10.53
N ARG B 49 -8.31 8.16 -9.37
CA ARG B 49 -9.03 7.01 -8.77
C ARG B 49 -8.86 7.10 -7.25
N THR B 50 -9.46 6.24 -6.49
CA THR B 50 -9.28 6.36 -5.01
C THR B 50 -8.57 5.13 -4.45
N GLY B 51 -8.47 5.08 -3.16
CA GLY B 51 -7.80 3.95 -2.49
C GLY B 51 -8.83 3.17 -1.70
N THR B 52 -9.74 2.56 -2.43
CA THR B 52 -10.86 1.74 -1.90
C THR B 52 -11.26 2.11 -0.49
N ASN B 53 -12.37 2.80 -0.44
CA ASN B 53 -12.98 3.27 0.82
C ASN B 53 -12.42 4.65 1.13
N ARG B 54 -12.07 5.38 0.10
CA ARG B 54 -11.53 6.72 0.31
C ARG B 54 -10.32 6.67 1.26
N LYS B 55 -9.70 5.52 1.44
CA LYS B 55 -8.52 5.46 2.33
C LYS B 55 -7.38 6.19 1.63
N PHE B 56 -6.98 5.71 0.49
CA PHE B 56 -5.92 6.44 -0.26
C PHE B 56 -6.47 6.75 -1.65
N GLY B 57 -5.68 7.18 -2.59
CA GLY B 57 -6.29 7.50 -3.92
C GLY B 57 -5.22 7.67 -5.00
N TYR B 58 -5.60 7.43 -6.23
CA TYR B 58 -4.63 7.56 -7.37
C TYR B 58 -4.84 8.84 -8.14
N VAL B 59 -4.02 9.06 -9.13
CA VAL B 59 -4.16 10.28 -9.96
C VAL B 59 -3.29 10.19 -11.19
N ASP B 60 -3.56 11.01 -12.15
CA ASP B 60 -2.78 11.01 -13.40
C ASP B 60 -2.65 12.44 -13.92
N PHE B 61 -1.47 12.83 -14.28
CA PHE B 61 -1.25 14.21 -14.79
C PHE B 61 -0.90 14.19 -16.28
N GLU B 62 -0.80 15.34 -16.88
CA GLU B 62 -0.49 15.40 -18.34
C GLU B 62 0.93 15.90 -18.60
N SER B 63 1.76 15.95 -17.62
CA SER B 63 3.15 16.44 -17.87
C SER B 63 4.10 16.14 -16.72
N ALA B 64 5.33 16.47 -16.92
CA ALA B 64 6.35 16.29 -15.85
C ALA B 64 6.22 17.45 -14.89
N GLU B 65 5.63 18.52 -15.35
CA GLU B 65 5.45 19.72 -14.48
C GLU B 65 4.20 19.53 -13.62
N ASP B 66 3.27 18.72 -14.06
CA ASP B 66 2.07 18.47 -13.24
C ASP B 66 2.45 17.40 -12.23
N LEU B 67 3.33 16.51 -12.63
CA LEU B 67 3.78 15.46 -11.70
C LEU B 67 4.66 16.09 -10.61
N GLU B 68 5.46 17.05 -10.99
CA GLU B 68 6.34 17.73 -9.98
C GLU B 68 5.48 18.59 -9.05
N LYS B 69 4.40 19.13 -9.56
CA LYS B 69 3.51 19.92 -8.69
C LYS B 69 2.63 18.94 -7.95
N ALA B 70 2.34 17.83 -8.58
CA ALA B 70 1.52 16.81 -7.91
C ALA B 70 2.31 16.25 -6.72
N LEU B 71 3.62 16.27 -6.81
CA LEU B 71 4.46 15.77 -5.70
C LEU B 71 4.39 16.79 -4.56
N GLU B 72 4.52 18.05 -4.88
CA GLU B 72 4.43 19.07 -3.82
C GLU B 72 2.97 19.48 -3.59
N LEU B 73 2.03 18.83 -4.26
CA LEU B 73 0.60 19.20 -4.07
C LEU B 73 0.05 18.57 -2.78
N THR B 74 0.87 17.92 -2.00
CA THR B 74 0.35 17.30 -0.74
C THR B 74 -0.54 18.29 0.00
N GLY B 75 -0.25 19.53 -0.16
CA GLY B 75 -1.07 20.58 0.51
C GLY B 75 -2.56 20.33 0.21
N LEU B 76 -2.86 19.79 -0.94
CA LEU B 76 -4.29 19.52 -1.30
C LEU B 76 -5.02 18.87 -0.15
N LYS B 77 -6.11 19.45 0.24
CA LYS B 77 -6.92 18.85 1.33
C LYS B 77 -8.19 18.29 0.74
N VAL B 78 -8.11 17.09 0.29
CA VAL B 78 -9.30 16.42 -0.31
C VAL B 78 -10.53 16.62 0.60
N PHE B 79 -11.54 17.27 0.10
CA PHE B 79 -12.77 17.51 0.92
C PHE B 79 -12.41 17.71 2.39
N GLY B 80 -11.33 18.39 2.67
CA GLY B 80 -10.94 18.62 4.10
C GLY B 80 -10.00 17.50 4.56
N ASN B 81 -9.28 16.90 3.66
CA ASN B 81 -8.34 15.81 4.06
C ASN B 81 -7.08 15.90 3.20
N GLU B 82 -5.99 16.32 3.78
CA GLU B 82 -4.73 16.45 3.00
C GLU B 82 -4.33 15.11 2.39
N ILE B 83 -4.20 15.08 1.09
CA ILE B 83 -3.82 13.81 0.41
C ILE B 83 -2.30 13.65 0.35
N LYS B 84 -1.85 12.47 0.58
CA LYS B 84 -0.38 12.19 0.52
C LYS B 84 -0.06 11.63 -0.86
N LEU B 85 1.18 11.56 -1.22
CA LEU B 85 1.53 11.01 -2.55
C LEU B 85 2.69 10.06 -2.48
N GLU B 86 3.02 9.48 -3.59
CA GLU B 86 4.16 8.52 -3.65
C GLU B 86 4.07 7.68 -4.92
N LYS B 87 5.20 7.27 -5.45
CA LYS B 87 5.16 6.45 -6.70
C LYS B 87 4.08 5.38 -6.59
N PRO B 88 3.42 5.14 -7.69
CA PRO B 88 2.33 4.13 -7.73
C PRO B 88 2.90 2.72 -7.54
N LYS B 89 2.07 1.72 -7.65
CA LYS B 89 2.55 0.32 -7.48
C LYS B 89 2.34 -0.49 -8.76
N GLY B 90 1.17 -0.47 -9.32
CA GLY B 90 0.93 -1.24 -10.58
C GLY B 90 -0.35 -2.07 -10.44
N ARG B 91 -0.27 -3.37 -10.64
CA ARG B 91 -1.48 -4.22 -10.54
C ARG B 91 -1.59 -4.77 -9.10
N ASP B 92 -1.95 -6.01 -8.93
CA ASP B 92 -2.09 -6.54 -7.55
C ASP B 92 -2.92 -5.58 -6.74
N SER B 93 -4.23 -5.69 -6.82
CA SER B 93 -5.10 -4.77 -6.04
C SER B 93 -5.08 -5.17 -4.56
N LYS B 94 -3.92 -5.22 -3.96
CA LYS B 94 -3.80 -5.62 -2.52
C LYS B 94 -4.39 -7.01 -2.26
N LYS B 95 -5.64 -7.24 -2.55
CA LYS B 95 -6.21 -8.60 -2.31
C LYS B 95 -5.64 -9.60 -3.30
N VAL B 96 -4.92 -9.13 -4.28
CA VAL B 96 -4.32 -10.08 -5.25
C VAL B 96 -2.97 -10.54 -4.71
N ARG B 97 -2.33 -9.71 -3.94
CA ARG B 97 -1.02 -10.12 -3.34
C ARG B 97 -1.32 -11.09 -2.20
N ALA B 98 -2.41 -10.84 -1.49
CA ALA B 98 -2.78 -11.74 -0.37
C ALA B 98 -2.56 -13.20 -0.78
N ALA B 99 -2.91 -13.53 -1.99
CA ALA B 99 -2.70 -14.95 -2.43
C ALA B 99 -1.24 -15.33 -2.28
N ARG B 100 -0.35 -14.49 -2.71
CA ARG B 100 1.08 -14.80 -2.56
C ARG B 100 1.60 -14.12 -1.29
N THR B 101 0.75 -13.93 -0.31
CA THR B 101 1.22 -13.25 0.94
C THR B 101 0.75 -14.02 2.17
N LEU B 102 1.27 -13.66 3.31
CA LEU B 102 0.87 -14.34 4.56
C LEU B 102 1.11 -13.41 5.76
N LEU B 103 0.46 -13.67 6.86
CA LEU B 103 0.64 -12.81 8.06
C LEU B 103 1.42 -13.54 9.14
N ALA B 104 2.67 -13.22 9.33
CA ALA B 104 3.43 -13.89 10.42
C ALA B 104 2.72 -13.59 11.74
N LYS B 105 2.40 -14.57 12.52
CA LYS B 105 1.68 -14.30 13.80
C LYS B 105 2.53 -14.67 15.01
N ASN B 106 2.13 -14.21 16.16
CA ASN B 106 2.90 -14.52 17.40
C ASN B 106 4.24 -13.79 17.39
N LEU B 107 4.29 -12.62 16.80
CA LEU B 107 5.57 -11.85 16.76
C LEU B 107 5.78 -11.14 18.10
N SER B 108 6.70 -10.22 18.16
CA SER B 108 6.93 -9.51 19.45
C SER B 108 7.18 -8.02 19.21
N PHE B 109 7.59 -7.32 20.24
CA PHE B 109 7.85 -5.85 20.10
C PHE B 109 9.26 -5.60 19.55
N ASN B 110 10.15 -6.55 19.66
CA ASN B 110 11.53 -6.35 19.15
C ASN B 110 11.63 -6.78 17.69
N ILE B 111 10.98 -7.85 17.33
CA ILE B 111 11.05 -8.32 15.91
C ILE B 111 10.96 -7.12 14.97
N THR B 112 11.26 -7.32 13.72
CA THR B 112 11.19 -6.19 12.75
C THR B 112 11.17 -6.71 11.31
N GLU B 113 10.78 -5.88 10.38
CA GLU B 113 10.74 -6.32 8.95
C GLU B 113 12.12 -6.85 8.54
N ASP B 114 13.16 -6.21 8.98
CA ASP B 114 14.52 -6.68 8.63
C ASP B 114 14.73 -8.09 9.22
N GLU B 115 14.28 -8.28 10.42
CA GLU B 115 14.42 -9.62 11.07
C GLU B 115 13.62 -10.64 10.29
N LEU B 116 12.41 -10.29 9.94
CA LEU B 116 11.56 -11.23 9.16
C LEU B 116 12.11 -11.27 7.75
N LYS B 117 12.66 -10.18 7.28
CA LYS B 117 13.24 -10.18 5.93
C LYS B 117 14.42 -11.16 5.90
N GLU B 118 15.11 -11.25 7.00
CA GLU B 118 16.25 -12.19 7.11
C GLU B 118 15.74 -13.60 7.36
N VAL B 119 14.63 -13.73 8.04
CA VAL B 119 14.07 -15.07 8.29
C VAL B 119 13.37 -15.56 7.01
N PHE B 120 12.80 -14.65 6.28
CA PHE B 120 12.12 -15.04 5.02
C PHE B 120 12.88 -14.49 3.81
N GLU B 121 14.07 -14.98 3.58
CA GLU B 121 14.89 -14.48 2.43
C GLU B 121 14.19 -14.75 1.09
N ASP B 122 13.28 -15.69 1.05
CA ASP B 122 12.59 -15.99 -0.24
C ASP B 122 11.33 -15.13 -0.40
N ALA B 123 11.09 -14.20 0.49
CA ALA B 123 9.87 -13.35 0.36
C ALA B 123 10.25 -12.02 -0.31
N LEU B 124 9.32 -11.39 -0.97
CA LEU B 124 9.62 -10.09 -1.63
C LEU B 124 9.86 -9.04 -0.56
N GLU B 125 9.06 -9.06 0.48
CA GLU B 125 9.24 -8.07 1.58
C GLU B 125 8.20 -8.31 2.68
N ILE B 126 8.41 -7.76 3.84
CA ILE B 126 7.44 -7.95 4.96
C ILE B 126 6.93 -6.61 5.45
N ARG B 127 5.74 -6.59 5.97
CA ARG B 127 5.16 -5.32 6.48
C ARG B 127 4.60 -5.55 7.90
N LEU B 128 5.42 -5.36 8.90
CA LEU B 128 4.97 -5.59 10.31
C LEU B 128 3.49 -5.25 10.49
N VAL B 129 2.85 -5.89 11.42
CA VAL B 129 1.41 -5.62 11.66
C VAL B 129 1.16 -5.26 13.12
N SER B 130 0.94 -4.00 13.37
CA SER B 130 0.66 -3.50 14.74
C SER B 130 -0.71 -2.81 14.77
N GLN B 131 -0.95 -1.99 15.75
CA GLN B 131 -2.27 -1.29 15.82
C GLN B 131 -2.13 0.17 15.36
N ASP B 132 -1.22 0.41 14.43
CA ASP B 132 -0.99 1.81 13.91
C ASP B 132 0.02 2.56 14.79
N GLY B 133 0.05 2.27 16.06
CA GLY B 133 1.02 2.94 16.98
C GLY B 133 1.23 2.06 18.21
N LYS B 134 1.27 0.77 18.02
CA LYS B 134 1.46 -0.15 19.17
C LYS B 134 1.60 -1.58 18.65
N SER B 135 2.78 -2.15 18.74
CA SER B 135 2.98 -3.54 18.24
C SER B 135 1.74 -4.39 18.50
N LYS B 136 1.34 -5.18 17.54
CA LYS B 136 0.14 -6.04 17.71
C LYS B 136 0.54 -7.52 17.75
N GLY B 137 1.53 -7.91 16.97
CA GLY B 137 1.95 -9.31 16.98
C GLY B 137 1.88 -9.95 15.59
N ILE B 138 1.51 -9.21 14.55
CA ILE B 138 1.44 -9.88 13.22
C ILE B 138 2.45 -9.21 12.29
N ALA B 139 2.92 -9.93 11.30
CA ALA B 139 3.90 -9.33 10.35
C ALA B 139 3.53 -9.73 8.93
N TYR B 140 3.27 -8.78 8.08
CA TYR B 140 2.88 -9.16 6.69
C TYR B 140 4.10 -9.62 5.90
N ILE B 141 3.93 -10.63 5.11
CA ILE B 141 5.08 -11.14 4.32
C ILE B 141 4.60 -11.57 2.94
N GLU B 142 5.12 -10.98 1.90
CA GLU B 142 4.70 -11.35 0.53
C GLU B 142 5.84 -12.03 -0.23
N PHE B 143 5.55 -13.14 -0.86
CA PHE B 143 6.60 -13.86 -1.63
C PHE B 143 6.38 -13.67 -3.13
N LYS B 144 7.22 -14.26 -3.94
CA LYS B 144 7.03 -14.10 -5.41
C LYS B 144 5.79 -14.87 -5.89
N SER B 145 5.21 -15.70 -5.05
CA SER B 145 4.00 -16.45 -5.49
C SER B 145 3.35 -17.15 -4.30
N GLU B 146 2.38 -17.96 -4.58
CA GLU B 146 1.71 -18.72 -3.51
C GLU B 146 2.61 -19.88 -3.11
N ALA B 147 3.15 -20.57 -4.07
CA ALA B 147 4.06 -21.71 -3.75
C ALA B 147 5.27 -21.16 -3.00
N ASP B 148 5.69 -19.96 -3.32
CA ASP B 148 6.85 -19.38 -2.60
C ASP B 148 6.43 -19.03 -1.17
N ALA B 149 5.41 -18.22 -1.04
CA ALA B 149 4.94 -17.87 0.34
C ALA B 149 4.56 -19.15 1.10
N GLU B 150 4.10 -20.15 0.40
CA GLU B 150 3.73 -21.42 1.09
C GLU B 150 4.96 -22.25 1.42
N LYS B 151 5.83 -22.45 0.46
CA LYS B 151 7.05 -23.24 0.71
C LYS B 151 7.85 -22.61 1.84
N ASN B 152 7.87 -21.31 1.89
CA ASN B 152 8.61 -20.63 2.99
C ASN B 152 7.78 -20.66 4.27
N LEU B 153 6.51 -20.38 4.18
CA LEU B 153 5.64 -20.41 5.39
C LEU B 153 5.85 -21.73 6.12
N GLU B 154 5.90 -22.81 5.39
CA GLU B 154 6.11 -24.13 6.05
C GLU B 154 7.60 -24.34 6.30
N GLU B 155 8.44 -23.91 5.40
CA GLU B 155 9.90 -24.08 5.59
C GLU B 155 10.35 -23.52 6.94
N LYS B 156 9.80 -22.41 7.37
CA LYS B 156 10.23 -21.83 8.68
C LYS B 156 9.11 -21.98 9.70
N GLN B 157 7.99 -21.38 9.46
CA GLN B 157 6.84 -21.48 10.41
C GLN B 157 7.32 -21.65 11.86
N GLY B 158 7.37 -20.59 12.62
CA GLY B 158 7.83 -20.71 14.04
C GLY B 158 8.93 -19.68 14.32
N ALA B 159 9.92 -19.60 13.48
CA ALA B 159 11.03 -18.62 13.69
C ALA B 159 11.26 -18.38 15.19
N GLU B 160 11.96 -19.28 15.84
CA GLU B 160 12.22 -19.08 17.30
C GLU B 160 13.17 -17.90 17.51
N ILE B 161 12.63 -16.73 17.72
CA ILE B 161 13.50 -15.54 17.94
C ILE B 161 12.89 -14.67 19.03
N ASP B 162 13.58 -13.64 19.45
CA ASP B 162 13.01 -12.78 20.52
C ASP B 162 12.38 -13.65 21.60
N GLY B 163 12.92 -14.81 21.83
CA GLY B 163 12.36 -15.72 22.86
C GLY B 163 10.91 -16.10 22.50
N ARG B 164 10.54 -15.98 21.24
CA ARG B 164 9.15 -16.33 20.85
C ARG B 164 9.14 -16.94 19.44
N SER B 165 8.11 -17.65 19.09
CA SER B 165 8.04 -18.25 17.73
C SER B 165 6.95 -17.55 16.91
N VAL B 166 7.25 -17.24 15.67
CA VAL B 166 6.24 -16.56 14.82
C VAL B 166 5.60 -17.55 13.85
N SER B 167 4.31 -17.69 13.90
CA SER B 167 3.61 -18.63 12.98
C SER B 167 3.31 -17.93 11.65
N LEU B 168 3.12 -18.68 10.60
CA LEU B 168 2.82 -18.06 9.28
C LEU B 168 1.34 -18.21 8.93
N TYR B 169 0.59 -17.14 8.96
CA TYR B 169 -0.85 -17.24 8.59
C TYR B 169 -1.08 -16.71 7.18
N TYR B 170 -1.29 -17.57 6.24
CA TYR B 170 -1.49 -17.11 4.84
C TYR B 170 -2.51 -15.98 4.77
N THR B 171 -2.88 -15.59 3.58
CA THR B 171 -3.89 -14.49 3.42
C THR B 171 -4.94 -14.88 2.38
N GLY B 172 -5.61 -15.98 2.57
CA GLY B 172 -6.64 -16.40 1.59
C GLY B 172 -7.53 -17.49 2.21
N GLU B 173 -8.21 -18.24 1.40
CA GLU B 173 -9.09 -19.31 1.94
C GLU B 173 -8.77 -20.64 1.23
N LYS B 174 -7.53 -20.96 1.08
CA LYS B 174 -7.16 -22.25 0.42
C LYS B 174 -7.23 -23.40 1.42
N GLY B 175 -6.91 -23.15 2.65
CA GLY B 175 -6.95 -24.24 3.67
C GLY B 175 -8.30 -24.96 3.58
N GLY B 1 -10.77 -3.85 -27.19
CA GLY B 1 -11.65 -4.63 -28.11
C GLY B 1 -13.12 -4.29 -27.81
N SER B 2 -13.47 -4.16 -26.56
CA SER B 2 -14.88 -3.83 -26.21
C SER B 2 -15.06 -3.84 -24.69
N HIS B 3 -15.81 -2.91 -24.17
CA HIS B 3 -16.03 -2.87 -22.69
C HIS B 3 -14.67 -2.80 -21.96
N MET B 4 -14.33 -1.67 -21.43
CA MET B 4 -13.03 -1.55 -20.70
C MET B 4 -11.87 -1.87 -21.65
N VAL B 5 -10.89 -1.01 -21.72
CA VAL B 5 -9.74 -1.26 -22.62
C VAL B 5 -8.43 -1.25 -21.82
N GLU B 6 -7.51 -2.10 -22.15
CA GLU B 6 -6.21 -2.13 -21.41
C GLU B 6 -6.47 -2.00 -19.90
N GLY B 7 -5.43 -1.80 -19.13
CA GLY B 7 -5.61 -1.67 -17.66
C GLY B 7 -5.62 -0.18 -17.27
N SER B 8 -4.51 0.48 -17.39
CA SER B 8 -4.47 1.93 -17.01
C SER B 8 -5.13 2.77 -18.10
N GLU B 9 -4.51 2.89 -19.24
CA GLU B 9 -5.11 3.69 -20.35
C GLU B 9 -5.46 5.09 -19.87
N SER B 10 -4.76 5.54 -18.90
CA SER B 10 -5.01 6.91 -18.34
C SER B 10 -4.92 7.95 -19.46
N THR B 11 -5.26 9.17 -19.16
CA THR B 11 -5.19 10.24 -20.21
C THR B 11 -3.89 11.03 -20.10
N THR B 12 -3.28 11.01 -18.95
CA THR B 12 -2.00 11.77 -18.78
C THR B 12 -0.90 10.86 -18.22
N PRO B 13 0.31 11.27 -18.47
CA PRO B 13 1.50 10.50 -18.02
C PRO B 13 1.77 10.70 -16.52
N PHE B 14 1.39 11.82 -15.98
CA PHE B 14 1.65 12.06 -14.53
C PHE B 14 0.58 11.43 -13.64
N ASN B 15 0.89 10.31 -13.03
CA ASN B 15 -0.08 9.66 -12.12
C ASN B 15 0.53 9.55 -10.74
N LEU B 16 -0.25 9.21 -9.77
CA LEU B 16 0.30 9.12 -8.39
C LEU B 16 -0.72 8.49 -7.44
N PHE B 17 -0.26 7.99 -6.32
CA PHE B 17 -1.18 7.39 -5.34
C PHE B 17 -1.32 8.33 -4.14
N ILE B 18 -2.45 8.29 -3.49
CA ILE B 18 -2.67 9.18 -2.31
C ILE B 18 -3.26 8.37 -1.16
N GLY B 19 -3.12 8.85 0.04
CA GLY B 19 -3.68 8.12 1.20
C GLY B 19 -4.47 9.10 2.06
N ASN B 20 -5.21 8.62 3.02
CA ASN B 20 -5.98 9.55 3.88
C ASN B 20 -7.05 10.28 3.05
N LEU B 21 -8.03 9.56 2.55
CA LEU B 21 -9.09 10.23 1.74
C LEU B 21 -10.21 10.74 2.65
N ASN B 22 -11.22 9.96 2.91
CA ASN B 22 -12.33 10.43 3.80
C ASN B 22 -13.43 9.38 3.88
N PRO B 23 -13.33 8.54 4.88
CA PRO B 23 -14.35 7.48 5.09
C PRO B 23 -15.68 8.06 5.59
N ASN B 24 -15.72 9.31 5.94
CA ASN B 24 -16.98 9.90 6.45
C ASN B 24 -17.68 10.77 5.37
N LYS B 25 -17.25 10.68 4.14
CA LYS B 25 -17.90 11.50 3.08
C LYS B 25 -18.12 10.65 1.83
N SER B 26 -18.33 11.26 0.71
CA SER B 26 -18.58 10.47 -0.54
C SER B 26 -17.34 10.43 -1.42
N VAL B 27 -17.31 9.52 -2.36
CA VAL B 27 -16.14 9.43 -3.27
C VAL B 27 -16.06 10.69 -4.12
N ALA B 28 -17.09 10.99 -4.87
CA ALA B 28 -17.06 12.22 -5.71
C ALA B 28 -16.58 13.42 -4.90
N GLU B 29 -16.94 13.46 -3.64
CA GLU B 29 -16.49 14.60 -2.78
C GLU B 29 -14.98 14.53 -2.55
N LEU B 30 -14.44 13.35 -2.50
CA LEU B 30 -12.97 13.21 -2.29
C LEU B 30 -12.24 13.72 -3.52
N LYS B 31 -12.77 13.44 -4.67
CA LYS B 31 -12.13 13.91 -5.92
C LYS B 31 -12.40 15.39 -6.14
N VAL B 32 -13.61 15.82 -5.91
CA VAL B 32 -13.92 17.27 -6.08
C VAL B 32 -13.12 18.09 -5.09
N ALA B 33 -12.94 17.59 -3.89
CA ALA B 33 -12.14 18.35 -2.90
C ALA B 33 -10.74 18.49 -3.45
N ILE B 34 -10.20 17.41 -3.96
CA ILE B 34 -8.85 17.46 -4.55
C ILE B 34 -8.89 18.28 -5.84
N SER B 35 -10.01 18.34 -6.50
CA SER B 35 -10.10 19.15 -7.76
C SER B 35 -10.19 20.63 -7.40
N GLU B 36 -10.88 20.95 -6.35
CA GLU B 36 -11.01 22.38 -5.95
C GLU B 36 -9.75 22.81 -5.23
N LEU B 37 -9.23 21.98 -4.38
CA LEU B 37 -7.99 22.34 -3.65
C LEU B 37 -6.86 22.53 -4.66
N PHE B 38 -6.91 21.80 -5.74
CA PHE B 38 -5.87 21.95 -6.77
C PHE B 38 -6.22 23.10 -7.71
N ALA B 39 -7.47 23.50 -7.74
CA ALA B 39 -7.86 24.63 -8.64
C ALA B 39 -7.37 25.95 -8.05
N LYS B 40 -7.31 26.05 -6.75
CA LYS B 40 -6.84 27.31 -6.11
C LYS B 40 -5.31 27.29 -5.96
N ASN B 41 -4.72 26.12 -5.92
CA ASN B 41 -3.24 26.04 -5.77
C ASN B 41 -2.52 26.17 -7.12
N ASP B 42 -3.26 26.14 -8.21
CA ASP B 42 -2.64 26.21 -9.57
C ASP B 42 -2.27 24.81 -9.99
N LEU B 43 -3.00 23.86 -9.52
CA LEU B 43 -2.72 22.45 -9.89
C LEU B 43 -3.63 22.04 -11.03
N ALA B 44 -3.01 21.81 -12.12
CA ALA B 44 -3.74 21.37 -13.34
C ALA B 44 -4.04 19.87 -13.23
N VAL B 45 -4.93 19.52 -12.35
CA VAL B 45 -5.25 18.09 -12.17
C VAL B 45 -5.92 17.56 -13.44
N VAL B 46 -5.75 16.30 -13.65
CA VAL B 46 -6.34 15.64 -14.83
C VAL B 46 -7.34 14.57 -14.40
N ASP B 47 -6.98 13.75 -13.45
CA ASP B 47 -7.92 12.68 -12.99
C ASP B 47 -7.63 12.29 -11.53
N VAL B 48 -8.55 11.60 -10.90
CA VAL B 48 -8.33 11.19 -9.49
C VAL B 48 -9.20 9.96 -9.16
N ARG B 49 -8.72 9.10 -8.29
CA ARG B 49 -9.51 7.88 -7.93
C ARG B 49 -9.60 7.76 -6.41
N THR B 50 -10.09 6.66 -5.91
CA THR B 50 -10.17 6.52 -4.41
C THR B 50 -9.40 5.31 -3.95
N GLY B 51 -9.08 5.31 -2.69
CA GLY B 51 -8.35 4.17 -2.11
C GLY B 51 -9.35 3.26 -1.44
N THR B 52 -10.21 2.67 -2.26
CA THR B 52 -11.29 1.78 -1.83
C THR B 52 -11.70 2.00 -0.39
N ASN B 53 -12.80 2.67 -0.27
CA ASN B 53 -13.43 3.02 1.03
C ASN B 53 -12.93 4.38 1.48
N ARG B 54 -12.54 5.21 0.54
CA ARG B 54 -12.09 6.57 0.89
C ARG B 54 -10.90 6.51 1.87
N LYS B 55 -10.24 5.38 2.01
CA LYS B 55 -9.06 5.32 2.92
C LYS B 55 -7.88 5.97 2.22
N PHE B 56 -7.60 5.56 1.01
CA PHE B 56 -6.48 6.20 0.27
C PHE B 56 -6.99 6.59 -1.11
N GLY B 57 -6.19 6.54 -2.13
CA GLY B 57 -6.75 6.89 -3.45
C GLY B 57 -5.65 7.15 -4.47
N TYR B 58 -6.00 7.80 -5.53
CA TYR B 58 -5.00 8.09 -6.59
C TYR B 58 -5.18 9.48 -7.17
N VAL B 59 -4.39 9.80 -8.15
CA VAL B 59 -4.51 11.13 -8.79
C VAL B 59 -3.71 11.14 -10.08
N ASP B 60 -3.91 12.15 -10.87
CA ASP B 60 -3.19 12.24 -12.16
C ASP B 60 -2.99 13.71 -12.54
N PHE B 61 -1.82 14.05 -12.96
CA PHE B 61 -1.55 15.46 -13.37
C PHE B 61 -1.31 15.52 -14.88
N GLU B 62 -0.98 16.68 -15.39
CA GLU B 62 -0.72 16.78 -16.85
C GLU B 62 0.65 17.41 -17.13
N SER B 63 1.48 17.49 -16.15
CA SER B 63 2.83 18.09 -16.39
C SER B 63 3.82 17.71 -15.31
N ALA B 64 5.04 18.11 -15.51
CA ALA B 64 6.09 17.87 -14.49
C ALA B 64 5.96 18.94 -13.42
N GLU B 65 5.34 20.03 -13.78
CA GLU B 65 5.13 21.14 -12.82
C GLU B 65 3.95 20.80 -11.90
N ASP B 66 3.02 20.02 -12.38
CA ASP B 66 1.88 19.61 -11.52
C ASP B 66 2.39 18.49 -10.63
N LEU B 67 3.30 17.70 -11.15
CA LEU B 67 3.88 16.61 -10.34
C LEU B 67 4.71 17.20 -9.21
N GLU B 68 5.38 18.29 -9.48
CA GLU B 68 6.22 18.94 -8.44
C GLU B 68 5.32 19.52 -7.33
N LYS B 69 4.22 20.10 -7.70
CA LYS B 69 3.29 20.62 -6.67
C LYS B 69 2.55 19.43 -6.11
N ALA B 70 2.36 18.42 -6.91
CA ALA B 70 1.68 17.22 -6.43
C ALA B 70 2.52 16.60 -5.32
N LEU B 71 3.82 16.76 -5.40
CA LEU B 71 4.71 16.22 -4.33
C LEU B 71 4.48 17.05 -3.08
N GLU B 72 4.44 18.34 -3.24
CA GLU B 72 4.17 19.21 -2.06
C GLU B 72 2.69 19.14 -1.65
N LEU B 73 1.87 18.46 -2.42
CA LEU B 73 0.42 18.35 -2.07
C LEU B 73 0.18 17.29 -1.00
N THR B 74 1.21 16.72 -0.43
CA THR B 74 0.99 15.68 0.62
C THR B 74 0.77 16.31 1.99
N GLY B 75 0.68 17.60 2.05
CA GLY B 75 0.46 18.28 3.35
C GLY B 75 -0.83 19.09 3.29
N LEU B 76 -1.84 18.58 2.63
CA LEU B 76 -3.12 19.33 2.53
C LEU B 76 -4.27 18.55 3.10
N LYS B 77 -4.99 19.17 3.98
CA LYS B 77 -6.17 18.50 4.56
C LYS B 77 -7.31 18.61 3.61
N VAL B 78 -7.43 17.64 2.83
CA VAL B 78 -8.55 17.58 1.83
C VAL B 78 -9.86 17.79 2.60
N PHE B 79 -10.91 17.08 2.32
CA PHE B 79 -12.16 17.30 3.12
C PHE B 79 -11.90 16.99 4.61
N GLY B 80 -11.06 17.78 5.25
CA GLY B 80 -10.75 17.56 6.70
C GLY B 80 -9.84 16.34 6.84
N ASN B 81 -8.82 16.25 6.04
CA ASN B 81 -7.88 15.09 6.14
C ASN B 81 -6.62 15.35 5.32
N GLU B 82 -5.51 15.59 5.97
CA GLU B 82 -4.24 15.85 5.24
C GLU B 82 -3.91 14.67 4.33
N ILE B 83 -4.40 14.71 3.11
CA ILE B 83 -4.13 13.58 2.17
C ILE B 83 -2.66 13.20 2.20
N LYS B 84 -2.39 12.01 1.76
CA LYS B 84 -0.99 11.49 1.71
C LYS B 84 -0.66 11.19 0.26
N LEU B 85 0.57 10.93 -0.06
CA LEU B 85 0.86 10.65 -1.49
C LEU B 85 2.29 10.15 -1.72
N GLU B 86 2.51 9.65 -2.90
CA GLU B 86 3.85 9.12 -3.29
C GLU B 86 3.69 8.24 -4.55
N LYS B 87 4.75 7.63 -5.01
CA LYS B 87 4.62 6.77 -6.22
C LYS B 87 3.53 5.72 -6.04
N PRO B 88 2.89 5.38 -7.12
CA PRO B 88 1.80 4.36 -7.08
C PRO B 88 2.38 2.96 -6.90
N LYS B 89 1.55 1.95 -6.92
CA LYS B 89 2.06 0.56 -6.75
C LYS B 89 1.42 -0.39 -7.77
N GLY B 90 0.12 -0.38 -7.91
CA GLY B 90 -0.52 -1.30 -8.90
C GLY B 90 -1.83 -1.85 -8.33
N ARG B 91 -2.39 -2.84 -8.97
CA ARG B 91 -3.68 -3.42 -8.48
C ARG B 91 -3.62 -4.96 -8.45
N ASP B 92 -2.97 -5.51 -7.47
CA ASP B 92 -2.89 -6.99 -7.36
C ASP B 92 -1.79 -7.37 -6.38
N SER B 93 -2.14 -7.48 -5.13
CA SER B 93 -1.15 -7.83 -4.09
C SER B 93 -1.77 -7.55 -2.72
N LYS B 94 -2.26 -6.35 -2.53
CA LYS B 94 -2.91 -6.02 -1.23
C LYS B 94 -3.88 -7.13 -0.86
N LYS B 95 -4.77 -7.47 -1.76
CA LYS B 95 -5.73 -8.57 -1.46
C LYS B 95 -5.39 -9.82 -2.27
N VAL B 96 -4.34 -9.79 -3.04
CA VAL B 96 -3.97 -10.98 -3.85
C VAL B 96 -2.93 -11.80 -3.07
N ARG B 97 -2.09 -11.14 -2.34
CA ARG B 97 -1.08 -11.88 -1.54
C ARG B 97 -1.83 -12.67 -0.47
N ALA B 98 -2.84 -12.08 0.10
CA ALA B 98 -3.61 -12.79 1.15
C ALA B 98 -3.75 -14.27 0.78
N ALA B 99 -4.15 -14.56 -0.42
CA ALA B 99 -4.28 -15.99 -0.81
C ALA B 99 -2.94 -16.69 -0.67
N ARG B 100 -1.92 -16.09 -1.17
CA ARG B 100 -0.57 -16.71 -1.03
C ARG B 100 0.13 -16.08 0.18
N THR B 101 -0.61 -15.61 1.14
CA THR B 101 0.04 -14.98 2.33
C THR B 101 -0.63 -15.41 3.63
N LEU B 102 0.09 -15.39 4.71
CA LEU B 102 -0.50 -15.77 6.02
C LEU B 102 -0.27 -14.62 7.01
N LEU B 103 -1.05 -14.57 8.04
CA LEU B 103 -0.89 -13.47 9.05
C LEU B 103 -0.42 -14.07 10.38
N ALA B 104 0.83 -13.90 10.71
CA ALA B 104 1.33 -14.45 12.01
C ALA B 104 0.73 -13.66 13.16
N LYS B 105 0.45 -14.31 14.26
CA LYS B 105 -0.15 -13.60 15.42
C LYS B 105 0.66 -13.84 16.70
N ASN B 106 0.35 -13.13 17.75
CA ASN B 106 1.10 -13.32 19.03
C ASN B 106 2.56 -12.87 18.86
N LEU B 107 2.79 -11.85 18.09
CA LEU B 107 4.19 -11.37 17.90
C LEU B 107 4.60 -10.50 19.10
N SER B 108 5.80 -9.99 19.08
CA SER B 108 6.25 -9.14 20.22
C SER B 108 6.65 -7.76 19.70
N PHE B 109 7.02 -6.88 20.58
CA PHE B 109 7.43 -5.51 20.15
C PHE B 109 8.89 -5.50 19.68
N ASN B 110 9.67 -6.46 20.09
CA ASN B 110 11.09 -6.49 19.67
C ASN B 110 11.24 -7.25 18.34
N ILE B 111 10.38 -8.21 18.09
CA ILE B 111 10.49 -8.97 16.82
C ILE B 111 10.23 -8.05 15.63
N THR B 112 10.54 -8.49 14.44
CA THR B 112 10.31 -7.62 13.24
C THR B 112 10.38 -8.46 11.96
N GLU B 113 10.27 -7.80 10.83
CA GLU B 113 10.33 -8.55 9.54
C GLU B 113 11.64 -9.33 9.44
N ASP B 114 12.70 -8.80 9.98
CA ASP B 114 14.00 -9.52 9.92
C ASP B 114 13.86 -10.88 10.59
N GLU B 115 13.37 -10.90 11.79
CA GLU B 115 13.19 -12.19 12.50
C GLU B 115 12.15 -13.03 11.78
N LEU B 116 11.16 -12.40 11.21
CA LEU B 116 10.13 -13.15 10.46
C LEU B 116 10.77 -13.64 9.18
N LYS B 117 11.50 -12.78 8.54
CA LYS B 117 12.17 -13.18 7.29
C LYS B 117 13.26 -14.22 7.59
N GLU B 118 13.78 -14.20 8.77
CA GLU B 118 14.82 -15.18 9.16
C GLU B 118 14.15 -16.52 9.46
N VAL B 119 12.98 -16.48 10.03
CA VAL B 119 12.27 -17.75 10.34
C VAL B 119 11.49 -18.19 9.10
N PHE B 120 11.02 -17.26 8.31
CA PHE B 120 10.27 -17.61 7.10
C PHE B 120 11.20 -17.61 5.89
N GLU B 121 12.22 -18.44 5.91
CA GLU B 121 13.17 -18.49 4.76
C GLU B 121 12.43 -18.79 3.45
N ASP B 122 11.25 -19.35 3.52
CA ASP B 122 10.50 -19.66 2.27
C ASP B 122 9.54 -18.51 1.90
N ALA B 123 9.33 -17.57 2.77
CA ALA B 123 8.41 -16.44 2.44
C ALA B 123 9.14 -15.36 1.64
N LEU B 124 8.51 -14.82 0.64
CA LEU B 124 9.15 -13.76 -0.18
C LEU B 124 9.20 -12.44 0.60
N GLU B 125 8.18 -12.16 1.36
CA GLU B 125 8.18 -10.88 2.14
C GLU B 125 7.19 -10.94 3.29
N ILE B 126 7.32 -10.05 4.23
CA ILE B 126 6.39 -10.04 5.39
C ILE B 126 5.90 -8.62 5.66
N ARG B 127 4.71 -8.49 6.17
CA ARG B 127 4.17 -7.13 6.48
C ARG B 127 3.87 -7.05 7.98
N LEU B 128 4.86 -6.78 8.78
CA LEU B 128 4.63 -6.69 10.25
C LEU B 128 3.29 -6.01 10.52
N VAL B 129 2.50 -6.56 11.39
CA VAL B 129 1.18 -5.95 11.68
C VAL B 129 1.17 -5.31 13.07
N SER B 130 1.28 -3.99 13.09
CA SER B 130 1.28 -3.23 14.36
C SER B 130 0.16 -2.18 14.33
N GLN B 131 0.32 -1.08 15.02
CA GLN B 131 -0.75 -0.04 15.01
C GLN B 131 -0.26 1.21 14.27
N ASP B 132 -0.05 1.12 12.99
CA ASP B 132 0.42 2.32 12.21
C ASP B 132 1.58 3.00 12.93
N GLY B 133 2.34 2.27 13.67
CA GLY B 133 3.49 2.87 14.40
C GLY B 133 3.48 2.37 15.85
N LYS B 134 3.48 1.08 16.03
CA LYS B 134 3.46 0.50 17.41
C LYS B 134 3.19 -1.00 17.32
N SER B 135 4.18 -1.80 17.53
CA SER B 135 3.99 -3.28 17.44
C SER B 135 2.62 -3.67 18.02
N LYS B 136 1.92 -4.52 17.33
CA LYS B 136 0.58 -4.97 17.82
C LYS B 136 0.58 -6.46 18.11
N GLY B 137 1.31 -7.25 17.35
CA GLY B 137 1.34 -8.71 17.62
C GLY B 137 1.01 -9.52 16.36
N ILE B 138 0.76 -8.91 15.21
CA ILE B 138 0.45 -9.75 14.04
C ILE B 138 1.52 -9.51 12.96
N ALA B 139 1.80 -10.48 12.14
CA ALA B 139 2.83 -10.29 11.09
C ALA B 139 2.35 -10.91 9.78
N TYR B 140 2.19 -10.13 8.74
CA TYR B 140 1.72 -10.73 7.45
C TYR B 140 2.90 -11.43 6.75
N ILE B 141 2.68 -12.60 6.24
CA ILE B 141 3.79 -13.32 5.55
C ILE B 141 3.35 -13.78 4.16
N GLU B 142 4.10 -13.43 3.15
CA GLU B 142 3.72 -13.82 1.77
C GLU B 142 4.71 -14.87 1.23
N PHE B 143 4.21 -16.00 0.80
CA PHE B 143 5.11 -17.06 0.26
C PHE B 143 4.93 -17.18 -1.26
N LYS B 144 5.58 -18.13 -1.86
CA LYS B 144 5.44 -18.31 -3.34
C LYS B 144 4.06 -18.87 -3.68
N SER B 145 3.37 -19.43 -2.71
CA SER B 145 2.02 -19.98 -2.99
C SER B 145 1.32 -20.33 -1.69
N GLU B 146 0.23 -21.03 -1.79
CA GLU B 146 -0.51 -21.45 -0.57
C GLU B 146 0.21 -22.66 0.03
N ALA B 147 0.60 -23.59 -0.80
CA ALA B 147 1.32 -24.77 -0.27
C ALA B 147 2.62 -24.32 0.37
N ASP B 148 3.26 -23.32 -0.18
CA ASP B 148 4.52 -22.82 0.44
C ASP B 148 4.16 -22.09 1.73
N ALA B 149 3.33 -21.09 1.63
CA ALA B 149 2.92 -20.36 2.87
C ALA B 149 2.24 -21.32 3.84
N GLU B 150 1.59 -22.34 3.34
CA GLU B 150 0.91 -23.30 4.24
C GLU B 150 1.94 -24.27 4.83
N LYS B 151 2.83 -24.79 4.02
CA LYS B 151 3.86 -25.73 4.55
C LYS B 151 4.68 -25.02 5.61
N ASN B 152 4.96 -23.76 5.41
CA ASN B 152 5.75 -23.00 6.42
C ASN B 152 4.85 -22.57 7.58
N LEU B 153 3.70 -22.05 7.28
CA LEU B 153 2.76 -21.63 8.36
C LEU B 153 2.53 -22.78 9.33
N GLU B 154 2.46 -23.97 8.82
CA GLU B 154 2.25 -25.15 9.71
C GLU B 154 3.59 -25.68 10.21
N GLU B 155 4.51 -25.89 9.30
CA GLU B 155 5.85 -26.42 9.71
C GLU B 155 6.50 -25.53 10.77
N LYS B 156 6.12 -24.28 10.85
CA LYS B 156 6.72 -23.38 11.87
C LYS B 156 5.75 -23.15 13.01
N GLN B 157 4.62 -22.56 12.70
CA GLN B 157 3.58 -22.28 13.74
C GLN B 157 4.19 -22.24 15.15
N GLY B 158 4.50 -21.08 15.66
CA GLY B 158 5.10 -21.01 17.02
C GLY B 158 6.43 -20.26 16.96
N ALA B 159 7.35 -20.72 16.17
CA ALA B 159 8.68 -20.04 16.06
C ALA B 159 9.06 -19.38 17.40
N GLU B 160 9.77 -20.08 18.23
CA GLU B 160 10.16 -19.48 19.55
C GLU B 160 11.19 -18.37 19.36
N ILE B 161 10.77 -17.14 19.45
CA ILE B 161 11.73 -16.01 19.29
C ILE B 161 11.48 -14.96 20.37
N ASP B 162 12.34 -14.00 20.49
CA ASP B 162 12.14 -12.94 21.52
C ASP B 162 11.58 -13.55 22.81
N GLY B 163 12.01 -14.73 23.16
CA GLY B 163 11.51 -15.36 24.40
C GLY B 163 9.99 -15.60 24.31
N ARG B 164 9.47 -15.71 23.12
CA ARG B 164 8.00 -15.96 22.97
C ARG B 164 7.74 -16.85 21.74
N SER B 165 6.50 -17.01 21.38
CA SER B 165 6.18 -17.87 20.20
C SER B 165 5.21 -17.14 19.28
N VAL B 166 5.37 -17.27 17.99
CA VAL B 166 4.45 -16.58 17.03
C VAL B 166 3.56 -17.59 16.30
N SER B 167 2.28 -17.32 16.23
CA SER B 167 1.36 -18.26 15.53
C SER B 167 1.21 -17.84 14.07
N LEU B 168 0.69 -18.71 13.25
CA LEU B 168 0.53 -18.36 11.81
C LEU B 168 -0.94 -18.47 11.39
N TYR B 169 -1.55 -17.38 11.05
CA TYR B 169 -2.99 -17.41 10.61
C TYR B 169 -3.08 -17.10 9.12
N TYR B 170 -3.42 -18.06 8.33
CA TYR B 170 -3.52 -17.85 6.85
C TYR B 170 -4.17 -16.52 6.51
N THR B 171 -4.24 -16.22 5.24
CA THR B 171 -4.86 -14.95 4.79
C THR B 171 -5.72 -15.17 3.55
N GLY B 172 -6.30 -16.33 3.44
CA GLY B 172 -7.16 -16.64 2.25
C GLY B 172 -8.62 -16.83 2.65
N GLU B 173 -8.90 -16.62 3.88
CA GLU B 173 -10.28 -16.78 4.40
C GLU B 173 -10.33 -16.34 5.88
N LYS B 174 -10.90 -17.12 6.76
CA LYS B 174 -10.93 -16.70 8.18
C LYS B 174 -9.76 -17.32 8.96
N GLY B 175 -8.64 -17.51 8.32
CA GLY B 175 -7.48 -18.12 9.02
C GLY B 175 -7.33 -17.49 10.40
N GLY B 1 12.51 21.80 -17.59
CA GLY B 1 12.17 20.66 -16.68
C GLY B 1 11.92 19.41 -17.52
N SER B 2 10.95 18.61 -17.13
CA SER B 2 10.66 17.37 -17.90
C SER B 2 9.42 16.68 -17.33
N HIS B 3 8.74 15.92 -18.15
CA HIS B 3 7.51 15.21 -17.66
C HIS B 3 7.52 13.75 -18.13
N MET B 4 6.45 13.04 -17.89
CA MET B 4 6.41 11.62 -18.32
C MET B 4 5.40 11.45 -19.47
N VAL B 5 5.17 10.23 -19.90
CA VAL B 5 4.20 10.00 -21.00
C VAL B 5 3.01 9.17 -20.50
N GLU B 6 2.11 8.83 -21.37
CA GLU B 6 0.92 8.03 -20.94
C GLU B 6 1.11 6.56 -21.33
N GLY B 7 1.55 5.74 -20.41
CA GLY B 7 1.75 4.29 -20.73
C GLY B 7 0.99 3.45 -19.70
N SER B 8 -0.19 3.87 -19.32
CA SER B 8 -0.96 3.08 -18.32
C SER B 8 -2.38 3.63 -18.19
N GLU B 9 -2.99 3.99 -19.28
CA GLU B 9 -4.37 4.54 -19.23
C GLU B 9 -4.45 5.70 -18.25
N SER B 10 -3.37 6.36 -18.08
CA SER B 10 -3.31 7.52 -17.15
C SER B 10 -3.90 8.75 -17.82
N THR B 11 -4.19 9.78 -17.05
CA THR B 11 -4.76 11.01 -17.64
C THR B 11 -3.84 12.21 -17.40
N THR B 12 -2.59 11.98 -17.08
CA THR B 12 -1.65 13.12 -16.84
C THR B 12 -0.28 12.60 -16.42
N PRO B 13 0.65 13.52 -16.35
CA PRO B 13 2.04 13.16 -15.99
C PRO B 13 2.22 13.10 -14.47
N PHE B 14 1.55 13.95 -13.73
CA PHE B 14 1.72 13.93 -12.25
C PHE B 14 0.62 13.10 -11.59
N ASN B 15 0.90 11.86 -11.28
CA ASN B 15 -0.10 11.01 -10.61
C ASN B 15 0.54 10.28 -9.43
N LEU B 16 -0.22 10.02 -8.41
CA LEU B 16 0.34 9.30 -7.23
C LEU B 16 -0.80 8.84 -6.32
N PHE B 17 -0.50 8.51 -5.10
CA PHE B 17 -1.58 8.04 -4.18
C PHE B 17 -1.65 8.89 -2.91
N ILE B 18 -2.77 8.81 -2.24
CA ILE B 18 -2.94 9.56 -0.96
C ILE B 18 -3.54 8.58 0.07
N GLY B 19 -3.48 8.91 1.32
CA GLY B 19 -4.05 8.00 2.35
C GLY B 19 -4.93 8.78 3.32
N ASN B 20 -5.70 8.10 4.12
CA ASN B 20 -6.59 8.81 5.08
C ASN B 20 -7.70 9.55 4.34
N LEU B 21 -8.43 8.87 3.50
CA LEU B 21 -9.53 9.56 2.76
C LEU B 21 -10.67 9.87 3.72
N ASN B 22 -11.56 8.94 3.94
CA ASN B 22 -12.70 9.19 4.87
C ASN B 22 -13.65 8.00 4.89
N PRO B 23 -13.39 7.08 5.78
CA PRO B 23 -14.24 5.88 5.91
C PRO B 23 -15.63 6.25 6.44
N ASN B 24 -15.81 7.45 6.94
CA ASN B 24 -17.14 7.87 7.45
C ASN B 24 -17.84 8.78 6.44
N LYS B 25 -17.42 8.75 5.20
CA LYS B 25 -18.07 9.62 4.17
C LYS B 25 -18.24 8.82 2.88
N SER B 26 -18.52 9.48 1.80
CA SER B 26 -18.70 8.77 0.51
C SER B 26 -17.54 9.07 -0.44
N VAL B 27 -17.47 8.36 -1.54
CA VAL B 27 -16.38 8.63 -2.52
C VAL B 27 -16.57 10.00 -3.15
N ALA B 28 -17.77 10.33 -3.53
CA ALA B 28 -18.02 11.67 -4.15
C ALA B 28 -17.63 12.77 -3.16
N GLU B 29 -17.68 12.50 -1.89
CA GLU B 29 -17.30 13.52 -0.87
C GLU B 29 -15.78 13.71 -0.85
N LEU B 30 -15.04 12.63 -0.88
CA LEU B 30 -13.57 12.75 -0.86
C LEU B 30 -13.10 13.45 -2.13
N LYS B 31 -13.72 13.14 -3.23
CA LYS B 31 -13.32 13.78 -4.52
C LYS B 31 -13.80 15.23 -4.57
N VAL B 32 -15.01 15.47 -4.14
CA VAL B 32 -15.53 16.87 -4.15
C VAL B 32 -14.78 17.70 -3.13
N ALA B 33 -14.50 17.14 -1.99
CA ALA B 33 -13.76 17.91 -0.95
C ALA B 33 -12.37 18.23 -1.50
N ILE B 34 -11.80 17.31 -2.21
CA ILE B 34 -10.46 17.56 -2.81
C ILE B 34 -10.64 18.39 -4.07
N SER B 35 -11.78 18.28 -4.72
CA SER B 35 -12.00 19.10 -5.95
C SER B 35 -12.34 20.54 -5.56
N GLU B 36 -12.93 20.71 -4.41
CA GLU B 36 -13.28 22.08 -3.96
C GLU B 36 -12.07 22.74 -3.29
N LEU B 37 -11.33 21.97 -2.57
CA LEU B 37 -10.13 22.52 -1.89
C LEU B 37 -9.07 22.89 -2.92
N PHE B 38 -9.05 22.20 -4.02
CA PHE B 38 -8.06 22.52 -5.07
C PHE B 38 -8.69 23.49 -6.08
N ALA B 39 -10.00 23.57 -6.10
CA ALA B 39 -10.67 24.49 -7.05
C ALA B 39 -10.75 25.89 -6.45
N LYS B 40 -10.77 25.96 -5.14
CA LYS B 40 -10.83 27.29 -4.47
C LYS B 40 -9.41 27.75 -4.16
N ASN B 41 -8.49 26.84 -4.03
CA ASN B 41 -7.09 27.24 -3.74
C ASN B 41 -6.42 27.69 -5.04
N ASP B 42 -6.81 27.08 -6.15
CA ASP B 42 -6.22 27.40 -7.49
C ASP B 42 -5.15 26.36 -7.77
N LEU B 43 -5.41 25.17 -7.34
CA LEU B 43 -4.43 24.08 -7.56
C LEU B 43 -4.50 23.65 -9.03
N ALA B 44 -4.20 22.43 -9.28
CA ALA B 44 -4.24 21.92 -10.67
C ALA B 44 -4.55 20.42 -10.63
N VAL B 45 -5.75 20.08 -10.27
CA VAL B 45 -6.11 18.65 -10.20
C VAL B 45 -6.60 18.18 -11.56
N VAL B 46 -6.19 17.03 -11.92
CA VAL B 46 -6.57 16.45 -13.24
C VAL B 46 -7.33 15.13 -13.04
N ASP B 47 -6.87 14.29 -12.14
CA ASP B 47 -7.58 13.00 -11.92
C ASP B 47 -7.70 12.72 -10.41
N VAL B 48 -8.56 11.80 -10.05
CA VAL B 48 -8.76 11.45 -8.62
C VAL B 48 -9.32 10.02 -8.52
N ARG B 49 -9.31 9.46 -7.36
CA ARG B 49 -9.83 8.07 -7.17
C ARG B 49 -9.87 7.77 -5.68
N THR B 50 -10.28 6.60 -5.25
CA THR B 50 -10.31 6.35 -3.79
C THR B 50 -9.50 5.12 -3.41
N GLY B 51 -9.20 5.00 -2.16
CA GLY B 51 -8.42 3.85 -1.66
C GLY B 51 -9.39 2.85 -1.07
N THR B 52 -10.25 2.34 -1.93
CA THR B 52 -11.32 1.37 -1.58
C THR B 52 -11.79 1.45 -0.16
N ASN B 53 -12.92 2.05 -0.02
CA ASN B 53 -13.62 2.24 1.28
C ASN B 53 -13.18 3.56 1.88
N ARG B 54 -12.80 4.49 1.04
CA ARG B 54 -12.35 5.80 1.53
C ARG B 54 -11.13 5.64 2.47
N LYS B 55 -10.48 4.50 2.47
CA LYS B 55 -9.28 4.34 3.36
C LYS B 55 -8.19 5.23 2.80
N PHE B 56 -7.85 5.05 1.55
CA PHE B 56 -6.81 5.93 0.96
C PHE B 56 -7.30 6.39 -0.41
N GLY B 57 -6.46 6.59 -1.39
CA GLY B 57 -7.02 7.04 -2.70
C GLY B 57 -5.93 7.45 -3.68
N TYR B 58 -6.34 7.95 -4.81
CA TYR B 58 -5.39 8.37 -5.87
C TYR B 58 -5.76 9.72 -6.41
N VAL B 59 -4.78 10.43 -6.87
CA VAL B 59 -5.05 11.77 -7.41
C VAL B 59 -3.94 12.18 -8.38
N ASP B 60 -4.29 12.76 -9.49
CA ASP B 60 -3.26 13.19 -10.47
C ASP B 60 -3.34 14.70 -10.66
N PHE B 61 -2.23 15.33 -10.92
CA PHE B 61 -2.26 16.81 -11.12
C PHE B 61 -1.77 17.15 -12.52
N GLU B 62 -1.47 18.39 -12.81
CA GLU B 62 -1.04 18.73 -14.20
C GLU B 62 0.19 19.65 -14.25
N SER B 63 0.97 19.70 -13.22
CA SER B 63 2.17 20.61 -13.29
C SER B 63 3.23 20.27 -12.26
N ALA B 64 4.32 20.96 -12.36
CA ALA B 64 5.41 20.80 -11.38
C ALA B 64 5.05 21.61 -10.14
N GLU B 65 4.24 22.62 -10.35
CA GLU B 65 3.79 23.46 -9.21
C GLU B 65 2.75 22.71 -8.41
N ASP B 66 2.02 21.82 -9.05
CA ASP B 66 1.03 21.01 -8.32
C ASP B 66 1.81 19.94 -7.58
N LEU B 67 2.86 19.48 -8.20
CA LEU B 67 3.69 18.44 -7.57
C LEU B 67 4.31 18.99 -6.29
N GLU B 68 4.77 20.22 -6.33
CA GLU B 68 5.37 20.84 -5.12
C GLU B 68 4.27 21.02 -4.07
N LYS B 69 3.06 21.25 -4.50
CA LYS B 69 1.96 21.38 -3.54
C LYS B 69 1.58 19.96 -3.14
N ALA B 70 1.79 19.03 -4.02
CA ALA B 70 1.50 17.63 -3.68
C ALA B 70 2.31 17.24 -2.45
N LEU B 71 3.50 17.79 -2.34
CA LEU B 71 4.34 17.51 -1.15
C LEU B 71 3.72 18.20 0.04
N GLU B 72 3.29 19.42 -0.15
CA GLU B 72 2.64 20.17 0.97
C GLU B 72 1.11 19.97 0.92
N LEU B 73 0.64 18.97 0.21
CA LEU B 73 -0.83 18.71 0.12
C LEU B 73 -1.32 17.87 1.30
N THR B 74 -0.41 17.34 2.09
CA THR B 74 -0.83 16.49 3.25
C THR B 74 -1.45 17.30 4.40
N GLY B 75 -1.61 18.56 4.23
CA GLY B 75 -2.22 19.39 5.30
C GLY B 75 -3.72 19.59 5.02
N LEU B 76 -4.30 18.79 4.15
CA LEU B 76 -5.73 18.93 3.82
C LEU B 76 -6.56 17.90 4.58
N LYS B 77 -7.55 18.33 5.31
CA LYS B 77 -8.40 17.34 6.02
C LYS B 77 -9.62 17.05 5.21
N VAL B 78 -9.48 16.14 4.32
CA VAL B 78 -10.63 15.75 3.45
C VAL B 78 -11.86 15.52 4.34
N PHE B 79 -12.94 16.20 4.08
CA PHE B 79 -14.17 16.05 4.91
C PHE B 79 -13.81 15.68 6.36
N GLY B 80 -12.82 16.32 6.93
CA GLY B 80 -12.45 16.01 8.34
C GLY B 80 -11.46 14.84 8.38
N ASN B 81 -10.67 14.68 7.36
CA ASN B 81 -9.68 13.57 7.34
C ASN B 81 -8.41 14.03 6.62
N GLU B 82 -7.36 14.26 7.35
CA GLU B 82 -6.09 14.71 6.71
C GLU B 82 -5.59 13.65 5.74
N ILE B 83 -5.65 13.93 4.47
CA ILE B 83 -5.18 12.95 3.47
C ILE B 83 -3.66 13.03 3.31
N LYS B 84 -3.00 11.91 3.35
CA LYS B 84 -1.52 11.91 3.17
C LYS B 84 -1.20 11.64 1.72
N LEU B 85 -0.02 11.97 1.30
CA LEU B 85 0.36 11.74 -0.11
C LEU B 85 1.60 10.87 -0.16
N GLU B 86 1.93 10.40 -1.32
CA GLU B 86 3.14 9.53 -1.45
C GLU B 86 3.19 8.89 -2.84
N LYS B 87 4.36 8.73 -3.39
CA LYS B 87 4.47 8.10 -4.74
C LYS B 87 3.48 6.93 -4.84
N PRO B 88 2.92 6.76 -6.00
CA PRO B 88 1.95 5.66 -6.23
C PRO B 88 2.67 4.31 -6.24
N LYS B 89 1.96 3.26 -6.54
CA LYS B 89 2.62 1.91 -6.56
C LYS B 89 1.87 0.97 -7.51
N GLY B 90 0.60 0.77 -7.30
CA GLY B 90 -0.17 -0.15 -8.19
C GLY B 90 0.41 -1.56 -8.10
N ARG B 91 -0.05 -2.46 -8.94
CA ARG B 91 0.48 -3.86 -8.91
C ARG B 91 0.25 -4.47 -7.52
N ASP B 92 -0.46 -5.58 -7.45
CA ASP B 92 -0.72 -6.20 -6.13
C ASP B 92 -1.53 -5.24 -5.28
N SER B 93 -2.82 -5.22 -5.46
CA SER B 93 -3.68 -4.30 -4.67
C SER B 93 -3.91 -4.84 -3.27
N LYS B 94 -2.86 -5.10 -2.53
CA LYS B 94 -3.00 -5.63 -1.15
C LYS B 94 -3.71 -7.00 -1.12
N LYS B 95 -4.91 -7.10 -1.63
CA LYS B 95 -5.62 -8.41 -1.59
C LYS B 95 -5.01 -9.36 -2.61
N VAL B 96 -4.25 -8.85 -3.51
CA VAL B 96 -3.63 -9.73 -4.53
C VAL B 96 -2.35 -10.32 -3.94
N ARG B 97 -1.44 -9.49 -3.51
CA ARG B 97 -0.21 -10.04 -2.90
C ARG B 97 -0.59 -11.00 -1.78
N ALA B 98 -1.74 -10.82 -1.17
CA ALA B 98 -2.16 -11.75 -0.09
C ALA B 98 -1.96 -13.19 -0.51
N ALA B 99 -2.21 -13.49 -1.77
CA ALA B 99 -2.04 -14.90 -2.23
C ALA B 99 -0.65 -15.40 -1.89
N ARG B 100 0.36 -14.65 -2.16
CA ARG B 100 1.73 -15.09 -1.81
C ARG B 100 2.13 -14.46 -0.48
N THR B 101 1.18 -14.23 0.39
CA THR B 101 1.52 -13.60 1.70
C THR B 101 0.86 -14.33 2.88
N LEU B 102 1.28 -14.02 4.06
CA LEU B 102 0.69 -14.66 5.29
C LEU B 102 0.92 -13.75 6.50
N LEU B 103 0.10 -13.85 7.51
CA LEU B 103 0.28 -12.96 8.69
C LEU B 103 0.95 -13.69 9.87
N ALA B 104 2.20 -13.42 10.13
CA ALA B 104 2.83 -14.08 11.31
C ALA B 104 2.10 -13.58 12.56
N LYS B 105 1.59 -14.46 13.40
CA LYS B 105 0.84 -13.97 14.59
C LYS B 105 1.54 -14.37 15.88
N ASN B 106 1.08 -13.84 17.00
CA ASN B 106 1.70 -14.16 18.31
C ASN B 106 3.08 -13.49 18.42
N LEU B 107 3.23 -12.35 17.80
CA LEU B 107 4.55 -11.64 17.87
C LEU B 107 4.62 -10.81 19.15
N SER B 108 5.64 -10.02 19.30
CA SER B 108 5.77 -9.19 20.53
C SER B 108 6.23 -7.77 20.17
N PHE B 109 6.63 -7.00 21.15
CA PHE B 109 7.09 -5.61 20.87
C PHE B 109 8.60 -5.58 20.62
N ASN B 110 9.31 -6.61 20.99
CA ASN B 110 10.78 -6.62 20.77
C ASN B 110 11.10 -7.19 19.39
N ILE B 111 10.29 -8.08 18.90
CA ILE B 111 10.57 -8.66 17.55
C ILE B 111 10.25 -7.63 16.47
N THR B 112 10.71 -7.85 15.27
CA THR B 112 10.43 -6.88 14.17
C THR B 112 10.65 -7.52 12.79
N GLU B 113 10.40 -6.79 11.75
CA GLU B 113 10.60 -7.34 10.38
C GLU B 113 12.01 -7.90 10.24
N ASP B 114 12.95 -7.35 10.98
CA ASP B 114 14.35 -7.87 10.88
C ASP B 114 14.39 -9.32 11.34
N GLU B 115 13.82 -9.60 12.47
CA GLU B 115 13.81 -11.00 12.99
C GLU B 115 12.88 -11.86 12.11
N LEU B 116 11.86 -11.25 11.59
CA LEU B 116 10.93 -12.01 10.71
C LEU B 116 11.60 -12.20 9.36
N LYS B 117 12.22 -11.17 8.87
CA LYS B 117 12.92 -11.29 7.58
C LYS B 117 14.15 -12.19 7.75
N GLU B 118 14.68 -12.22 8.93
CA GLU B 118 15.85 -13.08 9.22
C GLU B 118 15.38 -14.50 9.53
N VAL B 119 14.17 -14.66 10.00
CA VAL B 119 13.65 -16.02 10.29
C VAL B 119 13.21 -16.67 8.98
N PHE B 120 12.64 -15.90 8.11
CA PHE B 120 12.20 -16.47 6.82
C PHE B 120 13.31 -16.37 5.79
N GLU B 121 14.06 -15.32 5.83
CA GLU B 121 15.17 -15.14 4.85
C GLU B 121 14.70 -15.52 3.44
N ASP B 122 13.44 -15.36 3.17
CA ASP B 122 12.91 -15.71 1.82
C ASP B 122 11.79 -14.74 1.45
N ALA B 123 10.84 -14.54 2.34
CA ALA B 123 9.72 -13.61 2.06
C ALA B 123 10.20 -12.42 1.22
N LEU B 124 9.57 -12.18 0.10
CA LEU B 124 9.98 -11.02 -0.73
C LEU B 124 9.82 -9.74 0.08
N GLU B 125 8.86 -9.73 0.96
CA GLU B 125 8.64 -8.51 1.79
C GLU B 125 7.74 -8.83 2.99
N ILE B 126 7.68 -7.93 3.94
CA ILE B 126 6.85 -8.16 5.15
C ILE B 126 6.16 -6.87 5.58
N ARG B 127 4.99 -6.97 6.14
CA ARG B 127 4.27 -5.76 6.61
C ARG B 127 3.95 -5.89 8.10
N LEU B 128 4.87 -5.51 8.95
CA LEU B 128 4.62 -5.62 10.42
C LEU B 128 3.19 -5.18 10.72
N VAL B 129 2.46 -5.98 11.45
CA VAL B 129 1.05 -5.62 11.77
C VAL B 129 0.93 -5.16 13.21
N SER B 130 0.82 -3.86 13.40
CA SER B 130 0.68 -3.29 14.76
C SER B 130 -0.48 -2.29 14.81
N GLN B 131 -0.85 -1.85 15.99
CA GLN B 131 -1.99 -0.89 16.10
C GLN B 131 -1.63 0.43 15.42
N ASP B 132 -2.54 1.38 15.43
CA ASP B 132 -2.25 2.69 14.78
C ASP B 132 -0.82 3.14 15.08
N GLY B 133 -0.33 2.86 16.26
CA GLY B 133 1.06 3.26 16.61
C GLY B 133 1.54 2.45 17.80
N LYS B 134 1.58 1.15 17.68
CA LYS B 134 2.05 0.31 18.81
C LYS B 134 2.04 -1.17 18.40
N SER B 135 3.15 -1.84 18.53
CA SER B 135 3.19 -3.27 18.12
C SER B 135 1.91 -3.98 18.57
N LYS B 136 1.33 -4.73 17.67
CA LYS B 136 0.07 -5.46 18.01
C LYS B 136 0.37 -6.95 18.15
N GLY B 137 1.21 -7.48 17.31
CA GLY B 137 1.54 -8.91 17.41
C GLY B 137 1.40 -9.63 16.07
N ILE B 138 1.05 -8.96 14.99
CA ILE B 138 0.93 -9.72 13.72
C ILE B 138 1.97 -9.19 12.72
N ALA B 139 2.43 -10.02 11.82
CA ALA B 139 3.43 -9.54 10.82
C ALA B 139 3.09 -10.11 9.45
N TYR B 140 2.78 -9.26 8.50
CA TYR B 140 2.45 -9.77 7.15
C TYR B 140 3.74 -10.24 6.48
N ILE B 141 3.71 -11.35 5.78
CA ILE B 141 4.95 -11.83 5.14
C ILE B 141 4.67 -12.35 3.73
N GLU B 142 5.35 -11.81 2.75
CA GLU B 142 5.12 -12.26 1.34
C GLU B 142 6.26 -13.17 0.87
N PHE B 143 5.94 -14.36 0.41
CA PHE B 143 7.01 -15.29 -0.05
C PHE B 143 7.05 -15.35 -1.59
N LYS B 144 7.97 -16.11 -2.11
CA LYS B 144 8.08 -16.25 -3.60
C LYS B 144 6.70 -16.50 -4.20
N SER B 145 5.84 -17.13 -3.47
CA SER B 145 4.47 -17.43 -3.99
C SER B 145 3.58 -17.92 -2.87
N GLU B 146 2.47 -18.49 -3.23
CA GLU B 146 1.56 -19.04 -2.19
C GLU B 146 2.13 -20.37 -1.71
N ALA B 147 2.55 -21.20 -2.62
CA ALA B 147 3.14 -22.49 -2.22
C ALA B 147 4.41 -22.24 -1.41
N ASP B 148 5.12 -21.18 -1.74
CA ASP B 148 6.35 -20.88 -0.96
C ASP B 148 5.94 -20.41 0.43
N ALA B 149 5.13 -19.37 0.50
CA ALA B 149 4.67 -18.90 1.84
C ALA B 149 3.95 -20.04 2.55
N GLU B 150 3.19 -20.82 1.81
CA GLU B 150 2.47 -21.96 2.45
C GLU B 150 3.45 -23.08 2.77
N LYS B 151 4.41 -23.33 1.91
CA LYS B 151 5.40 -24.41 2.20
C LYS B 151 6.14 -24.07 3.49
N ASN B 152 6.43 -22.81 3.70
CA ASN B 152 7.14 -22.40 4.95
C ASN B 152 6.18 -22.50 6.13
N LEU B 153 5.02 -21.88 6.01
CA LEU B 153 4.02 -21.95 7.10
C LEU B 153 3.88 -23.38 7.58
N GLU B 154 3.74 -24.29 6.66
CA GLU B 154 3.63 -25.72 7.06
C GLU B 154 5.01 -26.23 7.44
N GLU B 155 6.03 -25.72 6.81
CA GLU B 155 7.41 -26.17 7.14
C GLU B 155 7.65 -26.08 8.65
N LYS B 156 7.28 -24.98 9.26
CA LYS B 156 7.50 -24.85 10.73
C LYS B 156 7.36 -23.40 11.19
N GLN B 157 6.20 -22.82 11.02
CA GLN B 157 5.99 -21.43 11.48
C GLN B 157 6.35 -21.34 12.97
N GLY B 158 5.70 -20.50 13.70
CA GLY B 158 6.02 -20.40 15.15
C GLY B 158 7.38 -19.72 15.34
N ALA B 159 8.44 -20.31 14.87
CA ALA B 159 9.78 -19.68 15.04
C ALA B 159 9.90 -19.11 16.46
N GLU B 160 10.44 -19.87 17.38
CA GLU B 160 10.57 -19.36 18.78
C GLU B 160 11.42 -18.09 18.85
N ILE B 161 10.80 -16.96 19.04
CA ILE B 161 11.58 -15.69 19.15
C ILE B 161 11.08 -14.90 20.36
N ASP B 162 11.81 -13.90 20.76
CA ASP B 162 11.37 -13.09 21.93
C ASP B 162 10.71 -13.97 23.00
N GLY B 163 11.21 -15.15 23.21
CA GLY B 163 10.63 -16.05 24.23
C GLY B 163 9.16 -16.36 23.88
N ARG B 164 8.77 -16.24 22.65
CA ARG B 164 7.37 -16.54 22.25
C ARG B 164 7.33 -17.07 20.82
N SER B 165 6.38 -17.90 20.50
CA SER B 165 6.31 -18.45 19.12
C SER B 165 5.38 -17.62 18.23
N VAL B 166 5.77 -17.44 16.99
CA VAL B 166 4.92 -16.66 16.05
C VAL B 166 4.23 -17.62 15.08
N SER B 167 2.93 -17.66 15.10
CA SER B 167 2.20 -18.58 14.18
C SER B 167 1.99 -17.91 12.83
N LEU B 168 2.33 -18.59 11.78
CA LEU B 168 2.15 -18.01 10.43
C LEU B 168 0.71 -18.23 9.94
N TYR B 169 0.00 -17.17 9.67
CA TYR B 169 -1.41 -17.35 9.19
C TYR B 169 -1.56 -16.79 7.77
N TYR B 170 -1.72 -17.66 6.82
CA TYR B 170 -1.87 -17.23 5.39
C TYR B 170 -2.76 -15.98 5.27
N THR B 171 -2.91 -15.51 4.08
CA THR B 171 -3.75 -14.30 3.83
C THR B 171 -4.83 -14.61 2.80
N GLY B 172 -5.78 -15.43 3.14
CA GLY B 172 -6.85 -15.77 2.17
C GLY B 172 -7.96 -16.53 2.89
N GLU B 173 -9.16 -16.47 2.39
CA GLU B 173 -10.28 -17.20 3.05
C GLU B 173 -9.97 -18.70 3.15
N LYS B 174 -9.25 -19.23 2.21
CA LYS B 174 -8.91 -20.68 2.25
C LYS B 174 -8.54 -21.10 3.68
N GLY B 175 -7.93 -20.22 4.43
CA GLY B 175 -7.55 -20.57 5.82
C GLY B 175 -8.69 -21.35 6.49
N GLY B 1 14.64 19.31 -16.54
CA GLY B 1 13.22 19.16 -16.96
C GLY B 1 12.94 17.69 -17.29
N SER B 2 13.38 17.23 -18.43
CA SER B 2 13.15 15.82 -18.81
C SER B 2 14.29 14.93 -18.31
N HIS B 3 14.18 13.64 -18.48
CA HIS B 3 15.26 12.73 -18.03
C HIS B 3 14.84 11.27 -18.24
N MET B 4 15.66 10.49 -18.89
CA MET B 4 15.30 9.06 -19.13
C MET B 4 13.89 8.98 -19.73
N VAL B 5 13.35 7.80 -19.80
CA VAL B 5 11.97 7.65 -20.37
C VAL B 5 10.98 7.28 -19.27
N GLU B 6 10.02 8.13 -19.01
CA GLU B 6 9.02 7.83 -17.95
C GLU B 6 7.88 6.99 -18.53
N GLY B 7 7.22 6.21 -17.71
CA GLY B 7 6.10 5.38 -18.21
C GLY B 7 4.86 6.25 -18.42
N SER B 8 4.69 6.79 -19.60
CA SER B 8 3.50 7.64 -19.87
C SER B 8 2.43 6.85 -20.62
N GLU B 9 2.30 5.57 -20.33
CA GLU B 9 1.27 4.75 -21.02
C GLU B 9 0.02 4.61 -20.16
N SER B 10 -0.21 5.56 -19.34
CA SER B 10 -1.41 5.53 -18.45
C SER B 10 -2.33 6.70 -18.79
N THR B 11 -3.17 7.11 -17.87
CA THR B 11 -4.08 8.25 -18.15
C THR B 11 -3.29 9.54 -18.37
N THR B 12 -2.04 9.56 -18.02
CA THR B 12 -1.22 10.78 -18.21
C THR B 12 0.25 10.50 -17.85
N PRO B 13 1.06 11.52 -17.95
CA PRO B 13 2.50 11.37 -17.64
C PRO B 13 2.76 11.24 -16.14
N PHE B 14 1.97 11.88 -15.31
CA PHE B 14 2.23 11.77 -13.84
C PHE B 14 1.05 11.12 -13.10
N ASN B 15 1.27 9.96 -12.54
CA ASN B 15 0.20 9.28 -11.78
C ASN B 15 0.79 8.67 -10.51
N LEU B 16 -0.01 8.43 -9.53
CA LEU B 16 0.51 7.84 -8.27
C LEU B 16 -0.64 7.55 -7.30
N PHE B 17 -0.32 7.24 -6.08
CA PHE B 17 -1.39 6.93 -5.10
C PHE B 17 -1.42 7.97 -3.97
N ILE B 18 -2.55 8.04 -3.30
CA ILE B 18 -2.70 8.98 -2.15
C ILE B 18 -3.23 8.18 -0.96
N GLY B 19 -3.08 8.68 0.23
CA GLY B 19 -3.56 7.92 1.41
C GLY B 19 -4.31 8.86 2.37
N ASN B 20 -4.95 8.30 3.36
CA ASN B 20 -5.69 9.14 4.34
C ASN B 20 -6.80 9.95 3.67
N LEU B 21 -7.70 9.31 2.96
CA LEU B 21 -8.80 10.07 2.31
C LEU B 21 -9.79 10.53 3.38
N ASN B 22 -10.75 9.70 3.73
CA ASN B 22 -11.75 10.06 4.79
C ASN B 22 -12.96 9.14 4.67
N PRO B 23 -13.05 8.20 5.58
CA PRO B 23 -14.16 7.24 5.58
C PRO B 23 -15.47 7.87 6.09
N ASN B 24 -15.45 9.12 6.50
CA ASN B 24 -16.70 9.76 7.00
C ASN B 24 -17.26 10.72 5.95
N LYS B 25 -16.83 10.60 4.71
CA LYS B 25 -17.33 11.51 3.66
C LYS B 25 -17.71 10.68 2.43
N SER B 26 -17.82 11.31 1.30
CA SER B 26 -18.16 10.56 0.06
C SER B 26 -16.98 10.57 -0.89
N VAL B 27 -16.93 9.66 -1.82
CA VAL B 27 -15.79 9.65 -2.75
C VAL B 27 -15.78 10.94 -3.59
N ALA B 28 -16.91 11.31 -4.14
CA ALA B 28 -16.95 12.57 -4.95
C ALA B 28 -16.40 13.73 -4.12
N GLU B 29 -16.62 13.70 -2.84
CA GLU B 29 -16.10 14.81 -1.98
C GLU B 29 -14.59 14.65 -1.76
N LEU B 30 -14.14 13.43 -1.63
CA LEU B 30 -12.68 13.21 -1.44
C LEU B 30 -11.96 13.65 -2.71
N LYS B 31 -12.48 13.21 -3.83
CA LYS B 31 -11.85 13.60 -5.13
C LYS B 31 -12.10 15.07 -5.43
N VAL B 32 -13.32 15.52 -5.27
CA VAL B 32 -13.61 16.95 -5.56
C VAL B 32 -12.83 17.85 -4.60
N ALA B 33 -12.61 17.39 -3.40
CA ALA B 33 -11.85 18.24 -2.44
C ALA B 33 -10.44 18.41 -2.99
N ILE B 34 -9.89 17.36 -3.50
CA ILE B 34 -8.54 17.46 -4.10
C ILE B 34 -8.65 18.11 -5.48
N SER B 35 -9.79 17.97 -6.12
CA SER B 35 -9.96 18.60 -7.46
C SER B 35 -10.16 20.11 -7.30
N GLU B 36 -10.77 20.51 -6.22
CA GLU B 36 -11.00 21.96 -5.99
C GLU B 36 -9.72 22.59 -5.47
N LEU B 37 -9.05 21.92 -4.57
CA LEU B 37 -7.80 22.48 -4.03
C LEU B 37 -6.80 22.68 -5.16
N PHE B 38 -6.85 21.83 -6.16
CA PHE B 38 -5.92 22.01 -7.30
C PHE B 38 -6.57 22.94 -8.34
N ALA B 39 -7.85 23.14 -8.27
CA ALA B 39 -8.51 24.04 -9.26
C ALA B 39 -8.47 25.48 -8.74
N LYS B 40 -8.50 25.65 -7.45
CA LYS B 40 -8.44 27.02 -6.88
C LYS B 40 -6.98 27.42 -6.64
N ASN B 41 -6.12 26.45 -6.46
CA ASN B 41 -4.69 26.77 -6.25
C ASN B 41 -4.09 27.23 -7.57
N ASP B 42 -4.28 26.41 -8.60
CA ASP B 42 -3.79 26.68 -9.98
C ASP B 42 -3.12 25.43 -10.54
N LEU B 43 -3.62 24.28 -10.21
CA LEU B 43 -3.02 23.03 -10.71
C LEU B 43 -3.92 22.44 -11.79
N ALA B 44 -3.76 21.19 -12.07
CA ALA B 44 -4.61 20.54 -13.10
C ALA B 44 -4.70 19.05 -12.81
N VAL B 45 -5.37 18.70 -11.74
CA VAL B 45 -5.50 17.27 -11.40
C VAL B 45 -6.10 16.52 -12.57
N VAL B 46 -5.33 15.68 -13.16
CA VAL B 46 -5.80 14.89 -14.33
C VAL B 46 -6.80 13.82 -13.88
N ASP B 47 -6.56 13.20 -12.76
CA ASP B 47 -7.51 12.15 -12.27
C ASP B 47 -7.32 11.91 -10.76
N VAL B 48 -8.28 11.27 -10.14
CA VAL B 48 -8.16 10.99 -8.69
C VAL B 48 -9.12 9.86 -8.30
N ARG B 49 -8.62 8.88 -7.61
CA ARG B 49 -9.49 7.74 -7.21
C ARG B 49 -9.56 7.63 -5.69
N THR B 50 -10.00 6.49 -5.21
CA THR B 50 -10.06 6.31 -3.73
C THR B 50 -9.33 5.05 -3.31
N GLY B 51 -8.93 5.03 -2.09
CA GLY B 51 -8.22 3.85 -1.55
C GLY B 51 -9.24 2.99 -0.84
N THR B 52 -10.18 2.49 -1.62
CA THR B 52 -11.30 1.65 -1.16
C THR B 52 -11.69 1.90 0.28
N ASN B 53 -12.73 2.66 0.41
CA ASN B 53 -13.33 3.02 1.72
C ASN B 53 -12.72 4.34 2.18
N ARG B 54 -12.36 5.19 1.24
CA ARG B 54 -11.78 6.49 1.61
C ARG B 54 -10.54 6.29 2.51
N LYS B 55 -9.96 5.11 2.57
CA LYS B 55 -8.74 4.95 3.41
C LYS B 55 -7.60 5.64 2.69
N PHE B 56 -7.37 5.26 1.47
CA PHE B 56 -6.29 5.97 0.69
C PHE B 56 -6.84 6.30 -0.69
N GLY B 57 -6.11 6.13 -1.75
CA GLY B 57 -6.70 6.45 -3.08
C GLY B 57 -5.66 6.74 -4.13
N TYR B 58 -6.05 7.39 -5.19
CA TYR B 58 -5.07 7.67 -6.28
C TYR B 58 -5.24 9.07 -6.86
N VAL B 59 -4.42 9.39 -7.81
CA VAL B 59 -4.48 10.72 -8.46
C VAL B 59 -3.46 10.79 -9.59
N ASP B 60 -3.67 11.70 -10.48
CA ASP B 60 -2.75 11.85 -11.62
C ASP B 60 -2.60 13.32 -11.97
N PHE B 61 -1.42 13.71 -12.38
CA PHE B 61 -1.21 15.13 -12.74
C PHE B 61 -0.94 15.26 -14.24
N GLU B 62 -0.90 16.47 -14.75
CA GLU B 62 -0.68 16.64 -16.21
C GLU B 62 0.70 17.23 -16.52
N SER B 63 1.56 17.27 -15.55
CA SER B 63 2.93 17.83 -15.82
C SER B 63 3.90 17.52 -14.70
N ALA B 64 5.15 17.80 -14.95
CA ALA B 64 6.18 17.60 -13.90
C ALA B 64 6.10 18.80 -12.97
N GLU B 65 5.63 19.90 -13.49
CA GLU B 65 5.46 21.12 -12.65
C GLU B 65 4.21 20.98 -11.80
N ASP B 66 3.25 20.20 -12.27
CA ASP B 66 2.02 19.98 -11.49
C ASP B 66 2.32 18.88 -10.47
N LEU B 67 3.26 18.02 -10.80
CA LEU B 67 3.63 16.94 -9.86
C LEU B 67 4.45 17.53 -8.71
N GLU B 68 5.30 18.49 -9.03
CA GLU B 68 6.13 19.13 -7.96
C GLU B 68 5.24 20.00 -7.06
N LYS B 69 4.25 20.61 -7.65
CA LYS B 69 3.31 21.41 -6.84
C LYS B 69 2.38 20.42 -6.17
N ALA B 70 2.15 19.32 -6.83
CA ALA B 70 1.30 18.28 -6.23
C ALA B 70 2.00 17.69 -5.00
N LEU B 71 3.31 17.76 -4.97
CA LEU B 71 4.06 17.23 -3.81
C LEU B 71 3.84 18.18 -2.65
N GLU B 72 4.05 19.44 -2.88
CA GLU B 72 3.80 20.41 -1.77
C GLU B 72 2.31 20.47 -1.51
N LEU B 73 1.52 20.21 -2.52
CA LEU B 73 0.04 20.25 -2.35
C LEU B 73 -0.41 19.16 -1.37
N THR B 74 0.42 18.18 -1.12
CA THR B 74 0.06 17.08 -0.16
C THR B 74 -0.86 17.56 0.93
N GLY B 75 -0.66 18.76 1.33
CA GLY B 75 -1.53 19.36 2.40
C GLY B 75 -3.01 19.02 2.17
N LEU B 76 -3.42 18.73 0.95
CA LEU B 76 -4.84 18.42 0.68
C LEU B 76 -5.53 17.75 1.86
N LYS B 77 -6.24 18.50 2.62
CA LYS B 77 -6.98 17.90 3.76
C LYS B 77 -8.34 17.47 3.29
N VAL B 78 -8.42 16.29 2.84
CA VAL B 78 -9.72 15.76 2.37
C VAL B 78 -10.74 15.98 3.49
N PHE B 79 -11.63 16.93 3.33
CA PHE B 79 -12.64 17.22 4.38
C PHE B 79 -12.01 17.07 5.77
N GLY B 80 -10.84 17.59 5.97
CA GLY B 80 -10.17 17.48 7.31
C GLY B 80 -9.23 16.28 7.33
N ASN B 81 -8.75 15.87 6.20
CA ASN B 81 -7.82 14.71 6.15
C ASN B 81 -6.67 14.99 5.18
N GLU B 82 -5.61 15.57 5.66
CA GLU B 82 -4.44 15.87 4.76
C GLU B 82 -3.93 14.59 4.11
N ILE B 83 -4.54 14.20 3.04
CA ILE B 83 -4.13 12.95 2.35
C ILE B 83 -2.62 12.87 2.20
N LYS B 84 -2.12 11.68 2.03
CA LYS B 84 -0.65 11.47 1.86
C LYS B 84 -0.38 10.87 0.48
N LEU B 85 0.44 11.50 -0.30
CA LEU B 85 0.74 10.98 -1.65
C LEU B 85 2.00 10.11 -1.59
N GLU B 86 2.29 9.46 -2.67
CA GLU B 86 3.48 8.57 -2.70
C GLU B 86 3.48 7.73 -3.98
N LYS B 87 4.64 7.45 -4.53
CA LYS B 87 4.71 6.65 -5.77
C LYS B 87 3.67 5.51 -5.75
N PRO B 88 3.06 5.30 -6.88
CA PRO B 88 2.04 4.23 -7.00
C PRO B 88 2.73 2.86 -7.00
N LYS B 89 2.06 1.83 -6.56
CA LYS B 89 2.72 0.48 -6.55
C LYS B 89 1.98 -0.51 -7.46
N GLY B 90 0.69 -0.40 -7.64
CA GLY B 90 -0.02 -1.36 -8.52
C GLY B 90 -1.31 -1.82 -7.85
N ARG B 91 -1.42 -3.09 -7.55
CA ARG B 91 -2.66 -3.59 -6.91
C ARG B 91 -2.47 -5.06 -6.51
N ASP B 92 -3.49 -5.86 -6.61
CA ASP B 92 -3.36 -7.30 -6.23
C ASP B 92 -2.57 -7.45 -4.93
N SER B 93 -2.22 -8.66 -4.59
CA SER B 93 -1.44 -8.89 -3.34
C SER B 93 -2.25 -8.54 -2.09
N LYS B 94 -2.47 -7.28 -1.85
CA LYS B 94 -3.22 -6.86 -0.63
C LYS B 94 -4.43 -7.77 -0.38
N LYS B 95 -5.19 -8.10 -1.39
CA LYS B 95 -6.37 -8.98 -1.15
C LYS B 95 -6.30 -10.25 -1.99
N VAL B 96 -5.24 -10.46 -2.71
CA VAL B 96 -5.14 -11.70 -3.52
C VAL B 96 -4.18 -12.63 -2.81
N ARG B 97 -2.97 -12.20 -2.63
CA ARG B 97 -2.02 -13.06 -1.89
C ARG B 97 -2.63 -13.36 -0.52
N ALA B 98 -3.48 -12.47 -0.02
CA ALA B 98 -4.11 -12.75 1.30
C ALA B 98 -4.57 -14.20 1.36
N ALA B 99 -5.11 -14.70 0.27
CA ALA B 99 -5.59 -16.12 0.28
C ALA B 99 -4.50 -17.05 0.77
N ARG B 100 -3.33 -16.96 0.22
CA ARG B 100 -2.21 -17.82 0.70
C ARG B 100 -1.40 -17.07 1.75
N THR B 101 -2.03 -16.15 2.45
CA THR B 101 -1.29 -15.38 3.49
C THR B 101 -1.98 -15.50 4.84
N LEU B 102 -1.31 -15.12 5.88
CA LEU B 102 -1.92 -15.18 7.24
C LEU B 102 -1.46 -13.99 8.07
N LEU B 103 -1.80 -13.99 9.32
CA LEU B 103 -1.38 -12.86 10.21
C LEU B 103 -0.83 -13.40 11.53
N ALA B 104 0.46 -13.47 11.68
CA ALA B 104 1.02 -13.97 12.97
C ALA B 104 0.56 -13.04 14.10
N LYS B 105 -0.22 -13.54 15.03
CA LYS B 105 -0.71 -12.67 16.13
C LYS B 105 0.12 -12.88 17.40
N ASN B 106 -0.16 -12.13 18.43
CA ASN B 106 0.61 -12.28 19.70
C ASN B 106 2.07 -11.89 19.49
N LEU B 107 2.34 -11.01 18.57
CA LEU B 107 3.75 -10.61 18.33
C LEU B 107 4.20 -9.60 19.38
N SER B 108 5.37 -9.05 19.23
CA SER B 108 5.86 -8.06 20.23
C SER B 108 6.53 -6.87 19.53
N PHE B 109 7.21 -6.06 20.27
CA PHE B 109 7.89 -4.88 19.68
C PHE B 109 9.33 -5.22 19.28
N ASN B 110 9.90 -6.26 19.84
CA ASN B 110 11.29 -6.62 19.49
C ASN B 110 11.34 -7.56 18.28
N ILE B 111 10.31 -8.34 18.08
CA ILE B 111 10.32 -9.27 16.91
C ILE B 111 10.35 -8.46 15.60
N THR B 112 10.46 -9.12 14.48
CA THR B 112 10.50 -8.38 13.18
C THR B 112 10.31 -9.32 11.99
N GLU B 113 10.34 -8.80 10.80
CA GLU B 113 10.16 -9.68 9.60
C GLU B 113 11.21 -10.79 9.61
N ASP B 114 12.42 -10.46 9.94
CA ASP B 114 13.48 -11.50 9.97
C ASP B 114 13.11 -12.58 10.99
N GLU B 115 12.50 -12.18 12.07
CA GLU B 115 12.09 -13.17 13.10
C GLU B 115 10.92 -14.00 12.57
N LEU B 116 10.04 -13.37 11.84
CA LEU B 116 8.89 -14.10 11.25
C LEU B 116 9.42 -14.95 10.12
N LYS B 117 10.39 -14.44 9.40
CA LYS B 117 10.98 -15.22 8.30
C LYS B 117 11.86 -16.32 8.88
N GLU B 118 12.43 -16.05 10.01
CA GLU B 118 13.30 -17.05 10.68
C GLU B 118 12.42 -18.11 11.35
N VAL B 119 11.24 -17.73 11.76
CA VAL B 119 10.32 -18.72 12.40
C VAL B 119 9.60 -19.52 11.32
N PHE B 120 9.32 -18.89 10.22
CA PHE B 120 8.62 -19.59 9.12
C PHE B 120 9.63 -20.18 8.14
N GLU B 121 10.65 -19.46 7.84
CA GLU B 121 11.69 -19.95 6.89
C GLU B 121 11.01 -20.50 5.63
N ASP B 122 9.85 -20.01 5.30
CA ASP B 122 9.14 -20.49 4.09
C ASP B 122 8.31 -19.35 3.47
N ALA B 123 7.54 -18.67 4.27
CA ALA B 123 6.71 -17.55 3.75
C ALA B 123 7.49 -16.73 2.72
N LEU B 124 6.96 -16.60 1.54
CA LEU B 124 7.67 -15.81 0.48
C LEU B 124 7.58 -14.32 0.80
N GLU B 125 6.51 -13.89 1.41
CA GLU B 125 6.36 -12.43 1.73
C GLU B 125 5.80 -12.26 3.15
N ILE B 126 6.36 -11.36 3.91
CA ILE B 126 5.87 -11.14 5.29
C ILE B 126 5.62 -9.65 5.53
N ARG B 127 4.50 -9.32 6.13
CA ARG B 127 4.20 -7.88 6.39
C ARG B 127 3.85 -7.67 7.88
N LEU B 128 4.70 -6.99 8.61
CA LEU B 128 4.41 -6.75 10.05
C LEU B 128 3.16 -5.89 10.20
N VAL B 129 2.21 -6.34 10.96
CA VAL B 129 0.94 -5.58 11.15
C VAL B 129 1.00 -4.74 12.43
N SER B 130 1.12 -3.45 12.27
CA SER B 130 1.19 -2.52 13.45
C SER B 130 0.03 -1.51 13.41
N GLN B 131 0.19 -0.39 14.06
CA GLN B 131 -0.91 0.63 14.08
C GLN B 131 -0.50 1.93 13.38
N ASP B 132 -0.50 1.94 12.07
CA ASP B 132 -0.13 3.20 11.33
C ASP B 132 1.15 3.83 11.87
N GLY B 133 2.00 3.06 12.46
CA GLY B 133 3.27 3.62 13.01
C GLY B 133 3.42 3.22 14.47
N LYS B 134 3.41 1.94 14.73
CA LYS B 134 3.53 1.46 16.14
C LYS B 134 3.23 -0.03 16.19
N SER B 135 4.20 -0.84 16.51
CA SER B 135 3.94 -2.30 16.56
C SER B 135 2.56 -2.58 17.17
N LYS B 136 1.81 -3.44 16.56
CA LYS B 136 0.45 -3.76 17.08
C LYS B 136 0.39 -5.19 17.59
N GLY B 137 1.10 -6.09 16.97
CA GLY B 137 1.09 -7.49 17.44
C GLY B 137 0.74 -8.47 16.31
N ILE B 138 0.51 -8.02 15.09
CA ILE B 138 0.19 -9.03 14.05
C ILE B 138 1.26 -9.01 12.96
N ALA B 139 1.47 -10.10 12.28
CA ALA B 139 2.49 -10.13 11.20
C ALA B 139 1.93 -10.88 9.99
N TYR B 140 1.83 -10.22 8.87
CA TYR B 140 1.29 -10.90 7.66
C TYR B 140 2.32 -11.90 7.13
N ILE B 141 1.90 -13.09 6.83
CA ILE B 141 2.88 -14.08 6.30
C ILE B 141 2.31 -14.76 5.05
N GLU B 142 2.95 -14.55 3.94
CA GLU B 142 2.47 -15.18 2.68
C GLU B 142 3.30 -16.45 2.41
N PHE B 143 2.66 -17.58 2.32
CA PHE B 143 3.44 -18.83 2.07
C PHE B 143 3.31 -19.27 0.62
N LYS B 144 3.90 -20.38 0.29
CA LYS B 144 3.81 -20.89 -1.11
C LYS B 144 2.37 -21.31 -1.42
N SER B 145 1.57 -21.52 -0.42
CA SER B 145 0.16 -21.93 -0.65
C SER B 145 -0.59 -21.97 0.67
N GLU B 146 -1.77 -22.52 0.66
CA GLU B 146 -2.54 -22.64 1.92
C GLU B 146 -1.95 -23.79 2.72
N ALA B 147 -1.69 -24.89 2.08
CA ALA B 147 -1.09 -26.05 2.80
C ALA B 147 0.28 -25.64 3.33
N ASP B 148 1.00 -24.82 2.61
CA ASP B 148 2.33 -24.38 3.11
C ASP B 148 2.10 -23.46 4.30
N ALA B 149 1.35 -22.41 4.11
CA ALA B 149 1.07 -21.50 5.26
C ALA B 149 0.36 -22.28 6.36
N GLU B 150 -0.54 -23.16 6.00
CA GLU B 150 -1.26 -23.96 7.02
C GLU B 150 -0.32 -24.97 7.65
N LYS B 151 0.53 -25.58 6.86
CA LYS B 151 1.49 -26.56 7.43
C LYS B 151 2.36 -25.87 8.46
N ASN B 152 2.79 -24.66 8.17
CA ASN B 152 3.62 -23.91 9.16
C ASN B 152 2.76 -23.57 10.37
N LEU B 153 1.59 -23.06 10.14
CA LEU B 153 0.68 -22.72 11.28
C LEU B 153 0.59 -23.94 12.19
N GLU B 154 0.49 -25.09 11.62
CA GLU B 154 0.41 -26.33 12.44
C GLU B 154 1.82 -26.72 12.90
N GLU B 155 2.80 -26.55 12.05
CA GLU B 155 4.19 -26.89 12.42
C GLU B 155 4.53 -26.28 13.79
N LYS B 156 4.34 -25.01 13.95
CA LYS B 156 4.65 -24.36 15.26
C LYS B 156 4.04 -22.96 15.33
N GLN B 157 2.80 -22.83 14.93
CA GLN B 157 2.10 -21.51 14.96
C GLN B 157 3.08 -20.35 14.73
N GLY B 158 3.73 -19.86 15.76
CA GLY B 158 4.67 -18.73 15.56
C GLY B 158 5.92 -18.90 16.41
N ALA B 159 6.41 -20.10 16.55
CA ALA B 159 7.65 -20.34 17.35
C ALA B 159 7.58 -19.69 18.74
N GLU B 160 7.75 -20.48 19.77
CA GLU B 160 7.71 -19.92 21.16
C GLU B 160 8.81 -18.85 21.34
N ILE B 161 8.47 -17.60 21.20
CA ILE B 161 9.49 -16.52 21.37
C ILE B 161 8.92 -15.42 22.28
N ASP B 162 9.71 -14.44 22.60
CA ASP B 162 9.22 -13.34 23.48
C ASP B 162 8.35 -13.91 24.60
N GLY B 163 8.73 -15.05 25.13
CA GLY B 163 7.95 -15.66 26.23
C GLY B 163 6.60 -16.16 25.71
N ARG B 164 6.51 -16.52 24.45
CA ARG B 164 5.23 -17.03 23.90
C ARG B 164 5.34 -17.30 22.41
N SER B 165 4.71 -18.33 21.93
CA SER B 165 4.77 -18.65 20.48
C SER B 165 3.79 -17.75 19.72
N VAL B 166 4.22 -17.21 18.61
CA VAL B 166 3.28 -16.33 17.85
C VAL B 166 2.15 -17.16 17.25
N SER B 167 0.96 -16.61 17.18
CA SER B 167 -0.18 -17.38 16.62
C SER B 167 -0.36 -17.03 15.14
N LEU B 168 -0.60 -18.00 14.30
CA LEU B 168 -0.77 -17.69 12.86
C LEU B 168 -2.25 -17.62 12.49
N TYR B 169 -2.78 -16.44 12.36
CA TYR B 169 -4.21 -16.30 11.98
C TYR B 169 -4.31 -16.10 10.46
N TYR B 170 -4.96 -17.00 9.78
CA TYR B 170 -5.09 -16.89 8.30
C TYR B 170 -5.43 -15.47 7.87
N THR B 171 -5.60 -15.30 6.61
CA THR B 171 -5.94 -13.95 6.06
C THR B 171 -6.74 -14.12 4.75
N GLY B 172 -8.04 -14.17 4.85
CA GLY B 172 -8.87 -14.33 3.62
C GLY B 172 -10.10 -15.19 3.95
N GLU B 173 -11.18 -14.96 3.26
CA GLU B 173 -12.40 -15.76 3.53
C GLU B 173 -12.89 -15.51 4.96
N LYS B 174 -12.19 -16.02 5.94
CA LYS B 174 -12.62 -15.81 7.35
C LYS B 174 -12.71 -14.31 7.65
N GLY B 175 -11.64 -13.58 7.45
CA GLY B 175 -11.68 -12.12 7.71
C GLY B 175 -12.98 -11.53 7.18
N GLY B 1 -12.29 1.27 -24.33
CA GLY B 1 -11.26 1.12 -25.40
C GLY B 1 -11.52 -0.19 -26.16
N SER B 2 -10.59 -1.10 -26.12
CA SER B 2 -10.77 -2.39 -26.84
C SER B 2 -10.13 -3.53 -26.07
N HIS B 3 -8.83 -3.54 -25.96
CA HIS B 3 -8.14 -4.64 -25.22
C HIS B 3 -6.69 -4.27 -24.92
N MET B 4 -6.42 -3.79 -23.73
CA MET B 4 -5.02 -3.42 -23.38
C MET B 4 -4.44 -4.42 -22.39
N VAL B 5 -3.15 -4.45 -22.21
CA VAL B 5 -2.54 -5.42 -21.27
C VAL B 5 -1.52 -4.71 -20.37
N GLU B 6 -1.77 -3.48 -20.02
CA GLU B 6 -0.81 -2.75 -19.14
C GLU B 6 -1.39 -1.39 -18.74
N GLY B 7 -0.87 -0.79 -17.70
CA GLY B 7 -1.39 0.53 -17.26
C GLY B 7 -0.43 1.64 -17.69
N SER B 8 0.31 1.43 -18.74
CA SER B 8 1.26 2.49 -19.20
C SER B 8 0.54 3.47 -20.13
N GLU B 9 -0.43 3.00 -20.87
CA GLU B 9 -1.18 3.89 -21.79
C GLU B 9 -2.50 4.33 -21.17
N SER B 10 -2.53 4.37 -19.88
CA SER B 10 -3.78 4.79 -19.17
C SER B 10 -4.27 6.14 -19.68
N THR B 11 -5.08 6.81 -18.91
CA THR B 11 -5.59 8.14 -19.35
C THR B 11 -4.43 9.08 -19.70
N THR B 12 -3.26 8.82 -19.18
CA THR B 12 -2.10 9.69 -19.48
C THR B 12 -0.79 9.04 -19.03
N PRO B 13 0.28 9.70 -19.35
CA PRO B 13 1.62 9.19 -19.00
C PRO B 13 1.95 9.43 -17.52
N PHE B 14 1.54 10.55 -16.97
CA PHE B 14 1.87 10.81 -15.54
C PHE B 14 0.80 10.23 -14.61
N ASN B 15 1.07 9.10 -14.01
CA ASN B 15 0.09 8.50 -13.08
C ASN B 15 0.79 8.06 -11.79
N LEU B 16 0.09 8.08 -10.72
CA LEU B 16 0.69 7.65 -9.44
C LEU B 16 -0.41 7.44 -8.40
N PHE B 17 -0.05 7.20 -7.17
CA PHE B 17 -1.09 6.97 -6.14
C PHE B 17 -1.07 8.10 -5.10
N ILE B 18 -2.16 8.26 -4.41
CA ILE B 18 -2.25 9.30 -3.36
C ILE B 18 -2.99 8.73 -2.15
N GLY B 19 -2.84 9.33 -1.00
CA GLY B 19 -3.53 8.81 0.20
C GLY B 19 -4.30 9.94 0.89
N ASN B 20 -5.09 9.61 1.88
CA ASN B 20 -5.87 10.67 2.60
C ASN B 20 -7.00 11.19 1.71
N LEU B 21 -7.94 10.36 1.36
CA LEU B 21 -9.06 10.84 0.51
C LEU B 21 -10.21 11.36 1.38
N ASN B 22 -11.17 10.55 1.75
CA ASN B 22 -12.28 11.05 2.59
C ASN B 22 -13.35 9.96 2.77
N PRO B 23 -13.26 9.25 3.85
CA PRO B 23 -14.25 8.18 4.15
C PRO B 23 -15.61 8.80 4.46
N ASN B 24 -15.66 10.04 4.87
CA ASN B 24 -16.96 10.68 5.19
C ASN B 24 -17.45 11.49 3.98
N LYS B 25 -17.17 11.02 2.80
CA LYS B 25 -17.61 11.74 1.58
C LYS B 25 -17.91 10.75 0.46
N SER B 26 -18.04 11.21 -0.75
CA SER B 26 -18.34 10.29 -1.88
C SER B 26 -17.12 10.12 -2.79
N VAL B 27 -17.14 9.13 -3.64
CA VAL B 27 -15.99 8.91 -4.56
C VAL B 27 -15.97 10.02 -5.63
N ALA B 28 -17.10 10.28 -6.25
CA ALA B 28 -17.13 11.34 -7.29
C ALA B 28 -16.70 12.67 -6.68
N GLU B 29 -17.05 12.90 -5.44
CA GLU B 29 -16.65 14.18 -4.79
C GLU B 29 -15.14 14.20 -4.55
N LEU B 30 -14.55 13.05 -4.33
CA LEU B 30 -13.08 13.01 -4.11
C LEU B 30 -12.36 13.34 -5.42
N LYS B 31 -12.94 12.93 -6.52
CA LYS B 31 -12.31 13.21 -7.83
C LYS B 31 -12.53 14.67 -8.22
N VAL B 32 -13.75 15.13 -8.15
CA VAL B 32 -14.04 16.55 -8.51
C VAL B 32 -13.33 17.47 -7.50
N ALA B 33 -13.22 17.04 -6.28
CA ALA B 33 -12.53 17.89 -5.28
C ALA B 33 -11.07 18.04 -5.71
N ILE B 34 -10.49 16.97 -6.14
CA ILE B 34 -9.08 17.04 -6.62
C ILE B 34 -9.07 17.68 -8.01
N SER B 35 -10.13 17.55 -8.76
CA SER B 35 -10.17 18.18 -10.11
C SER B 35 -10.38 19.69 -9.96
N GLU B 36 -11.08 20.09 -8.94
CA GLU B 36 -11.32 21.55 -8.73
C GLU B 36 -10.13 22.17 -8.01
N LEU B 37 -9.58 21.45 -7.08
CA LEU B 37 -8.41 21.99 -6.34
C LEU B 37 -7.24 22.17 -7.30
N PHE B 38 -7.17 21.34 -8.31
CA PHE B 38 -6.08 21.49 -9.29
C PHE B 38 -6.52 22.49 -10.37
N ALA B 39 -7.81 22.66 -10.54
CA ALA B 39 -8.29 23.63 -11.57
C ALA B 39 -8.15 25.04 -11.04
N LYS B 40 -8.22 25.21 -9.75
CA LYS B 40 -8.08 26.56 -9.15
C LYS B 40 -6.59 26.88 -8.99
N ASN B 41 -5.77 25.86 -8.87
CA ASN B 41 -4.32 26.10 -8.73
C ASN B 41 -3.73 26.45 -10.09
N ASP B 42 -3.92 25.54 -11.03
CA ASP B 42 -3.43 25.71 -12.43
C ASP B 42 -2.89 24.38 -12.95
N LEU B 43 -3.55 23.30 -12.64
CA LEU B 43 -3.06 21.98 -13.08
C LEU B 43 -3.97 21.44 -14.18
N ALA B 44 -3.92 20.17 -14.38
CA ALA B 44 -4.78 19.52 -15.42
C ALA B 44 -4.93 18.04 -15.10
N VAL B 45 -5.44 17.75 -13.94
CA VAL B 45 -5.63 16.36 -13.50
C VAL B 45 -6.31 15.57 -14.61
N VAL B 46 -5.62 14.60 -15.11
CA VAL B 46 -6.19 13.76 -16.21
C VAL B 46 -7.05 12.62 -15.63
N ASP B 47 -6.63 12.01 -14.56
CA ASP B 47 -7.45 10.91 -13.96
C ASP B 47 -7.37 10.93 -12.44
N VAL B 48 -8.33 10.33 -11.79
CA VAL B 48 -8.35 10.29 -10.30
C VAL B 48 -9.19 9.11 -9.80
N ARG B 49 -8.57 8.06 -9.32
CA ARG B 49 -9.34 6.89 -8.80
C ARG B 49 -9.32 6.96 -7.27
N THR B 50 -10.04 6.11 -6.57
CA THR B 50 -10.01 6.22 -5.08
C THR B 50 -9.22 5.08 -4.46
N GLY B 51 -8.86 5.26 -3.23
CA GLY B 51 -8.10 4.23 -2.50
C GLY B 51 -9.11 3.43 -1.69
N THR B 52 -9.96 2.71 -2.40
CA THR B 52 -11.04 1.87 -1.84
C THR B 52 -11.45 2.27 -0.45
N ASN B 53 -12.55 2.96 -0.44
CA ASN B 53 -13.20 3.47 0.82
C ASN B 53 -12.76 4.90 1.06
N ARG B 54 -12.42 5.61 0.01
CA ARG B 54 -12.00 7.00 0.16
C ARG B 54 -10.79 7.11 1.11
N LYS B 55 -10.10 6.03 1.36
CA LYS B 55 -8.90 6.12 2.26
C LYS B 55 -7.76 6.73 1.48
N PHE B 56 -7.46 6.16 0.33
CA PHE B 56 -6.37 6.77 -0.49
C PHE B 56 -6.84 6.86 -1.94
N GLY B 57 -6.01 6.65 -2.91
CA GLY B 57 -6.55 6.75 -4.30
C GLY B 57 -5.45 6.95 -5.33
N TYR B 58 -5.83 7.43 -6.48
CA TYR B 58 -4.85 7.66 -7.59
C TYR B 58 -5.19 8.90 -8.36
N VAL B 59 -4.23 9.38 -9.08
CA VAL B 59 -4.44 10.58 -9.90
C VAL B 59 -3.40 10.60 -11.02
N ASP B 60 -3.81 10.98 -12.20
CA ASP B 60 -2.85 11.02 -13.33
C ASP B 60 -2.69 12.45 -13.82
N PHE B 61 -1.49 12.86 -14.10
CA PHE B 61 -1.25 14.25 -14.57
C PHE B 61 -1.02 14.27 -16.08
N GLU B 62 -0.93 15.43 -16.65
CA GLU B 62 -0.73 15.54 -18.12
C GLU B 62 0.67 16.06 -18.46
N SER B 63 1.61 15.97 -17.57
CA SER B 63 2.98 16.47 -17.89
C SER B 63 3.94 16.31 -16.73
N ALA B 64 5.17 16.67 -16.98
CA ALA B 64 6.19 16.63 -15.90
C ALA B 64 5.99 17.89 -15.07
N GLU B 65 5.45 18.90 -15.69
CA GLU B 65 5.19 20.18 -14.97
C GLU B 65 4.02 19.96 -14.01
N ASP B 66 3.13 19.06 -14.33
CA ASP B 66 2.01 18.75 -13.41
C ASP B 66 2.58 17.84 -12.34
N LEU B 67 3.53 17.02 -12.72
CA LEU B 67 4.15 16.11 -11.74
C LEU B 67 5.03 16.91 -10.79
N GLU B 68 5.65 17.95 -11.29
CA GLU B 68 6.53 18.80 -10.43
C GLU B 68 5.69 19.52 -9.37
N LYS B 69 4.55 20.04 -9.77
CA LYS B 69 3.69 20.72 -8.79
C LYS B 69 2.98 19.62 -8.03
N ALA B 70 2.68 18.55 -8.71
CA ALA B 70 2.03 17.43 -8.03
C ALA B 70 2.94 16.91 -6.91
N LEU B 71 4.23 17.06 -7.08
CA LEU B 71 5.18 16.60 -6.03
C LEU B 71 5.06 17.56 -4.85
N GLU B 72 5.03 18.84 -5.12
CA GLU B 72 4.88 19.80 -4.02
C GLU B 72 3.40 19.98 -3.65
N LEU B 73 2.50 19.41 -4.43
CA LEU B 73 1.05 19.57 -4.10
C LEU B 73 0.62 18.59 -3.02
N THR B 74 1.53 17.98 -2.31
CA THR B 74 1.13 17.03 -1.23
C THR B 74 0.46 17.77 -0.08
N GLY B 75 0.45 19.07 -0.12
CA GLY B 75 -0.23 19.85 0.95
C GLY B 75 -1.64 20.18 0.49
N LEU B 76 -2.30 19.25 -0.16
CA LEU B 76 -3.68 19.49 -0.65
C LEU B 76 -4.72 18.84 0.24
N LYS B 77 -5.35 19.62 1.04
CA LYS B 77 -6.42 19.05 1.88
C LYS B 77 -7.67 18.96 1.06
N VAL B 78 -7.87 17.83 0.52
CA VAL B 78 -9.09 17.56 -0.29
C VAL B 78 -10.30 17.93 0.59
N PHE B 79 -11.37 17.20 0.57
CA PHE B 79 -12.50 17.58 1.46
C PHE B 79 -12.04 17.51 2.93
N GLY B 80 -11.13 18.37 3.33
CA GLY B 80 -10.62 18.37 4.72
C GLY B 80 -9.68 17.17 4.91
N ASN B 81 -8.81 16.94 3.97
CA ASN B 81 -7.86 15.80 4.09
C ASN B 81 -6.66 16.00 3.16
N GLU B 82 -5.55 16.43 3.71
CA GLU B 82 -4.33 16.64 2.87
C GLU B 82 -3.96 15.36 2.13
N ILE B 83 -4.33 15.27 0.88
CA ILE B 83 -4.01 14.05 0.10
C ILE B 83 -2.50 13.90 -0.05
N LYS B 84 -2.01 12.72 0.18
CA LYS B 84 -0.55 12.47 0.05
C LYS B 84 -0.27 11.83 -1.31
N LEU B 85 0.91 11.97 -1.80
CA LEU B 85 1.27 11.37 -3.10
C LEU B 85 2.40 10.38 -2.94
N GLU B 86 2.67 9.62 -3.95
CA GLU B 86 3.77 8.63 -3.86
C GLU B 86 3.77 7.75 -5.11
N LYS B 87 4.93 7.44 -5.64
CA LYS B 87 4.99 6.57 -6.84
C LYS B 87 3.97 5.44 -6.70
N PRO B 88 3.30 5.15 -7.77
CA PRO B 88 2.28 4.08 -7.75
C PRO B 88 2.96 2.71 -7.63
N LYS B 89 2.25 1.71 -7.17
CA LYS B 89 2.88 0.36 -7.04
C LYS B 89 1.81 -0.72 -6.92
N GLY B 90 0.70 -0.56 -7.59
CA GLY B 90 -0.38 -1.61 -7.50
C GLY B 90 -0.04 -2.81 -8.38
N ARG B 91 0.34 -3.91 -7.78
CA ARG B 91 0.67 -5.13 -8.57
C ARG B 91 -0.50 -6.13 -8.45
N ASP B 92 -0.53 -6.93 -7.41
CA ASP B 92 -1.68 -7.86 -7.22
C ASP B 92 -2.88 -7.03 -6.83
N SER B 93 -4.07 -7.50 -7.03
CA SER B 93 -5.24 -6.67 -6.64
C SER B 93 -5.31 -6.55 -5.11
N LYS B 94 -4.26 -6.06 -4.48
CA LYS B 94 -4.23 -5.91 -3.00
C LYS B 94 -4.62 -7.21 -2.30
N LYS B 95 -5.84 -7.64 -2.46
CA LYS B 95 -6.28 -8.91 -1.82
C LYS B 95 -5.80 -10.13 -2.62
N VAL B 96 -4.99 -9.95 -3.62
CA VAL B 96 -4.51 -11.12 -4.40
C VAL B 96 -3.24 -11.65 -3.76
N ARG B 97 -2.31 -10.79 -3.43
CA ARG B 97 -1.06 -11.28 -2.79
C ARG B 97 -1.39 -12.09 -1.54
N ALA B 98 -2.50 -11.80 -0.90
CA ALA B 98 -2.87 -12.56 0.32
C ALA B 98 -2.77 -14.06 0.04
N ALA B 99 -3.17 -14.49 -1.12
CA ALA B 99 -3.10 -15.94 -1.44
C ALA B 99 -1.67 -16.46 -1.30
N ARG B 100 -0.73 -15.73 -1.79
CA ARG B 100 0.69 -16.17 -1.65
C ARG B 100 1.31 -15.47 -0.44
N THR B 101 0.50 -15.16 0.55
CA THR B 101 1.05 -14.46 1.75
C THR B 101 0.46 -15.04 3.04
N LEU B 102 1.04 -14.68 4.16
CA LEU B 102 0.53 -15.17 5.47
C LEU B 102 0.97 -14.21 6.57
N LEU B 103 0.19 -14.08 7.61
CA LEU B 103 0.54 -13.12 8.70
C LEU B 103 1.31 -13.80 9.83
N ALA B 104 2.58 -13.55 9.97
CA ALA B 104 3.32 -14.16 11.09
C ALA B 104 2.67 -13.69 12.40
N LYS B 105 2.15 -14.60 13.18
CA LYS B 105 1.47 -14.19 14.44
C LYS B 105 2.37 -14.45 15.65
N ASN B 106 1.87 -14.21 16.83
CA ASN B 106 2.68 -14.42 18.06
C ASN B 106 3.95 -13.57 17.99
N LEU B 107 3.93 -12.48 17.27
CA LEU B 107 5.14 -11.61 17.18
C LEU B 107 5.41 -10.96 18.54
N SER B 108 6.45 -10.17 18.62
CA SER B 108 6.76 -9.49 19.90
C SER B 108 7.20 -8.05 19.64
N PHE B 109 7.74 -7.39 20.61
CA PHE B 109 8.17 -5.98 20.42
C PHE B 109 9.64 -5.93 19.97
N ASN B 110 10.39 -6.97 20.20
CA ASN B 110 11.82 -6.97 19.78
C ASN B 110 11.95 -7.48 18.34
N ILE B 111 11.04 -8.32 17.91
CA ILE B 111 11.11 -8.83 16.51
C ILE B 111 10.75 -7.72 15.52
N THR B 112 10.97 -7.96 14.26
CA THR B 112 10.64 -6.92 13.24
C THR B 112 10.72 -7.50 11.83
N GLU B 113 10.55 -6.69 10.83
CA GLU B 113 10.63 -7.20 9.43
C GLU B 113 11.99 -7.88 9.19
N ASP B 114 13.03 -7.26 9.65
CA ASP B 114 14.38 -7.87 9.48
C ASP B 114 14.39 -9.28 10.07
N GLU B 115 13.78 -9.43 11.22
CA GLU B 115 13.74 -10.77 11.85
C GLU B 115 12.90 -11.71 10.99
N LEU B 116 11.81 -11.23 10.47
CA LEU B 116 10.96 -12.07 9.60
C LEU B 116 11.68 -12.24 8.27
N LYS B 117 12.38 -11.22 7.85
CA LYS B 117 13.12 -11.35 6.57
C LYS B 117 14.28 -12.31 6.77
N GLU B 118 14.78 -12.39 7.96
CA GLU B 118 15.90 -13.32 8.26
C GLU B 118 15.35 -14.74 8.41
N VAL B 119 14.16 -14.87 8.93
CA VAL B 119 13.56 -16.21 9.08
C VAL B 119 12.91 -16.63 7.77
N PHE B 120 12.30 -15.68 7.10
CA PHE B 120 11.64 -15.99 5.81
C PHE B 120 12.57 -15.64 4.65
N GLU B 121 13.72 -16.25 4.59
CA GLU B 121 14.68 -15.95 3.49
C GLU B 121 14.03 -16.15 2.11
N ASP B 122 13.05 -17.01 2.02
CA ASP B 122 12.39 -17.25 0.71
C ASP B 122 11.14 -16.38 0.56
N ALA B 123 11.00 -15.35 1.35
CA ALA B 123 9.79 -14.47 1.24
C ALA B 123 10.08 -13.29 0.31
N LEU B 124 9.09 -12.84 -0.41
CA LEU B 124 9.30 -11.68 -1.32
C LEU B 124 9.35 -10.38 -0.51
N GLU B 125 8.42 -10.22 0.39
CA GLU B 125 8.40 -8.98 1.22
C GLU B 125 7.59 -9.23 2.51
N ILE B 126 7.74 -8.38 3.48
CA ILE B 126 6.99 -8.59 4.75
C ILE B 126 6.49 -7.27 5.33
N ARG B 127 5.35 -7.29 5.96
CA ARG B 127 4.79 -6.07 6.59
C ARG B 127 4.51 -6.35 8.06
N LEU B 128 4.42 -5.35 8.89
CA LEU B 128 4.17 -5.61 10.33
C LEU B 128 2.73 -5.23 10.71
N VAL B 129 1.99 -6.14 11.27
CA VAL B 129 0.58 -5.82 11.66
C VAL B 129 0.54 -5.47 13.15
N SER B 130 0.30 -4.20 13.43
CA SER B 130 0.22 -3.70 14.82
C SER B 130 -1.06 -2.91 15.03
N GLN B 131 -1.11 -2.07 16.02
CA GLN B 131 -2.34 -1.26 16.27
C GLN B 131 -1.99 0.23 16.36
N ASP B 132 -2.87 1.02 16.92
CA ASP B 132 -2.59 2.49 17.04
C ASP B 132 -1.13 2.71 17.46
N GLY B 133 -0.65 1.90 18.36
CA GLY B 133 0.76 2.07 18.83
C GLY B 133 1.23 0.77 19.48
N LYS B 134 0.84 -0.35 18.95
CA LYS B 134 1.26 -1.65 19.54
C LYS B 134 1.49 -2.69 18.43
N SER B 135 2.65 -3.29 18.41
CA SER B 135 2.96 -4.32 17.37
C SER B 135 1.76 -5.25 17.11
N LYS B 136 0.91 -5.44 18.08
CA LYS B 136 -0.28 -6.34 17.96
C LYS B 136 0.14 -7.80 17.98
N GLY B 137 1.19 -8.14 17.30
CA GLY B 137 1.64 -9.55 17.30
C GLY B 137 1.53 -10.14 15.90
N ILE B 138 1.24 -9.37 14.87
CA ILE B 138 1.16 -10.04 13.54
C ILE B 138 2.15 -9.42 12.56
N ALA B 139 2.51 -10.16 11.55
CA ALA B 139 3.46 -9.64 10.53
C ALA B 139 3.06 -10.19 9.15
N TYR B 140 2.84 -9.34 8.19
CA TYR B 140 2.45 -9.84 6.85
C TYR B 140 3.68 -10.31 6.08
N ILE B 141 3.62 -11.48 5.51
CA ILE B 141 4.81 -12.00 4.75
C ILE B 141 4.36 -12.68 3.45
N GLU B 142 4.78 -12.17 2.33
CA GLU B 142 4.37 -12.79 1.03
C GLU B 142 5.56 -13.56 0.43
N PHE B 143 5.32 -14.77 -0.02
CA PHE B 143 6.43 -15.58 -0.60
C PHE B 143 6.34 -15.62 -2.13
N LYS B 144 7.19 -16.39 -2.76
CA LYS B 144 7.15 -16.48 -4.25
C LYS B 144 5.77 -16.90 -4.75
N SER B 145 4.99 -17.53 -3.91
CA SER B 145 3.63 -17.98 -4.34
C SER B 145 2.89 -18.58 -3.16
N GLU B 146 1.89 -19.36 -3.44
CA GLU B 146 1.13 -20.03 -2.34
C GLU B 146 1.93 -21.25 -1.89
N ALA B 147 2.33 -22.06 -2.83
CA ALA B 147 3.14 -23.25 -2.46
C ALA B 147 4.43 -22.78 -1.79
N ASP B 148 4.93 -21.63 -2.18
CA ASP B 148 6.16 -21.11 -1.53
C ASP B 148 5.80 -20.63 -0.13
N ALA B 149 4.90 -19.69 -0.04
CA ALA B 149 4.47 -19.21 1.31
C ALA B 149 3.97 -20.40 2.12
N GLU B 150 3.38 -21.37 1.47
CA GLU B 150 2.87 -22.56 2.21
C GLU B 150 4.05 -23.38 2.75
N LYS B 151 5.06 -23.60 1.94
CA LYS B 151 6.23 -24.38 2.42
C LYS B 151 6.85 -23.63 3.61
N ASN B 152 6.96 -22.34 3.49
CA ASN B 152 7.55 -21.54 4.61
C ASN B 152 6.53 -21.46 5.76
N LEU B 153 5.28 -21.28 5.43
CA LEU B 153 4.23 -21.19 6.50
C LEU B 153 4.19 -22.49 7.29
N GLU B 154 4.51 -23.59 6.67
CA GLU B 154 4.49 -24.89 7.40
C GLU B 154 5.88 -25.17 8.00
N GLU B 155 6.91 -24.84 7.26
CA GLU B 155 8.28 -25.08 7.76
C GLU B 155 8.72 -23.97 8.73
N LYS B 156 8.12 -22.81 8.67
CA LYS B 156 8.54 -21.71 9.57
C LYS B 156 7.62 -21.62 10.80
N GLN B 157 6.33 -21.69 10.60
CA GLN B 157 5.37 -21.60 11.74
C GLN B 157 6.00 -22.13 13.02
N GLY B 158 6.61 -21.27 13.77
CA GLY B 158 7.27 -21.70 15.04
C GLY B 158 8.43 -20.76 15.34
N ALA B 159 9.49 -20.84 14.58
CA ALA B 159 10.69 -19.96 14.79
C ALA B 159 10.77 -19.48 16.25
N GLU B 160 11.57 -20.12 17.05
CA GLU B 160 11.68 -19.71 18.48
C GLU B 160 12.41 -18.37 18.60
N ILE B 161 11.69 -17.29 18.73
CA ILE B 161 12.34 -15.96 18.86
C ILE B 161 11.79 -15.24 20.09
N ASP B 162 12.41 -14.16 20.48
CA ASP B 162 11.91 -13.40 21.67
C ASP B 162 11.41 -14.37 22.75
N GLY B 163 12.13 -15.44 22.96
CA GLY B 163 11.70 -16.42 23.99
C GLY B 163 10.29 -16.92 23.69
N ARG B 164 9.97 -17.10 22.43
CA ARG B 164 8.60 -17.60 22.07
C ARG B 164 8.56 -17.99 20.59
N SER B 165 7.73 -18.94 20.25
CA SER B 165 7.65 -19.37 18.82
C SER B 165 6.65 -18.50 18.04
N VAL B 166 7.04 -18.07 16.87
CA VAL B 166 6.12 -17.22 16.05
C VAL B 166 5.22 -18.12 15.20
N SER B 167 4.02 -17.67 14.93
CA SER B 167 3.09 -18.51 14.10
C SER B 167 2.91 -17.88 12.72
N LEU B 168 2.34 -18.61 11.81
CA LEU B 168 2.13 -18.06 10.43
C LEU B 168 0.69 -18.28 9.98
N TYR B 169 -0.11 -17.26 10.00
CA TYR B 169 -1.53 -17.40 9.57
C TYR B 169 -1.68 -16.94 8.12
N TYR B 170 -2.07 -17.82 7.24
CA TYR B 170 -2.24 -17.44 5.81
C TYR B 170 -3.06 -16.15 5.67
N THR B 171 -3.42 -15.83 4.46
CA THR B 171 -4.22 -14.59 4.25
C THR B 171 -5.50 -14.88 3.45
N GLY B 172 -6.47 -15.48 4.06
CA GLY B 172 -7.73 -15.78 3.34
C GLY B 172 -8.63 -16.65 4.22
N GLU B 173 -9.52 -17.39 3.63
CA GLU B 173 -10.42 -18.27 4.42
C GLU B 173 -9.95 -19.71 4.34
N LYS B 174 -8.65 -19.91 4.31
CA LYS B 174 -8.11 -21.30 4.22
C LYS B 174 -7.72 -21.81 5.62
N GLY B 175 -8.32 -21.29 6.65
CA GLY B 175 -7.99 -21.75 8.02
C GLY B 175 -8.00 -23.29 8.06
N GLY B 1 6.94 -7.00 -22.27
CA GLY B 1 7.21 -7.12 -20.81
C GLY B 1 7.83 -5.81 -20.30
N SER B 2 9.01 -5.86 -19.74
CA SER B 2 9.65 -4.62 -19.23
C SER B 2 11.11 -4.54 -19.69
N HIS B 3 11.46 -3.53 -20.43
CA HIS B 3 12.85 -3.40 -20.92
C HIS B 3 13.15 -1.95 -21.33
N MET B 4 13.44 -1.10 -20.38
CA MET B 4 13.72 0.33 -20.73
C MET B 4 12.48 0.98 -21.34
N VAL B 5 12.11 0.59 -22.52
CA VAL B 5 10.91 1.17 -23.16
C VAL B 5 9.65 0.47 -22.65
N GLU B 6 8.75 1.20 -22.04
CA GLU B 6 7.50 0.57 -21.52
C GLU B 6 6.28 1.15 -22.24
N GLY B 7 5.38 0.31 -22.68
CA GLY B 7 4.17 0.81 -23.39
C GLY B 7 3.36 1.71 -22.45
N SER B 8 3.00 1.20 -21.30
CA SER B 8 2.21 2.04 -20.34
C SER B 8 0.94 2.56 -21.02
N GLU B 9 -0.15 1.86 -20.89
CA GLU B 9 -1.41 2.30 -21.52
C GLU B 9 -2.33 2.99 -20.51
N SER B 10 -1.74 3.53 -19.51
CA SER B 10 -2.54 4.24 -18.46
C SER B 10 -3.19 5.49 -19.04
N THR B 11 -3.87 6.25 -18.23
CA THR B 11 -4.53 7.49 -18.75
C THR B 11 -3.52 8.63 -18.93
N THR B 12 -2.30 8.44 -18.53
CA THR B 12 -1.28 9.53 -18.70
C THR B 12 0.11 9.02 -18.34
N PRO B 13 1.08 9.84 -18.61
CA PRO B 13 2.48 9.49 -18.32
C PRO B 13 2.81 9.68 -16.83
N PHE B 14 2.32 10.73 -16.23
CA PHE B 14 2.62 10.95 -14.78
C PHE B 14 1.46 10.47 -13.90
N ASN B 15 1.58 9.31 -13.33
CA ASN B 15 0.50 8.80 -12.45
C ASN B 15 1.12 8.24 -11.17
N LEU B 16 0.38 8.25 -10.11
CA LEU B 16 0.92 7.71 -8.83
C LEU B 16 -0.23 7.46 -7.84
N PHE B 17 0.08 7.24 -6.60
CA PHE B 17 -1.01 6.98 -5.62
C PHE B 17 -1.01 8.04 -4.51
N ILE B 18 -2.07 8.06 -3.74
CA ILE B 18 -2.21 9.01 -2.62
C ILE B 18 -2.91 8.29 -1.47
N GLY B 19 -2.86 8.80 -0.29
CA GLY B 19 -3.52 8.10 0.85
C GLY B 19 -4.28 9.09 1.73
N ASN B 20 -5.10 8.59 2.61
CA ASN B 20 -5.87 9.48 3.52
C ASN B 20 -6.90 10.31 2.76
N LEU B 21 -7.60 9.71 1.82
CA LEU B 21 -8.63 10.50 1.07
C LEU B 21 -9.67 11.03 2.06
N ASN B 22 -10.73 10.31 2.31
CA ASN B 22 -11.76 10.81 3.27
C ASN B 22 -12.95 9.84 3.32
N PRO B 23 -12.90 8.94 4.26
CA PRO B 23 -13.98 7.93 4.42
C PRO B 23 -15.27 8.57 5.00
N ASN B 24 -15.24 9.83 5.34
CA ASN B 24 -16.46 10.47 5.90
C ASN B 24 -17.16 11.32 4.83
N LYS B 25 -16.47 11.62 3.76
CA LYS B 25 -17.08 12.43 2.67
C LYS B 25 -17.45 11.53 1.49
N SER B 26 -17.53 12.07 0.31
CA SER B 26 -17.89 11.22 -0.86
C SER B 26 -16.70 11.07 -1.80
N VAL B 27 -16.77 10.14 -2.71
CA VAL B 27 -15.65 9.96 -3.65
C VAL B 27 -15.48 11.22 -4.49
N ALA B 28 -16.48 11.58 -5.25
CA ALA B 28 -16.38 12.80 -6.08
C ALA B 28 -15.77 13.93 -5.23
N GLU B 29 -16.04 13.94 -3.96
CA GLU B 29 -15.48 15.02 -3.09
C GLU B 29 -13.96 14.86 -2.95
N LEU B 30 -13.47 13.64 -2.92
CA LEU B 30 -12.01 13.44 -2.80
C LEU B 30 -11.34 13.86 -4.09
N LYS B 31 -11.86 13.40 -5.20
CA LYS B 31 -11.26 13.75 -6.50
C LYS B 31 -11.59 15.19 -6.89
N VAL B 32 -12.71 15.69 -6.47
CA VAL B 32 -13.07 17.09 -6.82
C VAL B 32 -12.23 18.05 -5.99
N ALA B 33 -11.99 17.73 -4.75
CA ALA B 33 -11.16 18.64 -3.92
C ALA B 33 -9.77 18.66 -4.53
N ILE B 34 -9.31 17.52 -4.97
CA ILE B 34 -7.97 17.47 -5.62
C ILE B 34 -8.09 18.03 -7.03
N SER B 35 -9.24 17.86 -7.65
CA SER B 35 -9.41 18.41 -9.04
C SER B 35 -9.50 19.93 -8.98
N GLU B 36 -10.07 20.45 -7.93
CA GLU B 36 -10.19 21.93 -7.82
C GLU B 36 -8.91 22.53 -7.28
N LEU B 37 -8.33 21.90 -6.31
CA LEU B 37 -7.07 22.44 -5.74
C LEU B 37 -6.04 22.55 -6.84
N PHE B 38 -6.06 21.65 -7.77
CA PHE B 38 -5.11 21.73 -8.89
C PHE B 38 -5.67 22.69 -9.93
N ALA B 39 -6.97 22.83 -9.98
CA ALA B 39 -7.59 23.76 -10.95
C ALA B 39 -7.48 25.19 -10.42
N LYS B 40 -7.44 25.34 -9.12
CA LYS B 40 -7.31 26.69 -8.53
C LYS B 40 -5.83 27.02 -8.29
N ASN B 41 -4.99 26.02 -8.22
CA ASN B 41 -3.55 26.28 -8.00
C ASN B 41 -2.87 26.62 -9.33
N ASP B 42 -3.40 26.09 -10.42
CA ASP B 42 -2.83 26.31 -11.79
C ASP B 42 -1.98 25.11 -12.14
N LEU B 43 -2.39 23.97 -11.67
CA LEU B 43 -1.65 22.74 -11.95
C LEU B 43 -2.04 22.24 -13.34
N ALA B 44 -1.99 20.98 -13.54
CA ALA B 44 -2.37 20.40 -14.86
C ALA B 44 -2.46 18.90 -14.72
N VAL B 45 -3.29 18.46 -13.82
CA VAL B 45 -3.46 17.03 -13.60
C VAL B 45 -4.15 16.42 -14.82
N VAL B 46 -4.72 15.28 -14.65
CA VAL B 46 -5.42 14.61 -15.79
C VAL B 46 -6.52 13.69 -15.27
N ASP B 47 -6.22 12.85 -14.30
CA ASP B 47 -7.26 11.92 -13.78
C ASP B 47 -7.10 11.74 -12.26
N VAL B 48 -8.05 11.10 -11.64
CA VAL B 48 -7.97 10.87 -10.17
C VAL B 48 -8.86 9.70 -9.76
N ARG B 49 -8.44 8.93 -8.81
CA ARG B 49 -9.29 7.77 -8.37
C ARG B 49 -9.36 7.71 -6.85
N THR B 50 -9.72 6.58 -6.31
CA THR B 50 -9.79 6.49 -4.82
C THR B 50 -9.05 5.27 -4.31
N GLY B 51 -8.83 5.26 -3.03
CA GLY B 51 -8.11 4.14 -2.40
C GLY B 51 -9.14 3.22 -1.76
N THR B 52 -9.96 2.64 -2.61
CA THR B 52 -11.06 1.73 -2.18
C THR B 52 -11.59 2.04 -0.81
N ASN B 53 -12.69 2.72 -0.81
CA ASN B 53 -13.42 3.12 0.41
C ASN B 53 -12.93 4.50 0.85
N ARG B 54 -12.51 5.31 -0.09
CA ARG B 54 -12.05 6.66 0.27
C ARG B 54 -10.90 6.61 1.30
N LYS B 55 -10.26 5.47 1.47
CA LYS B 55 -9.12 5.41 2.43
C LYS B 55 -7.94 6.08 1.77
N PHE B 56 -7.50 5.56 0.65
CA PHE B 56 -6.37 6.25 -0.06
C PHE B 56 -6.88 6.70 -1.43
N GLY B 57 -6.08 6.81 -2.44
CA GLY B 57 -6.63 7.23 -3.76
C GLY B 57 -5.56 7.34 -4.82
N TYR B 58 -5.94 7.58 -6.04
CA TYR B 58 -4.93 7.66 -7.13
C TYR B 58 -5.04 8.97 -7.90
N VAL B 59 -4.07 9.25 -8.72
CA VAL B 59 -4.13 10.52 -9.52
C VAL B 59 -3.21 10.41 -10.74
N ASP B 60 -3.35 11.34 -11.63
CA ASP B 60 -2.53 11.33 -12.85
C ASP B 60 -2.24 12.76 -13.29
N PHE B 61 -1.01 13.05 -13.62
CA PHE B 61 -0.65 14.43 -14.07
C PHE B 61 -0.33 14.42 -15.55
N GLU B 62 -0.19 15.58 -16.14
CA GLU B 62 0.11 15.63 -17.60
C GLU B 62 1.43 16.35 -17.87
N SER B 63 2.31 16.42 -16.92
CA SER B 63 3.61 17.11 -17.17
C SER B 63 4.63 16.87 -16.07
N ALA B 64 5.81 17.34 -16.31
CA ALA B 64 6.88 17.24 -15.28
C ALA B 64 6.62 18.34 -14.26
N GLU B 65 5.97 19.39 -14.71
CA GLU B 65 5.64 20.50 -13.79
C GLU B 65 4.55 20.05 -12.84
N ASP B 66 3.68 19.17 -13.29
CA ASP B 66 2.63 18.65 -12.39
C ASP B 66 3.30 17.60 -11.50
N LEU B 67 4.35 17.00 -12.01
CA LEU B 67 5.06 15.98 -11.21
C LEU B 67 5.81 16.68 -10.06
N GLU B 68 6.39 17.83 -10.35
CA GLU B 68 7.11 18.58 -9.28
C GLU B 68 6.10 19.03 -8.23
N LYS B 69 4.91 19.38 -8.64
CA LYS B 69 3.88 19.76 -7.66
C LYS B 69 3.38 18.47 -7.05
N ALA B 70 3.40 17.42 -7.82
CA ALA B 70 2.96 16.11 -7.29
C ALA B 70 3.76 15.82 -6.02
N LEU B 71 4.99 16.27 -5.99
CA LEU B 71 5.84 16.06 -4.78
C LEU B 71 5.39 17.03 -3.70
N GLU B 72 5.14 18.26 -4.07
CA GLU B 72 4.68 19.26 -3.06
C GLU B 72 3.16 19.16 -2.85
N LEU B 73 2.49 18.24 -3.49
CA LEU B 73 1.01 18.11 -3.30
C LEU B 73 0.69 17.34 -2.02
N THR B 74 1.68 16.94 -1.27
CA THR B 74 1.38 16.18 -0.01
C THR B 74 0.74 17.07 1.07
N GLY B 75 0.56 18.32 0.78
CA GLY B 75 -0.09 19.22 1.77
C GLY B 75 -1.55 19.41 1.35
N LEU B 76 -2.15 18.40 0.77
CA LEU B 76 -3.57 18.52 0.33
C LEU B 76 -4.51 17.92 1.34
N LYS B 77 -5.26 18.74 1.99
CA LYS B 77 -6.25 18.25 2.98
C LYS B 77 -7.54 17.92 2.28
N VAL B 78 -7.61 16.77 1.77
CA VAL B 78 -8.83 16.32 1.05
C VAL B 78 -10.04 16.53 1.97
N PHE B 79 -10.93 17.41 1.59
CA PHE B 79 -12.13 17.69 2.43
C PHE B 79 -11.80 17.58 3.92
N GLY B 80 -10.62 18.01 4.31
CA GLY B 80 -10.23 17.94 5.76
C GLY B 80 -9.33 16.72 6.00
N ASN B 81 -8.61 16.29 4.99
CA ASN B 81 -7.72 15.11 5.18
C ASN B 81 -6.43 15.28 4.37
N GLU B 82 -5.39 15.79 4.98
CA GLU B 82 -4.11 15.97 4.24
C GLU B 82 -3.72 14.65 3.57
N ILE B 83 -4.14 14.46 2.35
CA ILE B 83 -3.80 13.21 1.63
C ILE B 83 -2.30 13.02 1.55
N LYS B 84 -1.87 11.81 1.47
CA LYS B 84 -0.41 11.50 1.36
C LYS B 84 -0.10 10.88 0.00
N LEU B 85 0.75 11.50 -0.76
CA LEU B 85 1.11 10.96 -2.10
C LEU B 85 2.31 10.03 -1.97
N GLU B 86 2.63 9.37 -3.03
CA GLU B 86 3.79 8.43 -3.01
C GLU B 86 3.79 7.57 -4.27
N LYS B 87 4.95 7.18 -4.73
CA LYS B 87 5.00 6.33 -5.96
C LYS B 87 3.89 5.29 -5.94
N PRO B 88 3.28 5.09 -7.07
CA PRO B 88 2.18 4.11 -7.20
C PRO B 88 2.71 2.69 -7.02
N LYS B 89 1.83 1.75 -6.77
CA LYS B 89 2.27 0.34 -6.57
C LYS B 89 1.61 -0.58 -7.59
N GLY B 90 0.31 -0.69 -7.56
CA GLY B 90 -0.40 -1.58 -8.53
C GLY B 90 0.43 -2.83 -8.80
N ARG B 91 0.97 -3.45 -7.78
CA ARG B 91 1.78 -4.68 -7.99
C ARG B 91 0.91 -5.94 -7.86
N ASP B 92 0.61 -6.35 -6.66
CA ASP B 92 -0.24 -7.56 -6.47
C ASP B 92 -1.72 -7.21 -6.68
N SER B 93 -2.50 -8.16 -7.10
CA SER B 93 -3.95 -7.88 -7.33
C SER B 93 -4.69 -7.55 -6.03
N LYS B 94 -4.30 -6.47 -5.37
CA LYS B 94 -5.00 -6.05 -4.11
C LYS B 94 -4.96 -7.14 -3.01
N LYS B 95 -5.49 -8.31 -3.25
CA LYS B 95 -5.47 -9.35 -2.19
C LYS B 95 -4.50 -10.47 -2.59
N VAL B 96 -3.59 -10.21 -3.49
CA VAL B 96 -2.62 -11.25 -3.90
C VAL B 96 -1.38 -11.18 -3.01
N ARG B 97 -0.91 -10.00 -2.75
CA ARG B 97 0.29 -9.87 -1.89
C ARG B 97 0.08 -10.65 -0.58
N ALA B 98 -1.14 -10.76 -0.13
CA ALA B 98 -1.37 -11.51 1.13
C ALA B 98 -0.73 -12.90 1.07
N ALA B 99 -1.05 -13.66 0.07
CA ALA B 99 -0.49 -15.04 -0.04
C ALA B 99 0.99 -15.08 0.32
N ARG B 100 1.76 -14.13 -0.12
CA ARG B 100 3.20 -14.14 0.23
C ARG B 100 3.43 -13.27 1.47
N THR B 101 2.43 -13.11 2.31
CA THR B 101 2.62 -12.26 3.52
C THR B 101 2.15 -12.98 4.79
N LEU B 102 2.64 -12.55 5.91
CA LEU B 102 2.22 -13.17 7.21
C LEU B 102 2.27 -12.09 8.29
N LEU B 103 1.52 -12.25 9.35
CA LEU B 103 1.51 -11.22 10.42
C LEU B 103 2.35 -11.66 11.63
N ALA B 104 3.45 -11.00 11.87
CA ALA B 104 4.26 -11.39 13.07
C ALA B 104 3.39 -11.13 14.31
N LYS B 105 3.03 -12.16 15.02
CA LYS B 105 2.15 -11.97 16.21
C LYS B 105 2.99 -11.76 17.48
N ASN B 106 2.39 -11.20 18.49
CA ASN B 106 3.12 -10.94 19.77
C ASN B 106 4.09 -9.77 19.62
N LEU B 107 3.72 -8.79 18.83
CA LEU B 107 4.60 -7.60 18.64
C LEU B 107 4.36 -6.60 19.78
N SER B 108 5.29 -6.47 20.68
CA SER B 108 5.08 -5.52 21.81
C SER B 108 5.24 -4.08 21.34
N PHE B 109 5.22 -3.15 22.26
CA PHE B 109 5.36 -1.71 21.88
C PHE B 109 6.83 -1.38 21.54
N ASN B 110 7.76 -2.23 21.89
CA ASN B 110 9.17 -1.93 21.58
C ASN B 110 9.57 -2.53 20.23
N ILE B 111 9.16 -3.75 19.97
CA ILE B 111 9.52 -4.37 18.66
C ILE B 111 9.24 -3.39 17.52
N THR B 112 9.70 -3.69 16.35
CA THR B 112 9.47 -2.77 15.19
C THR B 112 9.91 -3.42 13.89
N GLU B 113 9.58 -2.81 12.77
CA GLU B 113 9.98 -3.40 11.46
C GLU B 113 11.48 -3.72 11.49
N ASP B 114 12.24 -2.93 12.21
CA ASP B 114 13.70 -3.20 12.30
C ASP B 114 13.92 -4.59 12.87
N GLU B 115 13.37 -4.84 14.02
CA GLU B 115 13.53 -6.19 14.64
C GLU B 115 12.95 -7.25 13.72
N LEU B 116 11.92 -6.90 13.00
CA LEU B 116 11.31 -7.88 12.07
C LEU B 116 12.20 -7.99 10.84
N LYS B 117 12.78 -6.89 10.42
CA LYS B 117 13.69 -6.94 9.26
C LYS B 117 15.00 -7.59 9.68
N GLU B 118 15.37 -7.40 10.90
CA GLU B 118 16.61 -8.01 11.43
C GLU B 118 16.35 -9.48 11.80
N VAL B 119 15.12 -9.81 12.12
CA VAL B 119 14.79 -11.23 12.48
C VAL B 119 14.48 -12.01 11.22
N PHE B 120 13.79 -11.40 10.29
CA PHE B 120 13.46 -12.10 9.03
C PHE B 120 14.56 -11.90 8.00
N GLU B 121 15.13 -10.73 7.99
CA GLU B 121 16.21 -10.44 7.02
C GLU B 121 15.87 -11.03 5.66
N ASP B 122 14.61 -11.11 5.34
CA ASP B 122 14.20 -11.68 4.03
C ASP B 122 12.91 -11.01 3.56
N ALA B 123 11.93 -10.95 4.40
CA ALA B 123 10.64 -10.30 4.00
C ALA B 123 10.94 -8.98 3.31
N LEU B 124 10.43 -8.78 2.12
CA LEU B 124 10.69 -7.52 1.40
C LEU B 124 9.69 -6.43 1.80
N GLU B 125 8.50 -6.80 2.18
CA GLU B 125 7.51 -5.76 2.56
C GLU B 125 6.90 -6.05 3.94
N ILE B 126 6.98 -5.09 4.83
CA ILE B 126 6.40 -5.29 6.19
C ILE B 126 5.43 -4.15 6.51
N ARG B 127 4.41 -4.43 7.28
CA ARG B 127 3.43 -3.36 7.63
C ARG B 127 3.02 -3.49 9.10
N LEU B 128 3.70 -2.82 9.99
CA LEU B 128 3.34 -2.91 11.44
C LEU B 128 1.81 -2.92 11.59
N VAL B 129 1.28 -3.75 12.45
CA VAL B 129 -0.19 -3.79 12.61
C VAL B 129 -0.62 -3.29 13.98
N SER B 130 -1.20 -2.11 13.99
CA SER B 130 -1.70 -1.48 15.26
C SER B 130 -3.21 -1.24 15.15
N GLN B 131 -3.81 -0.73 16.18
CA GLN B 131 -5.28 -0.48 16.13
C GLN B 131 -5.58 0.89 15.49
N ASP B 132 -5.05 1.15 14.33
CA ASP B 132 -5.32 2.45 13.68
C ASP B 132 -5.17 3.59 14.69
N GLY B 133 -4.32 3.42 15.65
CA GLY B 133 -4.14 4.49 16.67
C GLY B 133 -3.04 4.12 17.66
N LYS B 134 -2.96 2.89 18.09
CA LYS B 134 -1.88 2.51 19.06
C LYS B 134 -1.36 1.11 18.75
N SER B 135 -0.21 0.78 19.24
CA SER B 135 0.33 -0.58 18.97
C SER B 135 -0.75 -1.62 19.27
N LYS B 136 -0.93 -2.55 18.38
CA LYS B 136 -1.96 -3.59 18.59
C LYS B 136 -1.31 -4.94 18.89
N GLY B 137 -0.16 -5.20 18.33
CA GLY B 137 0.52 -6.48 18.61
C GLY B 137 0.74 -7.29 17.32
N ILE B 138 0.40 -6.79 16.16
CA ILE B 138 0.63 -7.62 14.95
C ILE B 138 1.57 -6.87 14.00
N ALA B 139 2.39 -7.58 13.28
CA ALA B 139 3.32 -6.90 12.34
C ALA B 139 3.28 -7.61 10.99
N TYR B 140 2.89 -6.92 9.95
CA TYR B 140 2.83 -7.58 8.62
C TYR B 140 4.22 -7.74 8.03
N ILE B 141 4.50 -8.89 7.50
CA ILE B 141 5.83 -9.11 6.88
C ILE B 141 5.65 -10.00 5.65
N GLU B 142 6.06 -9.54 4.50
CA GLU B 142 5.86 -10.35 3.26
C GLU B 142 7.21 -10.79 2.70
N PHE B 143 7.27 -11.98 2.15
CA PHE B 143 8.55 -12.47 1.58
C PHE B 143 8.51 -12.49 0.05
N LYS B 144 9.59 -12.90 -0.55
CA LYS B 144 9.64 -12.94 -2.04
C LYS B 144 8.55 -13.85 -2.61
N SER B 145 8.00 -14.72 -1.80
CA SER B 145 6.93 -15.62 -2.31
C SER B 145 6.19 -16.27 -1.16
N GLU B 146 5.36 -17.23 -1.48
CA GLU B 146 4.60 -17.95 -0.42
C GLU B 146 5.54 -18.96 0.24
N ALA B 147 6.25 -19.72 -0.56
CA ALA B 147 7.20 -20.70 0.01
C ALA B 147 8.26 -19.96 0.82
N ASP B 148 8.59 -18.76 0.41
CA ASP B 148 9.60 -17.98 1.18
C ASP B 148 8.96 -17.52 2.49
N ALA B 149 7.87 -16.80 2.40
CA ALA B 149 7.19 -16.35 3.65
C ALA B 149 6.79 -17.57 4.49
N GLU B 150 6.49 -18.66 3.84
CA GLU B 150 6.10 -19.88 4.59
C GLU B 150 7.34 -20.55 5.17
N LYS B 151 8.38 -20.68 4.39
CA LYS B 151 9.62 -21.32 4.91
C LYS B 151 10.09 -20.54 6.13
N ASN B 152 9.99 -19.23 6.06
CA ASN B 152 10.41 -18.40 7.22
C ASN B 152 9.35 -18.50 8.32
N LEU B 153 8.10 -18.45 7.94
CA LEU B 153 7.01 -18.56 8.94
C LEU B 153 7.29 -19.76 9.85
N GLU B 154 7.64 -20.87 9.27
CA GLU B 154 7.94 -22.08 10.09
C GLU B 154 9.39 -22.04 10.55
N GLU B 155 10.28 -21.63 9.69
CA GLU B 155 11.72 -21.58 10.06
C GLU B 155 12.01 -20.45 11.08
N LYS B 156 11.05 -19.62 11.38
CA LYS B 156 11.31 -18.53 12.37
C LYS B 156 10.39 -18.68 13.57
N GLN B 157 9.10 -18.49 13.35
CA GLN B 157 8.09 -18.62 14.45
C GLN B 157 8.74 -18.67 15.82
N GLY B 158 8.75 -17.56 16.54
CA GLY B 158 9.38 -17.57 17.88
C GLY B 158 10.16 -16.28 18.10
N ALA B 159 11.38 -16.22 17.65
CA ALA B 159 12.18 -14.97 17.83
C ALA B 159 11.94 -14.39 19.22
N GLU B 160 12.77 -14.72 20.17
CA GLU B 160 12.57 -14.17 21.55
C GLU B 160 13.05 -12.72 21.64
N ILE B 161 12.15 -11.78 21.66
CA ILE B 161 12.55 -10.36 21.75
C ILE B 161 11.71 -9.68 22.83
N ASP B 162 12.13 -8.55 23.32
CA ASP B 162 11.33 -7.86 24.36
C ASP B 162 10.85 -8.89 25.39
N GLY B 163 11.70 -9.82 25.77
CA GLY B 163 11.29 -10.85 26.74
C GLY B 163 10.00 -11.54 26.28
N ARG B 164 9.73 -11.52 24.99
CA ARG B 164 8.49 -12.17 24.47
C ARG B 164 8.78 -12.88 23.15
N SER B 165 8.07 -13.93 22.86
CA SER B 165 8.33 -14.65 21.58
C SER B 165 7.37 -14.16 20.49
N VAL B 166 7.88 -13.90 19.33
CA VAL B 166 6.99 -13.42 18.22
C VAL B 166 6.57 -14.61 17.35
N SER B 167 5.30 -14.69 17.03
CA SER B 167 4.82 -15.82 16.20
C SER B 167 4.55 -15.36 14.77
N LEU B 168 4.54 -16.27 13.84
CA LEU B 168 4.30 -15.87 12.42
C LEU B 168 2.92 -16.36 11.96
N TYR B 169 1.95 -15.48 11.94
CA TYR B 169 0.59 -15.89 11.49
C TYR B 169 0.39 -15.43 10.04
N TYR B 170 0.33 -16.34 9.11
CA TYR B 170 0.18 -15.96 7.69
C TYR B 170 -0.98 -14.97 7.51
N THR B 171 -1.35 -14.72 6.29
CA THR B 171 -2.47 -13.75 6.03
C THR B 171 -3.46 -14.34 5.02
N GLY B 172 -3.64 -15.63 5.04
CA GLY B 172 -4.58 -16.26 4.09
C GLY B 172 -5.78 -16.83 4.87
N GLU B 173 -6.44 -17.82 4.32
CA GLU B 173 -7.60 -18.41 5.04
C GLU B 173 -7.12 -19.50 6.01
N LYS B 174 -6.45 -20.49 5.52
CA LYS B 174 -5.95 -21.57 6.41
C LYS B 174 -5.06 -21.00 7.51
N GLY B 175 -4.24 -20.05 7.19
CA GLY B 175 -3.36 -19.44 8.22
C GLY B 175 -2.66 -20.54 9.00
N GLY B 1 -8.98 -7.37 -19.36
CA GLY B 1 -7.98 -8.23 -20.05
C GLY B 1 -6.57 -7.87 -19.57
N SER B 2 -5.99 -6.82 -20.12
CA SER B 2 -4.62 -6.43 -19.70
C SER B 2 -4.33 -4.99 -20.12
N HIS B 3 -5.12 -4.06 -19.67
CA HIS B 3 -4.89 -2.63 -20.05
C HIS B 3 -5.04 -1.73 -18.82
N MET B 4 -3.97 -1.51 -18.11
CA MET B 4 -4.05 -0.64 -16.90
C MET B 4 -2.83 0.29 -16.84
N VAL B 5 -2.94 1.37 -16.12
CA VAL B 5 -1.80 2.32 -16.01
C VAL B 5 -0.48 1.55 -15.87
N GLU B 6 0.37 1.65 -16.86
CA GLU B 6 1.67 0.93 -16.79
C GLU B 6 2.83 1.91 -16.83
N GLY B 7 2.96 2.74 -15.83
CA GLY B 7 4.07 3.74 -15.81
C GLY B 7 3.85 4.77 -16.91
N SER B 8 4.18 4.44 -18.12
CA SER B 8 3.98 5.41 -19.24
C SER B 8 2.71 5.07 -20.03
N GLU B 9 1.73 4.52 -19.37
CA GLU B 9 0.48 4.16 -20.09
C GLU B 9 -0.74 4.63 -19.32
N SER B 10 -0.57 5.65 -18.55
CA SER B 10 -1.69 6.19 -17.75
C SER B 10 -2.26 7.44 -18.42
N THR B 11 -3.03 8.21 -17.71
CA THR B 11 -3.62 9.45 -18.32
C THR B 11 -2.59 10.60 -18.30
N THR B 12 -1.43 10.39 -17.75
CA THR B 12 -0.41 11.48 -17.72
C THR B 12 0.95 10.94 -17.31
N PRO B 13 1.92 11.82 -17.30
CA PRO B 13 3.31 11.43 -16.94
C PRO B 13 3.50 11.30 -15.42
N PHE B 14 3.04 12.25 -14.66
CA PHE B 14 3.26 12.17 -13.18
C PHE B 14 2.03 11.58 -12.45
N ASN B 15 2.13 10.35 -12.01
CA ASN B 15 1.00 9.74 -11.26
C ASN B 15 1.54 9.02 -10.04
N LEU B 16 0.77 8.98 -9.00
CA LEU B 16 1.23 8.29 -7.77
C LEU B 16 0.03 8.00 -6.86
N PHE B 17 0.27 7.62 -5.64
CA PHE B 17 -0.87 7.30 -4.74
C PHE B 17 -0.98 8.31 -3.58
N ILE B 18 -2.16 8.40 -3.03
CA ILE B 18 -2.41 9.31 -1.88
C ILE B 18 -3.03 8.48 -0.77
N GLY B 19 -3.09 8.99 0.43
CA GLY B 19 -3.69 8.21 1.54
C GLY B 19 -4.58 9.11 2.37
N ASN B 20 -5.48 8.53 3.12
CA ASN B 20 -6.37 9.37 3.98
C ASN B 20 -7.38 10.16 3.14
N LEU B 21 -8.11 9.50 2.28
CA LEU B 21 -9.12 10.23 1.46
C LEU B 21 -10.13 10.90 2.40
N ASN B 22 -11.14 10.18 2.84
CA ASN B 22 -12.16 10.74 3.78
C ASN B 22 -13.43 9.89 3.70
N PRO B 23 -13.59 9.02 4.66
CA PRO B 23 -14.77 8.14 4.70
C PRO B 23 -16.05 8.91 5.08
N ASN B 24 -15.92 10.13 5.55
CA ASN B 24 -17.13 10.90 5.93
C ASN B 24 -17.66 11.73 4.74
N LYS B 25 -17.00 11.68 3.60
CA LYS B 25 -17.49 12.47 2.45
C LYS B 25 -17.79 11.55 1.26
N SER B 26 -17.84 12.08 0.08
CA SER B 26 -18.13 11.22 -1.11
C SER B 26 -16.87 10.99 -1.94
N VAL B 27 -16.97 10.23 -3.00
CA VAL B 27 -15.79 9.98 -3.85
C VAL B 27 -15.54 11.23 -4.70
N ALA B 28 -16.52 11.65 -5.45
CA ALA B 28 -16.35 12.86 -6.29
C ALA B 28 -15.91 14.04 -5.41
N GLU B 29 -16.28 14.04 -4.16
CA GLU B 29 -15.88 15.15 -3.26
C GLU B 29 -14.37 15.04 -2.96
N LEU B 30 -13.88 13.86 -2.76
CA LEU B 30 -12.44 13.67 -2.50
C LEU B 30 -11.65 14.16 -3.70
N LYS B 31 -12.13 13.84 -4.87
CA LYS B 31 -11.42 14.27 -6.10
C LYS B 31 -11.63 15.77 -6.32
N VAL B 32 -12.84 16.22 -6.27
CA VAL B 32 -13.11 17.68 -6.48
C VAL B 32 -12.40 18.49 -5.40
N ALA B 33 -12.30 17.98 -4.20
CA ALA B 33 -11.62 18.74 -3.14
C ALA B 33 -10.16 18.90 -3.54
N ILE B 34 -9.58 17.85 -4.04
CA ILE B 34 -8.17 17.93 -4.48
C ILE B 34 -8.12 18.67 -5.83
N SER B 35 -9.18 18.63 -6.59
CA SER B 35 -9.16 19.34 -7.90
C SER B 35 -9.36 20.84 -7.66
N GLU B 36 -10.10 21.19 -6.64
CA GLU B 36 -10.32 22.63 -6.33
C GLU B 36 -9.13 23.17 -5.56
N LEU B 37 -8.62 22.40 -4.65
CA LEU B 37 -7.45 22.86 -3.86
C LEU B 37 -6.29 23.10 -4.81
N PHE B 38 -6.21 22.32 -5.86
CA PHE B 38 -5.12 22.52 -6.84
C PHE B 38 -5.54 23.63 -7.81
N ALA B 39 -6.82 23.87 -7.95
CA ALA B 39 -7.28 24.96 -8.86
C ALA B 39 -7.01 26.31 -8.20
N LYS B 40 -7.08 26.35 -6.90
CA LYS B 40 -6.82 27.63 -6.17
C LYS B 40 -5.32 27.75 -5.86
N ASN B 41 -4.65 26.64 -5.72
CA ASN B 41 -3.20 26.67 -5.44
C ASN B 41 -2.42 27.07 -6.70
N ASP B 42 -2.96 26.75 -7.86
CA ASP B 42 -2.30 27.05 -9.17
C ASP B 42 -1.60 25.79 -9.66
N LEU B 43 -2.17 24.67 -9.36
CA LEU B 43 -1.59 23.38 -9.78
C LEU B 43 -2.22 22.98 -11.11
N ALA B 44 -2.35 21.72 -11.36
CA ALA B 44 -2.96 21.26 -12.64
C ALA B 44 -3.25 19.76 -12.57
N VAL B 45 -4.09 19.38 -11.66
CA VAL B 45 -4.43 17.96 -11.50
C VAL B 45 -5.03 17.42 -12.78
N VAL B 46 -4.44 16.39 -13.28
CA VAL B 46 -4.92 15.76 -14.54
C VAL B 46 -5.85 14.60 -14.23
N ASP B 47 -5.63 13.90 -13.14
CA ASP B 47 -6.52 12.76 -12.81
C ASP B 47 -6.45 12.42 -11.32
N VAL B 48 -7.42 11.70 -10.82
CA VAL B 48 -7.41 11.33 -9.38
C VAL B 48 -8.34 10.13 -9.13
N ARG B 49 -8.00 9.30 -8.18
CA ARG B 49 -8.83 8.11 -7.86
C ARG B 49 -8.88 7.93 -6.34
N THR B 50 -9.63 7.00 -5.82
CA THR B 50 -9.65 6.85 -4.34
C THR B 50 -9.01 5.54 -3.94
N GLY B 51 -8.69 5.43 -2.69
CA GLY B 51 -8.05 4.20 -2.18
C GLY B 51 -9.15 3.30 -1.68
N THR B 52 -9.98 2.87 -2.61
CA THR B 52 -11.13 2.00 -2.36
C THR B 52 -11.71 2.14 -0.97
N ASN B 53 -12.75 2.91 -0.93
CA ASN B 53 -13.53 3.20 0.31
C ASN B 53 -13.04 4.48 0.94
N ARG B 54 -12.63 5.42 0.13
CA ARG B 54 -12.16 6.71 0.70
C ARG B 54 -11.05 6.46 1.75
N LYS B 55 -10.38 5.33 1.71
CA LYS B 55 -9.28 5.10 2.69
C LYS B 55 -8.02 5.78 2.15
N PHE B 56 -7.54 5.35 1.01
CA PHE B 56 -6.33 6.03 0.44
C PHE B 56 -6.69 6.49 -0.98
N GLY B 57 -5.82 6.45 -1.94
CA GLY B 57 -6.26 6.92 -3.29
C GLY B 57 -5.09 7.20 -4.23
N TYR B 58 -5.35 7.99 -5.23
CA TYR B 58 -4.28 8.30 -6.23
C TYR B 58 -4.46 9.71 -6.80
N VAL B 59 -3.57 10.08 -7.67
CA VAL B 59 -3.67 11.41 -8.32
C VAL B 59 -2.72 11.45 -9.52
N ASP B 60 -2.90 12.42 -10.35
CA ASP B 60 -2.04 12.54 -11.54
C ASP B 60 -1.79 14.01 -11.84
N PHE B 61 -0.56 14.36 -12.09
CA PHE B 61 -0.23 15.79 -12.38
C PHE B 61 0.08 16.00 -13.88
N GLU B 62 0.40 17.20 -14.25
CA GLU B 62 0.68 17.48 -15.69
C GLU B 62 2.09 18.06 -15.87
N SER B 63 2.97 17.84 -14.94
CA SER B 63 4.35 18.39 -15.09
C SER B 63 5.26 18.02 -13.93
N ALA B 64 6.49 18.39 -14.05
CA ALA B 64 7.46 18.17 -12.95
C ALA B 64 7.21 19.24 -11.91
N GLU B 65 6.65 20.35 -12.35
CA GLU B 65 6.34 21.45 -11.41
C GLU B 65 5.11 21.08 -10.59
N ASP B 66 4.25 20.25 -11.13
CA ASP B 66 3.06 19.82 -10.37
C ASP B 66 3.52 18.70 -9.43
N LEU B 67 4.53 17.98 -9.85
CA LEU B 67 5.05 16.88 -8.99
C LEU B 67 5.78 17.49 -7.78
N GLU B 68 6.49 18.57 -7.99
CA GLU B 68 7.22 19.22 -6.87
C GLU B 68 6.22 19.86 -5.90
N LYS B 69 5.16 20.41 -6.42
CA LYS B 69 4.13 20.99 -5.53
C LYS B 69 3.32 19.83 -5.00
N ALA B 70 3.20 18.80 -5.80
CA ALA B 70 2.46 17.62 -5.35
C ALA B 70 3.17 17.02 -4.13
N LEU B 71 4.46 17.19 -4.04
CA LEU B 71 5.22 16.67 -2.88
C LEU B 71 4.92 17.55 -1.68
N GLU B 72 4.95 18.84 -1.86
CA GLU B 72 4.64 19.74 -0.71
C GLU B 72 3.13 19.90 -0.54
N LEU B 73 2.34 19.30 -1.40
CA LEU B 73 0.86 19.43 -1.26
C LEU B 73 0.30 18.42 -0.27
N THR B 74 1.15 17.81 0.54
CA THR B 74 0.63 16.82 1.52
C THR B 74 -0.01 17.51 2.72
N GLY B 75 -0.04 18.81 2.71
CA GLY B 75 -0.67 19.54 3.85
C GLY B 75 -2.14 19.83 3.52
N LEU B 76 -2.74 19.09 2.61
CA LEU B 76 -4.15 19.33 2.24
C LEU B 76 -5.09 18.37 2.96
N LYS B 77 -6.02 18.89 3.71
CA LYS B 77 -6.98 18.00 4.41
C LYS B 77 -8.20 17.80 3.56
N VAL B 78 -8.11 16.88 2.71
CA VAL B 78 -9.25 16.54 1.80
C VAL B 78 -10.55 16.55 2.63
N PHE B 79 -11.50 17.34 2.22
CA PHE B 79 -12.80 17.44 2.96
C PHE B 79 -12.64 17.09 4.46
N GLY B 80 -11.56 17.51 5.08
CA GLY B 80 -11.37 17.22 6.53
C GLY B 80 -10.41 16.04 6.72
N ASN B 81 -9.56 15.77 5.76
CA ASN B 81 -8.60 14.63 5.91
C ASN B 81 -7.28 14.95 5.22
N GLU B 82 -6.25 15.20 5.98
CA GLU B 82 -4.91 15.49 5.37
C GLU B 82 -4.45 14.30 4.55
N ILE B 83 -4.60 14.38 3.27
CA ILE B 83 -4.19 13.24 2.40
C ILE B 83 -2.67 13.09 2.38
N LYS B 84 -2.21 11.87 2.36
CA LYS B 84 -0.74 11.62 2.30
C LYS B 84 -0.36 11.03 0.94
N LEU B 85 0.58 11.62 0.25
CA LEU B 85 0.95 11.10 -1.07
C LEU B 85 2.36 10.49 -1.07
N GLU B 86 2.73 9.89 -2.17
CA GLU B 86 4.07 9.27 -2.28
C GLU B 86 4.10 8.36 -3.52
N LYS B 87 5.27 8.00 -3.99
CA LYS B 87 5.35 7.12 -5.20
C LYS B 87 4.25 6.05 -5.11
N PRO B 88 3.65 5.78 -6.25
CA PRO B 88 2.57 4.78 -6.31
C PRO B 88 3.11 3.35 -6.12
N LYS B 89 2.26 2.43 -5.76
CA LYS B 89 2.73 1.04 -5.57
C LYS B 89 2.75 0.29 -6.89
N GLY B 90 1.73 0.43 -7.71
CA GLY B 90 1.74 -0.29 -9.02
C GLY B 90 0.37 -0.90 -9.33
N ARG B 91 0.15 -2.13 -8.94
CA ARG B 91 -1.14 -2.80 -9.25
C ARG B 91 -1.94 -3.13 -7.97
N ASP B 92 -2.57 -4.27 -7.92
CA ASP B 92 -3.38 -4.64 -6.71
C ASP B 92 -2.54 -4.65 -5.44
N SER B 93 -1.69 -5.63 -5.30
CA SER B 93 -0.86 -5.71 -4.06
C SER B 93 -1.77 -5.78 -2.84
N LYS B 94 -1.22 -6.02 -1.69
CA LYS B 94 -2.07 -6.10 -0.46
C LYS B 94 -3.13 -7.19 -0.61
N LYS B 95 -4.14 -6.94 -1.39
CA LYS B 95 -5.20 -7.96 -1.57
C LYS B 95 -4.77 -9.00 -2.59
N VAL B 96 -3.85 -8.63 -3.43
CA VAL B 96 -3.36 -9.62 -4.42
C VAL B 96 -2.10 -10.26 -3.84
N ARG B 97 -1.24 -9.47 -3.28
CA ARG B 97 -0.02 -10.05 -2.65
C ARG B 97 -0.45 -10.98 -1.53
N ALA B 98 -1.61 -10.75 -0.93
CA ALA B 98 -2.07 -11.64 0.15
C ALA B 98 -1.86 -13.09 -0.25
N ALA B 99 -2.17 -13.42 -1.48
CA ALA B 99 -1.99 -14.83 -1.94
C ALA B 99 -0.54 -15.25 -1.76
N ARG B 100 0.37 -14.39 -2.11
CA ARG B 100 1.81 -14.73 -1.93
C ARG B 100 2.31 -14.10 -0.64
N THR B 101 1.42 -13.95 0.34
CA THR B 101 1.85 -13.32 1.61
C THR B 101 1.29 -14.06 2.82
N LEU B 102 1.92 -13.89 3.96
CA LEU B 102 1.42 -14.52 5.21
C LEU B 102 1.40 -13.46 6.31
N LEU B 103 0.86 -13.76 7.45
CA LEU B 103 0.83 -12.75 8.55
C LEU B 103 1.36 -13.38 9.83
N ALA B 104 2.53 -12.97 10.26
CA ALA B 104 3.09 -13.55 11.51
C ALA B 104 2.23 -13.13 12.70
N LYS B 105 2.00 -14.02 13.63
CA LYS B 105 1.15 -13.66 14.81
C LYS B 105 1.90 -13.97 16.10
N ASN B 106 1.31 -13.63 17.22
CA ASN B 106 1.97 -13.90 18.53
C ASN B 106 3.29 -13.12 18.63
N LEU B 107 3.38 -11.99 17.98
CA LEU B 107 4.64 -11.19 18.06
C LEU B 107 4.67 -10.39 19.36
N SER B 108 5.70 -9.63 19.59
CA SER B 108 5.77 -8.84 20.85
C SER B 108 6.07 -7.37 20.56
N PHE B 109 6.34 -6.60 21.59
CA PHE B 109 6.63 -5.15 21.38
C PHE B 109 8.13 -4.93 21.11
N ASN B 110 8.96 -5.91 21.37
CA ASN B 110 10.41 -5.75 21.13
C ASN B 110 10.76 -6.14 19.69
N ILE B 111 10.06 -7.09 19.14
CA ILE B 111 10.38 -7.50 17.74
C ILE B 111 9.98 -6.40 16.76
N THR B 112 10.60 -6.38 15.61
CA THR B 112 10.26 -5.33 14.61
C THR B 112 10.64 -5.78 13.19
N GLU B 113 10.34 -4.97 12.21
CA GLU B 113 10.68 -5.34 10.81
C GLU B 113 12.14 -5.75 10.72
N ASP B 114 12.97 -5.19 11.55
CA ASP B 114 14.42 -5.57 11.53
C ASP B 114 14.56 -7.06 11.84
N GLU B 115 14.13 -7.44 13.00
CA GLU B 115 14.21 -8.89 13.38
C GLU B 115 13.50 -9.74 12.33
N LEU B 116 12.44 -9.22 11.79
CA LEU B 116 11.71 -9.98 10.75
C LEU B 116 12.53 -9.95 9.48
N LYS B 117 13.09 -8.82 9.17
CA LYS B 117 13.92 -8.72 7.96
C LYS B 117 15.08 -9.70 8.06
N GLU B 118 15.53 -9.96 9.25
CA GLU B 118 16.64 -10.91 9.45
C GLU B 118 16.11 -12.34 9.45
N VAL B 119 14.90 -12.54 9.93
CA VAL B 119 14.33 -13.91 9.95
C VAL B 119 13.64 -14.20 8.63
N PHE B 120 13.15 -13.18 7.96
CA PHE B 120 12.47 -13.42 6.66
C PHE B 120 13.42 -13.11 5.50
N GLU B 121 14.55 -13.76 5.46
CA GLU B 121 15.51 -13.50 4.34
C GLU B 121 14.87 -13.84 2.99
N ASP B 122 13.84 -14.65 2.97
CA ASP B 122 13.20 -15.01 1.68
C ASP B 122 11.99 -14.10 1.40
N ALA B 123 11.71 -13.15 2.25
CA ALA B 123 10.55 -12.24 2.01
C ALA B 123 11.03 -10.90 1.43
N LEU B 124 10.32 -10.37 0.47
CA LEU B 124 10.75 -9.08 -0.13
C LEU B 124 10.07 -7.90 0.57
N GLU B 125 8.86 -8.07 1.03
CA GLU B 125 8.16 -6.93 1.71
C GLU B 125 7.58 -7.38 3.05
N ILE B 126 7.30 -6.44 3.92
CA ILE B 126 6.74 -6.80 5.26
C ILE B 126 5.88 -5.65 5.80
N ARG B 127 4.75 -5.98 6.38
CA ARG B 127 3.86 -4.91 6.93
C ARG B 127 3.59 -5.17 8.43
N LEU B 128 4.42 -4.65 9.29
CA LEU B 128 4.20 -4.87 10.75
C LEU B 128 2.74 -4.62 11.10
N VAL B 129 2.14 -5.52 11.82
CA VAL B 129 0.70 -5.37 12.18
C VAL B 129 0.53 -4.93 13.64
N SER B 130 0.28 -3.65 13.83
CA SER B 130 0.07 -3.10 15.20
C SER B 130 -1.23 -2.29 15.24
N GLN B 131 -1.52 -1.64 16.33
CA GLN B 131 -2.78 -0.85 16.42
C GLN B 131 -2.60 0.38 17.32
N ASP B 132 -3.40 1.41 17.12
CA ASP B 132 -3.29 2.63 17.96
C ASP B 132 -1.82 3.07 18.06
N GLY B 133 -1.04 2.78 17.07
CA GLY B 133 0.40 3.16 17.12
C GLY B 133 1.08 2.35 18.21
N LYS B 134 0.65 1.13 18.40
CA LYS B 134 1.26 0.27 19.46
C LYS B 134 1.30 -1.18 18.96
N SER B 135 2.41 -1.84 19.13
CA SER B 135 2.50 -3.24 18.66
C SER B 135 1.21 -3.99 18.98
N LYS B 136 0.71 -4.72 18.02
CA LYS B 136 -0.55 -5.48 18.25
C LYS B 136 -0.23 -6.96 18.37
N GLY B 137 0.76 -7.43 17.66
CA GLY B 137 1.13 -8.85 17.76
C GLY B 137 1.17 -9.52 16.38
N ILE B 138 0.93 -8.83 15.29
CA ILE B 138 0.97 -9.55 13.99
C ILE B 138 1.99 -8.87 13.07
N ALA B 139 2.56 -9.61 12.17
CA ALA B 139 3.55 -9.01 11.22
C ALA B 139 3.29 -9.55 9.82
N TYR B 140 2.99 -8.69 8.88
CA TYR B 140 2.72 -9.20 7.50
C TYR B 140 4.02 -9.48 6.78
N ILE B 141 4.07 -10.52 6.01
CA ILE B 141 5.32 -10.83 5.29
C ILE B 141 4.99 -11.29 3.86
N GLU B 142 5.45 -10.57 2.88
CA GLU B 142 5.15 -10.97 1.46
C GLU B 142 6.38 -11.62 0.83
N PHE B 143 6.19 -12.71 0.12
CA PHE B 143 7.36 -13.39 -0.51
C PHE B 143 7.34 -13.21 -2.03
N LYS B 144 8.27 -13.82 -2.69
CA LYS B 144 8.34 -13.72 -4.19
C LYS B 144 7.22 -14.55 -4.82
N SER B 145 6.76 -15.55 -4.12
CA SER B 145 5.68 -16.41 -4.67
C SER B 145 4.94 -17.13 -3.55
N GLU B 146 4.07 -18.02 -3.91
CA GLU B 146 3.34 -18.79 -2.89
C GLU B 146 4.28 -19.87 -2.33
N ALA B 147 5.06 -20.46 -3.19
CA ALA B 147 6.02 -21.49 -2.72
C ALA B 147 7.04 -20.84 -1.80
N ASP B 148 7.47 -19.64 -2.12
CA ASP B 148 8.45 -18.97 -1.22
C ASP B 148 7.74 -18.61 0.07
N ALA B 149 6.64 -17.90 -0.01
CA ALA B 149 5.90 -17.54 1.23
C ALA B 149 5.40 -18.81 1.92
N GLU B 150 5.03 -19.81 1.17
CA GLU B 150 4.55 -21.07 1.81
C GLU B 150 5.73 -21.88 2.33
N LYS B 151 6.79 -21.95 1.57
CA LYS B 151 7.99 -22.72 2.02
C LYS B 151 8.52 -22.11 3.31
N ASN B 152 8.54 -20.80 3.39
CA ASN B 152 9.03 -20.15 4.63
C ASN B 152 7.94 -20.19 5.70
N LEU B 153 6.71 -19.99 5.31
CA LEU B 153 5.60 -20.03 6.31
C LEU B 153 5.57 -21.41 6.97
N GLU B 154 5.93 -22.42 6.25
CA GLU B 154 5.93 -23.80 6.83
C GLU B 154 7.34 -24.19 7.31
N GLU B 155 8.36 -23.59 6.76
CA GLU B 155 9.73 -23.95 7.17
C GLU B 155 10.23 -23.09 8.34
N LYS B 156 9.57 -22.00 8.64
CA LYS B 156 10.04 -21.15 9.77
C LYS B 156 9.04 -21.17 10.91
N GLN B 157 7.84 -20.69 10.68
CA GLN B 157 6.78 -20.66 11.73
C GLN B 157 7.38 -20.78 13.14
N GLY B 158 7.53 -19.70 13.85
CA GLY B 158 8.11 -19.79 15.22
C GLY B 158 9.27 -18.82 15.36
N ALA B 159 10.46 -19.23 14.99
CA ALA B 159 11.63 -18.32 15.13
C ALA B 159 11.79 -17.91 16.60
N GLU B 160 12.84 -18.36 17.24
CA GLU B 160 13.04 -18.01 18.67
C GLU B 160 13.51 -16.56 18.83
N ILE B 161 12.59 -15.66 19.05
CA ILE B 161 12.98 -14.23 19.23
C ILE B 161 12.28 -13.66 20.45
N ASP B 162 12.67 -12.49 20.87
CA ASP B 162 12.02 -11.87 22.06
C ASP B 162 11.70 -12.94 23.10
N GLY B 163 12.57 -13.88 23.28
CA GLY B 163 12.33 -14.96 24.27
C GLY B 163 10.96 -15.60 24.00
N ARG B 164 10.58 -15.71 22.76
CA ARG B 164 9.26 -16.32 22.44
C ARG B 164 9.21 -16.74 20.97
N SER B 165 8.25 -17.56 20.60
CA SER B 165 8.17 -18.01 19.18
C SER B 165 7.06 -17.26 18.45
N VAL B 166 7.27 -16.94 17.20
CA VAL B 166 6.25 -16.19 16.42
C VAL B 166 5.46 -17.15 15.51
N SER B 167 4.18 -16.92 15.37
CA SER B 167 3.35 -17.80 14.51
C SER B 167 3.27 -17.19 13.10
N LEU B 168 2.85 -17.98 12.14
CA LEU B 168 2.76 -17.45 10.74
C LEU B 168 1.45 -17.91 10.07
N TYR B 169 0.53 -17.01 9.89
CA TYR B 169 -0.76 -17.40 9.23
C TYR B 169 -0.81 -16.84 7.81
N TYR B 170 -0.90 -17.69 6.83
CA TYR B 170 -0.94 -17.23 5.41
C TYR B 170 -1.93 -16.09 5.22
N THR B 171 -2.11 -15.68 3.99
CA THR B 171 -3.05 -14.57 3.69
C THR B 171 -3.76 -14.86 2.36
N GLY B 172 -4.42 -15.97 2.25
CA GLY B 172 -5.12 -16.30 0.98
C GLY B 172 -6.63 -16.32 1.19
N GLU B 173 -7.34 -17.12 0.44
CA GLU B 173 -8.83 -17.19 0.59
C GLU B 173 -9.21 -18.37 1.48
N LYS B 174 -8.57 -19.51 1.30
CA LYS B 174 -8.91 -20.69 2.13
C LYS B 174 -8.36 -20.50 3.56
N GLY B 175 -7.07 -20.35 3.70
CA GLY B 175 -6.49 -20.17 5.05
C GLY B 175 -7.16 -18.99 5.75
N GLY B 1 -9.79 2.65 -23.22
CA GLY B 1 -9.32 1.44 -22.47
C GLY B 1 -9.14 0.27 -23.44
N SER B 2 -8.32 0.44 -24.44
CA SER B 2 -8.09 -0.66 -25.42
C SER B 2 -6.61 -0.68 -25.85
N HIS B 3 -5.77 -1.27 -25.05
CA HIS B 3 -4.32 -1.32 -25.41
C HIS B 3 -3.86 -2.77 -25.59
N MET B 4 -2.63 -2.97 -25.96
CA MET B 4 -2.12 -4.36 -26.16
C MET B 4 -1.32 -4.81 -24.92
N VAL B 5 -1.93 -4.77 -23.77
CA VAL B 5 -1.20 -5.20 -22.54
C VAL B 5 0.03 -4.32 -22.32
N GLU B 6 -0.13 -3.20 -21.66
CA GLU B 6 1.04 -2.31 -21.42
C GLU B 6 1.35 -2.24 -19.91
N GLY B 7 2.57 -2.50 -19.54
CA GLY B 7 2.93 -2.46 -18.10
C GLY B 7 2.47 -1.13 -17.48
N SER B 8 2.97 -0.03 -17.97
CA SER B 8 2.55 1.29 -17.42
C SER B 8 1.05 1.49 -17.57
N GLU B 9 0.57 1.55 -18.79
CA GLU B 9 -0.89 1.74 -19.02
C GLU B 9 -1.40 2.94 -18.25
N SER B 10 -0.55 3.87 -18.02
CA SER B 10 -0.94 5.10 -17.27
C SER B 10 -1.33 6.20 -18.26
N THR B 11 -2.13 7.14 -17.84
CA THR B 11 -2.56 8.24 -18.77
C THR B 11 -1.37 9.14 -19.10
N THR B 12 -0.50 9.33 -18.16
CA THR B 12 0.69 10.20 -18.39
C THR B 12 1.83 9.77 -17.47
N PRO B 13 2.86 10.57 -17.45
CA PRO B 13 4.04 10.25 -16.61
C PRO B 13 3.85 10.75 -15.17
N PHE B 14 3.03 11.76 -14.94
CA PHE B 14 2.87 12.25 -13.55
C PHE B 14 1.71 11.57 -12.83
N ASN B 15 1.81 10.28 -12.65
CA ASN B 15 0.75 9.54 -11.91
C ASN B 15 1.33 9.08 -10.59
N LEU B 16 0.50 8.86 -9.64
CA LEU B 16 0.98 8.40 -8.32
C LEU B 16 -0.20 8.14 -7.37
N PHE B 17 0.07 7.75 -6.15
CA PHE B 17 -1.03 7.46 -5.20
C PHE B 17 -1.10 8.51 -4.09
N ILE B 18 -2.20 8.57 -3.40
CA ILE B 18 -2.36 9.55 -2.31
C ILE B 18 -3.12 8.90 -1.15
N GLY B 19 -3.10 9.49 0.01
CA GLY B 19 -3.81 8.88 1.16
C GLY B 19 -4.72 9.91 1.82
N ASN B 20 -5.49 9.49 2.79
CA ASN B 20 -6.41 10.44 3.49
C ASN B 20 -7.48 10.98 2.54
N LEU B 21 -8.31 10.13 1.99
CA LEU B 21 -9.36 10.62 1.07
C LEU B 21 -10.47 11.32 1.90
N ASN B 22 -11.44 10.58 2.37
CA ASN B 22 -12.53 11.19 3.19
C ASN B 22 -13.64 10.17 3.40
N PRO B 23 -13.57 9.50 4.52
CA PRO B 23 -14.57 8.47 4.86
C PRO B 23 -15.94 9.10 5.20
N ASN B 24 -16.05 10.41 5.23
CA ASN B 24 -17.35 11.04 5.54
C ASN B 24 -17.83 11.89 4.36
N LYS B 25 -17.45 11.52 3.17
CA LYS B 25 -17.87 12.31 1.97
C LYS B 25 -18.27 11.36 0.84
N SER B 26 -18.19 11.82 -0.38
CA SER B 26 -18.57 10.95 -1.53
C SER B 26 -17.35 10.70 -2.43
N VAL B 27 -17.45 9.76 -3.34
CA VAL B 27 -16.31 9.49 -4.24
C VAL B 27 -16.18 10.62 -5.26
N ALA B 28 -17.27 11.01 -5.87
CA ALA B 28 -17.20 12.11 -6.86
C ALA B 28 -16.74 13.41 -6.19
N GLU B 29 -17.00 13.54 -4.91
CA GLU B 29 -16.58 14.79 -4.20
C GLU B 29 -15.08 14.76 -3.89
N LEU B 30 -14.52 13.60 -3.65
CA LEU B 30 -13.07 13.54 -3.36
C LEU B 30 -12.31 13.87 -4.63
N LYS B 31 -12.65 13.23 -5.70
CA LYS B 31 -11.95 13.48 -6.99
C LYS B 31 -12.32 14.86 -7.54
N VAL B 32 -13.57 15.24 -7.43
CA VAL B 32 -13.95 16.59 -7.95
C VAL B 32 -13.33 17.68 -7.10
N ALA B 33 -13.18 17.43 -5.82
CA ALA B 33 -12.54 18.47 -4.96
C ALA B 33 -11.13 18.70 -5.47
N ILE B 34 -10.47 17.64 -5.82
CA ILE B 34 -9.10 17.78 -6.36
C ILE B 34 -9.19 18.29 -7.81
N SER B 35 -10.26 17.96 -8.50
CA SER B 35 -10.40 18.46 -9.90
C SER B 35 -10.74 19.95 -9.89
N GLU B 36 -11.41 20.40 -8.86
CA GLU B 36 -11.77 21.84 -8.78
C GLU B 36 -10.59 22.63 -8.24
N LEU B 37 -9.93 22.09 -7.27
CA LEU B 37 -8.75 22.80 -6.70
C LEU B 37 -7.72 23.00 -7.79
N PHE B 38 -7.64 22.09 -8.71
CA PHE B 38 -6.68 22.25 -9.82
C PHE B 38 -7.35 23.10 -10.91
N ALA B 39 -8.66 23.14 -10.94
CA ALA B 39 -9.36 23.97 -11.94
C ALA B 39 -9.23 25.44 -11.55
N LYS B 40 -9.16 25.69 -10.27
CA LYS B 40 -9.01 27.10 -9.79
C LYS B 40 -7.52 27.43 -9.65
N ASN B 41 -6.70 26.43 -9.43
CA ASN B 41 -5.24 26.66 -9.29
C ASN B 41 -4.63 26.92 -10.66
N ASP B 42 -5.25 26.41 -11.71
CA ASP B 42 -4.75 26.56 -13.11
C ASP B 42 -3.85 25.37 -13.42
N LEU B 43 -4.20 24.25 -12.87
CA LEU B 43 -3.43 23.02 -13.10
C LEU B 43 -4.01 22.29 -14.31
N ALA B 44 -4.02 21.00 -14.29
CA ALA B 44 -4.58 20.22 -15.43
C ALA B 44 -4.53 18.74 -15.08
N VAL B 45 -5.22 18.37 -14.04
CA VAL B 45 -5.24 16.98 -13.58
C VAL B 45 -5.63 16.05 -14.71
N VAL B 46 -4.92 14.98 -14.80
CA VAL B 46 -5.18 13.96 -15.85
C VAL B 46 -5.94 12.79 -15.27
N ASP B 47 -5.71 12.46 -14.02
CA ASP B 47 -6.45 11.31 -13.43
C ASP B 47 -6.63 11.50 -11.92
N VAL B 48 -7.69 10.96 -11.38
CA VAL B 48 -7.93 11.10 -9.91
C VAL B 48 -8.89 10.00 -9.43
N ARG B 49 -8.42 9.08 -8.63
CA ARG B 49 -9.32 8.01 -8.13
C ARG B 49 -9.36 8.05 -6.61
N THR B 50 -9.86 7.01 -5.98
CA THR B 50 -9.88 7.00 -4.50
C THR B 50 -9.22 5.74 -4.00
N GLY B 51 -8.95 5.71 -2.74
CA GLY B 51 -8.31 4.54 -2.13
C GLY B 51 -9.38 3.68 -1.50
N THR B 52 -10.25 3.17 -2.37
CA THR B 52 -11.39 2.30 -1.98
C THR B 52 -11.88 2.53 -0.57
N ASN B 53 -12.93 3.28 -0.52
CA ASN B 53 -13.64 3.64 0.75
C ASN B 53 -13.13 4.98 1.23
N ARG B 54 -12.78 5.83 0.30
CA ARG B 54 -12.29 7.17 0.69
C ARG B 54 -11.13 7.05 1.69
N LYS B 55 -10.45 5.92 1.74
CA LYS B 55 -9.29 5.80 2.69
C LYS B 55 -8.08 6.46 2.05
N PHE B 56 -7.63 5.92 0.94
CA PHE B 56 -6.46 6.57 0.27
C PHE B 56 -6.89 6.95 -1.14
N GLY B 57 -6.02 6.99 -2.12
CA GLY B 57 -6.54 7.36 -3.47
C GLY B 57 -5.42 7.48 -4.49
N TYR B 58 -5.75 8.00 -5.64
CA TYR B 58 -4.75 8.14 -6.73
C TYR B 58 -4.92 9.47 -7.47
N VAL B 59 -4.06 9.73 -8.42
CA VAL B 59 -4.17 10.98 -9.20
C VAL B 59 -3.12 11.01 -10.31
N ASP B 60 -3.26 11.93 -11.20
CA ASP B 60 -2.27 12.07 -12.31
C ASP B 60 -2.23 13.50 -12.79
N PHE B 61 -1.13 13.86 -13.35
CA PHE B 61 -0.99 15.23 -13.90
C PHE B 61 -0.43 15.13 -15.32
N GLU B 62 -0.10 16.22 -15.93
CA GLU B 62 0.39 16.15 -17.33
C GLU B 62 1.68 16.97 -17.56
N SER B 63 2.49 17.21 -16.57
CA SER B 63 3.72 18.02 -16.85
C SER B 63 4.75 17.94 -15.74
N ALA B 64 5.88 18.53 -16.01
CA ALA B 64 6.96 18.59 -14.99
C ALA B 64 6.60 19.72 -14.04
N GLU B 65 5.82 20.65 -14.52
CA GLU B 65 5.40 21.79 -13.67
C GLU B 65 4.27 21.33 -12.72
N ASP B 66 3.53 20.32 -13.12
CA ASP B 66 2.48 19.79 -12.24
C ASP B 66 3.18 18.96 -11.19
N LEU B 67 4.22 18.29 -11.60
CA LEU B 67 4.97 17.45 -10.66
C LEU B 67 5.59 18.33 -9.57
N GLU B 68 6.07 19.48 -9.93
CA GLU B 68 6.67 20.40 -8.91
C GLU B 68 5.55 20.89 -7.98
N LYS B 69 4.39 21.09 -8.53
CA LYS B 69 3.25 21.52 -7.69
C LYS B 69 2.77 20.27 -6.95
N ALA B 70 3.02 19.12 -7.52
CA ALA B 70 2.61 17.88 -6.84
C ALA B 70 3.42 17.75 -5.54
N LEU B 71 4.62 18.29 -5.53
CA LEU B 71 5.46 18.24 -4.31
C LEU B 71 4.87 19.21 -3.30
N GLU B 72 4.58 20.41 -3.73
CA GLU B 72 3.97 21.38 -2.79
C GLU B 72 2.45 21.12 -2.67
N LEU B 73 1.91 20.26 -3.49
CA LEU B 73 0.45 19.95 -3.41
C LEU B 73 0.09 19.25 -2.08
N THR B 74 1.09 18.80 -1.38
CA THR B 74 0.86 18.10 -0.06
C THR B 74 -0.22 18.75 0.79
N GLY B 75 -0.49 19.98 0.56
CA GLY B 75 -1.54 20.69 1.35
C GLY B 75 -2.91 20.53 0.68
N LEU B 76 -3.16 19.43 0.04
CA LEU B 76 -4.48 19.22 -0.63
C LEU B 76 -5.50 18.71 0.36
N LYS B 77 -6.30 19.59 0.86
CA LYS B 77 -7.35 19.19 1.84
C LYS B 77 -8.58 18.70 1.11
N VAL B 78 -8.58 17.48 0.79
CA VAL B 78 -9.75 16.89 0.08
C VAL B 78 -11.00 17.07 0.95
N PHE B 79 -11.98 17.78 0.46
CA PHE B 79 -13.22 18.02 1.26
C PHE B 79 -12.91 18.11 2.75
N GLY B 80 -11.79 18.69 3.10
CA GLY B 80 -11.45 18.81 4.56
C GLY B 80 -10.51 17.68 4.96
N ASN B 81 -9.72 17.18 4.04
CA ASN B 81 -8.78 16.07 4.39
C ASN B 81 -7.47 16.23 3.61
N GLU B 82 -6.48 16.84 4.21
CA GLU B 82 -5.18 17.02 3.50
C GLU B 82 -4.70 15.69 2.95
N ILE B 83 -4.99 15.41 1.71
CA ILE B 83 -4.58 14.11 1.12
C ILE B 83 -3.06 13.98 1.09
N LYS B 84 -2.58 12.79 1.29
CA LYS B 84 -1.12 12.53 1.25
C LYS B 84 -0.74 12.02 -0.13
N LEU B 85 0.50 12.12 -0.49
CA LEU B 85 0.93 11.64 -1.81
C LEU B 85 2.18 10.78 -1.66
N GLU B 86 2.53 10.06 -2.69
CA GLU B 86 3.75 9.20 -2.61
C GLU B 86 3.83 8.31 -3.85
N LYS B 87 5.01 7.91 -4.23
CA LYS B 87 5.16 7.04 -5.43
C LYS B 87 4.07 5.97 -5.43
N PRO B 88 3.44 5.82 -6.57
CA PRO B 88 2.36 4.81 -6.71
C PRO B 88 2.90 3.39 -6.55
N LYS B 89 2.03 2.42 -6.56
CA LYS B 89 2.50 1.01 -6.40
C LYS B 89 2.47 0.28 -7.74
N GLY B 90 1.39 0.39 -8.48
CA GLY B 90 1.33 -0.31 -9.79
C GLY B 90 -0.02 -1.03 -9.93
N ARG B 91 0.00 -2.33 -10.09
CA ARG B 91 -1.28 -3.07 -10.23
C ARG B 91 -1.20 -4.44 -9.54
N ASP B 92 -1.11 -4.45 -8.24
CA ASP B 92 -1.05 -5.74 -7.48
C ASP B 92 -0.51 -5.48 -6.08
N SER B 93 -1.37 -5.17 -5.15
CA SER B 93 -0.91 -4.92 -3.76
C SER B 93 -2.09 -4.95 -2.79
N LYS B 94 -1.82 -4.77 -1.53
CA LYS B 94 -2.92 -4.78 -0.53
C LYS B 94 -3.77 -6.05 -0.70
N LYS B 95 -4.74 -6.06 -1.58
CA LYS B 95 -5.57 -7.25 -1.75
C LYS B 95 -5.05 -8.18 -2.84
N VAL B 96 -4.06 -7.76 -3.57
CA VAL B 96 -3.53 -8.63 -4.65
C VAL B 96 -2.34 -9.41 -4.13
N ARG B 97 -1.52 -8.77 -3.35
CA ARG B 97 -0.35 -9.50 -2.79
C ARG B 97 -0.88 -10.54 -1.79
N ALA B 98 -1.95 -10.25 -1.11
CA ALA B 98 -2.49 -11.24 -0.15
C ALA B 98 -2.51 -12.63 -0.79
N ALA B 99 -2.86 -12.70 -2.03
CA ALA B 99 -2.91 -14.04 -2.70
C ALA B 99 -1.54 -14.71 -2.65
N ARG B 100 -0.51 -13.99 -2.91
CA ARG B 100 0.84 -14.61 -2.85
C ARG B 100 1.47 -14.30 -1.49
N THR B 101 0.67 -14.10 -0.47
CA THR B 101 1.25 -13.78 0.86
C THR B 101 0.58 -14.57 1.98
N LEU B 102 1.25 -14.70 3.09
CA LEU B 102 0.67 -15.40 4.25
C LEU B 102 0.78 -14.47 5.47
N LEU B 103 0.37 -14.91 6.61
CA LEU B 103 0.44 -14.03 7.82
C LEU B 103 0.96 -14.83 9.01
N ALA B 104 2.22 -14.66 9.35
CA ALA B 104 2.78 -15.41 10.50
C ALA B 104 2.17 -14.92 11.81
N LYS B 105 1.97 -15.80 12.75
CA LYS B 105 1.37 -15.38 14.05
C LYS B 105 2.25 -15.84 15.21
N ASN B 106 1.96 -15.37 16.40
CA ASN B 106 2.79 -15.77 17.57
C ASN B 106 4.18 -15.14 17.48
N LEU B 107 4.29 -14.02 16.80
CA LEU B 107 5.62 -13.35 16.67
C LEU B 107 5.98 -12.69 18.01
N SER B 108 6.98 -11.85 18.04
CA SER B 108 7.34 -11.19 19.32
C SER B 108 7.81 -9.76 19.08
N PHE B 109 8.16 -9.07 20.13
CA PHE B 109 8.64 -7.66 19.99
C PHE B 109 10.14 -7.61 19.68
N ASN B 110 10.86 -8.66 19.99
CA ASN B 110 12.32 -8.66 19.71
C ASN B 110 12.58 -9.09 18.27
N ILE B 111 11.71 -9.89 17.70
CA ILE B 111 11.94 -10.32 16.29
C ILE B 111 11.61 -9.18 15.34
N THR B 112 11.97 -9.32 14.10
CA THR B 112 11.70 -8.25 13.10
C THR B 112 11.64 -8.83 11.68
N GLU B 113 11.43 -8.00 10.70
CA GLU B 113 11.37 -8.49 9.29
C GLU B 113 12.65 -9.25 8.98
N ASP B 114 13.77 -8.77 9.43
CA ASP B 114 15.05 -9.46 9.16
C ASP B 114 14.95 -10.93 9.57
N GLU B 115 14.50 -11.18 10.77
CA GLU B 115 14.36 -12.58 11.23
C GLU B 115 13.26 -13.28 10.44
N LEU B 116 12.24 -12.57 10.08
CA LEU B 116 11.14 -13.18 9.29
C LEU B 116 11.65 -13.41 7.88
N LYS B 117 12.45 -12.50 7.39
CA LYS B 117 13.02 -12.68 6.03
C LYS B 117 14.11 -13.73 6.06
N GLU B 118 14.74 -13.90 7.19
CA GLU B 118 15.81 -14.90 7.31
C GLU B 118 15.19 -16.29 7.49
N VAL B 119 14.06 -16.36 8.13
CA VAL B 119 13.39 -17.67 8.31
C VAL B 119 12.64 -18.02 7.03
N PHE B 120 12.13 -17.03 6.36
CA PHE B 120 11.39 -17.29 5.11
C PHE B 120 12.29 -16.97 3.91
N GLU B 121 13.42 -17.62 3.81
CA GLU B 121 14.35 -17.35 2.67
C GLU B 121 13.62 -17.47 1.32
N ASP B 122 12.53 -18.19 1.27
CA ASP B 122 11.79 -18.32 -0.02
C ASP B 122 10.85 -17.12 -0.21
N ALA B 123 10.52 -16.43 0.84
CA ALA B 123 9.62 -15.25 0.70
C ALA B 123 10.40 -14.04 0.17
N LEU B 124 9.79 -13.26 -0.68
CA LEU B 124 10.50 -12.07 -1.23
C LEU B 124 10.23 -10.84 -0.37
N GLU B 125 9.09 -10.77 0.27
CA GLU B 125 8.79 -9.58 1.11
C GLU B 125 8.10 -9.98 2.42
N ILE B 126 8.22 -9.15 3.42
CA ILE B 126 7.58 -9.45 4.73
C ILE B 126 6.94 -8.17 5.30
N ARG B 127 5.68 -8.22 5.60
CA ARG B 127 5.00 -7.01 6.15
C ARG B 127 4.70 -7.20 7.64
N LEU B 128 5.66 -6.92 8.48
CA LEU B 128 5.44 -7.08 9.95
C LEU B 128 4.02 -6.61 10.31
N VAL B 129 3.34 -7.34 11.13
CA VAL B 129 1.96 -6.93 11.49
C VAL B 129 1.87 -6.49 12.95
N SER B 130 1.79 -5.19 13.14
CA SER B 130 1.71 -4.61 14.50
C SER B 130 0.40 -3.84 14.66
N GLN B 131 0.37 -2.83 15.51
CA GLN B 131 -0.89 -2.05 15.70
C GLN B 131 -0.75 -0.64 15.12
N ASP B 132 -0.12 -0.51 13.98
CA ASP B 132 0.09 0.84 13.32
C ASP B 132 1.37 1.50 13.83
N GLY B 133 1.72 1.27 15.06
CA GLY B 133 2.95 1.88 15.63
C GLY B 133 3.32 1.13 16.92
N LYS B 134 3.19 -0.17 16.89
CA LYS B 134 3.52 -0.99 18.09
C LYS B 134 3.39 -2.47 17.75
N SER B 135 4.47 -3.20 17.81
CA SER B 135 4.42 -4.66 17.47
C SER B 135 3.11 -5.28 17.98
N LYS B 136 2.54 -6.17 17.21
CA LYS B 136 1.27 -6.82 17.62
C LYS B 136 1.44 -8.34 17.74
N GLY B 137 2.24 -8.93 16.89
CA GLY B 137 2.43 -10.40 16.99
C GLY B 137 2.24 -11.09 15.63
N ILE B 138 1.92 -10.37 14.57
CA ILE B 138 1.75 -11.09 13.28
C ILE B 138 2.75 -10.56 12.26
N ALA B 139 3.14 -11.37 11.31
CA ALA B 139 4.11 -10.90 10.28
C ALA B 139 3.65 -11.36 8.90
N TYR B 140 3.36 -10.43 8.02
CA TYR B 140 2.90 -10.86 6.67
C TYR B 140 4.09 -11.34 5.84
N ILE B 141 3.96 -12.47 5.22
CA ILE B 141 5.10 -13.01 4.42
C ILE B 141 4.67 -13.20 2.95
N GLU B 142 5.34 -12.55 2.04
CA GLU B 142 4.97 -12.68 0.60
C GLU B 142 5.96 -13.62 -0.12
N PHE B 143 5.46 -14.52 -0.92
CA PHE B 143 6.36 -15.46 -1.65
C PHE B 143 6.25 -15.28 -3.16
N LYS B 144 6.92 -16.11 -3.90
CA LYS B 144 6.85 -15.99 -5.39
C LYS B 144 5.43 -16.22 -5.87
N SER B 145 4.67 -16.99 -5.14
CA SER B 145 3.26 -17.25 -5.55
C SER B 145 2.49 -17.82 -4.37
N GLU B 146 1.30 -18.30 -4.62
CA GLU B 146 0.51 -18.90 -3.53
C GLU B 146 1.07 -20.30 -3.26
N ALA B 147 1.41 -21.01 -4.29
CA ALA B 147 1.98 -22.36 -4.10
C ALA B 147 3.33 -22.23 -3.41
N ASP B 148 4.07 -21.20 -3.71
CA ASP B 148 5.39 -21.02 -3.04
C ASP B 148 5.14 -20.66 -1.58
N ALA B 149 4.40 -19.61 -1.34
CA ALA B 149 4.10 -19.21 0.06
C ALA B 149 3.36 -20.34 0.77
N GLU B 150 2.55 -21.08 0.04
CA GLU B 150 1.80 -22.20 0.69
C GLU B 150 2.73 -23.37 1.00
N LYS B 151 3.53 -23.77 0.05
CA LYS B 151 4.47 -24.90 0.31
C LYS B 151 5.37 -24.54 1.49
N ASN B 152 5.86 -23.33 1.49
CA ASN B 152 6.73 -22.90 2.62
C ASN B 152 5.88 -22.75 3.89
N LEU B 153 4.71 -22.16 3.74
CA LEU B 153 3.82 -21.99 4.93
C LEU B 153 3.68 -23.33 5.66
N GLU B 154 3.46 -24.38 4.93
CA GLU B 154 3.32 -25.71 5.57
C GLU B 154 4.70 -26.34 5.81
N GLU B 155 5.64 -26.09 4.94
CA GLU B 155 6.99 -26.67 5.10
C GLU B 155 7.75 -26.03 6.27
N LYS B 156 7.34 -24.87 6.71
CA LYS B 156 8.06 -24.23 7.85
C LYS B 156 7.16 -24.15 9.07
N GLN B 157 6.09 -23.39 8.98
CA GLN B 157 5.15 -23.24 10.12
C GLN B 157 5.86 -23.46 11.46
N GLY B 158 6.32 -22.40 12.08
CA GLY B 158 7.04 -22.56 13.38
C GLY B 158 8.49 -22.10 13.21
N ALA B 159 9.33 -22.95 12.68
CA ALA B 159 10.76 -22.58 12.48
C ALA B 159 11.40 -22.13 13.80
N GLU B 160 10.89 -22.63 14.91
CA GLU B 160 11.47 -22.25 16.25
C GLU B 160 12.02 -20.82 16.23
N ILE B 161 11.22 -19.86 16.62
CA ILE B 161 11.71 -18.44 16.65
C ILE B 161 11.32 -17.79 17.97
N ASP B 162 11.85 -16.63 18.25
CA ASP B 162 11.49 -15.95 19.52
C ASP B 162 11.28 -16.96 20.66
N GLY B 163 12.18 -17.90 20.80
CA GLY B 163 12.03 -18.91 21.88
C GLY B 163 10.69 -19.63 21.75
N ARG B 164 10.24 -19.85 20.55
CA ARG B 164 8.94 -20.56 20.35
C ARG B 164 8.64 -20.71 18.85
N SER B 165 7.81 -21.63 18.48
CA SER B 165 7.50 -21.83 17.03
C SER B 165 6.52 -20.75 16.53
N VAL B 166 6.81 -20.16 15.40
CA VAL B 166 5.90 -19.11 14.86
C VAL B 166 4.79 -19.76 14.03
N SER B 167 3.59 -19.28 14.15
CA SER B 167 2.47 -19.88 13.36
C SER B 167 2.34 -19.15 12.02
N LEU B 168 1.91 -19.83 10.99
CA LEU B 168 1.78 -19.16 9.67
C LEU B 168 0.34 -19.28 9.17
N TYR B 169 -0.31 -18.17 8.90
CA TYR B 169 -1.70 -18.21 8.40
C TYR B 169 -1.80 -17.48 7.06
N TYR B 170 -2.12 -18.18 6.02
CA TYR B 170 -2.22 -17.55 4.67
C TYR B 170 -2.91 -16.18 4.73
N THR B 171 -2.98 -15.53 3.61
CA THR B 171 -3.64 -14.19 3.56
C THR B 171 -4.43 -14.05 2.26
N GLY B 172 -5.54 -14.73 2.14
CA GLY B 172 -6.35 -14.63 0.89
C GLY B 172 -7.83 -14.82 1.24
N GLU B 173 -8.62 -15.23 0.29
CA GLU B 173 -10.07 -15.43 0.57
C GLU B 173 -10.25 -16.26 1.84
N LYS B 174 -9.61 -17.40 1.91
CA LYS B 174 -9.75 -18.25 3.13
C LYS B 174 -9.25 -17.48 4.37
N GLY B 175 -8.33 -16.57 4.18
CA GLY B 175 -7.82 -15.80 5.35
C GLY B 175 -7.49 -16.74 6.50
N GLY B 1 15.07 -9.67 -18.57
CA GLY B 1 13.80 -9.35 -17.87
C GLY B 1 12.63 -9.59 -18.84
N SER B 2 12.26 -8.59 -19.60
CA SER B 2 11.12 -8.77 -20.55
C SER B 2 11.64 -8.77 -21.99
N HIS B 3 10.77 -8.93 -22.95
CA HIS B 3 11.22 -8.93 -24.37
C HIS B 3 10.80 -7.64 -25.07
N MET B 4 9.58 -7.21 -24.88
CA MET B 4 9.13 -5.95 -25.53
C MET B 4 8.19 -5.18 -24.59
N VAL B 5 7.80 -3.99 -24.98
CA VAL B 5 6.89 -3.19 -24.10
C VAL B 5 5.81 -2.51 -24.93
N GLU B 6 4.58 -2.92 -24.77
CA GLU B 6 3.48 -2.30 -25.56
C GLU B 6 3.35 -0.81 -25.19
N GLY B 7 2.92 0.01 -26.11
CA GLY B 7 2.78 1.46 -25.80
C GLY B 7 1.30 1.79 -25.58
N SER B 8 0.70 1.22 -24.58
CA SER B 8 -0.75 1.50 -24.31
C SER B 8 -1.13 1.00 -22.91
N GLU B 9 -1.12 1.87 -21.94
CA GLU B 9 -1.47 1.48 -20.57
C GLU B 9 -2.64 2.34 -20.11
N SER B 10 -2.54 2.85 -18.95
CA SER B 10 -3.63 3.72 -18.40
C SER B 10 -3.89 4.91 -19.33
N THR B 11 -4.45 5.96 -18.81
CA THR B 11 -4.73 7.15 -19.67
C THR B 11 -3.51 8.09 -19.70
N THR B 12 -2.37 7.64 -19.23
CA THR B 12 -1.17 8.53 -19.25
C THR B 12 0.05 7.77 -18.69
N PRO B 13 1.19 8.38 -18.86
CA PRO B 13 2.46 7.78 -18.39
C PRO B 13 2.67 8.06 -16.89
N PHE B 14 2.46 9.28 -16.46
CA PHE B 14 2.68 9.60 -15.01
C PHE B 14 1.45 9.22 -14.17
N ASN B 15 1.48 8.08 -13.55
CA ASN B 15 0.34 7.66 -12.70
C ASN B 15 0.86 7.16 -11.36
N LEU B 16 0.10 7.33 -10.33
CA LEU B 16 0.55 6.86 -9.00
C LEU B 16 -0.60 6.84 -8.01
N PHE B 17 -0.28 6.64 -6.76
CA PHE B 17 -1.36 6.59 -5.73
C PHE B 17 -1.20 7.74 -4.73
N ILE B 18 -2.25 8.00 -4.01
CA ILE B 18 -2.22 9.09 -3.00
C ILE B 18 -2.83 8.55 -1.69
N GLY B 19 -2.71 9.26 -0.61
CA GLY B 19 -3.29 8.74 0.66
C GLY B 19 -3.99 9.87 1.40
N ASN B 20 -4.57 9.57 2.53
CA ASN B 20 -5.29 10.62 3.30
C ASN B 20 -6.49 11.13 2.50
N LEU B 21 -7.21 10.24 1.87
CA LEU B 21 -8.39 10.67 1.09
C LEU B 21 -9.56 10.95 2.06
N ASN B 22 -10.70 10.34 1.92
CA ASN B 22 -11.79 10.64 2.88
C ASN B 22 -12.94 9.63 2.75
N PRO B 23 -12.90 8.64 3.61
CA PRO B 23 -13.94 7.59 3.61
C PRO B 23 -15.27 8.14 4.14
N ASN B 24 -15.26 9.25 4.82
CA ASN B 24 -16.53 9.81 5.35
C ASN B 24 -16.99 10.95 4.44
N LYS B 25 -16.74 10.81 3.16
CA LYS B 25 -17.13 11.88 2.20
C LYS B 25 -17.66 11.24 0.91
N SER B 26 -17.59 11.94 -0.18
CA SER B 26 -18.09 11.38 -1.47
C SER B 26 -16.91 11.08 -2.39
N VAL B 27 -17.12 10.25 -3.38
CA VAL B 27 -16.01 9.94 -4.33
C VAL B 27 -15.87 11.08 -5.34
N ALA B 28 -16.96 11.67 -5.73
CA ALA B 28 -16.88 12.80 -6.70
C ALA B 28 -16.24 14.01 -6.02
N GLU B 29 -16.31 14.09 -4.71
CA GLU B 29 -15.71 15.26 -4.00
C GLU B 29 -14.23 15.02 -3.72
N LEU B 30 -13.84 13.83 -3.35
CA LEU B 30 -12.41 13.58 -3.08
C LEU B 30 -11.63 13.70 -4.38
N LYS B 31 -12.19 13.15 -5.39
CA LYS B 31 -11.54 13.21 -6.73
C LYS B 31 -11.46 14.67 -7.20
N VAL B 32 -12.55 15.38 -7.16
CA VAL B 32 -12.52 16.81 -7.59
C VAL B 32 -11.62 17.60 -6.65
N ALA B 33 -11.59 17.24 -5.39
CA ALA B 33 -10.70 17.97 -4.46
C ALA B 33 -9.27 17.84 -4.98
N ILE B 34 -8.95 16.72 -5.55
CA ILE B 34 -7.60 16.54 -6.12
C ILE B 34 -7.53 17.26 -7.47
N SER B 35 -8.63 17.29 -8.18
CA SER B 35 -8.63 18.00 -9.49
C SER B 35 -8.57 19.51 -9.26
N GLU B 36 -9.07 19.96 -8.15
CA GLU B 36 -9.04 21.41 -7.85
C GLU B 36 -7.70 21.78 -7.24
N LEU B 37 -7.19 20.91 -6.42
CA LEU B 37 -5.86 21.17 -5.80
C LEU B 37 -4.83 21.34 -6.90
N PHE B 38 -5.00 20.63 -7.98
CA PHE B 38 -4.06 20.76 -9.11
C PHE B 38 -4.60 21.76 -10.13
N ALA B 39 -5.86 22.11 -10.04
CA ALA B 39 -6.43 23.09 -11.01
C ALA B 39 -6.25 24.50 -10.46
N LYS B 40 -6.31 24.64 -9.16
CA LYS B 40 -6.11 25.97 -8.54
C LYS B 40 -4.62 26.25 -8.43
N ASN B 41 -3.82 25.22 -8.36
CA ASN B 41 -2.34 25.42 -8.27
C ASN B 41 -1.78 25.71 -9.66
N ASP B 42 -2.42 25.14 -10.69
CA ASP B 42 -1.97 25.31 -12.11
C ASP B 42 -1.17 24.09 -12.49
N LEU B 43 -1.54 22.97 -11.95
CA LEU B 43 -0.85 21.71 -12.27
C LEU B 43 -1.32 21.20 -13.62
N ALA B 44 -1.30 19.94 -13.81
CA ALA B 44 -1.76 19.36 -15.10
C ALA B 44 -2.18 17.91 -14.87
N VAL B 45 -3.25 17.72 -14.17
CA VAL B 45 -3.74 16.35 -13.90
C VAL B 45 -4.39 15.79 -15.15
N VAL B 46 -4.26 14.52 -15.30
CA VAL B 46 -4.85 13.83 -16.48
C VAL B 46 -5.97 12.89 -16.00
N ASP B 47 -5.72 12.11 -14.99
CA ASP B 47 -6.77 11.18 -14.49
C ASP B 47 -6.80 11.20 -12.95
N VAL B 48 -7.83 10.65 -12.37
CA VAL B 48 -7.92 10.63 -10.88
C VAL B 48 -8.97 9.62 -10.42
N ARG B 49 -8.60 8.76 -9.51
CA ARG B 49 -9.57 7.75 -8.99
C ARG B 49 -9.55 7.79 -7.47
N THR B 50 -10.01 6.77 -6.82
CA THR B 50 -9.98 6.78 -5.35
C THR B 50 -9.14 5.62 -4.83
N GLY B 51 -9.16 5.44 -3.56
CA GLY B 51 -8.37 4.36 -2.93
C GLY B 51 -9.33 3.44 -2.19
N THR B 52 -10.17 2.76 -2.97
CA THR B 52 -11.21 1.84 -2.47
C THR B 52 -11.74 2.26 -1.11
N ASN B 53 -12.91 2.77 -1.16
CA ASN B 53 -13.63 3.27 0.05
C ASN B 53 -13.12 4.67 0.39
N ARG B 54 -12.71 5.40 -0.60
CA ARG B 54 -12.20 6.77 -0.36
C ARG B 54 -11.16 6.79 0.77
N LYS B 55 -10.50 5.69 1.03
CA LYS B 55 -9.45 5.70 2.08
C LYS B 55 -8.26 6.43 1.47
N PHE B 56 -7.79 5.96 0.36
CA PHE B 56 -6.68 6.67 -0.33
C PHE B 56 -7.16 6.99 -1.73
N GLY B 57 -6.38 7.55 -2.60
CA GLY B 57 -6.94 7.84 -3.96
C GLY B 57 -5.83 7.82 -5.02
N TYR B 58 -6.22 7.64 -6.26
CA TYR B 58 -5.20 7.57 -7.35
C TYR B 58 -5.19 8.84 -8.19
N VAL B 59 -4.25 8.93 -9.09
CA VAL B 59 -4.19 10.13 -9.98
C VAL B 59 -3.13 9.90 -11.06
N ASP B 60 -3.20 10.68 -12.08
CA ASP B 60 -2.24 10.54 -13.20
C ASP B 60 -1.85 11.93 -13.71
N PHE B 61 -0.59 12.14 -13.97
CA PHE B 61 -0.14 13.46 -14.47
C PHE B 61 0.24 13.38 -15.95
N GLU B 62 0.76 14.44 -16.51
CA GLU B 62 1.13 14.41 -17.95
C GLU B 62 2.57 14.88 -18.16
N SER B 63 3.39 14.83 -17.14
CA SER B 63 4.82 15.27 -17.33
C SER B 63 5.66 15.05 -16.09
N ALA B 64 6.91 15.33 -16.22
CA ALA B 64 7.83 15.23 -15.05
C ALA B 64 7.63 16.48 -14.22
N GLU B 65 7.13 17.52 -14.84
CA GLU B 65 6.87 18.78 -14.11
C GLU B 65 5.58 18.66 -13.31
N ASP B 66 4.68 17.80 -13.74
CA ASP B 66 3.44 17.59 -12.98
C ASP B 66 3.78 16.65 -11.83
N LEU B 67 4.72 15.77 -12.08
CA LEU B 67 5.14 14.83 -11.02
C LEU B 67 5.96 15.57 -9.96
N GLU B 68 6.72 16.54 -10.38
CA GLU B 68 7.55 17.33 -9.42
C GLU B 68 6.62 18.22 -8.58
N LYS B 69 5.57 18.70 -9.17
CA LYS B 69 4.62 19.53 -8.40
C LYS B 69 3.73 18.56 -7.64
N ALA B 70 3.47 17.43 -8.24
CA ALA B 70 2.65 16.41 -7.55
C ALA B 70 3.36 16.04 -6.23
N LEU B 71 4.67 16.14 -6.20
CA LEU B 71 5.40 15.84 -4.95
C LEU B 71 5.16 16.99 -3.98
N GLU B 72 5.33 18.20 -4.45
CA GLU B 72 5.07 19.36 -3.56
C GLU B 72 3.57 19.42 -3.21
N LEU B 73 2.74 18.70 -3.94
CA LEU B 73 1.28 18.72 -3.66
C LEU B 73 0.94 17.88 -2.41
N THR B 74 1.92 17.33 -1.74
CA THR B 74 1.63 16.52 -0.52
C THR B 74 1.44 17.40 0.72
N GLY B 75 1.46 18.68 0.54
CA GLY B 75 1.28 19.60 1.70
C GLY B 75 -0.09 20.27 1.60
N LEU B 76 -1.05 19.62 1.00
CA LEU B 76 -2.40 20.23 0.88
C LEU B 76 -3.45 19.38 1.56
N LYS B 77 -4.13 19.97 2.48
CA LYS B 77 -5.19 19.23 3.18
C LYS B 77 -6.42 19.20 2.35
N VAL B 78 -6.53 18.18 1.61
CA VAL B 78 -7.73 17.97 0.74
C VAL B 78 -8.97 18.09 1.63
N PHE B 79 -9.96 17.27 1.49
CA PHE B 79 -11.14 17.43 2.41
C PHE B 79 -10.69 17.19 3.86
N GLY B 80 -9.87 18.07 4.40
CA GLY B 80 -9.38 17.91 5.79
C GLY B 80 -8.39 16.75 5.84
N ASN B 81 -7.39 16.78 4.99
CA ASN B 81 -6.39 15.68 4.98
C ASN B 81 -5.26 16.02 4.02
N GLU B 82 -4.09 16.31 4.52
CA GLU B 82 -2.95 16.64 3.61
C GLU B 82 -2.73 15.51 2.62
N ILE B 83 -3.45 15.51 1.53
CA ILE B 83 -3.31 14.41 0.53
C ILE B 83 -1.86 13.94 0.41
N LYS B 84 -1.66 12.66 0.46
CA LYS B 84 -0.29 12.10 0.32
C LYS B 84 -0.14 11.48 -1.05
N LEU B 85 1.05 11.42 -1.55
CA LEU B 85 1.28 10.82 -2.87
C LEU B 85 2.41 9.82 -2.80
N GLU B 86 2.62 9.10 -3.86
CA GLU B 86 3.72 8.09 -3.88
C GLU B 86 3.53 7.14 -5.07
N LYS B 87 4.60 6.56 -5.55
CA LYS B 87 4.46 5.63 -6.71
C LYS B 87 3.24 4.73 -6.51
N PRO B 88 2.63 4.37 -7.60
CA PRO B 88 1.43 3.51 -7.56
C PRO B 88 1.79 2.08 -7.15
N LYS B 89 0.81 1.20 -7.14
CA LYS B 89 1.08 -0.22 -6.76
C LYS B 89 1.00 -1.13 -7.98
N GLY B 90 -0.07 -1.05 -8.74
CA GLY B 90 -0.18 -1.94 -9.94
C GLY B 90 -1.59 -2.52 -10.06
N ARG B 91 -1.70 -3.79 -10.35
CA ARG B 91 -3.04 -4.42 -10.49
C ARG B 91 -3.57 -4.81 -9.11
N ASP B 92 -4.10 -6.00 -8.94
CA ASP B 92 -4.63 -6.39 -7.60
C ASP B 92 -3.50 -6.30 -6.57
N SER B 93 -2.60 -7.24 -6.59
CA SER B 93 -1.46 -7.23 -5.63
C SER B 93 -1.95 -7.07 -4.18
N LYS B 94 -2.33 -5.89 -3.80
CA LYS B 94 -2.81 -5.67 -2.40
C LYS B 94 -3.53 -6.90 -1.88
N LYS B 95 -4.61 -7.28 -2.50
CA LYS B 95 -5.36 -8.47 -2.01
C LYS B 95 -4.90 -9.75 -2.70
N VAL B 96 -4.08 -9.64 -3.70
CA VAL B 96 -3.59 -10.87 -4.36
C VAL B 96 -2.23 -11.23 -3.75
N ARG B 97 -1.32 -10.31 -3.78
CA ARG B 97 -0.01 -10.59 -3.15
C ARG B 97 -0.24 -11.11 -1.73
N ALA B 98 -1.34 -10.73 -1.11
CA ALA B 98 -1.60 -11.23 0.27
C ALA B 98 -1.27 -12.72 0.33
N ALA B 99 -1.55 -13.44 -0.72
CA ALA B 99 -1.25 -14.90 -0.71
C ALA B 99 0.24 -15.14 -0.47
N ARG B 100 1.08 -14.32 -1.04
CA ARG B 100 2.54 -14.48 -0.82
C ARG B 100 2.99 -13.55 0.32
N THR B 101 2.08 -13.21 1.20
CA THR B 101 2.44 -12.30 2.34
C THR B 101 2.43 -13.05 3.66
N LEU B 102 3.58 -13.53 4.08
CA LEU B 102 3.65 -14.26 5.37
C LEU B 102 3.47 -13.30 6.55
N LEU B 103 2.48 -13.52 7.37
CA LEU B 103 2.27 -12.62 8.54
C LEU B 103 2.81 -13.30 9.81
N ALA B 104 3.75 -12.69 10.46
CA ALA B 104 4.32 -13.33 11.69
C ALA B 104 3.41 -13.08 12.90
N LYS B 105 2.98 -14.12 13.55
CA LYS B 105 2.09 -13.94 14.74
C LYS B 105 2.81 -14.36 16.02
N ASN B 106 2.26 -14.05 17.15
CA ASN B 106 2.90 -14.43 18.44
C ASN B 106 4.20 -13.66 18.66
N LEU B 107 4.22 -12.39 18.35
CA LEU B 107 5.47 -11.60 18.56
C LEU B 107 5.42 -10.93 19.93
N SER B 108 6.38 -10.11 20.26
CA SER B 108 6.36 -9.44 21.59
C SER B 108 6.63 -7.93 21.45
N PHE B 109 6.94 -7.29 22.55
CA PHE B 109 7.21 -5.83 22.50
C PHE B 109 8.70 -5.55 22.25
N ASN B 110 9.56 -6.52 22.47
CA ASN B 110 11.01 -6.30 22.25
C ASN B 110 11.39 -6.61 20.81
N ILE B 111 10.66 -7.47 20.16
CA ILE B 111 11.02 -7.80 18.75
C ILE B 111 10.65 -6.64 17.82
N THR B 112 11.18 -6.61 16.63
CA THR B 112 10.87 -5.49 15.70
C THR B 112 11.10 -5.90 14.25
N GLU B 113 10.80 -5.02 13.32
CA GLU B 113 11.01 -5.34 11.88
C GLU B 113 12.45 -5.77 11.66
N ASP B 114 13.38 -5.13 12.32
CA ASP B 114 14.81 -5.52 12.15
C ASP B 114 14.99 -6.97 12.56
N GLU B 115 14.51 -7.32 13.71
CA GLU B 115 14.63 -8.73 14.18
C GLU B 115 14.01 -9.66 13.14
N LEU B 116 12.86 -9.29 12.65
CA LEU B 116 12.20 -10.11 11.61
C LEU B 116 13.01 -9.97 10.34
N LYS B 117 13.51 -8.79 10.09
CA LYS B 117 14.34 -8.57 8.88
C LYS B 117 15.63 -9.37 9.00
N GLU B 118 16.07 -9.59 10.20
CA GLU B 118 17.32 -10.37 10.42
C GLU B 118 17.01 -11.86 10.31
N VAL B 119 15.83 -12.25 10.71
CA VAL B 119 15.46 -13.70 10.62
C VAL B 119 14.82 -14.00 9.28
N PHE B 120 14.08 -13.07 8.73
CA PHE B 120 13.43 -13.32 7.42
C PHE B 120 14.31 -12.81 6.28
N GLU B 121 15.49 -13.33 6.17
CA GLU B 121 16.42 -12.87 5.08
C GLU B 121 15.84 -13.20 3.69
N ASP B 122 14.88 -14.07 3.60
CA ASP B 122 14.30 -14.42 2.27
C ASP B 122 13.06 -13.58 1.94
N ALA B 123 12.48 -12.93 2.93
CA ALA B 123 11.26 -12.12 2.65
C ALA B 123 11.63 -10.85 1.87
N LEU B 124 10.66 -10.22 1.26
CA LEU B 124 10.94 -8.98 0.48
C LEU B 124 10.65 -7.75 1.32
N GLU B 125 9.52 -7.73 2.00
CA GLU B 125 9.18 -6.55 2.85
C GLU B 125 8.41 -7.01 4.09
N ILE B 126 8.31 -6.17 5.08
CA ILE B 126 7.58 -6.57 6.32
C ILE B 126 6.70 -5.43 6.83
N ARG B 127 5.60 -5.77 7.45
CA ARG B 127 4.68 -4.73 7.99
C ARG B 127 4.28 -5.05 9.43
N LEU B 128 5.13 -4.76 10.38
CA LEU B 128 4.80 -5.04 11.80
C LEU B 128 3.33 -4.71 12.08
N VAL B 129 2.62 -5.60 12.71
CA VAL B 129 1.18 -5.31 12.99
C VAL B 129 0.99 -5.00 14.47
N SER B 130 0.61 -3.76 14.73
CA SER B 130 0.37 -3.28 16.12
C SER B 130 -0.72 -2.20 16.12
N GLN B 131 -1.51 -2.16 17.16
CA GLN B 131 -2.59 -1.13 17.22
C GLN B 131 -2.02 0.26 16.92
N ASP B 132 -2.86 1.22 16.68
CA ASP B 132 -2.36 2.60 16.39
C ASP B 132 -1.29 2.98 17.43
N GLY B 133 -1.41 2.46 18.62
CA GLY B 133 -0.41 2.79 19.67
C GLY B 133 -0.38 1.67 20.72
N LYS B 134 -0.37 0.44 20.29
CA LYS B 134 -0.34 -0.69 21.26
C LYS B 134 0.10 -1.97 20.54
N SER B 135 1.36 -2.26 20.56
CA SER B 135 1.84 -3.49 19.86
C SER B 135 0.85 -4.63 20.02
N LYS B 136 0.57 -5.31 18.94
CA LYS B 136 -0.39 -6.44 18.98
C LYS B 136 0.39 -7.76 18.99
N GLY B 137 1.55 -7.77 18.38
CA GLY B 137 2.35 -9.01 18.35
C GLY B 137 2.35 -9.62 16.96
N ILE B 138 1.99 -8.90 15.92
CA ILE B 138 2.02 -9.56 14.58
C ILE B 138 3.01 -8.82 13.69
N ALA B 139 3.42 -9.42 12.61
CA ALA B 139 4.37 -8.75 11.69
C ALA B 139 4.14 -9.25 10.27
N TYR B 140 3.65 -8.42 9.40
CA TYR B 140 3.42 -8.88 8.02
C TYR B 140 4.75 -9.08 7.30
N ILE B 141 4.83 -10.03 6.42
CA ILE B 141 6.12 -10.27 5.72
C ILE B 141 5.85 -10.83 4.32
N GLU B 142 6.15 -10.07 3.30
CA GLU B 142 5.90 -10.57 1.91
C GLU B 142 7.15 -11.27 1.37
N PHE B 143 7.00 -12.46 0.86
CA PHE B 143 8.18 -13.20 0.33
C PHE B 143 8.14 -13.20 -1.21
N LYS B 144 9.07 -13.88 -1.82
CA LYS B 144 9.07 -13.94 -3.31
C LYS B 144 7.77 -14.58 -3.80
N SER B 145 7.12 -15.32 -2.96
CA SER B 145 5.84 -15.98 -3.37
C SER B 145 5.24 -16.74 -2.18
N GLU B 146 4.30 -17.58 -2.45
CA GLU B 146 3.72 -18.38 -1.35
C GLU B 146 4.68 -19.52 -1.03
N ALA B 147 5.28 -20.08 -2.04
CA ALA B 147 6.26 -21.17 -1.81
C ALA B 147 7.46 -20.61 -1.07
N ASP B 148 7.87 -19.41 -1.39
CA ASP B 148 9.02 -18.80 -0.66
C ASP B 148 8.56 -18.49 0.77
N ALA B 149 7.51 -17.72 0.90
CA ALA B 149 7.02 -17.40 2.27
C ALA B 149 6.71 -18.71 3.00
N GLU B 150 6.23 -19.70 2.30
CA GLU B 150 5.91 -21.00 2.95
C GLU B 150 7.20 -21.72 3.37
N LYS B 151 8.16 -21.78 2.49
CA LYS B 151 9.45 -22.45 2.84
C LYS B 151 10.05 -21.75 4.06
N ASN B 152 9.97 -20.45 4.10
CA ASN B 152 10.53 -19.71 5.26
C ASN B 152 9.58 -19.83 6.45
N LEU B 153 8.31 -19.64 6.21
CA LEU B 153 7.32 -19.76 7.33
C LEU B 153 7.55 -21.06 8.09
N GLU B 154 7.77 -22.13 7.38
CA GLU B 154 8.01 -23.43 8.07
C GLU B 154 9.49 -23.56 8.45
N GLU B 155 10.37 -23.11 7.61
CA GLU B 155 11.82 -23.21 7.93
C GLU B 155 12.14 -22.55 9.28
N LYS B 156 11.42 -21.52 9.64
CA LYS B 156 11.71 -20.86 10.95
C LYS B 156 10.57 -21.09 11.92
N GLN B 157 9.40 -20.61 11.61
CA GLN B 157 8.22 -20.79 12.52
C GLN B 157 8.66 -20.89 13.98
N GLY B 158 8.69 -19.79 14.69
CA GLY B 158 9.10 -19.86 16.12
C GLY B 158 10.22 -18.86 16.41
N ALA B 159 11.34 -18.97 15.76
CA ALA B 159 12.46 -18.03 16.05
C ALA B 159 12.56 -17.80 17.56
N GLU B 160 13.31 -18.62 18.24
CA GLU B 160 13.42 -18.47 19.72
C GLU B 160 13.93 -17.07 20.10
N ILE B 161 13.03 -16.15 20.31
CA ILE B 161 13.43 -14.76 20.70
C ILE B 161 12.53 -14.26 21.82
N ASP B 162 12.80 -13.12 22.36
CA ASP B 162 11.94 -12.59 23.45
C ASP B 162 11.56 -13.73 24.40
N GLY B 163 12.48 -14.63 24.64
CA GLY B 163 12.19 -15.76 25.55
C GLY B 163 10.92 -16.49 25.09
N ARG B 164 10.74 -16.60 23.79
CA ARG B 164 9.53 -17.31 23.28
C ARG B 164 9.68 -17.59 21.78
N SER B 165 8.63 -18.06 21.15
CA SER B 165 8.73 -18.35 19.69
C SER B 165 7.61 -17.63 18.93
N VAL B 166 7.93 -17.05 17.80
CA VAL B 166 6.90 -16.34 16.99
C VAL B 166 6.29 -17.29 15.96
N SER B 167 5.17 -16.92 15.39
CA SER B 167 4.52 -17.79 14.37
C SER B 167 4.57 -17.12 12.99
N LEU B 168 4.32 -17.89 11.96
CA LEU B 168 4.35 -17.31 10.58
C LEU B 168 3.17 -17.84 9.76
N TYR B 169 2.45 -16.99 9.09
CA TYR B 169 1.28 -17.50 8.30
C TYR B 169 0.88 -16.53 7.18
N TYR B 170 1.04 -16.92 5.95
CA TYR B 170 0.66 -16.07 4.83
C TYR B 170 -0.82 -15.73 4.88
N THR B 171 -1.22 -14.75 4.13
CA THR B 171 -2.65 -14.34 4.13
C THR B 171 -3.31 -14.66 2.79
N GLY B 172 -3.48 -15.93 2.50
CA GLY B 172 -4.11 -16.32 1.22
C GLY B 172 -4.54 -17.79 1.32
N GLU B 173 -5.54 -18.17 0.58
CA GLU B 173 -6.01 -19.58 0.63
C GLU B 173 -5.22 -20.43 -0.37
N LYS B 174 -4.84 -19.87 -1.49
CA LYS B 174 -4.09 -20.65 -2.50
C LYS B 174 -2.81 -19.92 -2.92
N GLY B 175 -2.15 -19.26 -2.00
CA GLY B 175 -0.90 -18.53 -2.37
C GLY B 175 -0.05 -19.41 -3.28
N GLY B 1 -7.51 -8.11 -19.84
CA GLY B 1 -6.55 -9.24 -20.00
C GLY B 1 -6.58 -9.73 -21.45
N SER B 2 -6.23 -8.88 -22.38
CA SER B 2 -6.23 -9.29 -23.80
C SER B 2 -4.87 -9.88 -24.19
N HIS B 3 -3.82 -9.10 -24.08
CA HIS B 3 -2.47 -9.62 -24.45
C HIS B 3 -1.38 -8.81 -23.73
N MET B 4 -0.48 -9.48 -23.08
CA MET B 4 0.61 -8.76 -22.37
C MET B 4 0.05 -7.74 -21.38
N VAL B 5 0.90 -6.96 -20.77
CA VAL B 5 0.41 -5.94 -19.79
C VAL B 5 -0.84 -5.24 -20.32
N GLU B 6 -1.69 -4.78 -19.45
CA GLU B 6 -2.93 -4.08 -19.91
C GLU B 6 -2.62 -2.62 -20.21
N GLY B 7 -3.54 -1.91 -20.80
CA GLY B 7 -3.28 -0.48 -21.11
C GLY B 7 -3.37 0.36 -19.84
N SER B 8 -2.34 0.34 -19.03
CA SER B 8 -2.38 1.13 -17.76
C SER B 8 -1.31 2.24 -17.80
N GLU B 9 -1.29 3.01 -18.84
CA GLU B 9 -0.28 4.09 -18.96
C GLU B 9 -0.86 5.43 -18.53
N SER B 10 -1.79 5.38 -17.65
CA SER B 10 -2.44 6.60 -17.12
C SER B 10 -2.63 7.65 -18.22
N THR B 11 -3.02 8.84 -17.84
CA THR B 11 -3.24 9.91 -18.85
C THR B 11 -2.19 11.02 -18.70
N THR B 12 -1.21 10.83 -17.84
CA THR B 12 -0.18 11.90 -17.67
C THR B 12 1.11 11.31 -17.10
N PRO B 13 2.14 12.12 -17.10
CA PRO B 13 3.46 11.68 -16.59
C PRO B 13 3.51 11.77 -15.06
N PHE B 14 2.80 12.70 -14.47
CA PHE B 14 2.85 12.81 -12.98
C PHE B 14 1.66 12.09 -12.35
N ASN B 15 1.83 10.84 -11.99
CA ASN B 15 0.73 10.09 -11.34
C ASN B 15 1.30 9.34 -10.13
N LEU B 16 0.49 9.11 -9.15
CA LEU B 16 0.97 8.39 -7.94
C LEU B 16 -0.19 8.08 -7.00
N PHE B 17 0.10 7.70 -5.79
CA PHE B 17 -1.00 7.37 -4.85
C PHE B 17 -0.98 8.30 -3.63
N ILE B 18 -2.09 8.39 -2.96
CA ILE B 18 -2.19 9.24 -1.75
C ILE B 18 -2.97 8.46 -0.68
N GLY B 19 -2.93 8.88 0.55
CA GLY B 19 -3.66 8.13 1.60
C GLY B 19 -4.48 9.09 2.47
N ASN B 20 -5.30 8.56 3.33
CA ASN B 20 -6.12 9.42 4.22
C ASN B 20 -7.15 10.21 3.41
N LEU B 21 -7.99 9.54 2.66
CA LEU B 21 -9.01 10.29 1.88
C LEU B 21 -10.13 10.75 2.81
N ASN B 22 -11.15 9.94 3.00
CA ASN B 22 -12.26 10.35 3.91
C ASN B 22 -13.38 9.30 3.86
N PRO B 23 -13.32 8.39 4.79
CA PRO B 23 -14.33 7.31 4.89
C PRO B 23 -15.70 7.89 5.28
N ASN B 24 -15.76 9.11 5.77
CA ASN B 24 -17.07 9.70 6.15
C ASN B 24 -17.50 10.73 5.11
N LYS B 25 -17.08 10.56 3.88
CA LYS B 25 -17.46 11.52 2.82
C LYS B 25 -17.76 10.78 1.52
N SER B 26 -17.69 11.46 0.40
CA SER B 26 -17.99 10.77 -0.89
C SER B 26 -16.71 10.60 -1.72
N VAL B 27 -16.81 9.87 -2.80
CA VAL B 27 -15.61 9.68 -3.67
C VAL B 27 -15.39 10.97 -4.45
N ALA B 28 -16.41 11.43 -5.14
CA ALA B 28 -16.27 12.70 -5.89
C ALA B 28 -15.87 13.82 -4.93
N GLU B 29 -16.20 13.69 -3.67
CA GLU B 29 -15.83 14.74 -2.68
C GLU B 29 -14.31 14.72 -2.47
N LEU B 30 -13.72 13.57 -2.37
CA LEU B 30 -12.26 13.50 -2.17
C LEU B 30 -11.56 14.06 -3.40
N LYS B 31 -12.07 13.72 -4.56
CA LYS B 31 -11.45 14.21 -5.82
C LYS B 31 -11.73 15.70 -6.01
N VAL B 32 -12.94 16.12 -5.77
CA VAL B 32 -13.27 17.57 -5.93
C VAL B 32 -12.52 18.38 -4.88
N ALA B 33 -12.33 17.83 -3.71
CA ALA B 33 -11.59 18.58 -2.67
C ALA B 33 -10.19 18.83 -3.19
N ILE B 34 -9.61 17.84 -3.80
CA ILE B 34 -8.25 18.02 -4.37
C ILE B 34 -8.36 18.85 -5.66
N SER B 35 -9.49 18.79 -6.33
CA SER B 35 -9.64 19.60 -7.57
C SER B 35 -9.86 21.07 -7.22
N GLU B 36 -10.49 21.32 -6.10
CA GLU B 36 -10.73 22.73 -5.68
C GLU B 36 -9.52 23.28 -4.96
N LEU B 37 -8.91 22.47 -4.14
CA LEU B 37 -7.71 22.96 -3.42
C LEU B 37 -6.61 23.23 -4.43
N PHE B 38 -6.59 22.49 -5.51
CA PHE B 38 -5.58 22.73 -6.55
C PHE B 38 -6.10 23.82 -7.51
N ALA B 39 -7.39 24.02 -7.54
CA ALA B 39 -7.95 25.08 -8.44
C ALA B 39 -7.74 26.45 -7.80
N LYS B 40 -7.74 26.50 -6.49
CA LYS B 40 -7.52 27.80 -5.80
C LYS B 40 -6.02 28.00 -5.55
N ASN B 41 -5.26 26.93 -5.49
CA ASN B 41 -3.80 27.07 -5.27
C ASN B 41 -3.12 27.46 -6.58
N ASP B 42 -3.69 27.07 -7.70
CA ASP B 42 -3.12 27.37 -9.06
C ASP B 42 -2.37 26.14 -9.55
N LEU B 43 -2.83 24.99 -9.16
CA LEU B 43 -2.19 23.74 -9.59
C LEU B 43 -2.81 23.30 -10.92
N ALA B 44 -2.89 22.04 -11.16
CA ALA B 44 -3.48 21.54 -12.44
C ALA B 44 -3.70 20.04 -12.34
N VAL B 45 -4.52 19.63 -11.42
CA VAL B 45 -4.80 18.20 -11.23
C VAL B 45 -5.35 17.60 -12.53
N VAL B 46 -4.64 16.67 -13.06
CA VAL B 46 -5.06 16.00 -14.32
C VAL B 46 -6.09 14.90 -14.02
N ASP B 47 -5.89 14.17 -12.96
CA ASP B 47 -6.87 13.09 -12.63
C ASP B 47 -6.75 12.66 -11.17
N VAL B 48 -7.78 12.07 -10.62
CA VAL B 48 -7.72 11.63 -9.20
C VAL B 48 -8.67 10.45 -8.97
N ARG B 49 -8.30 9.53 -8.12
CA ARG B 49 -9.18 8.35 -7.85
C ARG B 49 -9.27 8.14 -6.33
N THR B 50 -9.82 7.03 -5.89
CA THR B 50 -9.90 6.81 -4.41
C THR B 50 -9.14 5.57 -4.00
N GLY B 51 -8.93 5.45 -2.73
CA GLY B 51 -8.21 4.27 -2.19
C GLY B 51 -9.24 3.36 -1.53
N THR B 52 -10.10 2.81 -2.37
CA THR B 52 -11.21 1.92 -1.94
C THR B 52 -11.72 2.22 -0.54
N ASN B 53 -12.84 2.86 -0.53
CA ASN B 53 -13.53 3.26 0.72
C ASN B 53 -12.96 4.57 1.22
N ARG B 54 -12.53 5.40 0.30
CA ARG B 54 -11.95 6.70 0.72
C ARG B 54 -10.84 6.51 1.77
N LYS B 55 -10.26 5.33 1.85
CA LYS B 55 -9.15 5.13 2.84
C LYS B 55 -7.93 5.87 2.30
N PHE B 56 -7.58 5.56 1.08
CA PHE B 56 -6.43 6.28 0.46
C PHE B 56 -6.85 6.69 -0.93
N GLY B 57 -5.98 6.74 -1.89
CA GLY B 57 -6.48 7.14 -3.24
C GLY B 57 -5.36 7.39 -4.21
N TYR B 58 -5.68 7.99 -5.32
CA TYR B 58 -4.66 8.25 -6.37
C TYR B 58 -4.74 9.68 -6.87
N VAL B 59 -3.87 10.05 -7.75
CA VAL B 59 -3.90 11.42 -8.32
C VAL B 59 -2.96 11.51 -9.51
N ASP B 60 -3.08 12.57 -10.25
CA ASP B 60 -2.23 12.74 -11.44
C ASP B 60 -2.01 14.23 -11.73
N PHE B 61 -0.80 14.61 -12.00
CA PHE B 61 -0.50 16.04 -12.30
C PHE B 61 -0.02 16.18 -13.75
N GLU B 62 0.07 17.40 -14.22
CA GLU B 62 0.52 17.61 -15.64
C GLU B 62 1.86 18.34 -15.71
N SER B 63 2.59 18.38 -14.65
CA SER B 63 3.91 19.09 -14.69
C SER B 63 4.81 18.70 -13.53
N ALA B 64 6.01 19.20 -13.58
CA ALA B 64 6.97 18.94 -12.48
C ALA B 64 6.65 19.92 -11.36
N GLU B 65 6.03 21.01 -11.71
CA GLU B 65 5.64 22.01 -10.69
C GLU B 65 4.43 21.50 -9.92
N ASP B 66 3.61 20.73 -10.56
CA ASP B 66 2.45 20.14 -9.86
C ASP B 66 3.00 18.98 -9.04
N LEU B 67 4.04 18.36 -9.54
CA LEU B 67 4.65 17.25 -8.79
C LEU B 67 5.34 17.81 -7.55
N GLU B 68 5.97 18.95 -7.68
CA GLU B 68 6.65 19.57 -6.51
C GLU B 68 5.60 19.90 -5.45
N LYS B 69 4.42 20.27 -5.87
CA LYS B 69 3.35 20.53 -4.88
C LYS B 69 2.92 19.18 -4.39
N ALA B 70 2.91 18.22 -5.27
CA ALA B 70 2.53 16.85 -4.86
C ALA B 70 3.35 16.47 -3.62
N LEU B 71 4.56 16.95 -3.55
CA LEU B 71 5.41 16.65 -2.35
C LEU B 71 4.90 17.48 -1.19
N GLU B 72 4.52 18.69 -1.46
CA GLU B 72 3.98 19.55 -0.37
C GLU B 72 2.45 19.38 -0.24
N LEU B 73 1.91 18.34 -0.83
CA LEU B 73 0.42 18.11 -0.74
C LEU B 73 0.01 17.64 0.66
N THR B 74 0.96 17.37 1.51
CA THR B 74 0.61 16.89 2.89
C THR B 74 -0.07 17.96 3.75
N GLY B 75 -0.28 19.11 3.23
CA GLY B 75 -0.97 20.19 4.00
C GLY B 75 -2.46 20.24 3.60
N LEU B 76 -2.91 19.38 2.71
CA LEU B 76 -4.33 19.39 2.30
C LEU B 76 -5.15 18.43 3.13
N LYS B 77 -6.14 18.92 3.79
CA LYS B 77 -6.99 18.00 4.59
C LYS B 77 -8.23 17.65 3.79
N VAL B 78 -8.11 16.66 3.01
CA VAL B 78 -9.27 16.22 2.17
C VAL B 78 -10.53 16.21 3.05
N PHE B 79 -11.51 16.99 2.71
CA PHE B 79 -12.77 17.06 3.51
C PHE B 79 -12.50 16.77 5.00
N GLY B 80 -11.44 17.32 5.54
CA GLY B 80 -11.14 17.08 6.98
C GLY B 80 -10.22 15.86 7.12
N ASN B 81 -9.40 15.61 6.14
CA ASN B 81 -8.48 14.44 6.22
C ASN B 81 -7.18 14.74 5.46
N GLU B 82 -6.12 15.00 6.17
CA GLU B 82 -4.82 15.30 5.48
C GLU B 82 -4.43 14.14 4.57
N ILE B 83 -4.41 14.39 3.29
CA ILE B 83 -4.04 13.30 2.33
C ILE B 83 -2.54 13.08 2.29
N LYS B 84 -2.13 11.85 2.37
CA LYS B 84 -0.69 11.53 2.30
C LYS B 84 -0.35 11.15 0.87
N LEU B 85 0.89 11.17 0.51
CA LEU B 85 1.29 10.82 -0.87
C LEU B 85 2.46 9.84 -0.86
N GLU B 86 2.75 9.29 -2.00
CA GLU B 86 3.88 8.32 -2.10
C GLU B 86 3.83 7.59 -3.45
N LYS B 87 4.97 7.20 -3.96
CA LYS B 87 4.99 6.49 -5.27
C LYS B 87 3.83 5.50 -5.36
N PRO B 88 3.21 5.46 -6.51
CA PRO B 88 2.07 4.53 -6.74
C PRO B 88 2.55 3.08 -6.77
N LYS B 89 1.69 2.15 -6.47
CA LYS B 89 2.09 0.71 -6.48
C LYS B 89 0.97 -0.14 -7.09
N GLY B 90 0.34 0.34 -8.12
CA GLY B 90 -0.76 -0.44 -8.75
C GLY B 90 -0.30 -1.87 -9.06
N ARG B 91 -0.57 -2.79 -8.17
CA ARG B 91 -0.17 -4.20 -8.40
C ARG B 91 -1.41 -5.10 -8.24
N ASP B 92 -1.27 -6.27 -7.65
CA ASP B 92 -2.46 -7.14 -7.46
C ASP B 92 -3.62 -6.28 -6.98
N SER B 93 -4.84 -6.74 -7.11
CA SER B 93 -5.99 -5.91 -6.63
C SER B 93 -5.93 -5.75 -5.11
N LYS B 94 -4.87 -5.17 -4.61
CA LYS B 94 -4.72 -4.96 -3.13
C LYS B 94 -4.87 -6.27 -2.35
N LYS B 95 -6.02 -6.87 -2.35
CA LYS B 95 -6.19 -8.14 -1.59
C LYS B 95 -5.65 -9.33 -2.39
N VAL B 96 -5.15 -9.10 -3.56
CA VAL B 96 -4.60 -10.23 -4.35
C VAL B 96 -3.11 -10.33 -4.07
N ARG B 97 -2.48 -9.22 -3.77
CA ARG B 97 -1.02 -9.26 -3.47
C ARG B 97 -0.79 -10.21 -2.29
N ALA B 98 -1.77 -10.36 -1.42
CA ALA B 98 -1.58 -11.29 -0.26
C ALA B 98 -1.11 -12.67 -0.76
N ALA B 99 -1.46 -13.03 -1.96
CA ALA B 99 -1.03 -14.37 -2.48
C ALA B 99 0.45 -14.61 -2.22
N ARG B 100 1.26 -13.64 -2.49
CA ARG B 100 2.72 -13.82 -2.22
C ARG B 100 3.05 -13.22 -0.86
N THR B 101 2.10 -13.23 0.04
CA THR B 101 2.36 -12.65 1.40
C THR B 101 1.77 -13.54 2.48
N LEU B 102 2.36 -13.55 3.64
CA LEU B 102 1.82 -14.38 4.76
C LEU B 102 1.63 -13.49 5.99
N LEU B 103 0.49 -13.56 6.61
CA LEU B 103 0.22 -12.73 7.82
C LEU B 103 0.78 -13.45 9.06
N ALA B 104 1.94 -13.01 9.56
CA ALA B 104 2.53 -13.70 10.76
C ALA B 104 1.86 -13.21 12.04
N LYS B 105 1.23 -14.10 12.76
CA LYS B 105 0.55 -13.68 14.02
C LYS B 105 1.22 -14.31 15.24
N ASN B 106 0.76 -13.95 16.41
CA ASN B 106 1.31 -14.51 17.69
C ASN B 106 2.64 -13.86 18.07
N LEU B 107 2.95 -12.68 17.57
CA LEU B 107 4.23 -12.04 17.98
C LEU B 107 4.02 -11.36 19.34
N SER B 108 4.70 -10.28 19.60
CA SER B 108 4.50 -9.60 20.90
C SER B 108 4.87 -8.12 20.80
N PHE B 109 4.49 -7.34 21.76
CA PHE B 109 4.82 -5.89 21.72
C PHE B 109 6.33 -5.66 21.87
N ASN B 110 7.07 -6.66 22.27
CA ASN B 110 8.53 -6.48 22.44
C ASN B 110 9.23 -6.70 21.11
N ILE B 111 8.72 -7.57 20.29
CA ILE B 111 9.38 -7.83 18.98
C ILE B 111 8.96 -6.76 17.97
N THR B 112 9.50 -6.81 16.78
CA THR B 112 9.12 -5.78 15.76
C THR B 112 9.40 -6.28 14.35
N GLU B 113 9.00 -5.53 13.36
CA GLU B 113 9.24 -5.95 11.95
C GLU B 113 10.73 -6.25 11.74
N ASP B 114 11.58 -5.50 12.39
CA ASP B 114 13.04 -5.76 12.24
C ASP B 114 13.34 -7.20 12.63
N GLU B 115 12.92 -7.61 13.79
CA GLU B 115 13.17 -9.01 14.23
C GLU B 115 12.51 -9.96 13.24
N LEU B 116 11.32 -9.64 12.83
CA LEU B 116 10.62 -10.49 11.84
C LEU B 116 11.38 -10.40 10.52
N LYS B 117 12.00 -9.27 10.28
CA LYS B 117 12.78 -9.12 9.03
C LYS B 117 14.03 -9.99 9.10
N GLU B 118 14.55 -10.13 10.28
CA GLU B 118 15.76 -10.98 10.46
C GLU B 118 15.36 -12.45 10.42
N VAL B 119 14.17 -12.76 10.86
CA VAL B 119 13.72 -14.17 10.83
C VAL B 119 13.23 -14.50 9.42
N PHE B 120 12.66 -13.53 8.75
CA PHE B 120 12.17 -13.76 7.38
C PHE B 120 13.23 -13.31 6.37
N GLU B 121 14.39 -13.91 6.42
CA GLU B 121 15.49 -13.52 5.48
C GLU B 121 15.04 -13.64 4.01
N ASP B 122 14.01 -14.39 3.74
CA ASP B 122 13.57 -14.53 2.32
C ASP B 122 12.51 -13.47 1.99
N ALA B 123 11.69 -13.11 2.95
CA ALA B 123 10.64 -12.08 2.67
C ALA B 123 11.29 -10.74 2.35
N LEU B 124 10.90 -10.13 1.26
CA LEU B 124 11.49 -8.82 0.88
C LEU B 124 10.83 -7.68 1.66
N GLU B 125 9.55 -7.79 1.92
CA GLU B 125 8.85 -6.70 2.68
C GLU B 125 7.98 -7.30 3.78
N ILE B 126 7.59 -6.49 4.72
CA ILE B 126 6.73 -7.00 5.83
C ILE B 126 5.85 -5.88 6.37
N ARG B 127 4.67 -6.21 6.79
CA ARG B 127 3.76 -5.18 7.37
C ARG B 127 3.34 -5.60 8.77
N LEU B 128 2.60 -4.77 9.45
CA LEU B 128 2.18 -5.11 10.84
C LEU B 128 0.66 -5.26 10.91
N VAL B 129 0.18 -6.25 11.62
CA VAL B 129 -1.30 -6.48 11.72
C VAL B 129 -1.70 -6.68 13.18
N SER B 130 -2.95 -6.46 13.52
CA SER B 130 -3.42 -6.68 14.94
C SER B 130 -4.10 -8.05 15.07
N GLN B 131 -4.14 -8.58 16.25
CA GLN B 131 -4.76 -9.92 16.45
C GLN B 131 -6.26 -9.79 16.75
N ASP B 132 -6.96 -8.97 16.03
CA ASP B 132 -8.43 -8.83 16.29
C ASP B 132 -8.71 -8.66 17.78
N GLY B 133 -7.77 -8.13 18.51
CA GLY B 133 -7.99 -7.95 19.98
C GLY B 133 -6.66 -8.12 20.72
N LYS B 134 -5.65 -7.41 20.30
CA LYS B 134 -4.31 -7.53 20.98
C LYS B 134 -3.28 -6.83 20.13
N SER B 135 -3.41 -5.54 20.04
CA SER B 135 -2.45 -4.74 19.24
C SER B 135 -2.04 -5.49 17.97
N LYS B 136 -1.05 -4.99 17.29
CA LYS B 136 -0.58 -5.64 16.06
C LYS B 136 0.44 -6.72 16.36
N GLY B 137 0.06 -7.65 17.18
CA GLY B 137 0.96 -8.79 17.48
C GLY B 137 1.27 -9.55 16.17
N ILE B 138 0.61 -9.20 15.07
CA ILE B 138 0.88 -9.88 13.78
C ILE B 138 1.97 -9.12 13.03
N ALA B 139 2.41 -9.67 11.94
CA ALA B 139 3.41 -8.99 11.08
C ALA B 139 3.29 -9.57 9.68
N TYR B 140 2.76 -8.82 8.77
CA TYR B 140 2.60 -9.34 7.39
C TYR B 140 3.96 -9.58 6.78
N ILE B 141 4.07 -10.61 6.00
CA ILE B 141 5.39 -10.91 5.39
C ILE B 141 5.23 -11.05 3.87
N GLU B 142 5.96 -10.27 3.12
CA GLU B 142 5.86 -10.36 1.63
C GLU B 142 7.09 -11.05 1.06
N PHE B 143 6.91 -12.04 0.22
CA PHE B 143 8.09 -12.74 -0.36
C PHE B 143 8.19 -12.48 -1.86
N LYS B 144 9.17 -13.03 -2.50
CA LYS B 144 9.32 -12.84 -3.96
C LYS B 144 8.22 -13.61 -4.70
N SER B 145 7.61 -14.57 -4.07
CA SER B 145 6.54 -15.35 -4.73
C SER B 145 5.80 -16.21 -3.73
N GLU B 146 4.94 -17.05 -4.22
CA GLU B 146 4.18 -17.95 -3.32
C GLU B 146 5.11 -19.07 -2.90
N ALA B 147 5.96 -19.51 -3.80
CA ALA B 147 6.93 -20.58 -3.46
C ALA B 147 7.89 -20.06 -2.39
N ASP B 148 8.28 -18.81 -2.49
CA ASP B 148 9.19 -18.26 -1.46
C ASP B 148 8.41 -18.12 -0.15
N ALA B 149 7.32 -17.39 -0.18
CA ALA B 149 6.50 -17.24 1.05
C ALA B 149 6.07 -18.62 1.54
N GLU B 150 5.89 -19.55 0.64
CA GLU B 150 5.47 -20.92 1.05
C GLU B 150 6.64 -21.66 1.70
N LYS B 151 7.77 -21.70 1.05
CA LYS B 151 8.94 -22.40 1.64
C LYS B 151 9.19 -21.82 3.03
N ASN B 152 9.03 -20.54 3.17
CA ASN B 152 9.23 -19.91 4.50
C ASN B 152 8.00 -20.15 5.36
N LEU B 153 6.83 -20.03 4.80
CA LEU B 153 5.59 -20.27 5.58
C LEU B 153 5.70 -21.59 6.33
N GLU B 154 6.26 -22.58 5.69
CA GLU B 154 6.41 -23.92 6.35
C GLU B 154 7.75 -24.00 7.08
N GLU B 155 8.78 -23.41 6.51
CA GLU B 155 10.11 -23.46 7.16
C GLU B 155 10.27 -22.36 8.22
N LYS B 156 9.28 -21.55 8.45
CA LYS B 156 9.42 -20.46 9.46
C LYS B 156 8.35 -20.59 10.55
N GLN B 157 7.11 -20.69 10.16
CA GLN B 157 5.96 -20.80 11.12
C GLN B 157 6.45 -21.08 12.55
N GLY B 158 6.70 -20.04 13.30
CA GLY B 158 7.17 -20.23 14.70
C GLY B 158 8.49 -19.48 14.90
N ALA B 159 9.57 -20.04 14.41
CA ALA B 159 10.90 -19.37 14.56
C ALA B 159 11.16 -18.99 16.02
N GLU B 160 10.55 -19.68 16.94
CA GLU B 160 10.74 -19.39 18.40
C GLU B 160 11.14 -17.93 18.64
N ILE B 161 10.18 -17.07 18.88
CA ILE B 161 10.53 -15.64 19.14
C ILE B 161 9.84 -15.17 20.42
N ASP B 162 10.26 -14.03 20.91
CA ASP B 162 9.63 -13.48 22.16
C ASP B 162 9.22 -14.61 23.10
N GLY B 163 10.04 -15.60 23.28
CA GLY B 163 9.68 -16.71 24.19
C GLY B 163 8.37 -17.37 23.71
N ARG B 164 8.24 -17.58 22.44
CA ARG B 164 7.01 -18.22 21.89
C ARG B 164 7.10 -18.34 20.36
N SER B 165 6.59 -19.40 19.82
CA SER B 165 6.65 -19.59 18.34
C SER B 165 5.54 -18.81 17.65
N VAL B 166 5.84 -18.09 16.60
CA VAL B 166 4.79 -17.31 15.89
C VAL B 166 4.18 -18.16 14.77
N SER B 167 3.12 -17.70 14.18
CA SER B 167 2.49 -18.50 13.09
C SER B 167 2.37 -17.65 11.82
N LEU B 168 2.77 -18.19 10.70
CA LEU B 168 2.68 -17.41 9.43
C LEU B 168 1.36 -17.70 8.73
N TYR B 169 0.35 -16.94 9.03
CA TYR B 169 -0.96 -17.19 8.35
C TYR B 169 -0.90 -16.71 6.91
N TYR B 170 -0.80 -17.62 6.01
CA TYR B 170 -0.73 -17.26 4.57
C TYR B 170 -1.77 -16.20 4.23
N THR B 171 -1.78 -15.78 3.01
CA THR B 171 -2.76 -14.75 2.58
C THR B 171 -3.25 -15.04 1.16
N GLY B 172 -4.13 -15.99 1.01
CA GLY B 172 -4.66 -16.33 -0.34
C GLY B 172 -5.94 -17.14 -0.18
N GLU B 173 -6.32 -17.87 -1.20
CA GLU B 173 -7.57 -18.69 -1.10
C GLU B 173 -7.22 -20.16 -0.88
N LYS B 174 -6.09 -20.44 -0.28
CA LYS B 174 -5.70 -21.86 -0.04
C LYS B 174 -5.65 -22.14 1.47
N GLY B 175 -6.34 -21.38 2.27
CA GLY B 175 -6.31 -21.62 3.74
C GLY B 175 -6.64 -23.08 4.02
N GLY B 1 16.20 -0.12 -18.52
CA GLY B 1 16.76 -0.34 -19.88
C GLY B 1 15.67 -0.93 -20.79
N SER B 2 15.71 -0.62 -22.05
CA SER B 2 14.68 -1.16 -22.99
C SER B 2 13.28 -0.74 -22.54
N HIS B 3 12.99 0.54 -22.57
CA HIS B 3 11.65 1.00 -22.14
C HIS B 3 11.21 2.21 -22.98
N MET B 4 10.30 3.00 -22.48
CA MET B 4 9.83 4.20 -23.23
C MET B 4 9.09 3.76 -24.50
N VAL B 5 9.79 3.14 -25.43
CA VAL B 5 9.11 2.71 -26.68
C VAL B 5 7.77 2.03 -26.36
N GLU B 6 7.72 1.26 -25.30
CA GLU B 6 6.45 0.58 -24.91
C GLU B 6 6.73 -0.46 -23.83
N GLY B 7 6.29 -0.20 -22.62
CA GLY B 7 6.54 -1.17 -21.52
C GLY B 7 5.27 -1.35 -20.69
N SER B 8 4.12 -1.22 -21.30
CA SER B 8 2.85 -1.37 -20.54
C SER B 8 2.78 -0.32 -19.43
N GLU B 9 2.18 0.80 -19.71
CA GLU B 9 2.08 1.86 -18.72
C GLU B 9 0.60 2.10 -18.42
N SER B 10 0.19 3.31 -18.44
CA SER B 10 -1.24 3.64 -18.14
C SER B 10 -1.81 4.55 -19.23
N THR B 11 -2.97 5.10 -19.00
CA THR B 11 -3.59 6.00 -20.02
C THR B 11 -2.65 7.18 -20.34
N THR B 12 -1.73 7.47 -19.48
CA THR B 12 -0.80 8.59 -19.74
C THR B 12 0.61 8.25 -19.25
N PRO B 13 1.53 9.13 -19.55
CA PRO B 13 2.94 8.91 -19.17
C PRO B 13 3.19 9.24 -17.69
N PHE B 14 2.44 10.14 -17.11
CA PHE B 14 2.68 10.48 -15.68
C PHE B 14 1.47 10.15 -14.81
N ASN B 15 1.65 9.29 -13.84
CA ASN B 15 0.54 8.92 -12.92
C ASN B 15 1.04 8.98 -11.49
N LEU B 16 0.22 8.61 -10.54
CA LEU B 16 0.68 8.69 -9.13
C LEU B 16 -0.38 8.18 -8.15
N PHE B 17 0.05 7.70 -7.03
CA PHE B 17 -0.91 7.22 -6.00
C PHE B 17 -1.12 8.34 -4.98
N ILE B 18 -2.22 8.31 -4.27
CA ILE B 18 -2.49 9.37 -3.26
C ILE B 18 -3.15 8.75 -2.04
N GLY B 19 -3.16 9.44 -0.93
CA GLY B 19 -3.80 8.87 0.29
C GLY B 19 -4.57 9.96 1.03
N ASN B 20 -5.37 9.59 2.00
CA ASN B 20 -6.15 10.61 2.77
C ASN B 20 -7.20 11.26 1.87
N LEU B 21 -7.97 10.48 1.16
CA LEU B 21 -9.01 11.07 0.28
C LEU B 21 -10.10 11.71 1.17
N ASN B 22 -11.07 10.94 1.60
CA ASN B 22 -12.15 11.49 2.48
C ASN B 22 -13.31 10.49 2.55
N PRO B 23 -13.25 9.65 3.54
CA PRO B 23 -14.31 8.63 3.73
C PRO B 23 -15.63 9.28 4.16
N ASN B 24 -15.62 10.55 4.51
CA ASN B 24 -16.87 11.22 4.93
C ASN B 24 -17.47 12.01 3.75
N LYS B 25 -17.15 11.63 2.54
CA LYS B 25 -17.70 12.35 1.35
C LYS B 25 -17.90 11.35 0.20
N SER B 26 -18.02 11.85 -1.00
CA SER B 26 -18.23 10.93 -2.17
C SER B 26 -16.95 10.80 -3.00
N VAL B 27 -16.89 9.81 -3.84
CA VAL B 27 -15.68 9.64 -4.69
C VAL B 27 -15.56 10.82 -5.65
N ALA B 28 -16.59 11.11 -6.40
CA ALA B 28 -16.52 12.26 -7.34
C ALA B 28 -16.08 13.51 -6.57
N GLU B 29 -16.47 13.62 -5.33
CA GLU B 29 -16.08 14.81 -4.52
C GLU B 29 -14.56 14.86 -4.36
N LEU B 30 -13.94 13.73 -4.13
CA LEU B 30 -12.46 13.72 -3.99
C LEU B 30 -11.82 14.08 -5.32
N LYS B 31 -12.33 13.54 -6.38
CA LYS B 31 -11.76 13.83 -7.72
C LYS B 31 -12.05 15.27 -8.14
N VAL B 32 -13.18 15.81 -7.74
CA VAL B 32 -13.51 17.22 -8.11
C VAL B 32 -12.57 18.19 -7.41
N ALA B 33 -12.29 17.95 -6.15
CA ALA B 33 -11.37 18.86 -5.43
C ALA B 33 -10.01 18.80 -6.10
N ILE B 34 -9.61 17.62 -6.48
CA ILE B 34 -8.30 17.49 -7.18
C ILE B 34 -8.45 17.96 -8.62
N SER B 35 -9.63 17.84 -9.18
CA SER B 35 -9.83 18.30 -10.59
C SER B 35 -9.91 19.83 -10.62
N GLU B 36 -10.41 20.41 -9.56
CA GLU B 36 -10.52 21.89 -9.51
C GLU B 36 -9.19 22.49 -9.08
N LEU B 37 -8.56 21.88 -8.12
CA LEU B 37 -7.25 22.41 -7.65
C LEU B 37 -6.27 22.38 -8.81
N PHE B 38 -6.38 21.41 -9.66
CA PHE B 38 -5.49 21.34 -10.83
C PHE B 38 -6.07 22.22 -11.95
N ALA B 39 -7.36 22.47 -11.90
CA ALA B 39 -7.98 23.33 -12.95
C ALA B 39 -7.67 24.80 -12.66
N LYS B 40 -7.52 25.12 -11.41
CA LYS B 40 -7.18 26.53 -11.04
C LYS B 40 -5.66 26.71 -11.07
N ASN B 41 -4.92 25.65 -10.87
CA ASN B 41 -3.44 25.76 -10.90
C ASN B 41 -2.95 25.77 -12.36
N ASP B 42 -3.73 25.18 -13.25
CA ASP B 42 -3.36 25.11 -14.69
C ASP B 42 -2.66 23.79 -14.95
N LEU B 43 -3.01 22.80 -14.19
CA LEU B 43 -2.40 21.46 -14.36
C LEU B 43 -2.98 20.82 -15.63
N ALA B 44 -3.25 19.56 -15.58
CA ALA B 44 -3.83 18.85 -16.75
C ALA B 44 -4.12 17.42 -16.35
N VAL B 45 -4.87 17.28 -15.30
CA VAL B 45 -5.22 15.94 -14.80
C VAL B 45 -5.84 15.11 -15.91
N VAL B 46 -5.16 14.10 -16.29
CA VAL B 46 -5.66 13.21 -17.38
C VAL B 46 -6.52 12.08 -16.81
N ASP B 47 -6.35 11.75 -15.56
CA ASP B 47 -7.19 10.65 -14.98
C ASP B 47 -7.07 10.65 -13.45
N VAL B 48 -7.94 9.94 -12.78
CA VAL B 48 -7.88 9.90 -11.30
C VAL B 48 -8.82 8.81 -10.76
N ARG B 49 -8.57 8.34 -9.56
CA ARG B 49 -9.45 7.29 -8.99
C ARG B 49 -9.52 7.43 -7.47
N THR B 50 -10.01 6.42 -6.80
CA THR B 50 -10.08 6.48 -5.31
C THR B 50 -9.33 5.33 -4.68
N GLY B 51 -9.09 5.47 -3.41
CA GLY B 51 -8.38 4.41 -2.65
C GLY B 51 -9.43 3.64 -1.86
N THR B 52 -10.30 2.96 -2.59
CA THR B 52 -11.42 2.18 -2.01
C THR B 52 -11.93 2.75 -0.71
N ASN B 53 -13.04 3.38 -0.83
CA ASN B 53 -13.73 4.02 0.32
C ASN B 53 -13.14 5.40 0.58
N ARG B 54 -12.65 6.03 -0.45
CA ARG B 54 -12.07 7.37 -0.29
C ARG B 54 -10.95 7.35 0.77
N LYS B 55 -10.40 6.21 1.08
CA LYS B 55 -9.28 6.18 2.07
C LYS B 55 -8.08 6.80 1.38
N PHE B 56 -7.75 6.29 0.22
CA PHE B 56 -6.61 6.90 -0.54
C PHE B 56 -7.06 7.06 -1.99
N GLY B 57 -6.22 6.99 -2.98
CA GLY B 57 -6.75 7.16 -4.36
C GLY B 57 -5.64 7.28 -5.40
N TYR B 58 -6.01 7.37 -6.65
CA TYR B 58 -4.99 7.47 -7.74
C TYR B 58 -5.15 8.74 -8.55
N VAL B 59 -4.17 9.02 -9.38
CA VAL B 59 -4.26 10.23 -10.23
C VAL B 59 -3.38 10.08 -11.46
N ASP B 60 -3.63 10.88 -12.43
CA ASP B 60 -2.85 10.82 -13.69
C ASP B 60 -2.65 12.23 -14.22
N PHE B 61 -1.45 12.57 -14.60
CA PHE B 61 -1.18 13.92 -15.14
C PHE B 61 -1.00 13.89 -16.65
N GLU B 62 -0.50 14.95 -17.22
CA GLU B 62 -0.29 14.99 -18.70
C GLU B 62 1.16 15.35 -19.05
N SER B 63 2.06 15.23 -18.11
CA SER B 63 3.49 15.56 -18.42
C SER B 63 4.36 15.46 -17.18
N ALA B 64 5.63 15.68 -17.37
CA ALA B 64 6.57 15.67 -16.23
C ALA B 64 6.45 17.02 -15.53
N GLU B 65 5.92 17.98 -16.24
CA GLU B 65 5.74 19.34 -15.65
C GLU B 65 4.44 19.36 -14.83
N ASP B 66 3.50 18.51 -15.16
CA ASP B 66 2.26 18.45 -14.39
C ASP B 66 2.54 17.63 -13.14
N LEU B 67 3.42 16.67 -13.26
CA LEU B 67 3.77 15.83 -12.10
C LEU B 67 4.62 16.63 -11.13
N GLU B 68 5.46 17.51 -11.62
CA GLU B 68 6.31 18.33 -10.72
C GLU B 68 5.44 19.34 -9.96
N LYS B 69 4.47 19.91 -10.62
CA LYS B 69 3.58 20.86 -9.92
C LYS B 69 2.55 20.04 -9.17
N ALA B 70 2.21 18.90 -9.71
CA ALA B 70 1.22 18.04 -9.01
C ALA B 70 1.86 17.48 -7.73
N LEU B 71 3.17 17.40 -7.69
CA LEU B 71 3.82 16.89 -6.46
C LEU B 71 3.79 17.98 -5.41
N GLU B 72 4.21 19.16 -5.78
CA GLU B 72 4.16 20.27 -4.81
C GLU B 72 2.70 20.56 -4.47
N LEU B 73 1.82 20.32 -5.41
CA LEU B 73 0.38 20.56 -5.16
C LEU B 73 -0.15 19.55 -4.14
N THR B 74 0.60 18.52 -3.88
CA THR B 74 0.17 17.48 -2.90
C THR B 74 -0.61 18.10 -1.75
N GLY B 75 -0.27 19.28 -1.42
CA GLY B 75 -0.99 19.99 -0.32
C GLY B 75 -2.52 19.82 -0.51
N LEU B 76 -2.95 19.66 -1.74
CA LEU B 76 -4.40 19.48 -2.05
C LEU B 76 -5.20 18.97 -0.85
N LYS B 77 -6.01 19.82 -0.30
CA LYS B 77 -6.88 19.39 0.83
C LYS B 77 -8.21 18.96 0.30
N VAL B 78 -8.28 17.74 -0.04
CA VAL B 78 -9.55 17.18 -0.60
C VAL B 78 -10.69 17.38 0.42
N PHE B 79 -11.70 18.13 0.04
CA PHE B 79 -12.84 18.37 0.96
C PHE B 79 -12.35 18.47 2.41
N GLY B 80 -11.19 19.03 2.63
CA GLY B 80 -10.68 19.16 4.03
C GLY B 80 -9.73 18.00 4.34
N ASN B 81 -9.10 17.44 3.33
CA ASN B 81 -8.16 16.32 3.57
C ASN B 81 -6.92 16.45 2.68
N GLU B 82 -5.87 17.04 3.20
CA GLU B 82 -4.63 17.20 2.37
C GLU B 82 -4.20 15.84 1.85
N ILE B 83 -4.75 15.45 0.74
CA ILE B 83 -4.39 14.12 0.16
C ILE B 83 -2.88 13.99 0.01
N LYS B 84 -2.37 12.84 0.32
CA LYS B 84 -0.91 12.60 0.19
C LYS B 84 -0.65 11.95 -1.16
N LEU B 85 0.57 11.96 -1.60
CA LEU B 85 0.89 11.34 -2.90
C LEU B 85 2.13 10.47 -2.77
N GLU B 86 2.48 9.80 -3.83
CA GLU B 86 3.68 8.91 -3.82
C GLU B 86 3.59 7.90 -4.97
N LYS B 87 4.70 7.47 -5.50
CA LYS B 87 4.66 6.48 -6.61
C LYS B 87 3.63 5.40 -6.31
N PRO B 88 2.89 5.02 -7.33
CA PRO B 88 1.85 3.98 -7.18
C PRO B 88 2.51 2.61 -6.96
N LYS B 89 1.75 1.62 -6.59
CA LYS B 89 2.34 0.28 -6.35
C LYS B 89 1.75 -0.78 -7.31
N GLY B 90 0.99 -0.38 -8.28
CA GLY B 90 0.41 -1.38 -9.23
C GLY B 90 -0.96 -1.83 -8.72
N ARG B 91 -1.35 -3.05 -9.03
CA ARG B 91 -2.67 -3.55 -8.57
C ARG B 91 -2.53 -4.99 -8.08
N ASP B 92 -3.54 -5.80 -8.26
CA ASP B 92 -3.49 -7.23 -7.80
C ASP B 92 -2.67 -7.33 -6.52
N SER B 93 -3.11 -6.70 -5.48
CA SER B 93 -2.38 -6.75 -4.20
C SER B 93 -3.36 -6.50 -3.05
N LYS B 94 -2.87 -6.36 -1.85
CA LYS B 94 -3.79 -6.11 -0.71
C LYS B 94 -4.79 -7.27 -0.60
N LYS B 95 -5.78 -7.33 -1.46
CA LYS B 95 -6.73 -8.46 -1.38
C LYS B 95 -6.55 -9.43 -2.56
N VAL B 96 -5.72 -9.09 -3.50
CA VAL B 96 -5.50 -10.03 -4.63
C VAL B 96 -4.29 -10.90 -4.31
N ARG B 97 -3.16 -10.30 -4.16
CA ARG B 97 -1.97 -11.10 -3.79
C ARG B 97 -2.27 -11.86 -2.50
N ALA B 98 -3.18 -11.37 -1.69
CA ALA B 98 -3.51 -12.09 -0.43
C ALA B 98 -3.82 -13.55 -0.75
N ALA B 99 -4.43 -13.81 -1.87
CA ALA B 99 -4.76 -15.23 -2.22
C ALA B 99 -3.49 -16.07 -2.23
N ARG B 100 -2.46 -15.59 -2.86
CA ARG B 100 -1.18 -16.35 -2.86
C ARG B 100 -0.29 -15.87 -1.71
N THR B 101 -0.87 -15.32 -0.68
CA THR B 101 -0.05 -14.81 0.45
C THR B 101 -0.58 -15.33 1.79
N LEU B 102 0.28 -15.45 2.77
CA LEU B 102 -0.17 -15.93 4.11
C LEU B 102 0.30 -14.95 5.17
N LEU B 103 -0.49 -14.73 6.17
CA LEU B 103 -0.10 -13.78 7.24
C LEU B 103 0.56 -14.54 8.41
N ALA B 104 1.86 -14.46 8.53
CA ALA B 104 2.56 -15.19 9.63
C ALA B 104 2.14 -14.63 10.99
N LYS B 105 1.81 -15.49 11.92
CA LYS B 105 1.39 -15.01 13.26
C LYS B 105 2.29 -15.60 14.35
N ASN B 106 2.21 -15.07 15.54
CA ASN B 106 3.05 -15.59 16.66
C ASN B 106 4.53 -15.27 16.42
N LEU B 107 4.80 -14.16 15.81
CA LEU B 107 6.23 -13.78 15.56
C LEU B 107 6.79 -13.05 16.78
N SER B 108 7.95 -12.47 16.67
CA SER B 108 8.54 -11.75 17.84
C SER B 108 8.94 -10.33 17.45
N PHE B 109 9.71 -9.69 18.29
CA PHE B 109 10.13 -8.29 18.00
C PHE B 109 11.49 -8.27 17.26
N ASN B 110 12.19 -9.36 17.24
CA ASN B 110 13.50 -9.38 16.56
C ASN B 110 13.38 -10.04 15.18
N ILE B 111 12.48 -10.96 15.00
CA ILE B 111 12.35 -11.61 13.66
C ILE B 111 12.17 -10.55 12.58
N THR B 112 12.57 -10.86 11.37
CA THR B 112 12.43 -9.87 10.27
C THR B 112 12.20 -10.58 8.93
N GLU B 113 11.95 -9.82 7.89
CA GLU B 113 11.72 -10.44 6.55
C GLU B 113 12.89 -11.34 6.19
N ASP B 114 14.08 -10.91 6.48
CA ASP B 114 15.28 -11.74 6.17
C ASP B 114 15.11 -13.14 6.77
N GLU B 115 14.85 -13.19 8.04
CA GLU B 115 14.67 -14.52 8.71
C GLU B 115 13.43 -15.21 8.13
N LEU B 116 12.45 -14.46 7.75
CA LEU B 116 11.23 -15.07 7.16
C LEU B 116 11.57 -15.52 5.74
N LYS B 117 12.33 -14.73 5.05
CA LYS B 117 12.72 -15.12 3.68
C LYS B 117 13.60 -16.35 3.74
N GLU B 118 14.35 -16.47 4.80
CA GLU B 118 15.24 -17.65 4.98
C GLU B 118 14.41 -18.84 5.46
N VAL B 119 13.38 -18.59 6.22
CA VAL B 119 12.52 -19.70 6.70
C VAL B 119 11.50 -20.03 5.62
N PHE B 120 11.00 -19.04 4.95
CA PHE B 120 10.01 -19.27 3.87
C PHE B 120 10.73 -19.37 2.53
N GLU B 121 11.65 -20.29 2.39
CA GLU B 121 12.39 -20.43 1.11
C GLU B 121 11.42 -20.49 -0.08
N ASP B 122 10.21 -20.90 0.14
CA ASP B 122 9.22 -20.98 -0.98
C ASP B 122 8.46 -19.66 -1.12
N ALA B 123 8.72 -18.69 -0.28
CA ALA B 123 7.98 -17.40 -0.39
C ALA B 123 8.84 -16.37 -1.14
N LEU B 124 8.27 -15.72 -2.12
CA LEU B 124 9.05 -14.73 -2.90
C LEU B 124 9.04 -13.35 -2.22
N GLU B 125 7.96 -13.01 -1.56
CA GLU B 125 7.92 -11.66 -0.90
C GLU B 125 7.42 -11.78 0.54
N ILE B 126 7.69 -10.79 1.34
CA ILE B 126 7.25 -10.82 2.77
C ILE B 126 6.92 -9.41 3.25
N ARG B 127 5.73 -9.21 3.74
CA ARG B 127 5.34 -7.88 4.26
C ARG B 127 5.23 -7.96 5.78
N LEU B 128 6.32 -7.94 6.49
CA LEU B 128 6.24 -8.03 7.98
C LEU B 128 5.01 -7.29 8.50
N VAL B 129 4.53 -7.61 9.68
CA VAL B 129 3.33 -6.90 10.20
C VAL B 129 3.53 -6.40 11.62
N SER B 130 3.58 -5.10 11.78
CA SER B 130 3.76 -4.49 13.12
C SER B 130 2.55 -3.59 13.44
N GLN B 131 2.72 -2.66 14.34
CA GLN B 131 1.58 -1.76 14.70
C GLN B 131 2.04 -0.30 14.78
N ASP B 132 1.47 0.54 13.96
CA ASP B 132 1.85 1.99 13.99
C ASP B 132 3.37 2.15 13.91
N GLY B 133 4.06 1.20 13.34
CA GLY B 133 5.53 1.29 13.24
C GLY B 133 6.20 0.55 14.40
N LYS B 134 5.46 -0.26 15.13
CA LYS B 134 6.08 -1.01 16.26
C LYS B 134 5.85 -2.51 16.07
N SER B 135 6.84 -3.31 16.31
CA SER B 135 6.65 -4.78 16.13
C SER B 135 5.31 -5.20 16.70
N LYS B 136 4.59 -5.99 15.96
CA LYS B 136 3.25 -6.45 16.45
C LYS B 136 3.23 -7.98 16.60
N GLY B 137 3.93 -8.70 15.76
CA GLY B 137 3.95 -10.17 15.89
C GLY B 137 3.45 -10.84 14.60
N ILE B 138 3.17 -10.11 13.54
CA ILE B 138 2.68 -10.80 12.33
C ILE B 138 3.59 -10.44 11.16
N ALA B 139 3.62 -11.26 10.15
CA ALA B 139 4.46 -10.97 8.95
C ALA B 139 3.73 -11.48 7.72
N TYR B 140 3.47 -10.64 6.76
CA TYR B 140 2.74 -11.14 5.58
C TYR B 140 3.68 -11.97 4.71
N ILE B 141 3.27 -13.12 4.29
CA ILE B 141 4.17 -13.96 3.46
C ILE B 141 3.54 -14.20 2.08
N GLU B 142 4.32 -14.06 1.03
CA GLU B 142 3.76 -14.28 -0.34
C GLU B 142 4.49 -15.45 -1.02
N PHE B 143 3.76 -16.46 -1.42
CA PHE B 143 4.39 -17.62 -2.09
C PHE B 143 4.26 -17.49 -3.61
N LYS B 144 4.65 -18.50 -4.32
CA LYS B 144 4.52 -18.45 -5.81
C LYS B 144 3.07 -18.70 -6.21
N SER B 145 2.34 -19.38 -5.39
CA SER B 145 0.91 -19.65 -5.71
C SER B 145 0.12 -19.92 -4.45
N GLU B 146 -1.11 -20.26 -4.60
CA GLU B 146 -1.95 -20.58 -3.42
C GLU B 146 -1.59 -21.98 -2.93
N ALA B 147 -1.39 -22.88 -3.84
CA ALA B 147 -1.01 -24.26 -3.44
C ALA B 147 0.36 -24.22 -2.78
N ASP B 148 1.23 -23.35 -3.22
CA ASP B 148 2.58 -23.26 -2.59
C ASP B 148 2.40 -22.64 -1.20
N ALA B 149 1.84 -21.45 -1.15
CA ALA B 149 1.62 -20.81 0.17
C ALA B 149 0.74 -21.73 1.03
N GLU B 150 -0.23 -22.36 0.42
CA GLU B 150 -1.12 -23.26 1.19
C GLU B 150 -0.37 -24.55 1.55
N LYS B 151 0.47 -25.02 0.68
CA LYS B 151 1.24 -26.25 0.98
C LYS B 151 2.11 -26.01 2.21
N ASN B 152 2.76 -24.90 2.26
CA ASN B 152 3.62 -24.59 3.45
C ASN B 152 2.72 -24.35 4.65
N LEU B 153 1.75 -23.49 4.52
CA LEU B 153 0.81 -23.22 5.64
C LEU B 153 0.30 -24.54 6.20
N GLU B 154 -0.13 -25.41 5.33
CA GLU B 154 -0.64 -26.74 5.79
C GLU B 154 0.55 -27.63 6.14
N GLU B 155 1.62 -27.53 5.38
CA GLU B 155 2.81 -28.36 5.67
C GLU B 155 3.11 -28.33 7.17
N LYS B 156 3.32 -27.15 7.72
CA LYS B 156 3.62 -27.04 9.19
C LYS B 156 4.25 -25.68 9.50
N GLN B 157 3.52 -24.62 9.26
CA GLN B 157 4.04 -23.24 9.54
C GLN B 157 5.23 -23.27 10.53
N GLY B 158 4.98 -23.10 11.81
CA GLY B 158 6.07 -23.14 12.83
C GLY B 158 7.41 -22.68 12.24
N ALA B 159 8.13 -23.60 11.64
CA ALA B 159 9.45 -23.25 11.06
C ALA B 159 10.44 -22.89 12.18
N GLU B 160 10.22 -23.42 13.36
CA GLU B 160 11.13 -23.14 14.52
C GLU B 160 11.83 -21.78 14.39
N ILE B 161 11.23 -20.74 14.89
CA ILE B 161 11.87 -19.40 14.83
C ILE B 161 11.65 -18.67 16.16
N ASP B 162 12.30 -17.56 16.37
CA ASP B 162 12.11 -16.82 17.63
C ASP B 162 11.99 -17.80 18.80
N GLY B 163 12.76 -18.85 18.80
CA GLY B 163 12.69 -19.83 19.89
C GLY B 163 11.27 -20.39 19.98
N ARG B 164 10.64 -20.58 18.85
CA ARG B 164 9.24 -21.12 18.86
C ARG B 164 8.73 -21.27 17.42
N SER B 165 7.66 -21.99 17.23
CA SER B 165 7.12 -22.15 15.85
C SER B 165 6.12 -21.04 15.54
N VAL B 166 6.22 -20.45 14.38
CA VAL B 166 5.26 -19.36 14.02
C VAL B 166 4.08 -19.94 13.23
N SER B 167 2.96 -19.29 13.25
CA SER B 167 1.78 -19.81 12.50
C SER B 167 1.54 -19.00 11.23
N LEU B 168 1.27 -19.66 10.14
CA LEU B 168 1.04 -18.92 8.86
C LEU B 168 -0.46 -18.80 8.59
N TYR B 169 -1.03 -17.65 8.87
CA TYR B 169 -2.48 -17.48 8.62
C TYR B 169 -2.72 -17.03 7.17
N TYR B 170 -3.17 -17.91 6.34
CA TYR B 170 -3.42 -17.56 4.91
C TYR B 170 -4.06 -16.17 4.78
N THR B 171 -4.24 -15.75 3.58
CA THR B 171 -4.86 -14.42 3.34
C THR B 171 -5.92 -14.50 2.24
N GLY B 172 -7.09 -14.98 2.56
CA GLY B 172 -8.17 -15.10 1.53
C GLY B 172 -9.51 -14.75 2.16
N GLU B 173 -10.59 -15.19 1.57
CA GLU B 173 -11.92 -14.87 2.14
C GLU B 173 -12.45 -16.07 2.95
N LYS B 174 -11.57 -16.83 3.53
CA LYS B 174 -12.03 -18.01 4.32
C LYS B 174 -11.96 -17.68 5.82
N GLY B 175 -10.86 -17.15 6.27
CA GLY B 175 -10.75 -16.80 7.71
C GLY B 175 -12.00 -16.05 8.16
N GLY B 1 5.33 2.88 -33.91
CA GLY B 1 6.20 2.22 -32.90
C GLY B 1 7.23 3.21 -32.37
N SER B 2 7.35 3.32 -31.07
CA SER B 2 8.32 4.28 -30.50
C SER B 2 9.19 3.57 -29.45
N HIS B 3 8.59 3.07 -28.41
CA HIS B 3 9.37 2.37 -27.35
C HIS B 3 9.17 0.85 -27.47
N MET B 4 7.97 0.42 -27.71
CA MET B 4 7.71 -1.04 -27.84
C MET B 4 8.30 -1.78 -26.64
N VAL B 5 8.21 -3.08 -26.63
CA VAL B 5 8.75 -3.87 -25.48
C VAL B 5 8.08 -3.43 -24.18
N GLU B 6 8.46 -2.30 -23.63
CA GLU B 6 7.84 -1.84 -22.36
C GLU B 6 6.32 -2.07 -22.41
N GLY B 7 5.69 -2.19 -21.27
CA GLY B 7 4.23 -2.42 -21.25
C GLY B 7 3.49 -1.12 -21.55
N SER B 8 3.14 -0.89 -22.79
CA SER B 8 2.42 0.37 -23.14
C SER B 8 0.91 0.10 -23.25
N GLU B 9 0.38 -0.72 -22.38
CA GLU B 9 -1.07 -1.03 -22.43
C GLU B 9 -1.84 -0.26 -21.39
N SER B 10 -1.35 0.89 -21.06
CA SER B 10 -2.03 1.74 -20.03
C SER B 10 -2.79 2.88 -20.71
N THR B 11 -3.69 3.50 -19.99
CA THR B 11 -4.47 4.63 -20.59
C THR B 11 -3.53 5.74 -21.10
N THR B 12 -2.33 5.78 -20.60
CA THR B 12 -1.37 6.83 -21.04
C THR B 12 0.05 6.46 -20.60
N PRO B 13 0.98 7.31 -20.92
CA PRO B 13 2.39 7.06 -20.57
C PRO B 13 2.67 7.44 -19.12
N PHE B 14 1.99 8.41 -18.59
CA PHE B 14 2.25 8.81 -17.17
C PHE B 14 1.11 8.38 -16.25
N ASN B 15 1.38 7.43 -15.38
CA ASN B 15 0.34 6.96 -14.43
C ASN B 15 0.97 6.84 -13.05
N LEU B 16 0.18 6.91 -12.03
CA LEU B 16 0.74 6.82 -10.66
C LEU B 16 -0.37 6.79 -9.62
N PHE B 17 -0.01 6.76 -8.37
CA PHE B 17 -1.02 6.68 -7.29
C PHE B 17 -1.12 7.99 -6.50
N ILE B 18 -2.25 8.21 -5.91
CA ILE B 18 -2.46 9.41 -5.06
C ILE B 18 -3.12 8.94 -3.75
N GLY B 19 -3.17 9.76 -2.74
CA GLY B 19 -3.78 9.28 -1.46
C GLY B 19 -4.58 10.41 -0.82
N ASN B 20 -5.45 10.07 0.09
CA ASN B 20 -6.26 11.11 0.79
C ASN B 20 -7.34 11.67 -0.15
N LEU B 21 -8.03 10.83 -0.87
CA LEU B 21 -9.10 11.36 -1.77
C LEU B 21 -10.12 12.11 -0.92
N ASN B 22 -11.10 11.43 -0.39
CA ASN B 22 -12.12 12.12 0.46
C ASN B 22 -13.22 11.14 0.85
N PRO B 23 -13.09 10.59 2.02
CA PRO B 23 -14.09 9.62 2.53
C PRO B 23 -15.42 10.33 2.83
N ASN B 24 -15.39 11.61 3.06
CA ASN B 24 -16.66 12.35 3.34
C ASN B 24 -17.19 13.00 2.07
N LYS B 25 -17.08 12.33 0.95
CA LYS B 25 -17.58 12.91 -0.33
C LYS B 25 -17.89 11.78 -1.32
N SER B 26 -17.93 12.09 -2.59
CA SER B 26 -18.25 11.03 -3.59
C SER B 26 -17.04 10.80 -4.51
N VAL B 27 -17.02 9.70 -5.21
CA VAL B 27 -15.89 9.42 -6.12
C VAL B 27 -15.85 10.47 -7.24
N ALA B 28 -16.95 10.72 -7.87
CA ALA B 28 -16.95 11.72 -8.97
C ALA B 28 -16.36 13.03 -8.47
N GLU B 29 -16.62 13.38 -7.24
CA GLU B 29 -16.06 14.66 -6.70
C GLU B 29 -14.55 14.54 -6.52
N LEU B 30 -14.06 13.36 -6.20
CA LEU B 30 -12.60 13.19 -6.03
C LEU B 30 -11.92 13.31 -7.39
N LYS B 31 -12.40 12.57 -8.33
CA LYS B 31 -11.80 12.60 -9.69
C LYS B 31 -12.14 13.92 -10.39
N VAL B 32 -13.29 14.46 -10.15
CA VAL B 32 -13.65 15.75 -10.81
C VAL B 32 -12.87 16.89 -10.15
N ALA B 33 -12.62 16.79 -8.87
CA ALA B 33 -11.83 17.86 -8.22
C ALA B 33 -10.46 17.89 -8.86
N ILE B 34 -9.91 16.74 -9.10
CA ILE B 34 -8.58 16.70 -9.78
C ILE B 34 -8.78 16.99 -11.26
N SER B 35 -9.95 16.71 -11.80
CA SER B 35 -10.18 16.99 -13.24
C SER B 35 -10.43 18.49 -13.45
N GLU B 36 -10.97 19.15 -12.45
CA GLU B 36 -11.22 20.60 -12.57
C GLU B 36 -9.96 21.37 -12.23
N LEU B 37 -9.26 20.94 -11.22
CA LEU B 37 -8.00 21.62 -10.83
C LEU B 37 -7.00 21.49 -11.96
N PHE B 38 -7.06 20.41 -12.69
CA PHE B 38 -6.13 20.23 -13.82
C PHE B 38 -6.74 20.85 -15.09
N ALA B 39 -8.03 21.05 -15.11
CA ALA B 39 -8.67 21.65 -16.32
C ALA B 39 -8.49 23.17 -16.31
N LYS B 40 -8.43 23.75 -15.14
CA LYS B 40 -8.25 25.22 -15.05
C LYS B 40 -6.75 25.55 -15.04
N ASN B 41 -5.95 24.65 -14.54
CA ASN B 41 -4.49 24.89 -14.49
C ASN B 41 -3.88 24.69 -15.88
N ASP B 42 -4.50 23.86 -16.71
CA ASP B 42 -3.98 23.55 -18.08
C ASP B 42 -3.15 22.28 -18.01
N LEU B 43 -3.56 21.39 -17.16
CA LEU B 43 -2.84 20.12 -17.00
C LEU B 43 -3.29 19.15 -18.11
N ALA B 44 -3.44 17.90 -17.82
CA ALA B 44 -3.87 16.93 -18.87
C ALA B 44 -4.24 15.60 -18.23
N VAL B 45 -5.20 15.63 -17.36
CA VAL B 45 -5.64 14.39 -16.68
C VAL B 45 -6.26 13.43 -17.67
N VAL B 46 -5.63 12.31 -17.85
CA VAL B 46 -6.16 11.29 -18.80
C VAL B 46 -7.05 10.30 -18.07
N ASP B 47 -6.66 9.86 -16.90
CA ASP B 47 -7.51 8.88 -16.17
C ASP B 47 -7.41 9.11 -14.66
N VAL B 48 -8.38 8.62 -13.91
CA VAL B 48 -8.34 8.80 -12.43
C VAL B 48 -9.20 7.73 -11.73
N ARG B 49 -8.66 7.10 -10.72
CA ARG B 49 -9.44 6.08 -9.97
C ARG B 49 -9.45 6.46 -8.48
N THR B 50 -9.83 5.55 -7.63
CA THR B 50 -9.82 5.89 -6.16
C THR B 50 -9.17 4.80 -5.34
N GLY B 51 -9.00 5.09 -4.10
CA GLY B 51 -8.39 4.14 -3.14
C GLY B 51 -9.48 3.61 -2.24
N THR B 52 -10.29 2.74 -2.80
CA THR B 52 -11.44 2.09 -2.13
C THR B 52 -11.88 2.79 -0.86
N ASN B 53 -12.92 3.53 -1.02
CA ASN B 53 -13.57 4.32 0.06
C ASN B 53 -13.05 5.75 0.03
N ARG B 54 -12.71 6.21 -1.14
CA ARG B 54 -12.21 7.60 -1.27
C ARG B 54 -11.00 7.82 -0.33
N LYS B 55 -10.36 6.78 0.12
CA LYS B 55 -9.17 6.96 1.00
C LYS B 55 -8.04 7.46 0.14
N PHE B 56 -7.81 6.76 -0.93
CA PHE B 56 -6.69 7.14 -1.82
C PHE B 56 -7.21 7.21 -3.25
N GLY B 57 -6.37 7.38 -4.24
CA GLY B 57 -6.91 7.39 -5.62
C GLY B 57 -5.79 7.38 -6.65
N TYR B 58 -6.09 6.86 -7.81
CA TYR B 58 -5.05 6.78 -8.88
C TYR B 58 -5.27 7.86 -9.93
N VAL B 59 -4.39 7.94 -10.89
CA VAL B 59 -4.54 8.95 -11.95
C VAL B 59 -3.52 8.71 -13.07
N ASP B 60 -3.77 9.29 -14.19
CA ASP B 60 -2.86 9.12 -15.35
C ASP B 60 -2.70 10.47 -16.06
N PHE B 61 -1.49 10.82 -16.41
CA PHE B 61 -1.24 12.12 -17.09
C PHE B 61 -1.03 11.91 -18.59
N GLU B 62 -0.99 12.98 -19.34
CA GLU B 62 -0.81 12.86 -20.81
C GLU B 62 0.47 13.55 -21.28
N SER B 63 1.41 13.75 -20.40
CA SER B 63 2.67 14.42 -20.84
C SER B 63 3.70 14.53 -19.71
N ALA B 64 4.89 14.90 -20.07
CA ALA B 64 5.95 15.11 -19.05
C ALA B 64 5.67 16.44 -18.39
N GLU B 65 5.03 17.32 -19.11
CA GLU B 65 4.68 18.64 -18.55
C GLU B 65 3.44 18.47 -17.66
N ASP B 66 2.62 17.51 -17.97
CA ASP B 66 1.44 17.24 -17.12
C ASP B 66 1.94 16.47 -15.92
N LEU B 67 2.95 15.66 -16.14
CA LEU B 67 3.54 14.89 -15.03
C LEU B 67 4.38 15.85 -14.17
N GLU B 68 4.98 16.83 -14.79
CA GLU B 68 5.78 17.83 -14.02
C GLU B 68 4.87 18.61 -13.08
N LYS B 69 3.66 18.89 -13.50
CA LYS B 69 2.72 19.58 -12.60
C LYS B 69 2.21 18.53 -11.64
N ALA B 70 2.02 17.35 -12.14
CA ALA B 70 1.57 16.25 -11.26
C ALA B 70 2.57 16.08 -10.13
N LEU B 71 3.81 16.44 -10.37
CA LEU B 71 4.85 16.32 -9.31
C LEU B 71 4.60 17.44 -8.29
N GLU B 72 4.36 18.64 -8.78
CA GLU B 72 4.09 19.75 -7.85
C GLU B 72 2.58 19.85 -7.55
N LEU B 73 1.82 18.83 -7.84
CA LEU B 73 0.36 18.89 -7.57
C LEU B 73 0.05 18.41 -6.16
N THR B 74 1.02 18.36 -5.29
CA THR B 74 0.75 17.92 -3.90
C THR B 74 0.07 19.02 -3.07
N GLY B 75 -0.16 20.14 -3.68
CA GLY B 75 -0.84 21.25 -2.95
C GLY B 75 -2.32 21.28 -3.35
N LEU B 76 -2.89 20.14 -3.67
CA LEU B 76 -4.32 20.10 -4.07
C LEU B 76 -5.14 19.46 -2.98
N LYS B 77 -6.15 20.15 -2.55
CA LYS B 77 -7.03 19.56 -1.50
C LYS B 77 -8.28 19.03 -2.14
N VAL B 78 -8.20 17.83 -2.58
CA VAL B 78 -9.39 17.19 -3.22
C VAL B 78 -10.65 17.53 -2.41
N PHE B 79 -11.57 18.23 -3.02
CA PHE B 79 -12.82 18.63 -2.30
C PHE B 79 -12.57 18.84 -0.80
N GLY B 80 -11.46 19.45 -0.45
CA GLY B 80 -11.17 19.69 0.99
C GLY B 80 -10.27 18.59 1.55
N ASN B 81 -9.53 17.92 0.71
CA ASN B 81 -8.63 16.83 1.21
C ASN B 81 -7.32 16.83 0.41
N GLU B 82 -6.26 17.28 1.00
CA GLU B 82 -4.96 17.30 0.28
C GLU B 82 -4.60 15.89 -0.17
N ILE B 83 -4.47 15.69 -1.45
CA ILE B 83 -4.14 14.33 -1.95
C ILE B 83 -2.63 14.14 -2.04
N LYS B 84 -2.16 12.98 -1.65
CA LYS B 84 -0.69 12.70 -1.72
C LYS B 84 -0.40 11.82 -2.93
N LEU B 85 0.59 12.17 -3.68
CA LEU B 85 0.91 11.36 -4.88
C LEU B 85 2.26 10.65 -4.73
N GLU B 86 2.58 9.84 -5.68
CA GLU B 86 3.87 9.09 -5.63
C GLU B 86 3.86 7.99 -6.69
N LYS B 87 5.01 7.63 -7.19
CA LYS B 87 5.06 6.56 -8.23
C LYS B 87 4.07 5.43 -7.89
N PRO B 88 3.43 4.92 -8.90
CA PRO B 88 2.45 3.82 -8.72
C PRO B 88 3.16 2.56 -8.24
N LYS B 89 2.44 1.49 -8.08
CA LYS B 89 3.09 0.24 -7.58
C LYS B 89 2.71 -1.00 -8.41
N GLY B 90 1.47 -1.16 -8.83
CA GLY B 90 1.15 -2.40 -9.61
C GLY B 90 -0.22 -2.30 -10.28
N ARG B 91 -0.78 -3.45 -10.64
CA ARG B 91 -2.10 -3.44 -11.31
C ARG B 91 -3.02 -4.56 -10.78
N ASP B 92 -2.83 -5.00 -9.56
CA ASP B 92 -3.72 -6.05 -9.00
C ASP B 92 -4.92 -5.35 -8.38
N SER B 93 -5.82 -6.07 -7.80
CA SER B 93 -6.96 -5.39 -7.15
C SER B 93 -6.72 -5.36 -5.65
N LYS B 94 -5.47 -5.23 -5.26
CA LYS B 94 -5.08 -5.23 -3.81
C LYS B 94 -5.28 -6.63 -3.19
N LYS B 95 -6.34 -7.32 -3.50
CA LYS B 95 -6.50 -8.66 -2.91
C LYS B 95 -5.68 -9.67 -3.71
N VAL B 96 -5.08 -9.24 -4.80
CA VAL B 96 -4.27 -10.20 -5.60
C VAL B 96 -2.82 -10.11 -5.16
N ARG B 97 -2.34 -8.91 -4.90
CA ARG B 97 -0.94 -8.78 -4.43
C ARG B 97 -0.78 -9.54 -3.11
N ALA B 98 -1.85 -9.70 -2.36
CA ALA B 98 -1.73 -10.45 -1.08
C ALA B 98 -1.07 -11.81 -1.35
N ALA B 99 -1.35 -12.39 -2.49
CA ALA B 99 -0.74 -13.71 -2.81
C ALA B 99 0.78 -13.61 -2.76
N ARG B 100 1.32 -12.55 -3.27
CA ARG B 100 2.79 -12.38 -3.21
C ARG B 100 3.16 -11.56 -1.98
N THR B 101 2.33 -11.56 -0.97
CA THR B 101 2.64 -10.78 0.26
C THR B 101 2.85 -11.73 1.44
N LEU B 102 3.98 -11.63 2.09
CA LEU B 102 4.26 -12.52 3.24
C LEU B 102 4.02 -11.78 4.56
N LEU B 103 3.17 -12.30 5.41
CA LEU B 103 2.93 -11.60 6.71
C LEU B 103 3.63 -12.37 7.84
N ALA B 104 4.71 -11.84 8.35
CA ALA B 104 5.44 -12.55 9.45
C ALA B 104 4.65 -12.48 10.75
N LYS B 105 4.48 -13.59 11.42
CA LYS B 105 3.71 -13.58 12.69
C LYS B 105 4.59 -14.04 13.85
N ASN B 106 4.08 -13.93 15.06
CA ASN B 106 4.89 -14.36 16.23
C ASN B 106 6.07 -13.41 16.46
N LEU B 107 6.00 -12.21 15.95
CA LEU B 107 7.14 -11.25 16.16
C LEU B 107 7.11 -10.74 17.60
N SER B 108 7.89 -9.74 17.90
CA SER B 108 7.89 -9.20 19.29
C SER B 108 7.92 -7.67 19.28
N PHE B 109 8.07 -7.07 20.42
CA PHE B 109 8.11 -5.58 20.51
C PHE B 109 9.53 -5.06 20.22
N ASN B 110 10.51 -5.92 20.22
CA ASN B 110 11.90 -5.46 19.96
C ASN B 110 12.19 -5.44 18.47
N ILE B 111 11.59 -6.34 17.72
CA ILE B 111 11.86 -6.36 16.25
C ILE B 111 10.96 -5.35 15.54
N THR B 112 11.30 -5.01 14.33
CA THR B 112 10.47 -4.03 13.55
C THR B 112 10.72 -4.18 12.06
N GLU B 113 10.08 -3.37 11.25
CA GLU B 113 10.29 -3.47 9.77
C GLU B 113 11.79 -3.47 9.47
N ASP B 114 12.56 -2.78 10.26
CA ASP B 114 14.03 -2.75 10.03
C ASP B 114 14.59 -4.16 10.05
N GLU B 115 14.26 -4.91 11.06
CA GLU B 115 14.76 -6.32 11.14
C GLU B 115 14.04 -7.18 10.10
N LEU B 116 12.82 -6.83 9.77
CA LEU B 116 12.08 -7.60 8.75
C LEU B 116 12.65 -7.25 7.40
N LYS B 117 12.98 -6.00 7.21
CA LYS B 117 13.58 -5.59 5.91
C LYS B 117 15.04 -6.05 5.85
N GLU B 118 15.66 -6.19 6.98
CA GLU B 118 17.06 -6.63 7.02
C GLU B 118 17.15 -8.15 6.92
N VAL B 119 16.13 -8.85 7.36
CA VAL B 119 16.16 -10.34 7.27
C VAL B 119 15.56 -10.77 5.93
N PHE B 120 14.62 -10.03 5.43
CA PHE B 120 13.99 -10.40 4.14
C PHE B 120 14.63 -9.59 2.99
N GLU B 121 15.89 -9.78 2.77
CA GLU B 121 16.57 -9.02 1.67
C GLU B 121 15.83 -9.21 0.35
N ASP B 122 15.07 -10.26 0.20
CA ASP B 122 14.34 -10.48 -1.08
C ASP B 122 12.93 -9.85 -1.04
N ALA B 123 12.62 -9.11 0.00
CA ALA B 123 11.26 -8.49 0.07
C ALA B 123 11.34 -7.04 -0.41
N LEU B 124 10.42 -6.62 -1.23
CA LEU B 124 10.45 -5.22 -1.74
C LEU B 124 9.68 -4.28 -0.80
N GLU B 125 8.56 -4.71 -0.30
CA GLU B 125 7.76 -3.84 0.60
C GLU B 125 7.38 -4.57 1.88
N ILE B 126 7.13 -3.85 2.95
CA ILE B 126 6.75 -4.49 4.22
C ILE B 126 5.75 -3.59 4.96
N ARG B 127 4.87 -4.16 5.74
CA ARG B 127 3.88 -3.34 6.48
C ARG B 127 3.66 -3.91 7.89
N LEU B 128 4.55 -3.58 8.78
CA LEU B 128 4.45 -4.08 10.19
C LEU B 128 2.99 -4.10 10.64
N VAL B 129 2.57 -5.18 11.25
CA VAL B 129 1.15 -5.24 11.72
C VAL B 129 1.11 -5.11 13.24
N SER B 130 0.66 -3.96 13.69
CA SER B 130 0.55 -3.69 15.15
C SER B 130 -0.91 -3.40 15.51
N GLN B 131 -1.15 -2.86 16.67
CA GLN B 131 -2.54 -2.56 17.07
C GLN B 131 -2.87 -1.10 16.75
N ASP B 132 -4.01 -0.62 17.18
CA ASP B 132 -4.37 0.80 16.90
C ASP B 132 -3.16 1.70 17.16
N GLY B 133 -2.32 1.33 18.09
CA GLY B 133 -1.12 2.15 18.40
C GLY B 133 -0.19 1.37 19.33
N LYS B 134 0.14 0.15 18.98
CA LYS B 134 1.03 -0.65 19.87
C LYS B 134 1.48 -1.92 19.15
N SER B 135 2.75 -2.22 19.19
CA SER B 135 3.25 -3.44 18.52
C SER B 135 2.28 -4.61 18.75
N LYS B 136 1.98 -5.33 17.72
CA LYS B 136 1.06 -6.50 17.85
C LYS B 136 1.82 -7.81 17.67
N GLY B 137 2.74 -7.84 16.74
CA GLY B 137 3.52 -9.09 16.54
C GLY B 137 3.49 -9.54 15.07
N ILE B 138 2.85 -8.84 14.16
CA ILE B 138 2.87 -9.34 12.77
C ILE B 138 3.58 -8.32 11.87
N ALA B 139 4.00 -8.73 10.71
CA ALA B 139 4.68 -7.78 9.80
C ALA B 139 4.40 -8.17 8.35
N TYR B 140 3.70 -7.34 7.62
CA TYR B 140 3.39 -7.70 6.21
C TYR B 140 4.66 -7.56 5.37
N ILE B 141 4.85 -8.40 4.41
CA ILE B 141 6.11 -8.32 3.60
C ILE B 141 5.84 -8.74 2.15
N GLU B 142 5.82 -7.81 1.24
CA GLU B 142 5.56 -8.16 -0.19
C GLU B 142 6.86 -8.59 -0.87
N PHE B 143 6.86 -9.74 -1.51
CA PHE B 143 8.10 -10.20 -2.19
C PHE B 143 8.00 -9.98 -3.70
N LYS B 144 8.98 -10.45 -4.43
CA LYS B 144 8.94 -10.29 -5.91
C LYS B 144 7.73 -11.04 -6.50
N SER B 145 7.18 -11.96 -5.76
CA SER B 145 6.01 -12.72 -6.27
C SER B 145 5.51 -13.67 -5.19
N GLU B 146 4.68 -14.59 -5.56
CA GLU B 146 4.18 -15.58 -4.58
C GLU B 146 5.27 -16.62 -4.34
N ALA B 147 5.92 -17.04 -5.40
CA ALA B 147 7.02 -18.02 -5.25
C ALA B 147 8.15 -17.39 -4.46
N ASP B 148 8.38 -16.11 -4.65
CA ASP B 148 9.46 -15.44 -3.89
C ASP B 148 9.02 -15.34 -2.43
N ALA B 149 7.88 -14.74 -2.19
CA ALA B 149 7.38 -14.64 -0.79
C ALA B 149 7.21 -16.05 -0.22
N GLU B 150 6.74 -16.98 -1.03
CA GLU B 150 6.55 -18.37 -0.54
C GLU B 150 7.92 -19.03 -0.33
N LYS B 151 8.76 -18.97 -1.32
CA LYS B 151 10.11 -19.58 -1.19
C LYS B 151 10.78 -19.02 0.06
N ASN B 152 10.56 -17.76 0.32
CA ASN B 152 11.16 -17.14 1.53
C ASN B 152 10.39 -17.60 2.77
N LEU B 153 9.09 -17.67 2.65
CA LEU B 153 8.27 -18.13 3.83
C LEU B 153 8.81 -19.45 4.35
N GLU B 154 9.11 -20.35 3.45
CA GLU B 154 9.66 -21.67 3.89
C GLU B 154 11.19 -21.59 4.03
N GLU B 155 11.83 -20.90 3.13
CA GLU B 155 13.31 -20.80 3.19
C GLU B 155 13.77 -20.15 4.51
N LYS B 156 12.92 -19.38 5.14
CA LYS B 156 13.34 -18.72 6.41
C LYS B 156 12.48 -19.21 7.57
N GLN B 157 11.21 -18.93 7.54
CA GLN B 157 10.30 -19.37 8.64
C GLN B 157 11.04 -19.40 9.98
N GLY B 158 10.97 -18.35 10.75
CA GLY B 158 11.66 -18.33 12.07
C GLY B 158 12.70 -17.20 12.09
N ALA B 159 13.70 -17.28 11.26
CA ALA B 159 14.75 -16.22 11.25
C ALA B 159 15.30 -15.98 12.66
N GLU B 160 15.25 -16.99 13.50
CA GLU B 160 15.78 -16.89 14.90
C GLU B 160 15.88 -15.43 15.37
N ILE B 161 14.85 -14.91 15.98
CA ILE B 161 14.91 -13.49 16.45
C ILE B 161 14.34 -13.39 17.86
N ASP B 162 14.58 -12.30 18.52
CA ASP B 162 14.03 -12.12 19.90
C ASP B 162 14.03 -13.46 20.66
N GLY B 163 15.14 -14.15 20.65
CA GLY B 163 15.20 -15.45 21.37
C GLY B 163 14.00 -16.32 20.96
N ARG B 164 13.57 -16.22 19.75
CA ARG B 164 12.42 -17.04 19.28
C ARG B 164 12.28 -16.95 17.76
N SER B 165 11.91 -18.02 17.12
CA SER B 165 11.77 -17.98 15.63
C SER B 165 10.42 -17.36 15.24
N VAL B 166 10.43 -16.47 14.30
CA VAL B 166 9.16 -15.82 13.86
C VAL B 166 8.50 -16.66 12.76
N SER B 167 7.23 -16.48 12.55
CA SER B 167 6.53 -17.28 11.50
C SER B 167 6.27 -16.42 10.26
N LEU B 168 6.26 -17.02 9.11
CA LEU B 168 6.01 -16.23 7.87
C LEU B 168 4.77 -16.78 7.15
N TYR B 169 3.72 -16.01 7.10
CA TYR B 169 2.49 -16.51 6.42
C TYR B 169 1.92 -15.46 5.48
N TYR B 170 2.01 -15.69 4.21
CA TYR B 170 1.49 -14.73 3.24
C TYR B 170 -0.02 -14.59 3.34
N THR B 171 -0.61 -13.88 2.43
CA THR B 171 -2.09 -13.69 2.47
C THR B 171 -2.70 -13.96 1.08
N GLY B 172 -2.72 -15.20 0.69
CA GLY B 172 -3.30 -15.55 -0.65
C GLY B 172 -3.15 -17.06 -0.88
N GLU B 173 -4.03 -17.64 -1.66
CA GLU B 173 -3.92 -19.10 -1.92
C GLU B 173 -3.20 -19.37 -3.24
N LYS B 174 -2.06 -18.74 -3.44
CA LYS B 174 -1.31 -18.96 -4.70
C LYS B 174 -0.06 -19.82 -4.44
N GLY B 175 0.73 -19.45 -3.47
CA GLY B 175 1.95 -20.25 -3.17
C GLY B 175 2.67 -20.60 -4.48
N GLY B 1 23.00 8.69 -22.12
CA GLY B 1 21.65 8.10 -22.29
C GLY B 1 20.79 8.98 -23.19
N SER B 2 20.57 8.56 -24.41
CA SER B 2 19.75 9.38 -25.35
C SER B 2 18.72 8.50 -26.06
N HIS B 3 18.07 7.63 -25.33
CA HIS B 3 17.05 6.74 -25.97
C HIS B 3 15.81 6.66 -25.08
N MET B 4 14.64 6.78 -25.66
CA MET B 4 13.39 6.72 -24.85
C MET B 4 12.32 5.88 -25.57
N VAL B 5 12.63 4.66 -25.88
CA VAL B 5 11.62 3.81 -26.57
C VAL B 5 10.69 3.14 -25.55
N GLU B 6 9.51 3.67 -25.38
CA GLU B 6 8.57 3.06 -24.39
C GLU B 6 7.17 2.95 -25.02
N GLY B 7 6.44 1.93 -24.65
CA GLY B 7 5.07 1.77 -25.23
C GLY B 7 4.19 0.96 -24.26
N SER B 8 4.26 1.27 -22.99
CA SER B 8 3.42 0.51 -22.01
C SER B 8 3.48 1.19 -20.64
N GLU B 9 2.66 2.19 -20.44
CA GLU B 9 2.64 2.90 -19.17
C GLU B 9 1.19 2.94 -18.67
N SER B 10 0.77 4.07 -18.26
CA SER B 10 -0.63 4.21 -17.74
C SER B 10 -1.31 5.42 -18.37
N THR B 11 -2.46 5.79 -17.88
CA THR B 11 -3.17 6.98 -18.46
C THR B 11 -2.21 8.14 -18.62
N THR B 12 -1.21 8.21 -17.79
CA THR B 12 -0.22 9.32 -17.87
C THR B 12 1.14 8.86 -17.37
N PRO B 13 2.10 9.73 -17.50
CA PRO B 13 3.48 9.40 -17.05
C PRO B 13 3.59 9.51 -15.53
N PHE B 14 2.92 10.44 -14.92
CA PHE B 14 3.02 10.58 -13.44
C PHE B 14 1.78 10.00 -12.73
N ASN B 15 1.90 8.82 -12.19
CA ASN B 15 0.76 8.21 -11.46
C ASN B 15 1.27 7.59 -10.17
N LEU B 16 0.41 7.44 -9.22
CA LEU B 16 0.83 6.85 -7.92
C LEU B 16 -0.36 6.76 -6.97
N PHE B 17 -0.10 6.41 -5.74
CA PHE B 17 -1.21 6.29 -4.76
C PHE B 17 -1.05 7.35 -3.65
N ILE B 18 -2.11 7.61 -2.97
CA ILE B 18 -2.08 8.60 -1.85
C ILE B 18 -2.85 8.03 -0.67
N GLY B 19 -2.71 8.58 0.50
CA GLY B 19 -3.45 8.02 1.68
C GLY B 19 -4.15 9.15 2.42
N ASN B 20 -5.03 8.80 3.33
CA ASN B 20 -5.76 9.84 4.11
C ASN B 20 -6.73 10.60 3.20
N LEU B 21 -7.60 9.91 2.51
CA LEU B 21 -8.57 10.62 1.63
C LEU B 21 -9.66 11.27 2.48
N ASN B 22 -10.66 10.53 2.87
CA ASN B 22 -11.75 11.12 3.70
C ASN B 22 -12.85 10.08 3.95
N PRO B 23 -12.69 9.35 5.01
CA PRO B 23 -13.68 8.31 5.38
C PRO B 23 -15.01 8.93 5.80
N ASN B 24 -15.02 10.19 6.17
CA ASN B 24 -16.30 10.83 6.58
C ASN B 24 -16.88 11.63 5.43
N LYS B 25 -16.70 11.18 4.22
CA LYS B 25 -17.23 11.93 3.05
C LYS B 25 -17.50 10.97 1.88
N SER B 26 -17.58 11.47 0.69
CA SER B 26 -17.84 10.58 -0.49
C SER B 26 -16.64 10.58 -1.44
N VAL B 27 -16.66 9.74 -2.43
CA VAL B 27 -15.53 9.69 -3.40
C VAL B 27 -15.57 10.92 -4.31
N ALA B 28 -16.66 11.12 -5.00
CA ALA B 28 -16.74 12.30 -5.90
C ALA B 28 -16.18 13.53 -5.19
N GLU B 29 -16.39 13.62 -3.90
CA GLU B 29 -15.84 14.77 -3.14
C GLU B 29 -14.34 14.59 -2.97
N LEU B 30 -13.89 13.37 -2.83
CA LEU B 30 -12.44 13.11 -2.68
C LEU B 30 -11.73 13.42 -3.99
N LYS B 31 -12.35 13.09 -5.09
CA LYS B 31 -11.74 13.36 -6.41
C LYS B 31 -11.86 14.85 -6.76
N VAL B 32 -13.02 15.42 -6.59
CA VAL B 32 -13.18 16.87 -6.90
C VAL B 32 -12.36 17.69 -5.91
N ALA B 33 -12.26 17.25 -4.69
CA ALA B 33 -11.47 18.01 -3.70
C ALA B 33 -10.02 18.02 -4.17
N ILE B 34 -9.56 16.91 -4.67
CA ILE B 34 -8.17 16.85 -5.18
C ILE B 34 -8.12 17.55 -6.54
N SER B 35 -9.20 17.54 -7.27
CA SER B 35 -9.20 18.23 -8.60
C SER B 35 -9.25 19.75 -8.40
N GLU B 36 -9.91 20.17 -7.36
CA GLU B 36 -10.01 21.64 -7.10
C GLU B 36 -8.74 22.12 -6.39
N LEU B 37 -8.28 21.35 -5.45
CA LEU B 37 -7.05 21.74 -4.72
C LEU B 37 -5.91 21.88 -5.71
N PHE B 38 -5.91 21.08 -6.73
CA PHE B 38 -4.84 21.17 -7.74
C PHE B 38 -5.24 22.20 -8.81
N ALA B 39 -6.52 22.50 -8.91
CA ALA B 39 -6.96 23.51 -9.92
C ALA B 39 -6.63 24.91 -9.40
N LYS B 40 -6.69 25.10 -8.11
CA LYS B 40 -6.36 26.41 -7.52
C LYS B 40 -4.88 26.47 -7.16
N ASN B 41 -4.26 25.34 -6.94
CA ASN B 41 -2.81 25.33 -6.59
C ASN B 41 -1.97 25.57 -7.84
N ASP B 42 -2.50 25.23 -9.00
CA ASP B 42 -1.77 25.39 -10.30
C ASP B 42 -1.14 24.05 -10.67
N LEU B 43 -1.80 23.00 -10.30
CA LEU B 43 -1.29 21.64 -10.62
C LEU B 43 -1.88 21.21 -11.96
N ALA B 44 -2.20 19.95 -12.11
CA ALA B 44 -2.79 19.47 -13.39
C ALA B 44 -3.14 17.99 -13.27
N VAL B 45 -3.97 17.68 -12.32
CA VAL B 45 -4.37 16.29 -12.10
C VAL B 45 -4.99 15.70 -13.36
N VAL B 46 -4.46 14.61 -13.80
CA VAL B 46 -4.97 13.92 -15.02
C VAL B 46 -5.96 12.83 -14.59
N ASP B 47 -5.70 12.19 -13.48
CA ASP B 47 -6.63 11.12 -13.02
C ASP B 47 -6.62 11.03 -11.48
N VAL B 48 -7.70 10.57 -10.90
CA VAL B 48 -7.77 10.45 -9.42
C VAL B 48 -8.75 9.34 -9.02
N ARG B 49 -8.36 8.49 -8.11
CA ARG B 49 -9.29 7.40 -7.66
C ARG B 49 -9.23 7.33 -6.14
N THR B 50 -10.09 6.57 -5.51
CA THR B 50 -10.05 6.53 -4.02
C THR B 50 -9.30 5.29 -3.52
N GLY B 51 -9.07 5.26 -2.24
CA GLY B 51 -8.36 4.12 -1.63
C GLY B 51 -9.36 3.23 -0.91
N THR B 52 -10.29 2.69 -1.68
CA THR B 52 -11.36 1.81 -1.17
C THR B 52 -11.85 2.18 0.21
N ASN B 53 -12.96 2.84 0.21
CA ASN B 53 -13.62 3.28 1.46
C ASN B 53 -13.09 4.65 1.85
N ARG B 54 -12.60 5.39 0.90
CA ARG B 54 -12.08 6.73 1.20
C ARG B 54 -10.86 6.64 2.14
N LYS B 55 -10.32 5.46 2.39
CA LYS B 55 -9.13 5.37 3.27
C LYS B 55 -7.96 6.02 2.57
N PHE B 56 -7.56 5.49 1.45
CA PHE B 56 -6.44 6.14 0.72
C PHE B 56 -6.96 6.59 -0.65
N GLY B 57 -6.14 6.66 -1.67
CA GLY B 57 -6.68 7.10 -2.99
C GLY B 57 -5.56 7.39 -3.97
N TYR B 58 -5.77 7.09 -5.21
CA TYR B 58 -4.72 7.31 -6.26
C TYR B 58 -4.81 8.69 -6.89
N VAL B 59 -3.97 8.91 -7.86
CA VAL B 59 -3.96 10.18 -8.62
C VAL B 59 -2.86 10.10 -9.67
N ASP B 60 -2.95 10.96 -10.63
CA ASP B 60 -1.95 10.98 -11.71
C ASP B 60 -1.78 12.41 -12.20
N PHE B 61 -0.58 12.82 -12.51
CA PHE B 61 -0.38 14.20 -12.98
C PHE B 61 0.11 14.17 -14.43
N GLU B 62 0.38 15.29 -15.01
CA GLU B 62 0.79 15.29 -16.43
C GLU B 62 2.06 16.10 -16.70
N SER B 63 2.88 16.29 -15.72
CA SER B 63 4.12 17.10 -15.99
C SER B 63 5.26 16.81 -15.01
N ALA B 64 6.38 17.39 -15.29
CA ALA B 64 7.55 17.24 -14.40
C ALA B 64 7.38 18.26 -13.28
N GLU B 65 6.63 19.29 -13.54
CA GLU B 65 6.39 20.33 -12.51
C GLU B 65 5.32 19.83 -11.55
N ASP B 66 4.44 18.97 -12.00
CA ASP B 66 3.43 18.41 -11.09
C ASP B 66 4.17 17.42 -10.23
N LEU B 67 5.10 16.73 -10.85
CA LEU B 67 5.90 15.75 -10.10
C LEU B 67 6.64 16.48 -8.99
N GLU B 68 7.10 17.67 -9.29
CA GLU B 68 7.80 18.48 -8.25
C GLU B 68 6.82 18.80 -7.13
N LYS B 69 5.57 18.96 -7.46
CA LYS B 69 4.56 19.21 -6.41
C LYS B 69 4.30 17.89 -5.75
N ALA B 70 4.40 16.82 -6.49
CA ALA B 70 4.19 15.49 -5.90
C ALA B 70 5.11 15.38 -4.69
N LEU B 71 6.28 15.96 -4.79
CA LEU B 71 7.23 15.94 -3.65
C LEU B 71 6.65 16.83 -2.56
N GLU B 72 6.13 17.96 -2.95
CA GLU B 72 5.51 18.87 -1.96
C GLU B 72 4.01 18.59 -1.82
N LEU B 73 3.57 17.43 -2.22
CA LEU B 73 2.12 17.09 -2.13
C LEU B 73 1.75 16.50 -0.76
N THR B 74 2.72 16.16 0.04
CA THR B 74 2.41 15.55 1.37
C THR B 74 1.84 16.56 2.37
N GLY B 75 1.62 17.75 1.97
CA GLY B 75 1.04 18.77 2.90
C GLY B 75 -0.34 19.18 2.38
N LEU B 76 -1.04 18.26 1.77
CA LEU B 76 -2.38 18.57 1.22
C LEU B 76 -3.49 18.00 2.08
N LYS B 77 -4.13 18.84 2.84
CA LYS B 77 -5.28 18.36 3.64
C LYS B 77 -6.52 18.49 2.83
N VAL B 78 -6.85 17.42 2.21
CA VAL B 78 -8.08 17.37 1.37
C VAL B 78 -9.27 17.82 2.22
N PHE B 79 -10.43 17.27 2.04
CA PHE B 79 -11.58 17.71 2.89
C PHE B 79 -11.25 17.44 4.37
N GLY B 80 -10.29 18.15 4.91
CA GLY B 80 -9.89 17.94 6.33
C GLY B 80 -9.10 16.64 6.45
N ASN B 81 -8.07 16.48 5.66
CA ASN B 81 -7.26 15.23 5.74
C ASN B 81 -6.00 15.34 4.88
N GLU B 82 -4.87 15.59 5.49
CA GLU B 82 -3.60 15.69 4.70
C GLU B 82 -3.40 14.41 3.91
N ILE B 83 -3.52 14.50 2.61
CA ILE B 83 -3.35 13.28 1.78
C ILE B 83 -1.87 12.90 1.66
N LYS B 84 -1.56 11.66 1.89
CA LYS B 84 -0.16 11.21 1.78
C LYS B 84 0.07 10.66 0.38
N LEU B 85 1.31 10.57 -0.03
CA LEU B 85 1.60 10.06 -1.37
C LEU B 85 2.68 8.99 -1.31
N GLU B 86 2.87 8.26 -2.37
CA GLU B 86 3.91 7.20 -2.38
C GLU B 86 3.80 6.35 -3.65
N LYS B 87 4.90 5.85 -4.13
CA LYS B 87 4.86 5.00 -5.35
C LYS B 87 3.64 4.07 -5.29
N PRO B 88 2.97 3.96 -6.40
CA PRO B 88 1.76 3.10 -6.49
C PRO B 88 2.16 1.62 -6.43
N LYS B 89 1.19 0.74 -6.49
CA LYS B 89 1.51 -0.72 -6.45
C LYS B 89 0.49 -1.51 -7.28
N GLY B 90 -0.76 -1.49 -6.88
CA GLY B 90 -1.82 -2.23 -7.63
C GLY B 90 -1.26 -3.56 -8.15
N ARG B 91 -1.95 -4.18 -9.08
CA ARG B 91 -1.48 -5.48 -9.63
C ARG B 91 -1.33 -6.52 -8.52
N ASP B 92 -2.22 -6.50 -7.55
CA ASP B 92 -2.16 -7.47 -6.43
C ASP B 92 -2.95 -6.89 -5.25
N SER B 93 -4.20 -6.60 -5.46
CA SER B 93 -5.02 -6.01 -4.37
C SER B 93 -4.65 -6.69 -3.07
N LYS B 94 -4.46 -5.94 -2.02
CA LYS B 94 -4.08 -6.59 -0.75
C LYS B 94 -4.95 -7.83 -0.52
N LYS B 95 -6.15 -7.87 -1.04
CA LYS B 95 -6.99 -9.06 -0.83
C LYS B 95 -6.61 -10.15 -1.83
N VAL B 96 -6.00 -9.79 -2.91
CA VAL B 96 -5.60 -10.81 -3.91
C VAL B 96 -4.32 -11.48 -3.43
N ARG B 97 -3.25 -10.74 -3.33
CA ARG B 97 -2.00 -11.35 -2.82
C ARG B 97 -2.30 -12.04 -1.49
N ALA B 98 -3.27 -11.54 -0.75
CA ALA B 98 -3.60 -12.17 0.55
C ALA B 98 -3.67 -13.69 0.38
N ALA B 99 -4.18 -14.16 -0.73
CA ALA B 99 -4.27 -15.63 -0.92
C ALA B 99 -2.90 -16.28 -0.75
N ARG B 100 -1.90 -15.71 -1.35
CA ARG B 100 -0.54 -16.28 -1.18
C ARG B 100 0.19 -15.50 -0.07
N THR B 101 -0.55 -14.98 0.89
CA THR B 101 0.11 -14.20 1.97
C THR B 101 -0.30 -14.71 3.36
N LEU B 102 0.46 -14.35 4.35
CA LEU B 102 0.16 -14.77 5.75
C LEU B 102 0.88 -13.80 6.70
N LEU B 103 0.24 -13.32 7.73
CA LEU B 103 0.94 -12.36 8.63
C LEU B 103 1.12 -12.97 10.02
N ALA B 104 2.27 -12.78 10.61
CA ALA B 104 2.52 -13.36 11.96
C ALA B 104 1.89 -12.47 13.04
N LYS B 105 1.37 -13.07 14.08
CA LYS B 105 0.73 -12.29 15.16
C LYS B 105 1.46 -12.53 16.49
N ASN B 106 1.01 -11.90 17.54
CA ASN B 106 1.67 -12.10 18.87
C ASN B 106 3.16 -11.75 18.79
N LEU B 107 3.54 -10.87 17.91
CA LEU B 107 4.99 -10.49 17.82
C LEU B 107 5.38 -9.63 19.02
N SER B 108 6.54 -9.05 18.98
CA SER B 108 6.99 -8.19 20.11
C SER B 108 7.75 -6.97 19.59
N PHE B 109 8.38 -6.24 20.46
CA PHE B 109 9.14 -5.03 20.00
C PHE B 109 10.60 -5.41 19.72
N ASN B 110 11.09 -6.49 20.27
CA ASN B 110 12.49 -6.88 20.01
C ASN B 110 12.59 -7.65 18.70
N ILE B 111 11.56 -8.40 18.37
CA ILE B 111 11.59 -9.16 17.09
C ILE B 111 11.67 -8.18 15.92
N THR B 112 11.87 -8.68 14.73
CA THR B 112 11.96 -7.76 13.56
C THR B 112 11.83 -8.53 12.24
N GLU B 113 11.84 -7.81 11.14
CA GLU B 113 11.73 -8.49 9.81
C GLU B 113 12.87 -9.48 9.64
N ASP B 114 14.04 -9.16 10.12
CA ASP B 114 15.19 -10.10 9.98
C ASP B 114 14.85 -11.42 10.65
N GLU B 115 14.31 -11.35 11.84
CA GLU B 115 13.94 -12.61 12.56
C GLU B 115 12.80 -13.30 11.80
N LEU B 116 11.88 -12.52 11.31
CA LEU B 116 10.77 -13.11 10.54
C LEU B 116 11.34 -13.63 9.23
N LYS B 117 12.26 -12.89 8.68
CA LYS B 117 12.90 -13.34 7.42
C LYS B 117 13.78 -14.56 7.70
N GLU B 118 14.24 -14.68 8.89
CA GLU B 118 15.09 -15.85 9.25
C GLU B 118 14.21 -17.07 9.46
N VAL B 119 13.04 -16.88 9.99
CA VAL B 119 12.13 -18.03 10.20
C VAL B 119 11.31 -18.28 8.92
N PHE B 120 11.00 -17.24 8.21
CA PHE B 120 10.22 -17.41 6.96
C PHE B 120 11.14 -17.36 5.75
N GLU B 121 12.21 -18.12 5.78
CA GLU B 121 13.16 -18.13 4.63
C GLU B 121 12.45 -18.56 3.33
N ASP B 122 11.32 -19.20 3.44
CA ASP B 122 10.61 -19.65 2.20
C ASP B 122 9.56 -18.62 1.74
N ALA B 123 9.45 -17.50 2.41
CA ALA B 123 8.45 -16.47 2.00
C ALA B 123 9.08 -15.46 1.05
N LEU B 124 8.28 -14.73 0.31
CA LEU B 124 8.82 -13.71 -0.61
C LEU B 124 9.34 -12.52 0.17
N GLU B 125 8.60 -12.08 1.16
CA GLU B 125 9.04 -10.92 1.97
C GLU B 125 8.14 -10.75 3.20
N ILE B 126 8.58 -9.96 4.15
CA ILE B 126 7.76 -9.75 5.38
C ILE B 126 7.27 -8.31 5.46
N ARG B 127 5.98 -8.15 5.54
CA ARG B 127 5.38 -6.80 5.63
C ARG B 127 5.02 -6.53 7.09
N LEU B 128 5.94 -6.03 7.85
CA LEU B 128 5.68 -5.76 9.31
C LEU B 128 4.33 -5.08 9.51
N VAL B 129 3.70 -5.34 10.64
CA VAL B 129 2.38 -4.71 10.91
C VAL B 129 2.40 -3.98 12.26
N SER B 130 2.47 -2.67 12.20
CA SER B 130 2.48 -1.83 13.43
C SER B 130 1.30 -0.85 13.38
N GLN B 131 1.27 0.09 14.27
CA GLN B 131 0.13 1.07 14.27
C GLN B 131 0.61 2.45 13.81
N ASP B 132 1.57 2.49 12.91
CA ASP B 132 2.13 3.79 12.40
C ASP B 132 3.27 4.27 13.30
N GLY B 133 3.18 4.01 14.57
CA GLY B 133 4.27 4.43 15.50
C GLY B 133 4.39 3.38 16.61
N LYS B 134 4.12 2.15 16.28
CA LYS B 134 4.20 1.06 17.30
C LYS B 134 4.11 -0.30 16.61
N SER B 135 5.14 -1.10 16.70
CA SER B 135 5.14 -2.45 16.06
C SER B 135 3.74 -3.10 16.05
N LYS B 136 2.94 -2.82 17.04
CA LYS B 136 1.57 -3.41 17.16
C LYS B 136 1.66 -4.90 17.54
N GLY B 137 2.53 -5.63 16.91
CA GLY B 137 2.67 -7.05 17.25
C GLY B 137 2.39 -7.91 16.02
N ILE B 138 2.17 -7.33 14.84
CA ILE B 138 1.90 -8.24 13.70
C ILE B 138 2.89 -7.99 12.56
N ALA B 139 3.15 -8.99 11.76
CA ALA B 139 4.09 -8.83 10.62
C ALA B 139 3.55 -9.64 9.44
N TYR B 140 3.31 -9.02 8.33
CA TYR B 140 2.76 -9.79 7.20
C TYR B 140 3.85 -10.61 6.52
N ILE B 141 3.50 -11.68 5.88
CA ILE B 141 4.55 -12.51 5.23
C ILE B 141 4.03 -13.06 3.90
N GLU B 142 4.54 -12.55 2.81
CA GLU B 142 4.11 -13.03 1.47
C GLU B 142 4.92 -14.27 1.09
N PHE B 143 4.28 -15.30 0.61
CA PHE B 143 5.03 -16.53 0.23
C PHE B 143 4.96 -16.74 -1.28
N LYS B 144 5.59 -17.78 -1.76
CA LYS B 144 5.55 -18.06 -3.22
C LYS B 144 4.17 -18.61 -3.61
N SER B 145 3.34 -18.95 -2.65
CA SER B 145 1.99 -19.47 -2.98
C SER B 145 1.20 -19.71 -1.70
N GLU B 146 0.06 -20.29 -1.84
CA GLU B 146 -0.77 -20.60 -0.63
C GLU B 146 -0.13 -21.79 0.08
N ALA B 147 0.38 -22.73 -0.69
CA ALA B 147 1.04 -23.90 -0.07
C ALA B 147 2.31 -23.45 0.65
N ASP B 148 3.03 -22.52 0.08
CA ASP B 148 4.26 -22.02 0.75
C ASP B 148 3.85 -21.29 2.03
N ALA B 149 2.97 -20.34 1.90
CA ALA B 149 2.51 -19.60 3.12
C ALA B 149 1.85 -20.57 4.11
N GLU B 150 1.15 -21.55 3.61
CA GLU B 150 0.48 -22.53 4.51
C GLU B 150 1.49 -23.48 5.13
N LYS B 151 2.40 -24.00 4.32
CA LYS B 151 3.41 -24.94 4.88
C LYS B 151 4.25 -24.20 5.93
N ASN B 152 4.67 -23.02 5.61
CA ASN B 152 5.47 -22.23 6.59
C ASN B 152 4.57 -21.92 7.80
N LEU B 153 3.36 -21.52 7.53
CA LEU B 153 2.42 -21.21 8.65
C LEU B 153 2.39 -22.40 9.62
N GLU B 154 2.33 -23.58 9.10
CA GLU B 154 2.31 -24.78 9.99
C GLU B 154 3.75 -25.15 10.39
N GLU B 155 4.65 -25.12 9.45
CA GLU B 155 6.06 -25.47 9.77
C GLU B 155 6.56 -24.69 10.99
N LYS B 156 6.10 -23.49 11.19
CA LYS B 156 6.58 -22.71 12.37
C LYS B 156 5.42 -22.43 13.34
N GLN B 157 4.46 -21.66 12.90
CA GLN B 157 3.29 -21.34 13.78
C GLN B 157 3.68 -21.36 15.25
N GLY B 158 4.03 -20.23 15.83
CA GLY B 158 4.41 -20.24 17.26
C GLY B 158 5.78 -19.58 17.43
N ALA B 159 6.67 -19.78 16.48
CA ALA B 159 8.05 -19.17 16.55
C ALA B 159 8.33 -18.56 17.93
N GLU B 160 8.93 -19.32 18.82
CA GLU B 160 9.22 -18.78 20.18
C GLU B 160 10.40 -17.81 20.16
N ILE B 161 10.13 -16.54 20.10
CA ILE B 161 11.24 -15.54 20.08
C ILE B 161 10.99 -14.48 21.16
N ASP B 162 11.96 -13.65 21.42
CA ASP B 162 11.76 -12.58 22.44
C ASP B 162 10.98 -13.13 23.64
N GLY B 163 11.16 -14.38 23.96
CA GLY B 163 10.44 -14.98 25.12
C GLY B 163 8.93 -15.01 24.83
N ARG B 164 8.55 -15.09 23.58
CA ARG B 164 7.09 -15.12 23.24
C ARG B 164 6.89 -15.93 21.94
N SER B 165 5.77 -16.57 21.80
CA SER B 165 5.51 -17.37 20.57
C SER B 165 4.84 -16.51 19.49
N VAL B 166 5.31 -16.60 18.28
CA VAL B 166 4.70 -15.80 17.18
C VAL B 166 3.67 -16.64 16.43
N SER B 167 2.46 -16.13 16.29
CA SER B 167 1.41 -16.90 15.56
C SER B 167 1.41 -16.54 14.08
N LEU B 168 0.92 -17.41 13.25
CA LEU B 168 0.89 -17.11 11.79
C LEU B 168 -0.55 -16.87 11.33
N TYR B 169 -0.93 -15.64 11.14
CA TYR B 169 -2.32 -15.35 10.69
C TYR B 169 -2.37 -15.23 9.17
N TYR B 170 -2.93 -16.20 8.51
CA TYR B 170 -3.01 -16.14 7.02
C TYR B 170 -3.70 -14.84 6.61
N THR B 171 -4.16 -14.77 5.38
CA THR B 171 -4.85 -13.54 4.91
C THR B 171 -5.57 -13.81 3.59
N GLY B 172 -6.79 -14.26 3.66
CA GLY B 172 -7.54 -14.55 2.39
C GLY B 172 -9.05 -14.40 2.65
N GLU B 173 -9.85 -15.13 1.91
CA GLU B 173 -11.32 -15.03 2.10
C GLU B 173 -11.74 -15.82 3.35
N LYS B 174 -11.46 -17.09 3.38
CA LYS B 174 -11.85 -17.92 4.56
C LYS B 174 -11.35 -17.25 5.85
N GLY B 175 -10.30 -16.50 5.78
CA GLY B 175 -9.76 -15.82 7.00
C GLY B 175 -10.92 -15.31 7.86
N GLY B 1 10.81 9.79 -22.04
CA GLY B 1 11.03 8.41 -22.52
C GLY B 1 11.37 8.43 -24.02
N SER B 2 12.42 9.10 -24.38
CA SER B 2 12.80 9.17 -25.83
C SER B 2 13.96 8.20 -26.11
N HIS B 3 13.66 6.93 -26.23
CA HIS B 3 14.74 5.94 -26.51
C HIS B 3 14.12 4.61 -26.96
N MET B 4 13.56 4.58 -28.14
CA MET B 4 12.94 3.33 -28.65
C MET B 4 11.69 2.98 -27.83
N VAL B 5 11.84 2.70 -26.57
CA VAL B 5 10.65 2.35 -25.74
C VAL B 5 10.21 3.55 -24.89
N GLU B 6 9.11 3.42 -24.20
CA GLU B 6 8.63 4.55 -23.34
C GLU B 6 7.48 4.07 -22.45
N GLY B 7 7.13 4.83 -21.45
CA GLY B 7 6.01 4.43 -20.55
C GLY B 7 4.77 5.27 -20.86
N SER B 8 4.11 4.97 -21.95
CA SER B 8 2.88 5.76 -22.31
C SER B 8 1.71 4.82 -22.61
N GLU B 9 1.61 3.73 -21.91
CA GLU B 9 0.49 2.78 -22.17
C GLU B 9 -0.62 2.96 -21.14
N SER B 10 -0.74 4.13 -20.63
CA SER B 10 -1.80 4.42 -19.62
C SER B 10 -2.72 5.54 -20.13
N THR B 11 -3.64 5.97 -19.31
CA THR B 11 -4.55 7.06 -19.75
C THR B 11 -3.85 8.44 -19.68
N THR B 12 -2.64 8.49 -19.18
CA THR B 12 -1.94 9.80 -19.10
C THR B 12 -0.42 9.59 -19.03
N PRO B 13 0.30 10.65 -19.27
CA PRO B 13 1.78 10.58 -19.25
C PRO B 13 2.30 10.55 -17.80
N PHE B 14 1.60 11.18 -16.89
CA PHE B 14 2.07 11.18 -15.48
C PHE B 14 0.96 10.70 -14.53
N ASN B 15 1.13 9.56 -13.93
CA ASN B 15 0.11 9.04 -12.99
C ASN B 15 0.80 8.56 -11.71
N LEU B 16 0.11 8.59 -10.61
CA LEU B 16 0.73 8.12 -9.34
C LEU B 16 -0.34 7.91 -8.28
N PHE B 17 0.08 7.60 -7.09
CA PHE B 17 -0.90 7.34 -6.00
C PHE B 17 -0.93 8.48 -5.00
N ILE B 18 -2.04 8.62 -4.33
CA ILE B 18 -2.17 9.68 -3.28
C ILE B 18 -2.88 9.04 -2.07
N GLY B 19 -2.75 9.63 -0.92
CA GLY B 19 -3.43 9.04 0.28
C GLY B 19 -4.28 10.08 0.98
N ASN B 20 -4.90 9.72 2.06
CA ASN B 20 -5.75 10.69 2.81
C ASN B 20 -6.91 11.17 1.92
N LEU B 21 -7.72 10.28 1.43
CA LEU B 21 -8.86 10.71 0.58
C LEU B 21 -10.01 11.25 1.47
N ASN B 22 -10.99 10.44 1.79
CA ASN B 22 -12.11 10.93 2.67
C ASN B 22 -13.19 9.86 2.79
N PRO B 23 -13.06 9.03 3.79
CA PRO B 23 -14.05 7.95 4.03
C PRO B 23 -15.40 8.53 4.47
N ASN B 24 -15.42 9.76 4.91
CA ASN B 24 -16.71 10.36 5.35
C ASN B 24 -17.31 11.19 4.21
N LYS B 25 -17.15 10.76 2.99
CA LYS B 25 -17.71 11.52 1.84
C LYS B 25 -17.95 10.59 0.64
N SER B 26 -18.10 11.14 -0.52
CA SER B 26 -18.35 10.29 -1.73
C SER B 26 -17.10 10.22 -2.61
N VAL B 27 -17.07 9.29 -3.52
CA VAL B 27 -15.90 9.17 -4.43
C VAL B 27 -15.90 10.31 -5.45
N ALA B 28 -17.00 10.53 -6.10
CA ALA B 28 -17.07 11.64 -7.10
C ALA B 28 -16.70 12.97 -6.44
N GLU B 29 -16.88 13.08 -5.14
CA GLU B 29 -16.54 14.35 -4.45
C GLU B 29 -15.02 14.44 -4.20
N LEU B 30 -14.40 13.35 -3.85
CA LEU B 30 -12.93 13.38 -3.63
C LEU B 30 -12.23 13.71 -4.93
N LYS B 31 -12.70 13.14 -6.00
CA LYS B 31 -12.08 13.41 -7.32
C LYS B 31 -12.45 14.83 -7.79
N VAL B 32 -13.70 15.17 -7.73
CA VAL B 32 -14.11 16.53 -8.16
C VAL B 32 -13.45 17.58 -7.29
N ALA B 33 -13.22 17.27 -6.04
CA ALA B 33 -12.55 18.26 -5.15
C ALA B 33 -11.15 18.51 -5.68
N ILE B 34 -10.48 17.46 -6.05
CA ILE B 34 -9.12 17.62 -6.61
C ILE B 34 -9.24 18.13 -8.06
N SER B 35 -10.35 17.86 -8.71
CA SER B 35 -10.51 18.36 -10.10
C SER B 35 -10.88 19.85 -10.08
N GLU B 36 -11.57 20.27 -9.06
CA GLU B 36 -11.94 21.70 -8.96
C GLU B 36 -10.78 22.50 -8.42
N LEU B 37 -10.10 21.96 -7.46
CA LEU B 37 -8.93 22.67 -6.88
C LEU B 37 -7.85 22.80 -7.94
N PHE B 38 -7.78 21.85 -8.83
CA PHE B 38 -6.77 21.94 -9.93
C PHE B 38 -7.34 22.85 -11.02
N ALA B 39 -8.64 22.96 -11.12
CA ALA B 39 -9.24 23.85 -12.15
C ALA B 39 -8.96 25.31 -11.78
N LYS B 40 -8.89 25.60 -10.51
CA LYS B 40 -8.60 26.99 -10.07
C LYS B 40 -7.08 27.18 -9.95
N ASN B 41 -6.36 26.10 -9.73
CA ASN B 41 -4.89 26.21 -9.64
C ASN B 41 -4.30 26.39 -11.03
N ASP B 42 -4.98 25.84 -12.03
CA ASP B 42 -4.52 25.92 -13.45
C ASP B 42 -3.79 24.62 -13.79
N LEU B 43 -4.23 23.56 -13.20
CA LEU B 43 -3.60 22.25 -13.45
C LEU B 43 -4.35 21.58 -14.61
N ALA B 44 -4.43 20.29 -14.60
CA ALA B 44 -5.13 19.56 -15.69
C ALA B 44 -5.31 18.10 -15.30
N VAL B 45 -6.02 17.85 -14.25
CA VAL B 45 -6.26 16.48 -13.78
C VAL B 45 -6.90 15.65 -14.88
N VAL B 46 -6.19 14.68 -15.36
CA VAL B 46 -6.74 13.81 -16.44
C VAL B 46 -7.49 12.63 -15.82
N ASP B 47 -7.00 12.11 -14.72
CA ASP B 47 -7.69 10.95 -14.07
C ASP B 47 -7.54 11.01 -12.55
N VAL B 48 -8.17 10.11 -11.85
CA VAL B 48 -8.07 10.11 -10.36
C VAL B 48 -8.89 8.94 -9.77
N ARG B 49 -8.68 8.64 -8.52
CA ARG B 49 -9.45 7.52 -7.88
C ARG B 49 -9.61 7.78 -6.39
N THR B 50 -10.15 6.83 -5.66
CA THR B 50 -10.38 7.10 -4.19
C THR B 50 -9.81 6.09 -3.23
N GLY B 51 -9.26 5.06 -3.72
CA GLY B 51 -8.62 4.03 -2.86
C GLY B 51 -9.65 3.36 -1.97
N THR B 52 -10.47 2.56 -2.62
CA THR B 52 -11.57 1.78 -2.00
C THR B 52 -12.00 2.27 -0.64
N ASN B 53 -12.93 3.14 -0.71
CA ASN B 53 -13.59 3.73 0.50
C ASN B 53 -12.98 5.08 0.79
N ARG B 54 -12.65 5.78 -0.24
CA ARG B 54 -12.05 7.11 -0.05
C ARG B 54 -10.86 7.01 0.92
N LYS B 55 -10.25 5.84 1.06
CA LYS B 55 -9.09 5.72 1.99
C LYS B 55 -7.91 6.41 1.35
N PHE B 56 -7.53 5.95 0.20
CA PHE B 56 -6.38 6.59 -0.52
C PHE B 56 -6.85 6.84 -1.90
N GLY B 57 -6.17 7.52 -2.73
CA GLY B 57 -6.76 7.70 -4.07
C GLY B 57 -5.70 7.81 -5.14
N TYR B 58 -6.12 7.85 -6.35
CA TYR B 58 -5.11 7.94 -7.46
C TYR B 58 -5.35 9.19 -8.26
N VAL B 59 -4.36 9.58 -9.02
CA VAL B 59 -4.52 10.82 -9.81
C VAL B 59 -3.56 10.82 -10.99
N ASP B 60 -4.03 11.19 -12.15
CA ASP B 60 -3.16 11.24 -13.34
C ASP B 60 -3.09 12.67 -13.85
N PHE B 61 -1.95 13.10 -14.29
CA PHE B 61 -1.81 14.51 -14.79
C PHE B 61 -1.58 14.53 -16.31
N GLU B 62 -1.56 15.70 -16.88
CA GLU B 62 -1.38 15.80 -18.36
C GLU B 62 0.03 16.24 -18.75
N SER B 63 0.99 16.09 -17.88
CA SER B 63 2.37 16.52 -18.24
C SER B 63 3.35 16.33 -17.09
N ALA B 64 4.59 16.60 -17.36
CA ALA B 64 5.63 16.52 -16.30
C ALA B 64 5.49 17.80 -15.48
N GLU B 65 4.95 18.82 -16.08
CA GLU B 65 4.75 20.10 -15.37
C GLU B 65 3.53 19.97 -14.43
N ASP B 66 2.63 19.08 -14.73
CA ASP B 66 1.47 18.86 -13.84
C ASP B 66 1.91 17.92 -12.73
N LEU B 67 2.86 17.07 -13.03
CA LEU B 67 3.35 16.13 -12.01
C LEU B 67 4.24 16.90 -11.02
N GLU B 68 4.99 17.85 -11.52
CA GLU B 68 5.87 18.66 -10.62
C GLU B 68 5.00 19.57 -9.75
N LYS B 69 3.92 20.07 -10.31
CA LYS B 69 3.02 20.90 -9.50
C LYS B 69 2.22 19.94 -8.65
N ALA B 70 1.91 18.80 -9.21
CA ALA B 70 1.17 17.79 -8.43
C ALA B 70 1.97 17.47 -7.16
N LEU B 71 3.27 17.65 -7.21
CA LEU B 71 4.11 17.38 -6.01
C LEU B 71 3.89 18.52 -5.03
N GLU B 72 3.99 19.73 -5.50
CA GLU B 72 3.77 20.89 -4.60
C GLU B 72 2.28 21.02 -4.26
N LEU B 73 1.42 20.36 -5.01
CA LEU B 73 -0.04 20.46 -4.72
C LEU B 73 -0.39 19.74 -3.41
N THR B 74 0.55 19.09 -2.76
CA THR B 74 0.24 18.39 -1.48
C THR B 74 -0.72 19.21 -0.64
N GLY B 75 -0.61 20.48 -0.73
CA GLY B 75 -1.51 21.38 0.05
C GLY B 75 -2.97 20.95 -0.17
N LEU B 76 -3.25 20.36 -1.30
CA LEU B 76 -4.64 19.90 -1.60
C LEU B 76 -5.24 19.13 -0.44
N LYS B 77 -6.27 19.69 0.14
CA LYS B 77 -6.96 19.01 1.25
C LYS B 77 -8.28 18.48 0.75
N VAL B 78 -8.23 17.31 0.28
CA VAL B 78 -9.48 16.66 -0.25
C VAL B 78 -10.61 16.86 0.74
N PHE B 79 -11.65 17.55 0.34
CA PHE B 79 -12.81 17.80 1.23
C PHE B 79 -12.37 17.91 2.70
N GLY B 80 -11.24 18.53 2.95
CA GLY B 80 -10.77 18.66 4.36
C GLY B 80 -9.78 17.53 4.68
N ASN B 81 -9.08 17.05 3.69
CA ASN B 81 -8.11 15.95 3.93
C ASN B 81 -6.89 16.12 3.02
N GLU B 82 -5.83 16.66 3.54
CA GLU B 82 -4.60 16.85 2.72
C GLU B 82 -4.18 15.52 2.13
N ILE B 83 -4.32 15.37 0.84
CA ILE B 83 -3.94 14.08 0.20
C ILE B 83 -2.43 14.02 -0.03
N LYS B 84 -1.82 12.93 0.34
CA LYS B 84 -0.36 12.77 0.13
C LYS B 84 -0.12 12.16 -1.25
N LEU B 85 1.07 12.27 -1.74
CA LEU B 85 1.35 11.73 -3.09
C LEU B 85 2.60 10.85 -3.08
N GLU B 86 2.82 10.14 -4.16
CA GLU B 86 4.02 9.27 -4.24
C GLU B 86 3.94 8.38 -5.50
N LYS B 87 5.06 8.01 -6.05
CA LYS B 87 5.04 7.16 -7.28
C LYS B 87 4.04 6.00 -7.11
N PRO B 88 3.36 5.71 -8.18
CA PRO B 88 2.34 4.63 -8.17
C PRO B 88 2.99 3.24 -8.16
N LYS B 89 2.21 2.22 -8.00
CA LYS B 89 2.75 0.84 -7.99
C LYS B 89 1.60 -0.17 -7.82
N GLY B 90 0.53 0.00 -8.54
CA GLY B 90 -0.63 -0.94 -8.42
C GLY B 90 -0.18 -2.39 -8.66
N ARG B 91 -0.95 -3.33 -8.18
CA ARG B 91 -0.62 -4.76 -8.37
C ARG B 91 -1.87 -5.62 -8.04
N ASP B 92 -1.73 -6.68 -7.29
CA ASP B 92 -2.93 -7.49 -6.95
C ASP B 92 -3.99 -6.55 -6.40
N SER B 93 -5.21 -7.00 -6.24
CA SER B 93 -6.24 -6.10 -5.68
C SER B 93 -6.09 -6.04 -4.15
N LYS B 94 -4.89 -5.83 -3.66
CA LYS B 94 -4.65 -5.76 -2.19
C LYS B 94 -5.01 -7.09 -1.52
N LYS B 95 -6.26 -7.49 -1.59
CA LYS B 95 -6.65 -8.76 -0.95
C LYS B 95 -6.38 -9.95 -1.86
N VAL B 96 -5.65 -9.77 -2.94
CA VAL B 96 -5.39 -10.94 -3.83
C VAL B 96 -4.07 -11.58 -3.43
N ARG B 97 -3.02 -10.80 -3.36
CA ARG B 97 -1.72 -11.38 -2.94
C ARG B 97 -1.95 -12.17 -1.66
N ALA B 98 -2.91 -11.76 -0.87
CA ALA B 98 -3.21 -12.49 0.40
C ALA B 98 -3.09 -13.99 0.17
N ALA B 99 -3.60 -14.46 -0.94
CA ALA B 99 -3.52 -15.93 -1.21
C ALA B 99 -2.08 -16.40 -1.16
N ARG B 100 -1.17 -15.64 -1.68
CA ARG B 100 0.25 -16.05 -1.61
C ARG B 100 0.92 -15.34 -0.43
N THR B 101 0.16 -15.07 0.61
CA THR B 101 0.74 -14.37 1.79
C THR B 101 0.12 -14.87 3.09
N LEU B 102 0.78 -14.66 4.19
CA LEU B 102 0.21 -15.09 5.50
C LEU B 102 0.66 -14.11 6.59
N LEU B 103 -0.06 -14.04 7.68
CA LEU B 103 0.33 -13.08 8.76
C LEU B 103 1.02 -13.81 9.92
N ALA B 104 2.29 -13.57 10.11
CA ALA B 104 2.98 -14.23 11.25
C ALA B 104 2.31 -13.79 12.56
N LYS B 105 1.73 -14.71 13.28
CA LYS B 105 1.04 -14.34 14.55
C LYS B 105 1.95 -14.54 15.75
N ASN B 106 1.51 -14.09 16.91
CA ASN B 106 2.34 -14.25 18.14
C ASN B 106 3.57 -13.35 18.07
N LEU B 107 3.53 -12.29 17.31
CA LEU B 107 4.72 -11.39 17.23
C LEU B 107 4.77 -10.49 18.47
N SER B 108 5.94 -10.19 18.95
CA SER B 108 6.04 -9.33 20.17
C SER B 108 6.39 -7.89 19.78
N PHE B 109 6.78 -7.10 20.74
CA PHE B 109 7.14 -5.69 20.46
C PHE B 109 8.61 -5.59 20.02
N ASN B 110 9.40 -6.61 20.24
CA ASN B 110 10.82 -6.54 19.85
C ASN B 110 11.06 -7.18 18.49
N ILE B 111 10.37 -8.24 18.16
CA ILE B 111 10.60 -8.88 16.83
C ILE B 111 10.58 -7.82 15.72
N THR B 112 10.97 -8.17 14.54
CA THR B 112 10.98 -7.18 13.43
C THR B 112 11.09 -7.86 12.06
N GLU B 113 10.90 -7.11 11.00
CA GLU B 113 11.01 -7.70 9.64
C GLU B 113 12.33 -8.45 9.52
N ASP B 114 13.34 -8.00 10.20
CA ASP B 114 14.66 -8.70 10.12
C ASP B 114 14.47 -10.14 10.60
N GLU B 115 13.80 -10.31 11.69
CA GLU B 115 13.56 -11.70 12.21
C GLU B 115 12.61 -12.43 11.27
N LEU B 116 11.67 -11.73 10.73
CA LEU B 116 10.70 -12.36 9.79
C LEU B 116 11.43 -12.62 8.47
N LYS B 117 12.30 -11.73 8.10
CA LYS B 117 13.06 -11.92 6.85
C LYS B 117 14.12 -13.01 7.05
N GLU B 118 14.59 -13.15 8.25
CA GLU B 118 15.61 -14.18 8.55
C GLU B 118 14.95 -15.54 8.72
N VAL B 119 13.73 -15.57 9.19
CA VAL B 119 13.02 -16.86 9.38
C VAL B 119 12.35 -17.26 8.07
N PHE B 120 11.89 -16.30 7.31
CA PHE B 120 11.23 -16.62 6.04
C PHE B 120 12.14 -16.25 4.85
N GLU B 121 13.22 -16.92 4.71
CA GLU B 121 14.16 -16.61 3.58
C GLU B 121 13.46 -16.74 2.22
N ASP B 122 12.34 -17.43 2.17
CA ASP B 122 11.64 -17.60 0.86
C ASP B 122 10.65 -16.45 0.65
N ALA B 123 10.11 -15.92 1.69
CA ALA B 123 9.13 -14.80 1.54
C ALA B 123 9.82 -13.57 0.94
N LEU B 124 9.25 -12.99 -0.08
CA LEU B 124 9.88 -11.81 -0.71
C LEU B 124 9.50 -10.52 0.03
N GLU B 125 8.23 -10.35 0.31
CA GLU B 125 7.80 -9.11 1.04
C GLU B 125 7.25 -9.46 2.42
N ILE B 126 7.39 -8.56 3.36
CA ILE B 126 6.88 -8.83 4.74
C ILE B 126 6.50 -7.51 5.42
N ARG B 127 5.64 -7.57 6.39
CA ARG B 127 5.23 -6.33 7.11
C ARG B 127 4.87 -6.65 8.56
N LEU B 128 4.83 -5.66 9.40
CA LEU B 128 4.46 -5.92 10.82
C LEU B 128 3.04 -5.42 11.07
N VAL B 129 2.13 -6.27 11.44
CA VAL B 129 0.74 -5.80 11.67
C VAL B 129 0.57 -5.35 13.12
N SER B 130 0.44 -4.05 13.30
CA SER B 130 0.28 -3.46 14.65
C SER B 130 -1.04 -2.68 14.73
N GLN B 131 -1.17 -1.79 15.67
CA GLN B 131 -2.44 -1.01 15.79
C GLN B 131 -2.15 0.49 15.90
N ASP B 132 -2.70 1.28 15.01
CA ASP B 132 -2.48 2.75 15.07
C ASP B 132 -1.00 3.09 15.28
N GLY B 133 -0.13 2.23 14.84
CA GLY B 133 1.33 2.50 15.01
C GLY B 133 1.83 1.85 16.30
N LYS B 134 1.18 0.82 16.76
CA LYS B 134 1.63 0.13 18.01
C LYS B 134 1.62 -1.37 17.79
N SER B 135 2.70 -2.04 18.11
CA SER B 135 2.75 -3.51 17.91
C SER B 135 1.41 -4.16 18.28
N LYS B 136 0.92 -5.00 17.43
CA LYS B 136 -0.38 -5.69 17.70
C LYS B 136 -0.14 -7.20 17.87
N GLY B 137 0.80 -7.76 17.15
CA GLY B 137 1.08 -9.20 17.29
C GLY B 137 1.05 -9.92 15.94
N ILE B 138 0.80 -9.25 14.83
CA ILE B 138 0.79 -10.00 13.55
C ILE B 138 1.90 -9.50 12.64
N ALA B 139 2.32 -10.30 11.70
CA ALA B 139 3.39 -9.86 10.75
C ALA B 139 3.02 -10.32 9.34
N TYR B 140 2.90 -9.41 8.41
CA TYR B 140 2.52 -9.82 7.03
C TYR B 140 3.73 -10.40 6.31
N ILE B 141 3.55 -11.50 5.63
CA ILE B 141 4.68 -12.13 4.90
C ILE B 141 4.21 -12.59 3.52
N GLU B 142 4.76 -12.01 2.49
CA GLU B 142 4.36 -12.39 1.10
C GLU B 142 5.38 -13.35 0.48
N PHE B 143 4.92 -14.42 -0.09
CA PHE B 143 5.85 -15.40 -0.73
C PHE B 143 5.74 -15.33 -2.25
N LYS B 144 6.44 -16.18 -2.93
CA LYS B 144 6.37 -16.16 -4.42
C LYS B 144 5.11 -16.91 -4.92
N SER B 145 4.34 -17.47 -4.03
CA SER B 145 3.12 -18.23 -4.46
C SER B 145 2.40 -18.83 -3.27
N GLU B 146 1.47 -19.69 -3.55
CA GLU B 146 0.74 -20.36 -2.44
C GLU B 146 1.55 -21.55 -1.95
N ALA B 147 2.16 -22.26 -2.85
CA ALA B 147 2.99 -23.42 -2.43
C ALA B 147 4.17 -22.93 -1.60
N ASP B 148 4.80 -21.86 -2.02
CA ASP B 148 5.94 -21.35 -1.21
C ASP B 148 5.37 -20.72 0.07
N ALA B 149 4.42 -19.82 -0.04
CA ALA B 149 3.84 -19.25 1.21
C ALA B 149 3.30 -20.38 2.07
N GLU B 150 2.78 -21.42 1.47
CA GLU B 150 2.23 -22.56 2.25
C GLU B 150 3.36 -23.44 2.80
N LYS B 151 4.28 -23.83 1.96
CA LYS B 151 5.41 -24.69 2.42
C LYS B 151 6.15 -23.98 3.56
N ASN B 152 6.23 -22.68 3.49
CA ASN B 152 6.93 -21.92 4.56
C ASN B 152 5.98 -21.71 5.74
N LEU B 153 4.73 -21.41 5.45
CA LEU B 153 3.76 -21.20 6.56
C LEU B 153 3.67 -22.46 7.41
N GLU B 154 3.84 -23.60 6.81
CA GLU B 154 3.77 -24.87 7.58
C GLU B 154 5.17 -25.25 8.09
N GLU B 155 6.14 -25.27 7.21
CA GLU B 155 7.51 -25.63 7.63
C GLU B 155 8.09 -24.60 8.61
N LYS B 156 7.51 -23.44 8.71
CA LYS B 156 8.06 -22.41 9.65
C LYS B 156 7.23 -22.35 10.93
N GLN B 157 5.95 -22.10 10.79
CA GLN B 157 5.03 -22.00 11.98
C GLN B 157 5.74 -22.34 13.30
N GLY B 158 6.28 -21.36 13.96
CA GLY B 158 6.98 -21.63 15.25
C GLY B 158 8.06 -20.57 15.48
N ALA B 159 9.14 -20.63 14.73
CA ALA B 159 10.23 -19.62 14.90
C ALA B 159 10.38 -19.19 16.36
N GLU B 160 11.30 -19.77 17.07
CA GLU B 160 11.50 -19.40 18.51
C GLU B 160 12.16 -18.03 18.62
N ILE B 161 11.39 -16.99 18.76
CA ILE B 161 11.99 -15.62 18.86
C ILE B 161 11.29 -14.83 19.97
N ASP B 162 11.82 -13.69 20.32
CA ASP B 162 11.18 -12.87 21.38
C ASP B 162 10.62 -13.78 22.49
N GLY B 163 11.36 -14.78 22.88
CA GLY B 163 10.88 -15.70 23.94
C GLY B 163 9.48 -16.21 23.58
N ARG B 164 9.22 -16.40 22.30
CA ARG B 164 7.88 -16.90 21.89
C ARG B 164 7.94 -17.37 20.43
N SER B 165 7.16 -18.37 20.08
CA SER B 165 7.17 -18.86 18.68
C SER B 165 6.19 -18.05 17.82
N VAL B 166 6.57 -17.77 16.60
CA VAL B 166 5.65 -17.00 15.72
C VAL B 166 4.79 -17.97 14.90
N SER B 167 3.51 -17.74 14.87
CA SER B 167 2.60 -18.64 14.10
C SER B 167 2.33 -18.02 12.73
N LEU B 168 1.77 -18.78 11.84
CA LEU B 168 1.49 -18.23 10.49
C LEU B 168 0.00 -18.29 10.18
N TYR B 169 -0.62 -17.15 10.04
CA TYR B 169 -2.07 -17.13 9.71
C TYR B 169 -2.27 -16.66 8.28
N TYR B 170 -2.81 -17.51 7.45
CA TYR B 170 -3.02 -17.13 6.02
C TYR B 170 -3.66 -15.74 5.91
N THR B 171 -4.00 -15.36 4.72
CA THR B 171 -4.62 -14.02 4.52
C THR B 171 -6.00 -14.16 3.87
N GLY B 172 -6.78 -15.12 4.30
CA GLY B 172 -8.13 -15.31 3.70
C GLY B 172 -9.12 -15.75 4.78
N GLU B 173 -10.19 -16.39 4.38
CA GLU B 173 -11.19 -16.85 5.38
C GLU B 173 -11.15 -18.37 5.51
N LYS B 174 -11.23 -19.07 4.41
CA LYS B 174 -11.20 -20.56 4.47
C LYS B 174 -9.76 -21.05 4.56
N GLY B 175 -8.93 -20.67 3.62
CA GLY B 175 -7.51 -21.13 3.65
C GLY B 175 -7.46 -22.64 3.91
#